data_4QFK
#
_entry.id   4QFK
#
_cell.length_a   93.386
_cell.length_b   93.970
_cell.length_c   140.549
_cell.angle_alpha   80.03
_cell.angle_beta   84.43
_cell.angle_gamma   69.84
#
_symmetry.space_group_name_H-M   'P 1'
#
loop_
_entity.id
_entity.type
_entity.pdbx_description
1 polymer 'ABC transporter periplasmic peptide-binding protein'
2 water water
#
_entity_poly.entity_id   1
_entity_poly.type   'polypeptide(L)'
_entity_poly.pdbx_seq_one_letter_code
;MHKLLLALLSLSLVGCIDSKEEILEEKNQGLVYCAEANPVSFNPQVTTTGSTIDIIANQLYDRLISIDPVTAEFKSELAT
DWKISKDGKSVTFTLRKGVKFHTTAYFTPTREFNADDVIFTFSRLFDVYNPYHFVGDANYPYFQSVGIDQLIRKIVRVSD
HQVRFELFNAESSFLANMATDFAVVLSKEYAMALKANNQENLFDQYPVGTGPYIYKEYRRDHLVRFYKNADYWKHEVALE
QLVYDITPNGTTRIAKILTKECDVTAHPSSAQLSILAQRDDINVERETNLNIGYWAFNTERPPFDNLKVRQALVHAIDIE
KIMQAVYYGNGLRARSILPPTSWAFEPQKNMPIFDPQLAKKLLTEAGYEKGFDMSIWAMPVSRIYNPNARKMAELMQSDL
RKIGVNVNIVEYEWNTFIQRIGEHRHDSVLLGWAADTPDPDNFFSPLLSCTATFSGKNPANWCNPEFDLLLTKALDTTDL
NLRKQYYDAAQSMIIEQLPLYPIAHGMRFQASSADVEGITLGPFGAISLANARKKHHHHHH
;
_entity_poly.pdbx_strand_id   H,A,B,C,D,E,F,G
#
# COMPACT_ATOMS: atom_id res chain seq x y z
N GLY A 30 -34.52 31.04 -35.31
CA GLY A 30 -33.91 30.64 -34.05
C GLY A 30 -32.41 30.87 -34.11
N LEU A 31 -31.74 30.72 -32.98
CA LEU A 31 -30.31 30.92 -32.92
C LEU A 31 -29.67 29.72 -32.25
N VAL A 32 -28.47 29.37 -32.71
CA VAL A 32 -27.73 28.30 -32.11
C VAL A 32 -26.43 28.84 -31.53
N TYR A 33 -26.31 28.65 -30.23
CA TYR A 33 -25.16 29.09 -29.51
C TYR A 33 -24.41 27.84 -29.08
N CYS A 34 -23.10 27.83 -29.34
CA CYS A 34 -22.25 26.70 -29.00
C CYS A 34 -21.73 26.85 -27.60
N ALA A 35 -22.42 26.25 -26.64
CA ALA A 35 -22.05 26.33 -25.23
C ALA A 35 -20.83 25.47 -24.91
N GLU A 36 -20.08 25.85 -23.89
CA GLU A 36 -18.89 25.07 -23.55
C GLU A 36 -19.11 24.02 -22.48
N ALA A 37 -20.26 24.05 -21.81
CA ALA A 37 -20.56 23.06 -20.76
C ALA A 37 -22.04 23.04 -20.39
N ASN A 38 -22.47 21.97 -19.73
CA ASN A 38 -23.80 21.91 -19.12
C ASN A 38 -23.96 23.03 -18.10
N PRO A 39 -25.17 23.57 -18.00
CA PRO A 39 -25.35 24.51 -16.89
C PRO A 39 -25.35 23.70 -15.60
N VAL A 40 -24.68 24.16 -14.54
CA VAL A 40 -24.70 23.41 -13.28
C VAL A 40 -25.98 23.69 -12.50
N SER A 41 -26.67 24.76 -12.86
CA SER A 41 -27.92 25.19 -12.24
C SER A 41 -28.72 26.07 -13.22
N PHE A 42 -29.98 26.33 -12.91
CA PHE A 42 -30.69 27.34 -13.68
C PHE A 42 -31.04 28.58 -12.86
N ASN A 43 -30.49 28.68 -11.66
CA ASN A 43 -30.59 29.87 -10.82
C ASN A 43 -29.20 30.46 -10.55
N PRO A 44 -28.95 31.69 -11.07
CA PRO A 44 -27.65 32.37 -10.96
C PRO A 44 -27.19 32.51 -9.53
N GLN A 45 -28.12 32.51 -8.60
CA GLN A 45 -27.77 32.75 -7.20
C GLN A 45 -26.81 31.72 -6.65
N VAL A 46 -26.90 30.49 -7.13
CA VAL A 46 -26.20 29.39 -6.49
C VAL A 46 -24.88 28.99 -7.16
N THR A 47 -24.38 29.79 -8.10
CA THR A 47 -23.13 29.45 -8.79
C THR A 47 -22.36 30.63 -9.38
N THR A 48 -21.03 30.53 -9.38
CA THR A 48 -20.21 31.51 -10.11
C THR A 48 -19.57 30.90 -11.35
N THR A 49 -19.95 29.67 -11.70
CA THR A 49 -19.42 29.03 -12.91
C THR A 49 -19.77 29.84 -14.16
N GLY A 50 -18.78 30.54 -14.69
CA GLY A 50 -18.95 31.40 -15.84
C GLY A 50 -19.79 30.84 -16.96
N SER A 51 -19.45 29.65 -17.44
CA SER A 51 -20.17 29.07 -18.58
C SER A 51 -21.64 28.78 -18.28
N THR A 52 -21.99 28.59 -17.01
CA THR A 52 -23.39 28.48 -16.63
C THR A 52 -24.10 29.84 -16.68
N ILE A 53 -23.51 30.84 -16.04
CA ILE A 53 -24.09 32.18 -16.03
C ILE A 53 -24.37 32.68 -17.44
N ASP A 54 -23.44 32.40 -18.34
CA ASP A 54 -23.53 32.81 -19.74
C ASP A 54 -24.81 32.30 -20.35
N ILE A 55 -25.27 31.14 -19.92
CA ILE A 55 -26.45 30.55 -20.51
C ILE A 55 -27.76 31.10 -19.93
N ILE A 56 -27.81 31.32 -18.63
CA ILE A 56 -29.11 31.51 -17.96
C ILE A 56 -29.47 32.94 -17.54
N ALA A 57 -28.48 33.69 -17.05
CA ALA A 57 -28.75 34.97 -16.39
C ALA A 57 -29.52 36.00 -17.24
N ASN A 58 -28.91 36.41 -18.35
CA ASN A 58 -29.47 37.47 -19.19
C ASN A 58 -30.63 37.04 -20.06
N GLN A 59 -30.77 35.73 -20.24
CA GLN A 59 -31.79 35.17 -21.10
C GLN A 59 -33.07 34.98 -20.31
N LEU A 60 -32.99 34.40 -19.11
CA LEU A 60 -34.22 34.03 -18.39
C LEU A 60 -34.71 35.13 -17.45
N TYR A 61 -33.82 36.06 -17.13
CA TYR A 61 -34.02 36.90 -15.98
C TYR A 61 -33.89 38.41 -16.22
N ASP A 62 -34.33 39.19 -15.24
CA ASP A 62 -34.02 40.60 -15.22
C ASP A 62 -33.49 40.91 -13.83
N ARG A 63 -32.71 41.98 -13.73
CA ARG A 63 -32.30 42.53 -12.44
C ARG A 63 -33.20 43.72 -12.12
N LEU A 64 -33.02 44.30 -10.95
CA LEU A 64 -33.73 45.53 -10.57
C LEU A 64 -33.15 46.69 -11.35
N ILE A 65 -31.82 46.78 -11.33
CA ILE A 65 -31.11 47.87 -11.99
C ILE A 65 -29.98 47.28 -12.80
N SER A 66 -29.47 48.04 -13.76
CA SER A 66 -28.27 47.62 -14.51
C SER A 66 -27.31 48.79 -14.62
N ILE A 67 -26.23 48.60 -15.37
CA ILE A 67 -25.28 49.70 -15.54
C ILE A 67 -25.18 50.13 -16.99
N ASP A 68 -25.61 51.36 -17.28
CA ASP A 68 -25.52 51.90 -18.64
C ASP A 68 -24.10 51.80 -19.18
N PRO A 69 -23.93 51.08 -20.30
CA PRO A 69 -22.62 50.72 -20.83
C PRO A 69 -21.82 51.96 -21.18
N VAL A 70 -22.47 52.87 -21.89
CA VAL A 70 -21.82 54.09 -22.35
C VAL A 70 -21.47 55.08 -21.22
N THR A 71 -22.43 55.39 -20.36
CA THR A 71 -22.28 56.45 -19.36
C THR A 71 -21.84 55.98 -17.97
N ALA A 72 -21.80 54.66 -17.78
CA ALA A 72 -21.48 54.01 -16.51
C ALA A 72 -22.42 54.35 -15.34
N GLU A 73 -23.56 54.95 -15.65
CA GLU A 73 -24.51 55.27 -14.59
C GLU A 73 -25.48 54.10 -14.41
N PHE A 74 -26.17 54.06 -13.28
CA PHE A 74 -27.17 53.03 -13.06
C PHE A 74 -28.41 53.26 -13.92
N LYS A 75 -28.97 52.18 -14.47
CA LYS A 75 -30.18 52.22 -15.30
C LYS A 75 -31.31 51.35 -14.75
N SER A 76 -32.51 51.90 -14.76
CA SER A 76 -33.70 51.17 -14.36
C SER A 76 -33.92 49.88 -15.17
N GLU A 77 -34.21 48.80 -14.45
CA GLU A 77 -34.67 47.57 -15.06
C GLU A 77 -36.02 47.14 -14.49
N LEU A 78 -36.00 46.32 -13.44
CA LEU A 78 -37.22 45.92 -12.78
C LEU A 78 -37.59 46.98 -11.74
N ALA A 79 -36.58 47.75 -11.31
CA ALA A 79 -36.80 48.92 -10.45
C ALA A 79 -36.83 50.17 -11.32
N THR A 80 -37.83 51.00 -11.11
CA THR A 80 -37.93 52.23 -11.89
C THR A 80 -37.21 53.35 -11.15
N ASP A 81 -37.10 53.18 -9.84
CA ASP A 81 -36.51 54.21 -8.99
C ASP A 81 -35.78 53.61 -7.81
N TRP A 82 -34.68 54.22 -7.43
CA TRP A 82 -33.98 53.79 -6.21
C TRP A 82 -33.44 55.02 -5.45
N LYS A 83 -33.58 54.99 -4.14
CA LYS A 83 -33.19 56.13 -3.32
C LYS A 83 -32.40 55.64 -2.13
N ILE A 84 -31.22 56.22 -1.95
CA ILE A 84 -30.41 55.90 -0.78
C ILE A 84 -30.65 56.87 0.37
N SER A 85 -31.00 56.35 1.54
CA SER A 85 -31.17 57.22 2.71
C SER A 85 -29.94 58.11 2.94
N LYS A 86 -30.11 59.17 3.72
CA LYS A 86 -28.99 60.08 3.99
C LYS A 86 -27.91 59.40 4.83
N ASP A 87 -28.32 58.62 5.82
CA ASP A 87 -27.36 57.86 6.62
C ASP A 87 -26.75 56.69 5.82
N GLY A 88 -27.37 56.36 4.69
CA GLY A 88 -26.83 55.37 3.77
C GLY A 88 -27.14 53.91 4.09
N LYS A 89 -27.98 53.69 5.09
CA LYS A 89 -28.26 52.32 5.55
C LYS A 89 -29.64 51.85 5.06
N SER A 90 -30.29 52.66 4.23
CA SER A 90 -31.58 52.32 3.66
C SER A 90 -31.55 52.57 2.17
N VAL A 91 -32.00 51.58 1.40
CA VAL A 91 -32.11 51.73 -0.05
C VAL A 91 -33.51 51.31 -0.48
N THR A 92 -34.25 52.24 -1.07
CA THR A 92 -35.65 51.99 -1.40
C THR A 92 -35.85 51.92 -2.91
N PHE A 93 -36.28 50.76 -3.38
CA PHE A 93 -36.55 50.56 -4.80
C PHE A 93 -38.05 50.67 -5.09
N THR A 94 -38.42 51.52 -6.03
CA THR A 94 -39.77 51.55 -6.53
C THR A 94 -39.78 50.56 -7.68
N LEU A 95 -40.86 49.80 -7.84
CA LEU A 95 -40.86 48.68 -8.78
C LEU A 95 -41.81 48.83 -9.98
N ARG A 96 -41.29 48.51 -11.17
CA ARG A 96 -42.08 48.48 -12.40
C ARG A 96 -43.42 47.78 -12.18
N LYS A 97 -44.49 48.39 -12.68
CA LYS A 97 -45.80 47.74 -12.68
C LYS A 97 -45.98 46.90 -13.95
N GLY A 98 -46.88 45.93 -13.89
CA GLY A 98 -47.30 45.23 -15.09
C GLY A 98 -46.34 44.17 -15.56
N VAL A 99 -45.36 43.82 -14.72
CA VAL A 99 -44.36 42.82 -15.11
C VAL A 99 -44.85 41.40 -14.81
N LYS A 100 -44.90 40.55 -15.83
CA LYS A 100 -45.33 39.17 -15.63
C LYS A 100 -44.18 38.15 -15.52
N PHE A 101 -44.33 37.16 -14.63
CA PHE A 101 -43.43 36.00 -14.63
C PHE A 101 -43.77 35.05 -15.79
N HIS A 102 -42.83 34.17 -16.12
CA HIS A 102 -43.04 33.26 -17.25
C HIS A 102 -44.19 32.32 -17.02
N THR A 103 -44.99 32.12 -18.06
CA THR A 103 -45.82 30.93 -18.13
C THR A 103 -44.95 29.84 -18.76
N THR A 104 -44.59 28.84 -17.96
CA THR A 104 -43.88 27.68 -18.46
C THR A 104 -44.84 26.50 -18.52
N ALA A 105 -44.39 25.39 -19.10
CA ALA A 105 -45.18 24.17 -19.04
C ALA A 105 -45.54 23.77 -17.59
N TYR A 106 -44.66 24.08 -16.64
CA TYR A 106 -44.86 23.58 -15.28
C TYR A 106 -45.45 24.61 -14.30
N PHE A 107 -45.58 25.87 -14.72
CA PHE A 107 -46.02 26.92 -13.80
C PHE A 107 -46.73 28.06 -14.50
N THR A 108 -47.88 28.45 -13.96
CA THR A 108 -48.65 29.56 -14.49
C THR A 108 -48.93 30.57 -13.39
N PRO A 109 -48.36 31.78 -13.53
CA PRO A 109 -48.51 32.80 -12.48
C PRO A 109 -49.96 33.16 -12.23
N THR A 110 -50.26 33.59 -10.99
CA THR A 110 -51.58 34.04 -10.60
C THR A 110 -51.64 35.56 -10.37
N ARG A 111 -50.45 36.16 -10.25
CA ARG A 111 -50.31 37.60 -9.98
C ARG A 111 -49.04 38.13 -10.65
N GLU A 112 -48.94 39.45 -10.81
CA GLU A 112 -47.74 40.00 -11.45
C GLU A 112 -46.63 40.23 -10.45
N PHE A 113 -45.43 40.47 -10.97
CA PHE A 113 -44.26 40.73 -10.13
C PHE A 113 -44.47 41.91 -9.20
N ASN A 114 -44.13 41.72 -7.92
CA ASN A 114 -44.29 42.71 -6.88
C ASN A 114 -43.19 42.59 -5.80
N ALA A 115 -43.30 43.44 -4.77
CA ALA A 115 -42.27 43.51 -3.76
C ALA A 115 -42.00 42.19 -3.02
N ASP A 116 -43.03 41.36 -2.85
CA ASP A 116 -42.87 40.07 -2.17
C ASP A 116 -41.82 39.26 -2.89
N ASP A 117 -41.74 39.40 -4.21
CA ASP A 117 -40.78 38.65 -5.00
C ASP A 117 -39.36 39.11 -4.71
N VAL A 118 -39.16 40.42 -4.55
CA VAL A 118 -37.82 40.92 -4.31
C VAL A 118 -37.39 40.49 -2.92
N ILE A 119 -38.35 40.51 -2.01
CA ILE A 119 -38.12 40.17 -0.62
C ILE A 119 -37.76 38.71 -0.49
N PHE A 120 -38.55 37.85 -1.14
CA PHE A 120 -38.24 36.44 -1.18
C PHE A 120 -36.86 36.21 -1.78
N THR A 121 -36.64 36.82 -2.95
CA THR A 121 -35.44 36.55 -3.73
C THR A 121 -34.16 36.87 -2.97
N PHE A 122 -34.10 38.03 -2.32
CA PHE A 122 -32.85 38.46 -1.70
C PHE A 122 -32.71 38.00 -0.28
N SER A 123 -33.83 37.83 0.43
CA SER A 123 -33.75 37.37 1.81
C SER A 123 -33.35 35.90 1.83
N ARG A 124 -33.53 35.19 0.70
CA ARG A 124 -32.98 33.83 0.59
C ARG A 124 -31.48 33.78 0.88
N LEU A 125 -30.76 34.81 0.47
CA LEU A 125 -29.29 34.77 0.61
C LEU A 125 -28.86 34.79 2.07
N PHE A 126 -29.65 35.40 2.95
CA PHE A 126 -29.16 35.64 4.31
C PHE A 126 -30.06 35.16 5.45
N ASP A 127 -31.37 35.10 5.21
CA ASP A 127 -32.34 34.85 6.26
C ASP A 127 -32.52 33.36 6.56
N VAL A 128 -32.02 32.90 7.71
CA VAL A 128 -32.12 31.48 8.07
C VAL A 128 -33.55 31.06 8.32
N TYR A 129 -34.48 31.98 8.11
CA TYR A 129 -35.90 31.71 8.30
C TYR A 129 -36.60 31.68 6.96
N ASN A 130 -35.91 32.12 5.91
CA ASN A 130 -36.48 32.05 4.56
C ASN A 130 -36.48 30.58 4.14
N PRO A 131 -37.63 30.09 3.64
CA PRO A 131 -37.82 28.65 3.40
C PRO A 131 -36.90 28.05 2.32
N TYR A 132 -36.18 28.89 1.58
CA TYR A 132 -35.28 28.38 0.54
C TYR A 132 -33.82 28.59 0.86
N HIS A 133 -33.52 29.13 2.04
CA HIS A 133 -32.15 29.45 2.40
C HIS A 133 -31.25 28.23 2.37
N PHE A 134 -31.80 27.09 2.80
CA PHE A 134 -31.06 25.84 2.93
C PHE A 134 -31.25 24.84 1.78
N VAL A 135 -31.95 25.23 0.73
CA VAL A 135 -31.86 24.45 -0.48
C VAL A 135 -30.78 25.02 -1.41
N GLY A 136 -29.95 24.15 -1.95
CA GLY A 136 -29.82 22.80 -1.43
C GLY A 136 -28.51 22.85 -0.69
N ASP A 137 -27.63 23.74 -1.17
CA ASP A 137 -26.31 23.87 -0.59
C ASP A 137 -26.27 25.01 0.42
N ALA A 138 -27.31 25.83 0.42
CA ALA A 138 -27.30 27.06 1.19
C ALA A 138 -26.09 27.90 0.78
N ASN A 139 -25.59 27.66 -0.44
CA ASN A 139 -24.45 28.40 -0.97
C ASN A 139 -24.83 29.40 -2.06
N TYR A 140 -24.34 30.62 -1.87
CA TYR A 140 -24.67 31.73 -2.72
C TYR A 140 -23.38 32.46 -3.02
N PRO A 141 -22.52 31.81 -3.81
CA PRO A 141 -21.08 32.14 -3.81
C PRO A 141 -20.78 33.58 -4.19
N TYR A 142 -21.50 34.17 -5.14
CA TYR A 142 -21.18 35.54 -5.50
C TYR A 142 -21.42 36.50 -4.32
N PHE A 143 -22.59 36.38 -3.71
CA PHE A 143 -22.98 37.28 -2.64
C PHE A 143 -22.16 37.12 -1.37
N GLN A 144 -21.74 35.88 -1.08
CA GLN A 144 -20.81 35.60 0.01
C GLN A 144 -19.42 36.17 -0.22
N SER A 145 -18.90 36.02 -1.45
CA SER A 145 -17.57 36.50 -1.76
C SER A 145 -17.53 38.02 -1.67
N VAL A 146 -18.70 38.63 -1.76
CA VAL A 146 -18.79 40.08 -1.93
C VAL A 146 -19.46 40.71 -0.70
N GLY A 147 -20.03 39.86 0.16
CA GLY A 147 -20.51 40.28 1.47
C GLY A 147 -21.97 40.67 1.60
N ILE A 148 -22.72 40.59 0.49
CA ILE A 148 -24.12 41.00 0.52
C ILE A 148 -24.91 40.22 1.58
N ASP A 149 -24.57 38.95 1.77
CA ASP A 149 -25.31 38.11 2.73
C ASP A 149 -25.14 38.53 4.19
N GLN A 150 -24.08 39.28 4.48
CA GLN A 150 -23.86 39.75 5.85
C GLN A 150 -24.23 41.23 5.98
N LEU A 151 -24.44 41.87 4.84
CA LEU A 151 -24.74 43.29 4.78
C LEU A 151 -26.22 43.57 4.98
N ILE A 152 -27.09 42.81 4.31
CA ILE A 152 -28.52 43.07 4.39
C ILE A 152 -29.05 42.60 5.72
N ARG A 153 -29.63 43.55 6.46
CA ARG A 153 -30.24 43.29 7.75
C ARG A 153 -31.68 42.82 7.61
N LYS A 154 -32.41 43.45 6.70
CA LYS A 154 -33.83 43.17 6.50
C LYS A 154 -34.29 43.77 5.19
N ILE A 155 -35.41 43.29 4.66
CA ILE A 155 -36.02 43.95 3.51
C ILE A 155 -37.49 44.19 3.79
N VAL A 156 -37.88 45.45 3.71
CA VAL A 156 -39.19 45.85 4.19
C VAL A 156 -40.12 46.09 3.02
N ARG A 157 -41.31 45.51 3.09
CA ARG A 157 -42.34 45.79 2.10
C ARG A 157 -43.08 47.05 2.47
N VAL A 158 -42.79 48.16 1.79
CA VAL A 158 -43.50 49.41 2.10
C VAL A 158 -44.81 49.53 1.30
N SER A 159 -44.87 48.86 0.16
CA SER A 159 -46.07 48.82 -0.69
C SER A 159 -45.86 47.75 -1.78
N ASP A 160 -46.91 47.44 -2.53
CA ASP A 160 -46.85 46.35 -3.50
C ASP A 160 -45.71 46.51 -4.46
N HIS A 161 -45.29 47.76 -4.65
CA HIS A 161 -44.35 48.07 -5.69
C HIS A 161 -43.28 49.01 -5.15
N GLN A 162 -42.95 48.82 -3.89
CA GLN A 162 -41.84 49.56 -3.30
C GLN A 162 -41.27 48.74 -2.15
N VAL A 163 -39.94 48.72 -2.07
CA VAL A 163 -39.26 47.80 -1.17
C VAL A 163 -38.05 48.52 -0.59
N ARG A 164 -37.77 48.30 0.69
CA ARG A 164 -36.62 48.97 1.31
C ARG A 164 -35.65 47.99 1.90
N PHE A 165 -34.41 48.03 1.43
CA PHE A 165 -33.32 47.23 1.98
C PHE A 165 -32.72 48.00 3.15
N GLU A 166 -32.69 47.37 4.31
CA GLU A 166 -31.98 47.92 5.46
C GLU A 166 -30.64 47.20 5.60
N LEU A 167 -29.57 47.98 5.66
CA LEU A 167 -28.21 47.45 5.77
C LEU A 167 -27.57 47.73 7.13
N PHE A 168 -26.81 46.76 7.65
CA PHE A 168 -26.13 46.96 8.93
C PHE A 168 -25.19 48.18 8.91
N ASN A 169 -24.70 48.55 7.73
CA ASN A 169 -23.88 49.75 7.61
C ASN A 169 -23.97 50.30 6.21
N ALA A 170 -23.49 51.52 6.03
CA ALA A 170 -23.40 52.10 4.70
C ALA A 170 -22.35 51.33 3.95
N GLU A 171 -22.55 51.19 2.64
CA GLU A 171 -21.62 50.43 1.81
C GLU A 171 -21.74 50.85 0.35
N SER A 172 -20.69 51.52 -0.13
CA SER A 172 -20.71 52.15 -1.45
C SER A 172 -21.00 51.15 -2.58
N SER A 173 -20.59 49.91 -2.39
CA SER A 173 -20.67 48.92 -3.46
C SER A 173 -22.05 48.25 -3.58
N PHE A 174 -22.92 48.41 -2.59
CA PHE A 174 -24.23 47.77 -2.62
C PHE A 174 -25.01 47.88 -3.95
N LEU A 175 -25.19 49.08 -4.48
CA LEU A 175 -25.94 49.22 -5.74
C LEU A 175 -25.28 48.49 -6.91
N ALA A 176 -23.96 48.56 -6.97
CA ALA A 176 -23.20 47.85 -7.99
C ALA A 176 -23.39 46.33 -7.87
N ASN A 177 -23.44 45.81 -6.66
CA ASN A 177 -23.71 44.39 -6.50
C ASN A 177 -25.13 44.00 -6.95
N MET A 178 -26.08 44.92 -6.78
CA MET A 178 -27.45 44.67 -7.22
C MET A 178 -27.60 44.76 -8.73
N ALA A 179 -26.52 45.18 -9.40
CA ALA A 179 -26.56 45.31 -10.84
C ALA A 179 -25.76 44.23 -11.56
N THR A 180 -25.34 43.20 -10.83
CA THR A 180 -24.55 42.13 -11.42
C THR A 180 -25.43 41.02 -11.94
N ASP A 181 -24.85 40.14 -12.73
CA ASP A 181 -25.61 39.09 -13.41
C ASP A 181 -26.30 38.17 -12.41
N PHE A 182 -25.80 38.20 -11.17
CA PHE A 182 -26.26 37.32 -10.10
C PHE A 182 -27.52 37.87 -9.38
N ALA A 183 -27.76 39.18 -9.47
CA ALA A 183 -28.86 39.79 -8.71
C ALA A 183 -30.18 39.77 -9.46
N VAL A 184 -30.53 38.60 -9.97
CA VAL A 184 -31.76 38.41 -10.74
C VAL A 184 -32.93 38.27 -9.76
N VAL A 185 -34.15 38.46 -10.26
CA VAL A 185 -35.36 38.37 -9.46
C VAL A 185 -36.12 37.09 -9.79
N LEU A 186 -36.52 36.36 -8.74
CA LEU A 186 -37.15 35.05 -8.87
C LEU A 186 -38.61 35.16 -8.49
N SER A 187 -39.35 34.07 -8.71
CA SER A 187 -40.78 34.08 -8.41
C SER A 187 -41.08 33.49 -7.04
N LYS A 188 -41.55 34.34 -6.13
CA LYS A 188 -41.96 33.85 -4.82
C LYS A 188 -43.20 32.97 -4.97
N GLU A 189 -44.13 33.36 -5.83
CA GLU A 189 -45.31 32.51 -6.04
C GLU A 189 -44.91 31.08 -6.39
N TYR A 190 -44.00 30.95 -7.34
CA TYR A 190 -43.54 29.64 -7.79
C TYR A 190 -42.80 28.91 -6.67
N ALA A 191 -41.94 29.62 -5.95
CA ALA A 191 -41.21 29.02 -4.84
C ALA A 191 -42.15 28.43 -3.79
N MET A 192 -43.25 29.13 -3.51
CA MET A 192 -44.16 28.70 -2.45
C MET A 192 -44.99 27.49 -2.89
N ALA A 193 -45.41 27.50 -4.15
CA ALA A 193 -46.16 26.38 -4.69
C ALA A 193 -45.30 25.12 -4.66
N LEU A 194 -44.03 25.25 -5.01
CA LEU A 194 -43.12 24.09 -4.94
C LEU A 194 -42.95 23.61 -3.51
N LYS A 195 -42.85 24.56 -2.59
CA LYS A 195 -42.67 24.25 -1.18
C LYS A 195 -43.90 23.52 -0.62
N ALA A 196 -45.07 23.90 -1.10
CA ALA A 196 -46.30 23.20 -0.72
C ALA A 196 -46.27 21.72 -1.14
N ASN A 197 -45.50 21.41 -2.18
CA ASN A 197 -45.42 20.04 -2.66
C ASN A 197 -44.23 19.30 -2.09
N ASN A 198 -43.48 19.96 -1.20
CA ASN A 198 -42.17 19.47 -0.79
C ASN A 198 -41.30 19.17 -2.01
N GLN A 199 -41.38 20.04 -2.99
CA GLN A 199 -40.58 19.87 -4.20
C GLN A 199 -39.64 21.04 -4.44
N GLU A 200 -39.08 21.57 -3.35
CA GLU A 200 -38.17 22.71 -3.38
C GLU A 200 -37.00 22.58 -4.36
N ASN A 201 -36.54 21.35 -4.59
CA ASN A 201 -35.40 21.08 -5.46
C ASN A 201 -35.65 21.29 -6.97
N LEU A 202 -36.91 21.46 -7.34
CA LEU A 202 -37.24 21.82 -8.71
C LEU A 202 -37.07 23.32 -8.99
N PHE A 203 -37.14 24.15 -7.93
CA PHE A 203 -37.05 25.61 -8.07
C PHE A 203 -35.86 26.14 -8.89
N ASP A 204 -34.66 25.72 -8.52
CA ASP A 204 -33.42 26.13 -9.20
C ASP A 204 -33.11 25.33 -10.46
N GLN A 205 -33.88 24.27 -10.67
CA GLN A 205 -33.66 23.35 -11.78
C GLN A 205 -34.63 23.68 -12.92
N TYR A 206 -35.88 23.99 -12.60
CA TYR A 206 -36.84 24.38 -13.60
C TYR A 206 -37.23 25.83 -13.34
N PRO A 207 -36.67 26.75 -14.12
CA PRO A 207 -36.70 28.15 -13.73
C PRO A 207 -37.99 28.86 -14.16
N VAL A 208 -38.36 29.87 -13.38
CA VAL A 208 -39.39 30.82 -13.75
C VAL A 208 -38.72 32.19 -13.56
N GLY A 209 -38.70 32.98 -14.64
CA GLY A 209 -38.09 34.29 -14.60
C GLY A 209 -39.04 35.33 -15.21
N THR A 210 -38.57 36.57 -15.29
CA THR A 210 -39.25 37.64 -16.00
C THR A 210 -38.56 38.02 -17.32
N GLY A 211 -37.45 37.35 -17.63
CA GLY A 211 -36.63 37.69 -18.78
C GLY A 211 -37.25 37.40 -20.14
N PRO A 212 -36.51 37.65 -21.21
CA PRO A 212 -36.94 37.58 -22.63
C PRO A 212 -37.12 36.18 -23.20
N TYR A 213 -36.67 35.17 -22.46
CA TYR A 213 -36.78 33.81 -22.92
C TYR A 213 -37.21 32.93 -21.79
N ILE A 214 -37.90 31.85 -22.16
CA ILE A 214 -38.47 30.95 -21.19
C ILE A 214 -37.90 29.57 -21.39
N TYR A 215 -37.59 28.92 -20.28
CA TYR A 215 -37.07 27.56 -20.30
C TYR A 215 -38.02 26.57 -20.98
N LYS A 216 -37.49 25.82 -21.96
CA LYS A 216 -38.26 24.79 -22.65
C LYS A 216 -37.78 23.37 -22.31
N GLU A 217 -36.49 23.13 -22.45
CA GLU A 217 -35.95 21.78 -22.22
C GLU A 217 -34.44 21.74 -21.97
N TYR A 218 -34.03 20.80 -21.13
CA TYR A 218 -32.61 20.60 -20.86
C TYR A 218 -32.26 19.10 -20.88
N ARG A 219 -31.30 18.76 -21.74
CA ARG A 219 -30.79 17.39 -21.91
C ARG A 219 -29.29 17.38 -21.69
N ARG A 220 -28.85 16.86 -20.55
CA ARG A 220 -27.44 16.81 -20.17
C ARG A 220 -26.54 16.35 -21.31
N ASP A 221 -25.43 17.05 -21.49
CA ASP A 221 -24.44 16.71 -22.51
C ASP A 221 -24.95 16.86 -23.95
N HIS A 222 -26.17 17.37 -24.12
CA HIS A 222 -26.76 17.50 -25.46
C HIS A 222 -27.12 18.94 -25.80
N LEU A 223 -28.11 19.51 -25.08
CA LEU A 223 -28.61 20.84 -25.43
C LEU A 223 -29.51 21.49 -24.35
N VAL A 224 -29.62 22.80 -24.41
CA VAL A 224 -30.68 23.48 -23.66
C VAL A 224 -31.50 24.39 -24.60
N ARG A 225 -32.82 24.39 -24.43
CA ARG A 225 -33.67 25.19 -25.31
C ARG A 225 -34.57 26.17 -24.56
N PHE A 226 -34.48 27.44 -24.94
CA PHE A 226 -35.36 28.46 -24.39
C PHE A 226 -36.19 28.92 -25.56
N TYR A 227 -37.42 29.36 -25.31
CA TYR A 227 -38.18 29.97 -26.40
C TYR A 227 -38.57 31.42 -26.05
N LYS A 228 -39.07 32.14 -27.06
CA LYS A 228 -39.47 33.54 -26.91
C LYS A 228 -40.41 33.76 -25.74
N ASN A 229 -40.17 34.83 -24.97
CA ASN A 229 -41.18 35.32 -24.03
C ASN A 229 -42.09 36.42 -24.63
N ALA A 230 -43.26 36.00 -25.09
CA ALA A 230 -44.20 36.87 -25.81
C ALA A 230 -44.79 37.97 -24.92
N ASP A 231 -44.68 37.81 -23.61
CA ASP A 231 -45.17 38.83 -22.66
C ASP A 231 -44.07 39.74 -22.14
N TYR A 232 -42.86 39.59 -22.69
CA TYR A 232 -41.70 40.29 -22.14
C TYR A 232 -41.97 41.79 -22.00
N TRP A 233 -41.66 42.35 -20.83
CA TRP A 233 -42.01 43.72 -20.54
C TRP A 233 -41.18 44.72 -21.34
N LYS A 234 -39.90 44.41 -21.51
CA LYS A 234 -38.92 45.42 -21.95
C LYS A 234 -38.86 45.62 -23.46
N HIS A 235 -38.96 44.53 -24.21
CA HIS A 235 -38.95 44.65 -25.66
C HIS A 235 -39.56 43.45 -26.33
N GLU A 236 -39.83 43.60 -27.62
CA GLU A 236 -40.38 42.54 -28.44
C GLU A 236 -39.26 41.58 -28.83
N VAL A 237 -39.19 40.43 -28.14
CA VAL A 237 -38.08 39.50 -28.31
C VAL A 237 -37.96 39.04 -29.77
N ALA A 238 -36.76 39.19 -30.32
CA ALA A 238 -36.57 39.06 -31.77
C ALA A 238 -36.46 37.62 -32.29
N LEU A 239 -36.24 36.66 -31.39
CA LEU A 239 -36.03 35.27 -31.78
C LEU A 239 -37.07 34.34 -31.16
N GLU A 240 -37.61 33.46 -31.98
CA GLU A 240 -38.57 32.48 -31.47
C GLU A 240 -37.92 31.44 -30.57
N GLN A 241 -36.66 31.11 -30.86
CA GLN A 241 -35.97 30.02 -30.19
C GLN A 241 -34.48 30.32 -30.00
N LEU A 242 -33.94 29.98 -28.82
CA LEU A 242 -32.51 29.92 -28.57
C LEU A 242 -32.14 28.48 -28.28
N VAL A 243 -31.21 27.91 -29.05
CA VAL A 243 -30.70 26.58 -28.74
C VAL A 243 -29.23 26.59 -28.34
N TYR A 244 -28.95 26.06 -27.15
CA TYR A 244 -27.58 25.95 -26.66
C TYR A 244 -27.04 24.56 -26.92
N ASP A 245 -26.13 24.46 -27.89
CA ASP A 245 -25.53 23.19 -28.24
C ASP A 245 -24.31 22.92 -27.35
N ILE A 246 -24.47 22.03 -26.38
CA ILE A 246 -23.37 21.73 -25.45
C ILE A 246 -22.20 21.00 -26.16
N THR A 247 -21.08 21.68 -26.29
CA THR A 247 -19.98 21.19 -27.10
C THR A 247 -18.70 21.50 -26.35
N PRO A 248 -18.35 20.64 -25.38
CA PRO A 248 -17.22 20.96 -24.52
C PRO A 248 -15.94 21.26 -25.30
N ASN A 249 -15.70 20.58 -26.40
CA ASN A 249 -14.44 20.75 -27.12
C ASN A 249 -14.37 22.05 -27.96
N GLY A 250 -13.42 22.92 -27.63
CA GLY A 250 -13.29 24.20 -28.32
C GLY A 250 -13.08 24.10 -29.81
N THR A 251 -12.25 23.15 -30.23
CA THR A 251 -12.00 22.97 -31.64
C THR A 251 -13.31 22.67 -32.36
N THR A 252 -14.11 21.81 -31.76
CA THR A 252 -15.38 21.43 -32.37
C THR A 252 -16.32 22.63 -32.44
N ARG A 253 -16.27 23.49 -31.42
CA ARG A 253 -17.13 24.68 -31.42
C ARG A 253 -16.84 25.62 -32.61
N ILE A 254 -15.56 25.83 -32.92
CA ILE A 254 -15.14 26.59 -34.09
C ILE A 254 -15.54 25.86 -35.36
N ALA A 255 -15.34 24.56 -35.36
CA ALA A 255 -15.73 23.75 -36.50
C ALA A 255 -17.23 23.90 -36.76
N LYS A 256 -18.02 24.07 -35.70
CA LYS A 256 -19.46 24.18 -35.89
C LYS A 256 -19.84 25.57 -36.40
N ILE A 257 -18.96 26.54 -36.13
CA ILE A 257 -19.10 27.87 -36.71
C ILE A 257 -18.93 27.76 -38.23
N LEU A 258 -17.83 27.16 -38.66
CA LEU A 258 -17.55 26.99 -40.09
C LEU A 258 -18.69 26.32 -40.87
N THR A 259 -19.36 25.37 -40.23
CA THR A 259 -20.38 24.58 -40.90
C THR A 259 -21.74 25.28 -40.78
N LYS A 260 -21.76 26.42 -40.12
CA LYS A 260 -23.01 27.15 -39.90
C LYS A 260 -23.97 26.32 -39.06
N GLU A 261 -23.42 25.32 -38.38
CA GLU A 261 -24.14 24.51 -37.43
C GLU A 261 -24.44 25.32 -36.17
N CYS A 262 -23.44 26.09 -35.73
CA CYS A 262 -23.62 27.06 -34.65
C CYS A 262 -23.55 28.49 -35.22
N ASP A 263 -24.33 29.40 -34.62
CA ASP A 263 -24.39 30.81 -34.99
C ASP A 263 -23.54 31.71 -34.12
N VAL A 264 -23.18 31.24 -32.92
CA VAL A 264 -22.35 31.99 -31.99
C VAL A 264 -21.51 31.02 -31.14
N THR A 265 -20.26 31.36 -30.86
CA THR A 265 -19.45 30.45 -30.04
C THR A 265 -18.97 31.00 -28.70
N ALA A 266 -19.30 30.21 -27.67
CA ALA A 266 -18.99 30.48 -26.26
C ALA A 266 -17.52 30.78 -26.01
N HIS A 267 -17.08 32.00 -26.31
CA HIS A 267 -15.65 32.26 -26.33
C HIS A 267 -14.99 31.21 -27.26
N PRO A 268 -13.86 31.58 -27.82
CA PRO A 268 -12.78 30.71 -28.29
C PRO A 268 -11.48 31.42 -27.98
N SER A 269 -10.35 30.83 -28.36
CA SER A 269 -9.04 31.42 -28.10
C SER A 269 -8.43 32.03 -29.36
N SER A 270 -7.41 32.87 -29.17
CA SER A 270 -6.80 33.62 -30.27
C SER A 270 -6.40 32.76 -31.48
N ALA A 271 -5.95 31.53 -31.22
CA ALA A 271 -5.49 30.62 -32.27
C ALA A 271 -6.64 30.02 -33.10
N GLN A 272 -7.56 29.38 -32.41
CA GLN A 272 -8.79 28.88 -33.03
C GLN A 272 -9.53 29.88 -33.93
N LEU A 273 -9.13 31.15 -33.91
CA LEU A 273 -9.87 32.19 -34.61
C LEU A 273 -9.31 32.53 -35.98
N SER A 274 -7.98 32.50 -36.09
CA SER A 274 -7.29 32.73 -37.35
C SER A 274 -7.98 32.00 -38.49
N ILE A 275 -8.32 30.74 -38.26
CA ILE A 275 -8.93 29.92 -39.30
C ILE A 275 -10.23 30.51 -39.83
N LEU A 276 -10.73 31.53 -39.14
CA LEU A 276 -11.95 32.21 -39.53
C LEU A 276 -11.68 33.44 -40.39
N ALA A 277 -10.52 34.04 -40.20
CA ALA A 277 -10.15 35.28 -40.91
C ALA A 277 -10.58 35.34 -42.36
N GLN A 278 -10.50 34.22 -43.08
CA GLN A 278 -10.73 34.22 -44.52
C GLN A 278 -12.17 33.85 -44.88
N ARG A 279 -13.09 34.08 -43.95
CA ARG A 279 -14.50 33.83 -44.21
C ARG A 279 -15.31 35.13 -44.13
N ASP A 280 -16.04 35.43 -45.20
CA ASP A 280 -16.92 36.59 -45.33
C ASP A 280 -18.02 36.57 -44.31
N ASP A 281 -18.56 35.38 -44.09
CA ASP A 281 -19.84 35.21 -43.45
C ASP A 281 -19.69 34.85 -41.98
N ILE A 282 -18.55 35.21 -41.41
CA ILE A 282 -18.29 34.93 -40.01
C ILE A 282 -17.59 36.14 -39.37
N ASN A 283 -18.21 36.67 -38.31
CA ASN A 283 -17.63 37.77 -37.54
C ASN A 283 -16.80 37.30 -36.33
N VAL A 284 -15.63 37.88 -36.17
CA VAL A 284 -14.81 37.58 -35.01
C VAL A 284 -14.64 38.87 -34.20
N GLU A 285 -14.90 38.76 -32.90
CA GLU A 285 -14.86 39.91 -32.01
C GLU A 285 -13.81 39.71 -30.90
N ARG A 286 -13.30 40.81 -30.38
CA ARG A 286 -12.30 40.74 -29.34
C ARG A 286 -12.35 41.97 -28.45
N GLU A 287 -12.42 41.75 -27.15
CA GLU A 287 -12.55 42.82 -26.15
C GLU A 287 -11.76 42.49 -24.89
N THR A 288 -10.89 43.41 -24.49
CA THR A 288 -10.11 43.19 -23.29
C THR A 288 -11.07 43.18 -22.11
N ASN A 289 -11.08 42.08 -21.35
CA ASN A 289 -12.05 41.94 -20.26
C ASN A 289 -11.51 42.69 -19.06
N LEU A 290 -12.41 43.21 -18.23
CA LEU A 290 -12.03 43.91 -17.03
C LEU A 290 -11.34 42.95 -16.05
N ASN A 291 -10.03 42.81 -16.15
CA ASN A 291 -9.28 42.01 -15.20
C ASN A 291 -7.80 42.35 -15.29
N ILE A 292 -7.00 41.81 -14.37
CA ILE A 292 -5.56 42.01 -14.39
C ILE A 292 -4.85 40.85 -13.73
N GLY A 293 -3.80 40.36 -14.39
CA GLY A 293 -2.86 39.47 -13.75
C GLY A 293 -1.62 40.25 -13.33
N TYR A 294 -1.10 39.97 -12.14
CA TYR A 294 -0.04 40.78 -11.57
C TYR A 294 0.94 39.95 -10.76
N TRP A 295 2.07 40.57 -10.43
CA TRP A 295 3.02 39.99 -9.49
C TRP A 295 3.01 40.89 -8.27
N ALA A 296 2.48 40.41 -7.16
CA ALA A 296 2.38 41.25 -5.96
C ALA A 296 3.48 40.94 -4.98
N PHE A 297 4.03 42.00 -4.37
CA PHE A 297 5.07 41.88 -3.35
C PHE A 297 4.51 42.01 -1.94
N ASN A 298 4.91 41.08 -1.08
CA ASN A 298 4.66 41.23 0.35
C ASN A 298 5.47 42.40 0.89
N THR A 299 4.87 43.59 0.88
CA THR A 299 5.60 44.82 1.15
C THR A 299 5.97 44.99 2.62
N GLU A 300 5.65 44.00 3.43
CA GLU A 300 5.93 44.06 4.84
C GLU A 300 7.03 43.08 5.22
N ARG A 301 7.52 42.33 4.23
CA ARG A 301 8.54 41.33 4.49
C ARG A 301 9.86 41.63 3.81
N PRO A 302 10.91 41.90 4.62
CA PRO A 302 12.22 42.20 4.04
C PRO A 302 12.66 41.05 3.14
N PRO A 303 13.30 41.36 2.00
CA PRO A 303 13.69 42.68 1.51
C PRO A 303 12.66 43.32 0.57
N PHE A 304 11.48 42.71 0.47
CA PHE A 304 10.42 43.21 -0.42
C PHE A 304 9.68 44.40 0.16
N ASP A 305 10.08 44.81 1.36
CA ASP A 305 9.49 45.97 1.99
C ASP A 305 10.23 47.20 1.54
N ASN A 306 11.33 46.97 0.83
CA ASN A 306 12.19 48.01 0.28
C ASN A 306 11.83 48.39 -1.18
N LEU A 307 11.24 49.57 -1.37
CA LEU A 307 10.87 50.03 -2.72
C LEU A 307 11.95 49.76 -3.78
N LYS A 308 13.21 50.06 -3.46
CA LYS A 308 14.32 49.88 -4.39
C LYS A 308 14.52 48.42 -4.77
N VAL A 309 14.20 47.52 -3.86
CA VAL A 309 14.28 46.10 -4.18
C VAL A 309 13.17 45.71 -5.16
N ARG A 310 11.96 46.22 -4.95
CA ARG A 310 10.87 45.98 -5.91
C ARG A 310 11.13 46.57 -7.30
N GLN A 311 11.67 47.79 -7.35
CA GLN A 311 12.05 48.38 -8.62
C GLN A 311 13.02 47.45 -9.35
N ALA A 312 14.10 47.07 -8.68
CA ALA A 312 15.14 46.24 -9.28
C ALA A 312 14.56 44.99 -9.93
N LEU A 313 13.84 44.20 -9.15
CA LEU A 313 13.29 42.93 -9.60
C LEU A 313 12.36 43.06 -10.81
N VAL A 314 11.53 44.09 -10.82
CA VAL A 314 10.59 44.26 -11.91
C VAL A 314 11.30 44.46 -13.26
N HIS A 315 12.40 45.21 -13.27
CA HIS A 315 13.18 45.37 -14.50
C HIS A 315 13.70 44.03 -15.06
N ALA A 316 13.86 43.02 -14.20
CA ALA A 316 14.45 41.76 -14.67
C ALA A 316 13.48 40.86 -15.45
N ILE A 317 12.20 41.21 -15.44
CA ILE A 317 11.19 40.31 -15.99
C ILE A 317 10.91 40.56 -17.46
N ASP A 318 11.18 39.55 -18.28
CA ASP A 318 10.90 39.58 -19.71
C ASP A 318 9.40 39.40 -19.98
N ILE A 319 8.65 40.49 -19.97
CA ILE A 319 7.21 40.34 -20.08
C ILE A 319 6.75 39.95 -21.51
N GLU A 320 7.55 40.33 -22.51
CA GLU A 320 7.31 39.85 -23.88
C GLU A 320 7.32 38.33 -23.93
N LYS A 321 8.36 37.75 -23.37
CA LYS A 321 8.45 36.30 -23.30
C LYS A 321 7.18 35.73 -22.66
N ILE A 322 6.64 36.40 -21.67
CA ILE A 322 5.51 35.83 -20.96
C ILE A 322 4.19 36.00 -21.72
N MET A 323 4.07 37.06 -22.51
CA MET A 323 2.89 37.22 -23.36
C MET A 323 2.85 36.06 -24.34
N GLN A 324 4.02 35.73 -24.90
CA GLN A 324 4.10 34.66 -25.91
C GLN A 324 4.00 33.25 -25.36
N ALA A 325 4.64 33.00 -24.23
CA ALA A 325 4.74 31.63 -23.70
C ALA A 325 3.77 31.34 -22.55
N VAL A 326 3.00 32.34 -22.14
CA VAL A 326 1.96 32.10 -21.14
C VAL A 326 0.54 32.37 -21.69
N TYR A 327 0.37 33.53 -22.28
CA TYR A 327 -0.95 33.95 -22.73
C TYR A 327 -1.23 33.47 -24.14
N TYR A 328 -0.16 33.16 -24.87
CA TYR A 328 -0.23 32.63 -26.24
C TYR A 328 -1.15 33.45 -27.15
N GLY A 329 -1.15 34.76 -26.96
CA GLY A 329 -1.94 35.65 -27.78
C GLY A 329 -3.33 35.96 -27.23
N ASN A 330 -3.63 35.50 -26.03
CA ASN A 330 -4.94 35.79 -25.44
C ASN A 330 -4.93 36.88 -24.37
N GLY A 331 -3.80 37.58 -24.27
CA GLY A 331 -3.60 38.60 -23.26
C GLY A 331 -3.18 39.91 -23.90
N LEU A 332 -3.41 40.99 -23.17
CA LEU A 332 -3.06 42.34 -23.60
C LEU A 332 -2.12 42.94 -22.55
N ARG A 333 -0.91 43.26 -22.96
CA ARG A 333 0.09 43.75 -22.02
C ARG A 333 -0.42 44.94 -21.21
N ALA A 334 -0.19 44.92 -19.90
CA ALA A 334 -0.71 45.97 -19.00
C ALA A 334 0.00 47.32 -19.16
N ARG A 335 -0.76 48.41 -19.12
CA ARG A 335 -0.18 49.76 -19.13
C ARG A 335 -0.56 50.52 -17.83
N SER A 336 -1.20 49.75 -16.94
CA SER A 336 -1.74 50.22 -15.69
C SER A 336 -2.36 49.02 -15.03
N ILE A 337 -2.85 49.12 -13.80
CA ILE A 337 -3.52 47.99 -13.23
C ILE A 337 -4.90 47.88 -13.88
N LEU A 338 -5.30 48.93 -14.59
CA LEU A 338 -6.60 48.99 -15.23
C LEU A 338 -6.40 48.75 -16.69
N PRO A 339 -7.23 47.86 -17.27
CA PRO A 339 -7.30 47.57 -18.70
C PRO A 339 -7.84 48.79 -19.45
N PRO A 340 -7.46 48.97 -20.72
CA PRO A 340 -7.96 50.16 -21.38
C PRO A 340 -9.47 50.22 -21.47
N THR A 341 -10.18 49.12 -21.22
CA THR A 341 -11.65 49.15 -21.26
C THR A 341 -12.27 49.66 -19.97
N SER A 342 -11.47 49.87 -18.93
CA SER A 342 -12.01 50.57 -17.76
C SER A 342 -12.13 52.08 -18.06
N TRP A 343 -13.29 52.67 -17.81
CA TRP A 343 -13.47 54.08 -18.14
C TRP A 343 -12.49 54.97 -17.39
N ALA A 344 -11.91 54.48 -16.30
CA ALA A 344 -10.95 55.27 -15.53
C ALA A 344 -9.51 55.10 -15.99
N PHE A 345 -9.30 54.22 -16.97
CA PHE A 345 -7.94 53.91 -17.43
C PHE A 345 -7.11 55.13 -17.84
N GLU A 346 -5.84 55.13 -17.42
CA GLU A 346 -4.85 56.10 -17.86
C GLU A 346 -3.52 55.37 -18.04
N PRO A 347 -2.89 55.52 -19.22
CA PRO A 347 -1.63 54.82 -19.51
C PRO A 347 -0.53 55.31 -18.57
N GLN A 348 0.20 54.41 -17.93
CA GLN A 348 1.26 54.81 -17.01
C GLN A 348 2.59 54.96 -17.74
N LYS A 349 3.14 56.17 -17.71
CA LYS A 349 4.38 56.44 -18.44
C LYS A 349 5.61 55.80 -17.78
N ASN A 350 5.51 55.56 -16.48
CA ASN A 350 6.64 55.03 -15.73
C ASN A 350 6.72 53.51 -15.62
N MET A 351 6.02 52.78 -16.49
CA MET A 351 6.08 51.32 -16.46
C MET A 351 7.53 50.88 -16.67
N PRO A 352 8.02 49.98 -15.83
CA PRO A 352 9.45 49.65 -15.90
C PRO A 352 9.76 48.98 -17.22
N ILE A 353 10.90 49.34 -17.81
CA ILE A 353 11.38 48.70 -19.03
C ILE A 353 12.06 47.38 -18.65
N PHE A 354 11.99 46.39 -19.54
CA PHE A 354 12.76 45.16 -19.37
C PHE A 354 14.24 45.46 -19.63
N ASP A 355 15.04 45.38 -18.57
CA ASP A 355 16.48 45.62 -18.70
C ASP A 355 17.20 44.95 -17.54
N PRO A 356 17.66 43.71 -17.76
CA PRO A 356 18.38 42.95 -16.73
C PRO A 356 19.60 43.67 -16.21
N GLN A 357 20.30 44.41 -17.07
CA GLN A 357 21.51 45.08 -16.59
C GLN A 357 21.11 46.15 -15.58
N LEU A 358 20.12 46.96 -15.95
CA LEU A 358 19.56 47.95 -15.03
C LEU A 358 19.17 47.27 -13.74
N ALA A 359 18.52 46.12 -13.85
CA ALA A 359 17.99 45.48 -12.67
C ALA A 359 19.11 45.08 -11.75
N LYS A 360 20.20 44.60 -12.32
CA LYS A 360 21.29 44.11 -11.49
C LYS A 360 22.01 45.25 -10.80
N LYS A 361 22.25 46.32 -11.55
CA LYS A 361 22.84 47.56 -11.04
C LYS A 361 22.03 48.15 -9.90
N LEU A 362 20.70 48.18 -10.04
CA LEU A 362 19.82 48.66 -8.98
C LEU A 362 19.84 47.74 -7.77
N LEU A 363 19.71 46.45 -8.03
CA LEU A 363 19.70 45.48 -6.94
C LEU A 363 20.96 45.61 -6.08
N THR A 364 22.11 45.85 -6.71
CA THR A 364 23.34 45.98 -5.95
C THR A 364 23.43 47.34 -5.26
N GLU A 365 23.02 48.40 -5.94
CA GLU A 365 22.87 49.71 -5.30
C GLU A 365 22.04 49.62 -4.00
N ALA A 366 21.09 48.69 -3.95
CA ALA A 366 20.22 48.59 -2.78
C ALA A 366 20.71 47.62 -1.70
N GLY A 367 21.98 47.21 -1.74
CA GLY A 367 22.42 46.04 -0.97
C GLY A 367 22.24 44.79 -1.82
N TYR A 368 22.66 43.63 -1.37
CA TYR A 368 22.54 42.42 -2.20
C TYR A 368 23.14 42.55 -3.62
N GLU A 369 24.43 42.86 -3.80
CA GLU A 369 25.54 42.78 -2.84
C GLU A 369 25.87 41.37 -2.29
N LYS A 370 25.36 40.28 -2.91
CA LYS A 370 24.62 40.30 -4.17
C LYS A 370 23.65 39.10 -4.43
N GLY A 371 22.37 39.44 -4.56
CA GLY A 371 21.35 38.42 -4.78
C GLY A 371 20.65 38.03 -3.50
N PHE A 372 19.76 37.03 -3.61
CA PHE A 372 19.08 36.41 -2.48
C PHE A 372 18.10 35.35 -3.00
N ASP A 373 17.56 34.55 -2.10
CA ASP A 373 16.56 33.56 -2.46
C ASP A 373 15.19 34.09 -2.07
N MET A 374 14.22 33.90 -2.94
CA MET A 374 12.86 34.31 -2.67
C MET A 374 11.96 33.26 -3.28
N SER A 375 10.72 33.21 -2.81
CA SER A 375 9.76 32.32 -3.41
C SER A 375 8.66 33.13 -4.12
N ILE A 376 8.21 32.62 -5.26
CA ILE A 376 7.11 33.19 -6.00
C ILE A 376 5.96 32.21 -5.91
N TRP A 377 4.89 32.60 -5.24
CA TRP A 377 3.72 31.73 -5.11
C TRP A 377 2.96 31.76 -6.42
N ALA A 378 2.67 30.58 -6.96
CA ALA A 378 1.96 30.45 -8.22
C ALA A 378 0.55 30.01 -7.96
N MET A 379 -0.43 30.83 -8.31
CA MET A 379 -1.81 30.40 -8.19
C MET A 379 -2.04 29.06 -8.92
N PRO A 380 -2.72 28.14 -8.25
CA PRO A 380 -2.93 26.76 -8.73
C PRO A 380 -3.94 26.60 -9.88
N VAL A 381 -4.73 27.62 -10.17
CA VAL A 381 -5.76 27.41 -11.19
C VAL A 381 -5.72 28.41 -12.33
N SER A 382 -6.03 27.93 -13.52
CA SER A 382 -6.07 28.76 -14.70
C SER A 382 -7.23 29.75 -14.66
N ARG A 383 -6.94 30.98 -15.05
CA ARG A 383 -7.94 32.02 -15.08
C ARG A 383 -7.62 33.00 -16.20
N ILE A 384 -8.65 33.72 -16.65
CA ILE A 384 -8.54 34.70 -17.73
C ILE A 384 -7.28 35.56 -17.56
N TYR A 385 -7.09 36.06 -16.34
CA TYR A 385 -6.04 37.03 -16.04
C TYR A 385 -4.64 36.44 -15.94
N ASN A 386 -4.55 35.11 -15.89
CA ASN A 386 -3.29 34.37 -15.91
C ASN A 386 -3.60 32.88 -16.15
N PRO A 387 -3.43 32.42 -17.39
CA PRO A 387 -3.81 31.04 -17.72
C PRO A 387 -2.85 29.95 -17.20
N ASN A 388 -1.64 30.33 -16.83
CA ASN A 388 -0.68 29.38 -16.27
C ASN A 388 0.40 30.04 -15.40
N ALA A 389 0.09 30.24 -14.12
CA ALA A 389 0.99 30.93 -13.22
C ALA A 389 2.28 30.13 -12.99
N ARG A 390 2.14 28.82 -12.86
CA ARG A 390 3.31 27.95 -12.74
C ARG A 390 4.28 28.24 -13.88
N LYS A 391 3.78 28.23 -15.11
CA LYS A 391 4.65 28.45 -16.25
C LYS A 391 5.26 29.84 -16.17
N MET A 392 4.45 30.81 -15.75
CA MET A 392 4.93 32.19 -15.59
C MET A 392 6.01 32.24 -14.51
N ALA A 393 5.81 31.44 -13.47
CA ALA A 393 6.76 31.38 -12.37
C ALA A 393 8.09 30.85 -12.89
N GLU A 394 8.03 29.89 -13.81
CA GLU A 394 9.24 29.31 -14.36
C GLU A 394 10.01 30.33 -15.18
N LEU A 395 9.34 31.05 -16.06
CA LEU A 395 10.00 32.05 -16.90
C LEU A 395 10.62 33.09 -15.99
N MET A 396 9.86 33.53 -14.99
CA MET A 396 10.40 34.49 -14.05
C MET A 396 11.63 33.92 -13.35
N GLN A 397 11.54 32.66 -12.94
CA GLN A 397 12.66 32.01 -12.27
C GLN A 397 13.93 32.08 -13.14
N SER A 398 13.76 31.93 -14.44
CA SER A 398 14.92 32.01 -15.34
C SER A 398 15.39 33.46 -15.55
N ASP A 399 14.47 34.41 -15.72
CA ASP A 399 14.89 35.80 -15.80
C ASP A 399 15.69 36.19 -14.54
N LEU A 400 15.12 35.88 -13.39
CA LEU A 400 15.63 36.34 -12.11
C LEU A 400 16.97 35.71 -11.76
N ARG A 401 17.13 34.46 -12.15
CA ARG A 401 18.39 33.74 -11.96
C ARG A 401 19.55 34.54 -12.54
N LYS A 402 19.33 35.21 -13.67
CA LYS A 402 20.41 35.96 -14.32
C LYS A 402 20.95 37.07 -13.43
N ILE A 403 20.14 37.48 -12.46
CA ILE A 403 20.39 38.71 -11.71
C ILE A 403 20.85 38.37 -10.29
N GLY A 404 20.88 37.06 -10.00
CA GLY A 404 21.39 36.57 -8.74
C GLY A 404 20.26 36.24 -7.80
N VAL A 405 19.04 36.25 -8.32
CA VAL A 405 17.87 36.03 -7.49
C VAL A 405 17.33 34.63 -7.77
N ASN A 406 17.33 33.79 -6.73
CA ASN A 406 16.90 32.40 -6.84
C ASN A 406 15.47 32.21 -6.36
N VAL A 407 14.60 31.86 -7.30
CA VAL A 407 13.18 31.72 -7.06
C VAL A 407 12.87 30.28 -6.63
N ASN A 408 12.05 30.13 -5.60
CA ASN A 408 11.49 28.84 -5.25
C ASN A 408 10.01 28.96 -5.58
N ILE A 409 9.49 28.09 -6.42
CA ILE A 409 8.11 28.21 -6.87
C ILE A 409 7.16 27.50 -5.94
N VAL A 410 6.29 28.26 -5.29
CA VAL A 410 5.39 27.70 -4.30
C VAL A 410 3.99 27.53 -4.88
N GLU A 411 3.45 26.33 -4.78
CA GLU A 411 2.11 26.03 -5.30
C GLU A 411 1.33 25.21 -4.27
N TYR A 412 0.17 25.72 -3.86
CA TYR A 412 -0.76 24.99 -3.00
C TYR A 412 -2.11 24.88 -3.70
N GLU A 413 -2.93 23.95 -3.24
CA GLU A 413 -4.31 23.85 -3.71
C GLU A 413 -5.07 25.12 -3.37
N TRP A 414 -6.01 25.49 -4.24
CA TRP A 414 -6.62 26.81 -4.23
C TRP A 414 -6.99 27.41 -2.87
N ASN A 415 -7.86 26.73 -2.13
CA ASN A 415 -8.42 27.32 -0.92
C ASN A 415 -7.38 27.61 0.16
N THR A 416 -6.39 26.73 0.26
CA THR A 416 -5.28 26.90 1.20
C THR A 416 -4.31 27.95 0.68
N PHE A 417 -4.21 28.02 -0.65
CA PHE A 417 -3.38 29.03 -1.27
C PHE A 417 -3.91 30.42 -0.94
N ILE A 418 -5.22 30.60 -1.11
CA ILE A 418 -5.82 31.92 -0.86
C ILE A 418 -5.80 32.31 0.62
N GLN A 419 -5.91 31.33 1.52
CA GLN A 419 -5.88 31.63 2.95
C GLN A 419 -4.49 32.13 3.33
N ARG A 420 -3.47 31.40 2.90
CA ARG A 420 -2.09 31.76 3.23
C ARG A 420 -1.65 33.09 2.62
N ILE A 421 -2.12 33.40 1.41
CA ILE A 421 -1.89 34.70 0.84
C ILE A 421 -2.62 35.74 1.72
N GLY A 422 -3.83 35.37 2.12
CA GLY A 422 -4.60 36.14 3.09
C GLY A 422 -3.84 36.35 4.40
N GLU A 423 -3.07 35.34 4.82
CA GLU A 423 -2.25 35.44 6.04
C GLU A 423 -0.84 36.05 5.83
N HIS A 424 -0.58 36.56 4.63
CA HIS A 424 0.71 37.17 4.29
C HIS A 424 1.90 36.23 4.56
N ARG A 425 1.75 34.96 4.20
CA ARG A 425 2.81 33.98 4.41
C ARG A 425 3.89 34.01 3.34
N HIS A 426 3.61 34.67 2.23
CA HIS A 426 4.45 34.60 1.02
C HIS A 426 5.43 35.75 0.84
N ASP A 427 6.46 35.51 0.02
CA ASP A 427 7.37 36.56 -0.43
C ASP A 427 6.72 37.39 -1.53
N SER A 428 6.12 36.69 -2.48
CA SER A 428 5.55 37.32 -3.66
C SER A 428 4.64 36.29 -4.33
N VAL A 429 3.70 36.78 -5.13
CA VAL A 429 2.61 35.92 -5.59
C VAL A 429 2.11 36.37 -6.95
N LEU A 430 2.01 35.40 -7.85
CA LEU A 430 1.37 35.60 -9.15
C LEU A 430 -0.07 35.25 -8.94
N LEU A 431 -0.91 36.26 -9.13
CA LEU A 431 -2.32 36.13 -8.85
C LEU A 431 -3.01 37.17 -9.71
N GLY A 432 -4.28 37.40 -9.46
CA GLY A 432 -4.99 38.34 -10.29
C GLY A 432 -6.42 38.58 -9.88
N TRP A 433 -7.09 39.37 -10.69
CA TRP A 433 -8.41 39.85 -10.36
C TRP A 433 -9.25 40.03 -11.61
N ALA A 434 -10.48 39.57 -11.51
CA ALA A 434 -11.50 39.75 -12.53
C ALA A 434 -12.54 40.54 -11.79
N ALA A 435 -12.86 41.72 -12.32
CA ALA A 435 -13.63 42.67 -11.55
C ALA A 435 -15.03 42.11 -11.40
N ASP A 436 -15.64 42.33 -10.22
CA ASP A 436 -17.01 41.89 -9.90
C ASP A 436 -18.02 42.90 -10.40
N THR A 437 -17.52 44.10 -10.71
CA THR A 437 -18.35 45.18 -11.23
C THR A 437 -17.50 45.99 -12.20
N PRO A 438 -18.16 46.76 -13.09
CA PRO A 438 -17.45 47.64 -14.03
C PRO A 438 -17.06 48.97 -13.37
N ASP A 439 -17.28 49.04 -12.07
CA ASP A 439 -16.92 50.20 -11.30
C ASP A 439 -15.43 50.15 -10.97
N PRO A 440 -14.66 51.08 -11.54
CA PRO A 440 -13.20 51.20 -11.36
C PRO A 440 -12.76 51.02 -9.91
N ASP A 441 -13.55 51.52 -8.96
CA ASP A 441 -13.21 51.29 -7.56
C ASP A 441 -12.90 49.81 -7.34
N ASN A 442 -13.60 48.95 -8.06
CA ASN A 442 -13.49 47.52 -7.82
C ASN A 442 -12.09 46.97 -8.07
N PHE A 443 -11.24 47.72 -8.78
CA PHE A 443 -9.86 47.30 -9.01
C PHE A 443 -8.93 47.80 -7.89
N PHE A 444 -9.43 48.71 -7.06
CA PHE A 444 -8.58 49.40 -6.09
C PHE A 444 -8.84 49.01 -4.66
N SER A 445 -10.10 49.11 -4.26
CA SER A 445 -10.48 48.88 -2.88
C SER A 445 -10.41 47.41 -2.43
N PRO A 446 -10.82 46.47 -3.30
CA PRO A 446 -10.73 45.04 -2.94
C PRO A 446 -9.29 44.51 -2.90
N LEU A 447 -8.41 45.09 -3.70
CA LEU A 447 -7.04 44.61 -3.82
C LEU A 447 -6.02 45.29 -2.92
N LEU A 448 -6.00 46.62 -2.91
CA LEU A 448 -4.84 47.36 -2.41
C LEU A 448 -5.10 48.33 -1.24
N SER A 449 -6.32 48.32 -0.70
CA SER A 449 -6.67 49.24 0.38
C SER A 449 -6.24 48.68 1.74
N CYS A 450 -6.06 49.57 2.72
CA CYS A 450 -5.69 49.15 4.07
C CYS A 450 -6.65 48.07 4.61
N THR A 451 -7.95 48.27 4.43
CA THR A 451 -8.94 47.32 4.96
C THR A 451 -8.95 46.00 4.18
N ALA A 452 -8.43 46.01 2.96
CA ALA A 452 -8.24 44.74 2.25
C ALA A 452 -7.09 43.96 2.91
N THR A 453 -6.19 44.68 3.59
CA THR A 453 -5.12 44.07 4.41
C THR A 453 -5.70 43.19 5.50
N PHE A 454 -6.65 43.74 6.25
CA PHE A 454 -7.24 43.03 7.37
C PHE A 454 -8.30 42.03 6.94
N SER A 455 -8.73 42.11 5.69
CA SER A 455 -9.70 41.15 5.15
C SER A 455 -9.04 40.02 4.38
N GLY A 456 -7.70 39.99 4.40
CA GLY A 456 -6.94 39.02 3.63
C GLY A 456 -7.30 39.01 2.16
N LYS A 457 -7.28 40.18 1.53
CA LYS A 457 -7.64 40.30 0.13
C LYS A 457 -6.57 41.13 -0.57
N ASN A 458 -5.66 41.67 0.21
CA ASN A 458 -4.57 42.48 -0.30
C ASN A 458 -3.37 41.58 -0.46
N PRO A 459 -3.06 41.22 -1.71
CA PRO A 459 -1.96 40.29 -1.99
C PRO A 459 -0.62 40.91 -1.65
N ALA A 460 -0.57 42.22 -1.51
CA ALA A 460 0.70 42.91 -1.28
C ALA A 460 0.86 43.38 0.15
N ASN A 461 -0.13 43.06 0.98
CA ASN A 461 -0.02 43.42 2.39
C ASN A 461 0.35 44.89 2.56
N TRP A 462 -0.30 45.74 1.78
CA TRP A 462 0.12 47.14 1.57
C TRP A 462 -0.95 48.08 2.10
N CYS A 463 -0.62 48.82 3.14
CA CYS A 463 -1.54 49.81 3.69
C CYS A 463 -0.98 51.20 3.46
N ASN A 464 -1.54 51.91 2.51
CA ASN A 464 -1.01 53.22 2.20
C ASN A 464 -2.16 54.21 2.29
N PRO A 465 -2.18 54.99 3.40
CA PRO A 465 -3.28 55.91 3.75
C PRO A 465 -3.48 57.02 2.72
N GLU A 466 -2.43 57.43 2.03
CA GLU A 466 -2.57 58.37 0.95
C GLU A 466 -3.31 57.77 -0.24
N PHE A 467 -2.91 56.55 -0.59
CA PHE A 467 -3.60 55.78 -1.62
C PHE A 467 -5.06 55.62 -1.24
N ASP A 468 -5.32 55.17 -0.02
CA ASP A 468 -6.69 54.94 0.45
C ASP A 468 -7.54 56.21 0.39
N LEU A 469 -6.94 57.34 0.75
CA LEU A 469 -7.67 58.60 0.77
C LEU A 469 -8.14 58.95 -0.64
N LEU A 470 -7.31 58.66 -1.65
CA LEU A 470 -7.72 58.93 -3.02
C LEU A 470 -8.98 58.14 -3.32
N LEU A 471 -9.10 56.94 -2.74
CA LEU A 471 -10.27 56.10 -3.02
C LEU A 471 -11.53 56.63 -2.34
N THR A 472 -11.38 57.10 -1.10
CA THR A 472 -12.51 57.61 -0.33
C THR A 472 -13.07 58.85 -0.99
N LYS A 473 -12.17 59.74 -1.38
CA LYS A 473 -12.55 60.96 -2.07
C LYS A 473 -13.30 60.66 -3.37
N ALA A 474 -12.81 59.69 -4.14
CA ALA A 474 -13.45 59.36 -5.41
C ALA A 474 -14.86 58.80 -5.21
N LEU A 475 -15.04 57.99 -4.17
CA LEU A 475 -16.34 57.42 -3.88
C LEU A 475 -17.29 58.45 -3.27
N ASP A 476 -16.72 59.57 -2.81
CA ASP A 476 -17.48 60.64 -2.21
C ASP A 476 -17.90 61.72 -3.22
N THR A 477 -17.59 61.51 -4.49
CA THR A 477 -17.99 62.48 -5.51
C THR A 477 -18.82 61.84 -6.63
N THR A 478 -19.89 62.53 -7.01
CA THR A 478 -20.93 61.93 -7.82
C THR A 478 -20.71 62.18 -9.31
N ASP A 479 -19.78 63.07 -9.62
CA ASP A 479 -19.45 63.42 -10.98
C ASP A 479 -18.27 62.60 -11.46
N LEU A 480 -18.57 61.55 -12.21
CA LEU A 480 -17.53 60.61 -12.63
C LEU A 480 -16.31 61.30 -13.24
N ASN A 481 -16.51 62.46 -13.85
CA ASN A 481 -15.39 63.19 -14.41
C ASN A 481 -14.29 63.48 -13.40
N LEU A 482 -14.71 63.88 -12.20
CA LEU A 482 -13.77 64.26 -11.14
C LEU A 482 -13.18 63.04 -10.43
N ARG A 483 -13.87 61.92 -10.53
CA ARG A 483 -13.37 60.66 -10.01
C ARG A 483 -12.10 60.25 -10.75
N LYS A 484 -12.08 60.49 -12.06
CA LYS A 484 -10.98 60.07 -12.90
C LYS A 484 -9.68 60.65 -12.37
N GLN A 485 -9.74 61.92 -12.00
CA GLN A 485 -8.57 62.61 -11.47
C GLN A 485 -7.97 61.84 -10.30
N TYR A 486 -8.83 61.26 -9.45
CA TYR A 486 -8.37 60.48 -8.31
C TYR A 486 -7.84 59.08 -8.73
N TYR A 487 -8.55 58.42 -9.64
CA TYR A 487 -8.12 57.10 -10.12
C TYR A 487 -6.82 57.19 -10.93
N ASP A 488 -6.70 58.21 -11.77
CA ASP A 488 -5.40 58.52 -12.35
C ASP A 488 -4.35 58.52 -11.26
N ALA A 489 -4.56 59.31 -10.22
CA ALA A 489 -3.59 59.41 -9.14
C ALA A 489 -3.32 58.05 -8.51
N ALA A 490 -4.37 57.25 -8.36
CA ALA A 490 -4.24 55.92 -7.77
C ALA A 490 -3.42 54.98 -8.67
N GLN A 491 -3.57 55.14 -9.98
CA GLN A 491 -2.84 54.30 -10.93
C GLN A 491 -1.38 54.70 -10.94
N SER A 492 -1.15 56.00 -10.88
CA SER A 492 0.20 56.53 -10.88
C SER A 492 0.91 56.07 -9.61
N MET A 493 0.17 56.01 -8.51
CA MET A 493 0.74 55.60 -7.23
C MET A 493 1.12 54.10 -7.22
N ILE A 494 0.37 53.28 -7.96
CA ILE A 494 0.69 51.85 -8.07
C ILE A 494 2.06 51.62 -8.72
N ILE A 495 2.30 52.31 -9.84
CA ILE A 495 3.51 52.13 -10.61
C ILE A 495 4.70 52.66 -9.83
N GLU A 496 4.43 53.67 -9.00
CA GLU A 496 5.48 54.36 -8.28
C GLU A 496 5.97 53.53 -7.08
N GLN A 497 5.03 52.93 -6.35
CA GLN A 497 5.39 52.18 -5.16
C GLN A 497 5.47 50.66 -5.38
N LEU A 498 5.03 50.20 -6.56
CA LEU A 498 5.07 48.78 -6.91
C LEU A 498 4.65 47.82 -5.80
N PRO A 499 3.51 48.07 -5.14
CA PRO A 499 3.04 47.01 -4.25
C PRO A 499 2.83 45.74 -5.08
N LEU A 500 2.37 45.90 -6.32
CA LEU A 500 2.23 44.80 -7.24
C LEU A 500 2.60 45.27 -8.63
N TYR A 501 3.05 44.36 -9.48
CA TYR A 501 3.48 44.70 -10.83
C TYR A 501 2.40 44.28 -11.83
N PRO A 502 1.70 45.26 -12.42
CA PRO A 502 0.65 44.89 -13.39
C PRO A 502 1.23 44.22 -14.65
N ILE A 503 0.82 42.99 -14.93
CA ILE A 503 1.41 42.21 -16.03
C ILE A 503 0.61 42.28 -17.31
N ALA A 504 -0.65 41.86 -17.25
CA ALA A 504 -1.39 41.61 -18.46
C ALA A 504 -2.88 41.54 -18.23
N HIS A 505 -3.62 41.79 -19.30
CA HIS A 505 -5.06 41.59 -19.33
C HIS A 505 -5.48 40.46 -20.32
N GLY A 506 -6.17 39.49 -19.72
CA GLY A 506 -6.88 38.47 -20.46
C GLY A 506 -7.93 39.10 -21.34
N MET A 507 -8.01 38.65 -22.59
CA MET A 507 -9.02 39.11 -23.52
C MET A 507 -10.14 38.09 -23.68
N ARG A 508 -11.30 38.55 -24.12
CA ARG A 508 -12.39 37.64 -24.46
C ARG A 508 -12.61 37.75 -25.96
N PHE A 509 -12.91 36.63 -26.60
CA PHE A 509 -13.18 36.65 -28.02
C PHE A 509 -14.57 36.12 -28.21
N GLN A 510 -15.15 36.34 -29.39
CA GLN A 510 -16.45 35.77 -29.75
C GLN A 510 -16.53 35.62 -31.25
N ALA A 511 -16.93 34.44 -31.72
CA ALA A 511 -17.16 34.26 -33.15
C ALA A 511 -18.64 34.01 -33.40
N SER A 512 -19.15 34.56 -34.49
CA SER A 512 -20.55 34.40 -34.83
C SER A 512 -20.77 34.46 -36.34
N SER A 513 -21.91 33.95 -36.78
CA SER A 513 -22.31 34.06 -38.16
C SER A 513 -22.62 35.52 -38.44
N ALA A 514 -22.15 36.02 -39.57
CA ALA A 514 -22.35 37.43 -39.92
C ALA A 514 -23.84 37.80 -40.01
N ASP A 515 -24.71 36.79 -40.11
CA ASP A 515 -26.17 36.95 -40.13
C ASP A 515 -26.76 37.50 -38.83
N VAL A 516 -26.01 37.42 -37.73
CA VAL A 516 -26.58 37.74 -36.43
C VAL A 516 -26.04 39.06 -35.89
N GLU A 517 -26.93 39.85 -35.28
CA GLU A 517 -26.52 41.13 -34.71
C GLU A 517 -27.18 41.28 -33.35
N GLY A 518 -26.89 42.38 -32.68
CA GLY A 518 -27.42 42.63 -31.35
C GLY A 518 -26.65 41.83 -30.32
N ILE A 519 -25.37 41.58 -30.62
CA ILE A 519 -24.61 40.54 -29.92
C ILE A 519 -23.21 41.00 -29.53
N THR A 520 -22.99 42.30 -29.65
CA THR A 520 -21.68 42.90 -29.47
C THR A 520 -21.03 42.52 -28.13
N LEU A 521 -19.79 42.04 -28.23
CA LEU A 521 -19.01 41.62 -27.07
C LEU A 521 -18.55 42.84 -26.25
N GLY A 522 -18.76 42.77 -24.93
CA GLY A 522 -18.35 43.82 -24.03
C GLY A 522 -17.16 43.42 -23.18
N PRO A 523 -16.54 44.42 -22.52
CA PRO A 523 -15.39 44.19 -21.63
C PRO A 523 -15.81 43.58 -20.29
N PHE A 524 -17.11 43.62 -19.97
CA PHE A 524 -17.58 43.13 -18.67
C PHE A 524 -18.90 42.32 -18.71
N GLY A 525 -19.01 41.33 -17.83
CA GLY A 525 -20.27 40.62 -17.61
C GLY A 525 -20.44 39.39 -18.47
N ALA A 526 -21.42 38.57 -18.09
CA ALA A 526 -21.74 37.35 -18.80
C ALA A 526 -22.27 37.69 -20.17
N ILE A 527 -22.09 36.77 -21.10
CA ILE A 527 -22.69 36.88 -22.42
C ILE A 527 -24.17 37.24 -22.29
N SER A 528 -24.70 37.98 -23.25
CA SER A 528 -26.14 38.24 -23.28
C SER A 528 -26.65 38.09 -24.69
N LEU A 529 -27.71 37.30 -24.84
CA LEU A 529 -28.41 37.20 -26.11
C LEU A 529 -29.77 37.88 -26.06
N ALA A 530 -30.04 38.63 -25.00
CA ALA A 530 -31.32 39.33 -24.85
C ALA A 530 -31.77 40.15 -26.08
N ASN A 531 -30.80 40.64 -26.86
CA ASN A 531 -31.14 41.47 -27.99
C ASN A 531 -30.66 40.85 -29.29
N ALA A 532 -30.18 39.62 -29.18
CA ALA A 532 -29.77 38.83 -30.33
C ALA A 532 -30.82 38.89 -31.42
N ARG A 533 -30.38 39.18 -32.64
CA ARG A 533 -31.30 39.27 -33.75
C ARG A 533 -30.63 38.69 -34.99
N LYS A 534 -31.45 38.12 -35.89
CA LYS A 534 -31.00 37.75 -37.22
C LYS A 534 -31.47 38.81 -38.24
N GLY B 30 -50.26 6.11 12.94
CA GLY B 30 -48.92 6.38 12.44
C GLY B 30 -47.91 5.31 12.77
N LEU B 31 -46.97 5.07 11.86
CA LEU B 31 -45.94 4.08 12.09
C LEU B 31 -44.57 4.59 11.63
N VAL B 32 -43.56 4.42 12.47
CA VAL B 32 -42.20 4.74 12.09
C VAL B 32 -41.42 3.45 11.82
N TYR B 33 -40.74 3.41 10.68
CA TYR B 33 -39.92 2.27 10.30
C TYR B 33 -38.49 2.78 10.25
N CYS B 34 -37.57 2.11 10.95
CA CYS B 34 -36.16 2.44 10.81
C CYS B 34 -35.53 1.79 9.58
N ALA B 35 -35.42 2.55 8.50
CA ALA B 35 -34.82 2.05 7.27
C ALA B 35 -33.30 2.15 7.36
N GLU B 36 -32.59 1.37 6.55
CA GLU B 36 -31.14 1.27 6.71
C GLU B 36 -30.45 2.21 5.74
N ALA B 37 -31.22 2.78 4.83
CA ALA B 37 -30.62 3.56 3.76
C ALA B 37 -31.62 4.42 2.99
N ASN B 38 -31.12 5.49 2.39
CA ASN B 38 -31.90 6.27 1.45
C ASN B 38 -32.40 5.43 0.28
N PRO B 39 -33.63 5.67 -0.17
CA PRO B 39 -34.08 5.03 -1.40
C PRO B 39 -33.30 5.64 -2.58
N VAL B 40 -32.90 4.83 -3.54
CA VAL B 40 -32.10 5.32 -4.67
C VAL B 40 -33.02 5.75 -5.82
N SER B 41 -34.30 5.47 -5.65
CA SER B 41 -35.33 5.83 -6.61
C SER B 41 -36.67 5.45 -6.02
N PHE B 42 -37.74 6.08 -6.52
CA PHE B 42 -39.08 5.70 -6.11
C PHE B 42 -39.82 4.86 -7.16
N ASN B 43 -39.07 4.29 -8.10
CA ASN B 43 -39.64 3.35 -9.06
C ASN B 43 -38.87 2.04 -9.08
N PRO B 44 -39.51 0.93 -8.64
CA PRO B 44 -38.84 -0.36 -8.48
C PRO B 44 -38.26 -0.84 -9.80
N GLN B 45 -38.80 -0.33 -10.88
CA GLN B 45 -38.34 -0.75 -12.19
C GLN B 45 -36.86 -0.53 -12.37
N VAL B 46 -36.32 0.55 -11.81
CA VAL B 46 -34.97 0.97 -12.19
C VAL B 46 -33.84 0.55 -11.23
N THR B 47 -34.13 -0.38 -10.33
CA THR B 47 -33.18 -0.71 -9.28
C THR B 47 -33.54 -2.07 -8.69
N THR B 48 -32.56 -2.75 -8.11
CA THR B 48 -32.81 -4.00 -7.40
C THR B 48 -32.25 -3.87 -6.01
N THR B 49 -31.84 -2.67 -5.65
CA THR B 49 -31.31 -2.44 -4.30
C THR B 49 -32.42 -2.70 -3.27
N GLY B 50 -32.19 -3.67 -2.39
CA GLY B 50 -33.24 -4.20 -1.54
C GLY B 50 -33.77 -3.21 -0.55
N SER B 51 -32.88 -2.38 0.00
CA SER B 51 -33.27 -1.41 1.00
C SER B 51 -34.17 -0.35 0.39
N THR B 52 -34.04 -0.11 -0.92
CA THR B 52 -34.96 0.80 -1.59
C THR B 52 -36.32 0.14 -1.80
N ILE B 53 -36.33 -1.03 -2.44
CA ILE B 53 -37.57 -1.78 -2.68
C ILE B 53 -38.45 -2.02 -1.43
N ASP B 54 -37.78 -2.37 -0.32
CA ASP B 54 -38.39 -2.44 1.00
C ASP B 54 -39.20 -1.19 1.29
N ILE B 55 -38.69 -0.04 0.88
CA ILE B 55 -39.41 1.20 1.17
C ILE B 55 -40.56 1.46 0.21
N ILE B 56 -40.32 1.29 -1.09
CA ILE B 56 -41.27 1.76 -2.10
C ILE B 56 -42.29 0.75 -2.68
N ALA B 57 -41.87 -0.49 -2.91
CA ALA B 57 -42.66 -1.45 -3.72
C ALA B 57 -44.11 -1.71 -3.30
N ASN B 58 -44.28 -2.28 -2.11
CA ASN B 58 -45.60 -2.67 -1.63
C ASN B 58 -46.44 -1.51 -1.08
N GLN B 59 -45.79 -0.39 -0.75
CA GLN B 59 -46.45 0.77 -0.14
C GLN B 59 -47.15 1.67 -1.17
N LEU B 60 -46.45 2.05 -2.24
CA LEU B 60 -47.00 3.00 -3.18
C LEU B 60 -47.76 2.33 -4.33
N TYR B 61 -47.50 1.05 -4.56
CA TYR B 61 -47.99 0.43 -5.79
C TYR B 61 -48.81 -0.84 -5.60
N ASP B 62 -49.34 -1.32 -6.72
CA ASP B 62 -49.93 -2.66 -6.80
C ASP B 62 -49.42 -3.32 -8.06
N ARG B 63 -49.45 -4.66 -8.05
CA ARG B 63 -49.10 -5.48 -9.18
C ARG B 63 -50.38 -5.95 -9.89
N LEU B 64 -50.24 -6.63 -11.02
CA LEU B 64 -51.38 -7.25 -11.67
C LEU B 64 -51.80 -8.44 -10.85
N ILE B 65 -50.81 -9.19 -10.39
CA ILE B 65 -51.07 -10.39 -9.62
C ILE B 65 -49.99 -10.53 -8.55
N SER B 66 -50.31 -11.30 -7.52
CA SER B 66 -49.36 -11.65 -6.50
C SER B 66 -49.52 -13.13 -6.26
N ILE B 67 -48.76 -13.66 -5.32
CA ILE B 67 -48.79 -15.07 -5.00
C ILE B 67 -49.45 -15.26 -3.66
N ASP B 68 -50.44 -16.15 -3.61
CA ASP B 68 -51.06 -16.48 -2.33
C ASP B 68 -50.05 -17.17 -1.42
N PRO B 69 -49.86 -16.63 -0.21
CA PRO B 69 -48.87 -17.20 0.71
C PRO B 69 -49.20 -18.65 1.06
N VAL B 70 -50.45 -18.91 1.45
CA VAL B 70 -50.84 -20.27 1.81
C VAL B 70 -50.78 -21.26 0.64
N THR B 71 -51.54 -20.99 -0.42
CA THR B 71 -51.75 -21.96 -1.49
C THR B 71 -50.69 -21.91 -2.59
N ALA B 72 -49.98 -20.79 -2.66
CA ALA B 72 -48.97 -20.58 -3.70
C ALA B 72 -49.59 -20.48 -5.10
N GLU B 73 -50.91 -20.35 -5.18
CA GLU B 73 -51.53 -20.02 -6.45
C GLU B 73 -51.35 -18.51 -6.71
N PHE B 74 -51.41 -18.10 -7.98
CA PHE B 74 -51.52 -16.68 -8.28
C PHE B 74 -52.83 -16.10 -7.77
N LYS B 75 -52.75 -14.92 -7.16
CA LYS B 75 -53.88 -14.20 -6.61
C LYS B 75 -54.08 -12.90 -7.36
N SER B 76 -55.34 -12.54 -7.57
CA SER B 76 -55.59 -11.34 -8.35
C SER B 76 -55.30 -10.06 -7.54
N GLU B 77 -54.76 -9.07 -8.22
CA GLU B 77 -54.59 -7.73 -7.66
C GLU B 77 -55.17 -6.63 -8.54
N LEU B 78 -54.40 -6.14 -9.50
CA LEU B 78 -54.90 -5.07 -10.37
C LEU B 78 -55.56 -5.79 -11.53
N ALA B 79 -55.21 -7.07 -11.68
CA ALA B 79 -55.74 -7.94 -12.71
C ALA B 79 -56.64 -8.98 -12.07
N THR B 80 -57.87 -9.10 -12.56
CA THR B 80 -58.85 -9.99 -11.94
C THR B 80 -58.99 -11.36 -12.61
N ASP B 81 -58.41 -11.50 -13.80
CA ASP B 81 -58.22 -12.80 -14.41
C ASP B 81 -57.02 -12.79 -15.36
N TRP B 82 -56.53 -13.97 -15.72
CA TRP B 82 -55.46 -14.11 -16.68
C TRP B 82 -55.61 -15.42 -17.41
N LYS B 83 -55.36 -15.41 -18.71
CA LYS B 83 -55.39 -16.63 -19.53
C LYS B 83 -54.15 -16.75 -20.38
N ILE B 84 -53.56 -17.94 -20.36
CA ILE B 84 -52.47 -18.26 -21.25
C ILE B 84 -53.09 -18.97 -22.45
N SER B 85 -52.65 -18.59 -23.65
CA SER B 85 -53.14 -19.20 -24.87
C SER B 85 -52.70 -20.65 -24.88
N LYS B 86 -53.29 -21.45 -25.76
CA LYS B 86 -52.90 -22.85 -25.83
C LYS B 86 -51.43 -22.99 -26.25
N ASP B 87 -50.97 -22.09 -27.11
CA ASP B 87 -49.58 -22.13 -27.54
C ASP B 87 -48.64 -21.48 -26.52
N GLY B 88 -49.22 -20.82 -25.51
CA GLY B 88 -48.45 -20.22 -24.44
C GLY B 88 -47.64 -18.98 -24.81
N LYS B 89 -47.94 -18.35 -25.95
CA LYS B 89 -47.23 -17.16 -26.39
C LYS B 89 -48.08 -15.90 -26.21
N SER B 90 -49.31 -16.08 -25.74
CA SER B 90 -50.21 -14.97 -25.44
C SER B 90 -50.76 -15.06 -24.02
N VAL B 91 -50.73 -13.95 -23.30
CA VAL B 91 -51.26 -13.95 -21.95
C VAL B 91 -52.17 -12.74 -21.80
N THR B 92 -53.44 -12.99 -21.56
CA THR B 92 -54.44 -11.93 -21.54
C THR B 92 -54.78 -11.61 -20.11
N PHE B 93 -54.63 -10.36 -19.72
CA PHE B 93 -55.04 -9.94 -18.37
C PHE B 93 -56.36 -9.19 -18.42
N THR B 94 -57.27 -9.56 -17.54
CA THR B 94 -58.49 -8.81 -17.36
C THR B 94 -58.29 -7.82 -16.21
N LEU B 95 -58.67 -6.58 -16.44
CA LEU B 95 -58.29 -5.52 -15.52
C LEU B 95 -59.42 -5.10 -14.61
N ARG B 96 -59.07 -4.78 -13.38
CA ARG B 96 -60.00 -4.32 -12.36
C ARG B 96 -60.50 -2.88 -12.62
N LYS B 97 -61.82 -2.73 -12.74
CA LYS B 97 -62.39 -1.40 -12.94
C LYS B 97 -62.43 -0.63 -11.64
N GLY B 98 -62.46 0.71 -11.73
CA GLY B 98 -62.67 1.54 -10.56
C GLY B 98 -61.43 1.86 -9.75
N VAL B 99 -60.27 1.53 -10.29
CA VAL B 99 -59.02 1.82 -9.60
C VAL B 99 -58.54 3.21 -9.95
N LYS B 100 -58.19 3.98 -8.92
CA LYS B 100 -57.67 5.33 -9.11
C LYS B 100 -56.17 5.36 -8.85
N PHE B 101 -55.44 6.16 -9.63
CA PHE B 101 -54.06 6.51 -9.29
C PHE B 101 -54.12 7.56 -8.18
N HIS B 102 -53.02 7.69 -7.42
CA HIS B 102 -52.90 8.70 -6.38
C HIS B 102 -53.18 10.11 -6.84
N THR B 103 -53.87 10.87 -5.99
CA THR B 103 -53.78 12.31 -6.10
C THR B 103 -52.64 12.71 -5.16
N THR B 104 -51.56 13.26 -5.70
CA THR B 104 -50.47 13.72 -4.87
C THR B 104 -50.48 15.24 -4.92
N ALA B 105 -49.58 15.87 -4.20
CA ALA B 105 -49.47 17.32 -4.27
C ALA B 105 -49.20 17.79 -5.71
N TYR B 106 -48.56 16.94 -6.53
CA TYR B 106 -48.05 17.32 -7.86
C TYR B 106 -48.84 16.71 -9.03
N PHE B 107 -49.88 15.94 -8.71
CA PHE B 107 -50.62 15.25 -9.74
C PHE B 107 -52.05 14.96 -9.33
N THR B 108 -53.00 15.27 -10.21
CA THR B 108 -54.37 14.81 -10.06
C THR B 108 -54.78 14.02 -11.28
N PRO B 109 -55.08 12.73 -11.09
CA PRO B 109 -55.54 11.94 -12.23
C PRO B 109 -56.81 12.53 -12.85
N THR B 110 -57.10 12.11 -14.07
CA THR B 110 -58.18 12.65 -14.87
C THR B 110 -58.94 11.44 -15.42
N ARG B 111 -58.36 10.27 -15.15
CA ARG B 111 -58.98 8.98 -15.47
C ARG B 111 -58.52 7.91 -14.48
N GLU B 112 -59.22 6.79 -14.51
CA GLU B 112 -58.90 5.63 -13.72
C GLU B 112 -57.97 4.68 -14.48
N PHE B 113 -57.30 3.81 -13.73
CA PHE B 113 -56.45 2.74 -14.27
C PHE B 113 -57.14 1.92 -15.37
N ASN B 114 -56.52 1.90 -16.55
CA ASN B 114 -57.04 1.10 -17.66
C ASN B 114 -55.88 0.41 -18.38
N ALA B 115 -56.16 -0.09 -19.58
CA ALA B 115 -55.21 -0.93 -20.31
C ALA B 115 -53.99 -0.15 -20.80
N ASP B 116 -54.14 1.16 -20.98
CA ASP B 116 -53.03 1.97 -21.47
C ASP B 116 -51.91 2.05 -20.45
N ASP B 117 -52.26 1.99 -19.17
CA ASP B 117 -51.26 2.03 -18.13
C ASP B 117 -50.39 0.80 -18.18
N VAL B 118 -50.99 -0.35 -18.41
CA VAL B 118 -50.24 -1.58 -18.34
C VAL B 118 -49.28 -1.58 -19.50
N ILE B 119 -49.78 -1.11 -20.63
CA ILE B 119 -49.02 -1.09 -21.87
C ILE B 119 -47.84 -0.17 -21.72
N PHE B 120 -48.09 1.05 -21.26
CA PHE B 120 -46.99 1.96 -21.02
C PHE B 120 -45.99 1.35 -20.04
N THR B 121 -46.50 0.80 -18.94
CA THR B 121 -45.63 0.41 -17.85
C THR B 121 -44.62 -0.62 -18.29
N PHE B 122 -45.11 -1.66 -18.96
CA PHE B 122 -44.27 -2.79 -19.29
C PHE B 122 -43.55 -2.66 -20.62
N SER B 123 -44.10 -1.82 -21.52
CA SER B 123 -43.46 -1.56 -22.79
C SER B 123 -42.27 -0.64 -22.58
N ARG B 124 -42.26 0.10 -21.47
CA ARG B 124 -41.08 0.87 -21.10
C ARG B 124 -39.85 -0.04 -20.97
N LEU B 125 -40.05 -1.24 -20.45
CA LEU B 125 -38.95 -2.19 -20.23
C LEU B 125 -38.15 -2.57 -21.50
N PHE B 126 -38.80 -2.56 -22.66
CA PHE B 126 -38.16 -3.11 -23.86
C PHE B 126 -38.27 -2.27 -25.11
N ASP B 127 -39.31 -1.45 -25.22
CA ASP B 127 -39.68 -0.85 -26.50
C ASP B 127 -38.99 0.47 -26.79
N VAL B 128 -38.07 0.50 -27.75
CA VAL B 128 -37.31 1.71 -28.09
C VAL B 128 -38.17 2.92 -28.47
N TYR B 129 -39.40 2.66 -28.91
CA TYR B 129 -40.35 3.74 -29.24
C TYR B 129 -41.14 4.26 -28.05
N ASN B 130 -41.02 3.58 -26.90
CA ASN B 130 -41.65 4.08 -25.68
C ASN B 130 -40.91 5.31 -25.20
N PRO B 131 -41.63 6.43 -25.04
CA PRO B 131 -40.99 7.70 -24.66
C PRO B 131 -40.19 7.65 -23.35
N TYR B 132 -40.37 6.63 -22.51
CA TYR B 132 -39.67 6.58 -21.22
C TYR B 132 -38.59 5.54 -21.17
N HIS B 133 -38.51 4.74 -22.24
CA HIS B 133 -37.54 3.65 -22.31
C HIS B 133 -36.14 4.12 -21.98
N PHE B 134 -35.78 5.31 -22.46
CA PHE B 134 -34.43 5.82 -22.29
C PHE B 134 -34.21 6.67 -21.04
N VAL B 135 -35.24 6.95 -20.26
CA VAL B 135 -35.01 7.66 -19.00
C VAL B 135 -34.78 6.70 -17.83
N GLY B 136 -33.73 6.92 -17.05
CA GLY B 136 -32.67 7.86 -17.39
C GLY B 136 -31.46 7.02 -17.72
N ASP B 137 -31.59 5.72 -17.52
CA ASP B 137 -30.51 4.78 -17.83
C ASP B 137 -30.93 3.80 -18.93
N ALA B 138 -32.22 3.70 -19.17
CA ALA B 138 -32.73 2.57 -19.91
C ALA B 138 -32.24 1.30 -19.19
N ASN B 139 -32.15 1.39 -17.87
CA ASN B 139 -31.81 0.23 -17.08
C ASN B 139 -32.99 -0.24 -16.24
N TYR B 140 -33.33 -1.52 -16.37
CA TYR B 140 -34.40 -2.13 -15.60
C TYR B 140 -33.89 -3.47 -15.10
N PRO B 141 -33.01 -3.44 -14.09
CA PRO B 141 -32.16 -4.61 -13.77
C PRO B 141 -32.86 -5.91 -13.44
N TYR B 142 -33.98 -5.94 -12.73
CA TYR B 142 -34.62 -7.23 -12.48
C TYR B 142 -35.15 -7.84 -13.76
N PHE B 143 -35.92 -7.07 -14.51
CA PHE B 143 -36.48 -7.51 -15.80
C PHE B 143 -35.40 -7.91 -16.81
N GLN B 144 -34.28 -7.19 -16.85
CA GLN B 144 -33.18 -7.62 -17.71
C GLN B 144 -32.58 -8.93 -17.26
N SER B 145 -32.39 -9.08 -15.94
CA SER B 145 -31.70 -10.23 -15.39
C SER B 145 -32.48 -11.54 -15.60
N VAL B 146 -33.80 -11.44 -15.71
CA VAL B 146 -34.64 -12.62 -15.87
C VAL B 146 -35.19 -12.66 -17.29
N GLY B 147 -34.71 -11.76 -18.13
CA GLY B 147 -35.02 -11.78 -19.54
C GLY B 147 -36.34 -11.16 -20.02
N ILE B 148 -37.18 -10.65 -19.12
CA ILE B 148 -38.48 -10.15 -19.57
C ILE B 148 -38.38 -9.13 -20.72
N ASP B 149 -37.36 -8.28 -20.69
CA ASP B 149 -37.21 -7.30 -21.75
C ASP B 149 -37.09 -7.96 -23.15
N GLN B 150 -36.52 -9.14 -23.22
CA GLN B 150 -36.35 -9.81 -24.53
C GLN B 150 -37.46 -10.80 -24.90
N LEU B 151 -38.34 -11.08 -23.96
CA LEU B 151 -39.38 -12.09 -24.16
C LEU B 151 -40.69 -11.48 -24.68
N ILE B 152 -40.97 -10.25 -24.28
CA ILE B 152 -42.18 -9.59 -24.74
C ILE B 152 -42.01 -8.97 -26.14
N ARG B 153 -42.82 -9.43 -27.09
CA ARG B 153 -42.78 -8.87 -28.44
C ARG B 153 -43.69 -7.65 -28.59
N LYS B 154 -44.89 -7.74 -28.00
CA LYS B 154 -45.79 -6.58 -27.96
C LYS B 154 -46.80 -6.70 -26.84
N ILE B 155 -47.44 -5.58 -26.50
CA ILE B 155 -48.59 -5.62 -25.59
C ILE B 155 -49.81 -4.95 -26.24
N VAL B 156 -50.91 -5.68 -26.34
CA VAL B 156 -52.05 -5.21 -27.13
C VAL B 156 -53.25 -4.77 -26.30
N ARG B 157 -53.85 -3.65 -26.66
CA ARG B 157 -55.06 -3.21 -26.00
C ARG B 157 -56.27 -3.85 -26.65
N VAL B 158 -56.80 -4.92 -26.09
CA VAL B 158 -58.05 -5.44 -26.64
C VAL B 158 -59.25 -4.59 -26.21
N SER B 159 -59.24 -4.12 -24.97
CA SER B 159 -60.27 -3.20 -24.48
C SER B 159 -59.77 -2.33 -23.31
N ASP B 160 -60.61 -1.44 -22.81
CA ASP B 160 -60.22 -0.63 -21.65
C ASP B 160 -59.64 -1.50 -20.54
N HIS B 161 -60.29 -2.61 -20.25
CA HIS B 161 -59.92 -3.41 -19.10
C HIS B 161 -59.42 -4.78 -19.48
N GLN B 162 -58.90 -4.88 -20.70
CA GLN B 162 -58.32 -6.12 -21.19
C GLN B 162 -57.11 -5.88 -22.10
N VAL B 163 -56.00 -6.54 -21.76
CA VAL B 163 -54.72 -6.30 -22.41
C VAL B 163 -54.04 -7.64 -22.65
N ARG B 164 -53.38 -7.79 -23.79
CA ARG B 164 -52.75 -9.07 -24.14
C ARG B 164 -51.24 -8.93 -24.32
N PHE B 165 -50.49 -9.65 -23.51
CA PHE B 165 -49.05 -9.74 -23.70
C PHE B 165 -48.76 -10.81 -24.76
N GLU B 166 -47.90 -10.45 -25.72
CA GLU B 166 -47.46 -11.36 -26.75
C GLU B 166 -45.99 -11.64 -26.54
N LEU B 167 -45.66 -12.91 -26.39
CA LEU B 167 -44.30 -13.32 -26.09
C LEU B 167 -43.68 -14.03 -27.30
N PHE B 168 -42.37 -13.86 -27.48
CA PHE B 168 -41.67 -14.53 -28.57
C PHE B 168 -41.71 -16.06 -28.46
N ASN B 169 -42.17 -16.55 -27.32
CA ASN B 169 -42.23 -17.99 -27.07
C ASN B 169 -42.80 -18.31 -25.69
N ALA B 170 -43.47 -19.44 -25.57
CA ALA B 170 -43.97 -19.90 -24.30
C ALA B 170 -42.83 -19.87 -23.29
N GLU B 171 -43.15 -19.45 -22.07
CA GLU B 171 -42.18 -19.31 -20.98
C GLU B 171 -42.90 -19.42 -19.64
N SER B 172 -42.59 -20.48 -18.90
CA SER B 172 -43.29 -20.82 -17.67
C SER B 172 -43.06 -19.79 -16.58
N SER B 173 -41.91 -19.12 -16.60
CA SER B 173 -41.64 -18.15 -15.54
C SER B 173 -42.37 -16.83 -15.70
N PHE B 174 -43.03 -16.62 -16.84
CA PHE B 174 -43.66 -15.31 -17.10
C PHE B 174 -44.62 -14.83 -16.01
N LEU B 175 -45.66 -15.59 -15.70
CA LEU B 175 -46.60 -15.15 -14.67
C LEU B 175 -45.90 -14.90 -13.30
N ALA B 176 -44.98 -15.80 -12.94
CA ALA B 176 -44.21 -15.68 -11.69
C ALA B 176 -43.41 -14.38 -11.66
N ASN B 177 -42.77 -14.05 -12.78
CA ASN B 177 -42.11 -12.76 -12.88
C ASN B 177 -43.08 -11.57 -12.81
N MET B 178 -44.29 -11.70 -13.33
CA MET B 178 -45.23 -10.58 -13.25
C MET B 178 -45.77 -10.44 -11.82
N ALA B 179 -45.40 -11.37 -10.95
CA ALA B 179 -45.88 -11.34 -9.56
C ALA B 179 -44.82 -10.85 -8.58
N THR B 180 -43.69 -10.42 -9.10
CA THR B 180 -42.62 -9.94 -8.25
C THR B 180 -42.84 -8.48 -7.81
N ASP B 181 -42.12 -8.09 -6.77
CA ASP B 181 -42.09 -6.72 -6.26
C ASP B 181 -41.91 -5.64 -7.32
N PHE B 182 -41.27 -6.01 -8.43
CA PHE B 182 -40.85 -5.03 -9.43
C PHE B 182 -41.96 -4.76 -10.45
N ALA B 183 -42.87 -5.73 -10.62
CA ALA B 183 -43.87 -5.60 -11.69
C ALA B 183 -45.03 -4.71 -11.26
N VAL B 184 -44.71 -3.51 -10.78
CA VAL B 184 -45.73 -2.59 -10.28
C VAL B 184 -46.40 -1.94 -11.49
N VAL B 185 -47.56 -1.33 -11.30
CA VAL B 185 -48.22 -0.61 -12.37
C VAL B 185 -48.02 0.91 -12.23
N LEU B 186 -47.57 1.55 -13.30
CA LEU B 186 -47.28 2.99 -13.28
C LEU B 186 -48.34 3.80 -14.01
N SER B 187 -48.32 5.10 -13.78
CA SER B 187 -49.33 5.97 -14.36
C SER B 187 -48.85 6.54 -15.69
N LYS B 188 -49.46 6.07 -16.78
CA LYS B 188 -49.22 6.64 -18.11
C LYS B 188 -49.66 8.10 -18.22
N GLU B 189 -50.82 8.45 -17.62
CA GLU B 189 -51.29 9.83 -17.68
C GLU B 189 -50.25 10.74 -17.04
N TYR B 190 -49.76 10.34 -15.87
CA TYR B 190 -48.70 11.09 -15.19
C TYR B 190 -47.48 11.19 -16.11
N ALA B 191 -47.01 10.05 -16.60
CA ALA B 191 -45.83 10.02 -17.47
C ALA B 191 -45.98 10.99 -18.63
N MET B 192 -47.11 10.92 -19.32
CA MET B 192 -47.38 11.80 -20.48
C MET B 192 -47.48 13.26 -20.06
N ALA B 193 -48.04 13.53 -18.90
CA ALA B 193 -48.09 14.90 -18.43
C ALA B 193 -46.69 15.52 -18.27
N LEU B 194 -45.75 14.77 -17.68
CA LEU B 194 -44.36 15.23 -17.51
C LEU B 194 -43.64 15.32 -18.85
N LYS B 195 -43.91 14.36 -19.71
CA LYS B 195 -43.30 14.34 -21.03
C LYS B 195 -43.61 15.66 -21.75
N ALA B 196 -44.88 16.07 -21.71
CA ALA B 196 -45.27 17.34 -22.31
C ALA B 196 -44.46 18.50 -21.74
N ASN B 197 -44.03 18.37 -20.50
CA ASN B 197 -43.27 19.42 -19.82
C ASN B 197 -41.78 19.28 -20.02
N ASN B 198 -41.36 18.23 -20.71
CA ASN B 198 -39.93 17.94 -20.79
C ASN B 198 -39.37 17.71 -19.39
N GLN B 199 -40.21 17.23 -18.50
CA GLN B 199 -39.80 16.92 -17.13
C GLN B 199 -39.88 15.42 -16.82
N GLU B 200 -39.48 14.58 -17.78
CA GLU B 200 -39.49 13.13 -17.57
C GLU B 200 -38.75 12.68 -16.30
N ASN B 201 -37.77 13.46 -15.86
CA ASN B 201 -36.93 13.01 -14.75
C ASN B 201 -37.66 13.11 -13.43
N LEU B 202 -38.85 13.67 -13.45
CA LEU B 202 -39.65 13.76 -12.24
C LEU B 202 -40.41 12.47 -11.98
N PHE B 203 -40.58 11.66 -13.02
CA PHE B 203 -41.44 10.47 -12.97
C PHE B 203 -41.01 9.38 -11.97
N ASP B 204 -39.73 9.03 -12.00
CA ASP B 204 -39.17 7.99 -11.12
C ASP B 204 -38.79 8.53 -9.73
N GLN B 205 -38.94 9.84 -9.57
CA GLN B 205 -38.53 10.58 -8.39
C GLN B 205 -39.75 10.91 -7.53
N TYR B 206 -40.76 11.51 -8.18
CA TYR B 206 -41.98 11.88 -7.51
C TYR B 206 -43.09 10.94 -7.98
N PRO B 207 -43.32 9.90 -7.19
CA PRO B 207 -44.06 8.74 -7.71
C PRO B 207 -45.58 8.91 -7.70
N VAL B 208 -46.23 8.18 -8.59
CA VAL B 208 -47.67 8.04 -8.57
C VAL B 208 -47.98 6.56 -8.78
N GLY B 209 -48.64 5.93 -7.79
CA GLY B 209 -49.06 4.55 -7.89
C GLY B 209 -50.58 4.36 -7.76
N THR B 210 -50.99 3.14 -7.46
CA THR B 210 -52.39 2.87 -7.16
C THR B 210 -52.44 2.30 -5.75
N GLY B 211 -51.27 2.23 -5.11
CA GLY B 211 -51.11 1.53 -3.83
C GLY B 211 -51.67 2.22 -2.59
N PRO B 212 -51.64 1.52 -1.45
CA PRO B 212 -52.29 1.95 -0.21
C PRO B 212 -51.68 3.22 0.41
N TYR B 213 -50.43 3.56 0.06
CA TYR B 213 -49.80 4.76 0.61
C TYR B 213 -49.27 5.71 -0.48
N ILE B 214 -49.24 7.00 -0.17
CA ILE B 214 -48.92 8.04 -1.15
C ILE B 214 -47.75 8.88 -0.70
N TYR B 215 -46.82 9.11 -1.62
CA TYR B 215 -45.63 9.92 -1.35
C TYR B 215 -45.98 11.31 -0.82
N LYS B 216 -45.32 11.75 0.25
CA LYS B 216 -45.56 13.09 0.75
C LYS B 216 -44.27 13.88 0.74
N GLU B 217 -43.19 13.26 1.20
CA GLU B 217 -41.94 13.97 1.36
C GLU B 217 -40.75 13.03 1.50
N TYR B 218 -39.62 13.44 0.94
CA TYR B 218 -38.35 12.74 1.09
C TYR B 218 -37.21 13.74 1.33
N ARG B 219 -36.53 13.58 2.46
CA ARG B 219 -35.36 14.39 2.74
C ARG B 219 -34.19 13.47 2.87
N ARG B 220 -33.25 13.58 1.95
CA ARG B 220 -32.09 12.68 1.94
C ARG B 220 -31.39 12.58 3.29
N ASP B 221 -31.07 11.35 3.69
CA ASP B 221 -30.31 11.10 4.92
C ASP B 221 -31.15 11.26 6.15
N HIS B 222 -32.37 11.74 5.98
CA HIS B 222 -33.23 11.93 7.14
C HIS B 222 -34.50 11.03 7.15
N LEU B 223 -35.41 11.20 6.21
CA LEU B 223 -36.65 10.43 6.27
C LEU B 223 -37.43 10.42 4.96
N VAL B 224 -38.33 9.46 4.83
CA VAL B 224 -39.35 9.60 3.83
C VAL B 224 -40.71 9.45 4.49
N ARG B 225 -41.66 10.26 4.03
CA ARG B 225 -42.98 10.34 4.62
C ARG B 225 -44.02 9.96 3.56
N PHE B 226 -44.85 8.97 3.88
CA PHE B 226 -45.96 8.57 3.03
C PHE B 226 -47.24 8.81 3.83
N TYR B 227 -48.34 9.07 3.14
CA TYR B 227 -49.61 9.18 3.83
C TYR B 227 -50.65 8.25 3.26
N LYS B 228 -51.68 7.98 4.03
CA LYS B 228 -52.73 7.05 3.64
C LYS B 228 -53.34 7.42 2.28
N ASN B 229 -53.53 6.44 1.40
CA ASN B 229 -54.36 6.63 0.22
C ASN B 229 -55.82 6.36 0.57
N ALA B 230 -56.56 7.43 0.84
CA ALA B 230 -58.00 7.37 1.10
C ALA B 230 -58.79 6.68 -0.02
N ASP B 231 -58.30 6.80 -1.25
CA ASP B 231 -58.98 6.21 -2.40
C ASP B 231 -58.80 4.70 -2.49
N TYR B 232 -57.83 4.16 -1.74
CA TYR B 232 -57.39 2.77 -1.97
C TYR B 232 -58.50 1.78 -2.32
N TRP B 233 -58.27 1.04 -3.41
CA TRP B 233 -59.26 0.12 -3.96
C TRP B 233 -59.42 -1.19 -3.19
N LYS B 234 -58.34 -1.67 -2.55
CA LYS B 234 -58.36 -3.01 -1.96
C LYS B 234 -59.11 -3.09 -0.64
N HIS B 235 -58.81 -2.16 0.27
CA HIS B 235 -59.38 -2.19 1.61
C HIS B 235 -59.10 -0.87 2.32
N GLU B 236 -59.69 -0.69 3.49
CA GLU B 236 -59.43 0.50 4.30
C GLU B 236 -58.00 0.47 4.87
N VAL B 237 -57.14 1.35 4.36
CA VAL B 237 -55.75 1.37 4.79
C VAL B 237 -55.73 1.62 6.28
N ALA B 238 -54.92 0.84 7.00
CA ALA B 238 -55.00 0.84 8.47
C ALA B 238 -54.27 1.96 9.22
N LEU B 239 -53.27 2.59 8.59
CA LEU B 239 -52.57 3.71 9.21
C LEU B 239 -52.67 4.97 8.36
N GLU B 240 -52.74 6.11 9.02
CA GLU B 240 -52.80 7.38 8.31
C GLU B 240 -51.44 7.78 7.72
N GLN B 241 -50.37 7.29 8.32
CA GLN B 241 -49.03 7.79 8.00
C GLN B 241 -47.96 6.71 8.18
N LEU B 242 -47.01 6.65 7.24
CA LEU B 242 -45.78 5.87 7.44
C LEU B 242 -44.60 6.82 7.35
N VAL B 243 -43.70 6.71 8.31
CA VAL B 243 -42.47 7.46 8.28
C VAL B 243 -41.31 6.49 8.23
N TYR B 244 -40.39 6.71 7.30
CA TYR B 244 -39.18 5.94 7.26
C TYR B 244 -38.08 6.83 7.75
N ASP B 245 -37.55 6.47 8.91
CA ASP B 245 -36.50 7.23 9.54
C ASP B 245 -35.18 6.57 9.11
N ILE B 246 -34.43 7.28 8.29
CA ILE B 246 -33.20 6.74 7.73
C ILE B 246 -32.13 6.72 8.81
N THR B 247 -31.67 5.52 9.16
CA THR B 247 -30.69 5.31 10.21
C THR B 247 -29.77 4.15 9.80
N PRO B 248 -28.70 4.47 9.06
CA PRO B 248 -27.82 3.48 8.43
C PRO B 248 -27.11 2.61 9.44
N ASN B 249 -26.94 3.10 10.65
CA ASN B 249 -26.26 2.31 11.68
C ASN B 249 -27.21 1.33 12.35
N GLY B 250 -26.95 0.04 12.18
CA GLY B 250 -27.79 -0.95 12.78
C GLY B 250 -27.97 -0.85 14.30
N THR B 251 -26.90 -0.57 15.03
CA THR B 251 -27.00 -0.53 16.50
C THR B 251 -27.87 0.66 16.96
N THR B 252 -27.75 1.80 16.28
CA THR B 252 -28.65 2.90 16.54
C THR B 252 -30.08 2.44 16.29
N ARG B 253 -30.30 1.72 15.19
CA ARG B 253 -31.65 1.25 14.88
C ARG B 253 -32.24 0.44 16.04
N ILE B 254 -31.46 -0.47 16.60
CA ILE B 254 -31.92 -1.31 17.71
C ILE B 254 -32.26 -0.42 18.89
N ALA B 255 -31.40 0.56 19.15
CA ALA B 255 -31.62 1.45 20.27
C ALA B 255 -32.96 2.18 20.11
N LYS B 256 -33.27 2.59 18.88
CA LYS B 256 -34.50 3.33 18.62
C LYS B 256 -35.72 2.46 18.84
N ILE B 257 -35.59 1.17 18.58
CA ILE B 257 -36.66 0.24 18.88
C ILE B 257 -36.90 0.24 20.39
N LEU B 258 -35.80 0.23 21.16
CA LEU B 258 -35.87 0.20 22.62
C LEU B 258 -36.42 1.49 23.21
N THR B 259 -36.05 2.63 22.62
CA THR B 259 -36.55 3.90 23.08
C THR B 259 -37.94 4.20 22.53
N LYS B 260 -38.44 3.31 21.65
CA LYS B 260 -39.77 3.44 21.05
C LYS B 260 -39.87 4.60 20.06
N GLU B 261 -38.72 5.05 19.54
CA GLU B 261 -38.66 6.05 18.49
C GLU B 261 -39.00 5.43 17.13
N CYS B 262 -38.70 4.15 16.99
CA CYS B 262 -39.11 3.36 15.82
C CYS B 262 -39.97 2.19 16.26
N ASP B 263 -40.97 1.85 15.45
CA ASP B 263 -41.90 0.77 15.74
C ASP B 263 -41.44 -0.52 15.11
N VAL B 264 -40.71 -0.40 14.01
CA VAL B 264 -40.24 -1.57 13.29
C VAL B 264 -38.87 -1.22 12.75
N THR B 265 -37.92 -2.14 12.90
CA THR B 265 -36.61 -1.96 12.28
C THR B 265 -36.27 -3.08 11.34
N ALA B 266 -35.84 -2.66 10.16
CA ALA B 266 -35.39 -3.57 9.12
C ALA B 266 -34.22 -4.39 9.67
N HIS B 267 -33.81 -5.36 8.85
CA HIS B 267 -32.62 -6.18 9.06
C HIS B 267 -31.60 -5.66 10.09
N PRO B 268 -31.75 -6.09 11.35
CA PRO B 268 -30.60 -6.11 12.26
C PRO B 268 -29.85 -7.43 12.09
N SER B 269 -28.91 -7.72 13.00
CA SER B 269 -28.20 -9.01 13.06
C SER B 269 -28.57 -9.77 14.33
N SER B 270 -28.44 -11.10 14.28
CA SER B 270 -28.89 -11.94 15.39
C SER B 270 -28.23 -11.55 16.71
N ALA B 271 -26.96 -11.16 16.66
CA ALA B 271 -26.27 -10.68 17.86
C ALA B 271 -26.93 -9.40 18.39
N GLN B 272 -26.96 -8.37 17.55
CA GLN B 272 -27.65 -7.11 17.85
C GLN B 272 -28.99 -7.37 18.50
N LEU B 273 -29.66 -8.45 18.10
CA LEU B 273 -31.03 -8.73 18.54
C LEU B 273 -31.11 -9.37 19.90
N SER B 274 -30.02 -10.00 20.33
CA SER B 274 -29.95 -10.66 21.63
C SER B 274 -30.65 -9.84 22.72
N ILE B 275 -30.17 -8.61 22.93
CA ILE B 275 -30.67 -7.74 23.99
C ILE B 275 -32.19 -7.69 24.12
N LEU B 276 -32.87 -7.38 23.03
CA LEU B 276 -34.33 -7.25 23.03
C LEU B 276 -35.00 -8.58 23.40
N ALA B 277 -35.95 -9.00 22.56
CA ALA B 277 -36.64 -10.28 22.75
C ALA B 277 -37.65 -10.16 23.87
N GLN B 278 -37.12 -10.16 25.10
CA GLN B 278 -37.91 -9.96 26.30
C GLN B 278 -37.18 -9.01 27.24
N ARG B 279 -37.53 -7.71 27.30
CA ARG B 279 -38.50 -6.99 26.45
C ARG B 279 -39.75 -7.72 25.91
N ASP B 280 -40.79 -7.76 26.73
CA ASP B 280 -42.01 -8.45 26.35
C ASP B 280 -42.90 -7.55 25.48
N ASP B 281 -42.57 -6.27 25.44
CA ASP B 281 -43.24 -5.27 24.60
C ASP B 281 -42.65 -5.20 23.17
N ILE B 282 -41.64 -6.02 22.91
CA ILE B 282 -40.96 -6.05 21.61
C ILE B 282 -40.99 -7.44 21.00
N ASN B 283 -41.44 -7.54 19.76
CA ASN B 283 -41.47 -8.82 19.04
C ASN B 283 -40.21 -8.96 18.18
N VAL B 284 -39.45 -10.03 18.40
CA VAL B 284 -38.30 -10.30 17.54
C VAL B 284 -38.61 -11.52 16.68
N GLU B 285 -38.45 -11.38 15.36
CA GLU B 285 -38.71 -12.49 14.44
C GLU B 285 -37.50 -12.82 13.56
N ARG B 286 -37.45 -14.07 13.15
CA ARG B 286 -36.49 -14.55 12.14
C ARG B 286 -37.26 -15.43 11.20
N GLU B 287 -36.89 -15.40 9.94
CA GLU B 287 -37.50 -16.27 8.95
C GLU B 287 -36.40 -16.59 7.98
N THR B 288 -36.16 -17.87 7.70
CA THR B 288 -35.10 -18.21 6.75
C THR B 288 -35.52 -17.83 5.32
N ASN B 289 -34.66 -17.06 4.66
CA ASN B 289 -34.98 -16.44 3.37
C ASN B 289 -34.75 -17.42 2.24
N LEU B 290 -35.50 -17.29 1.12
CA LEU B 290 -35.31 -18.19 -0.02
C LEU B 290 -34.01 -17.91 -0.77
N ASN B 291 -32.93 -18.52 -0.33
CA ASN B 291 -31.65 -18.40 -1.04
C ASN B 291 -30.77 -19.55 -0.61
N ILE B 292 -29.68 -19.75 -1.33
CA ILE B 292 -28.73 -20.82 -1.02
C ILE B 292 -27.30 -20.38 -1.33
N GLY B 293 -26.39 -20.56 -0.37
CA GLY B 293 -24.98 -20.40 -0.60
C GLY B 293 -24.35 -21.75 -0.87
N TYR B 294 -23.57 -21.88 -1.94
CA TYR B 294 -23.00 -23.18 -2.28
C TYR B 294 -21.53 -23.15 -2.67
N TRP B 295 -20.96 -24.35 -2.72
CA TRP B 295 -19.70 -24.64 -3.39
C TRP B 295 -19.98 -25.47 -4.66
N ALA B 296 -19.76 -24.89 -5.83
CA ALA B 296 -19.97 -25.61 -7.09
C ALA B 296 -18.67 -26.09 -7.75
N PHE B 297 -18.75 -27.19 -8.48
CA PHE B 297 -17.60 -27.81 -9.12
C PHE B 297 -17.73 -27.76 -10.62
N ASN B 298 -16.68 -27.36 -11.32
CA ASN B 298 -16.71 -27.45 -12.76
C ASN B 298 -16.75 -28.93 -13.09
N THR B 299 -17.96 -29.49 -13.21
CA THR B 299 -18.12 -30.93 -13.29
C THR B 299 -17.59 -31.53 -14.59
N GLU B 300 -17.17 -30.66 -15.51
CA GLU B 300 -16.56 -31.09 -16.76
C GLU B 300 -15.04 -30.87 -16.79
N ARG B 301 -14.48 -30.36 -15.71
CA ARG B 301 -13.03 -30.20 -15.66
C ARG B 301 -12.39 -31.21 -14.73
N PRO B 302 -11.53 -32.10 -15.28
CA PRO B 302 -10.92 -33.09 -14.39
C PRO B 302 -9.93 -32.42 -13.44
N PRO B 303 -9.82 -32.94 -12.21
CA PRO B 303 -10.41 -34.16 -11.65
C PRO B 303 -11.84 -33.99 -11.11
N PHE B 304 -12.42 -32.81 -11.29
CA PHE B 304 -13.71 -32.48 -10.69
C PHE B 304 -14.91 -33.04 -11.44
N ASP B 305 -14.66 -33.69 -12.59
CA ASP B 305 -15.69 -34.46 -13.29
C ASP B 305 -15.88 -35.85 -12.68
N ASN B 306 -14.94 -36.23 -11.84
CA ASN B 306 -14.99 -37.49 -11.11
C ASN B 306 -15.78 -37.34 -9.81
N LEU B 307 -17.00 -37.89 -9.80
CA LEU B 307 -17.83 -37.86 -8.62
C LEU B 307 -17.07 -38.23 -7.34
N LYS B 308 -16.17 -39.19 -7.41
CA LYS B 308 -15.40 -39.60 -6.23
C LYS B 308 -14.53 -38.48 -5.65
N VAL B 309 -13.97 -37.64 -6.52
CA VAL B 309 -13.19 -36.50 -6.07
C VAL B 309 -14.14 -35.49 -5.43
N ARG B 310 -15.25 -35.27 -6.11
CA ARG B 310 -16.30 -34.41 -5.63
C ARG B 310 -16.66 -34.86 -4.22
N GLN B 311 -17.00 -36.14 -4.08
CA GLN B 311 -17.33 -36.70 -2.77
C GLN B 311 -16.22 -36.47 -1.78
N ALA B 312 -14.98 -36.74 -2.17
CA ALA B 312 -13.87 -36.60 -1.26
C ALA B 312 -13.76 -35.18 -0.69
N LEU B 313 -13.73 -34.20 -1.58
CA LEU B 313 -13.47 -32.82 -1.18
C LEU B 313 -14.48 -32.29 -0.16
N VAL B 314 -15.73 -32.72 -0.31
CA VAL B 314 -16.82 -32.15 0.45
C VAL B 314 -16.74 -32.67 1.86
N HIS B 315 -16.47 -33.96 2.00
CA HIS B 315 -16.26 -34.56 3.32
C HIS B 315 -15.16 -33.82 4.10
N ALA B 316 -14.28 -33.13 3.35
CA ALA B 316 -13.09 -32.49 3.94
C ALA B 316 -13.32 -31.14 4.60
N ILE B 317 -14.43 -30.47 4.30
CA ILE B 317 -14.59 -29.13 4.84
C ILE B 317 -15.42 -29.06 6.13
N ASP B 318 -14.85 -28.37 7.12
CA ASP B 318 -15.49 -28.16 8.41
C ASP B 318 -16.56 -27.07 8.24
N ILE B 319 -17.74 -27.47 7.80
CA ILE B 319 -18.74 -26.47 7.51
C ILE B 319 -19.23 -25.83 8.81
N GLU B 320 -19.04 -26.54 9.92
CA GLU B 320 -19.41 -26.02 11.22
C GLU B 320 -18.57 -24.79 11.58
N LYS B 321 -17.28 -24.88 11.34
CA LYS B 321 -16.41 -23.74 11.55
C LYS B 321 -16.88 -22.58 10.68
N ILE B 322 -17.25 -22.85 9.43
CA ILE B 322 -17.64 -21.74 8.59
C ILE B 322 -19.01 -21.13 8.91
N MET B 323 -19.91 -21.92 9.49
CA MET B 323 -21.14 -21.36 10.05
C MET B 323 -20.80 -20.35 11.15
N GLN B 324 -19.78 -20.69 11.94
CA GLN B 324 -19.33 -19.86 13.04
C GLN B 324 -18.57 -18.63 12.56
N ALA B 325 -17.67 -18.83 11.60
CA ALA B 325 -16.72 -17.79 11.25
C ALA B 325 -17.00 -17.13 9.90
N VAL B 326 -18.15 -17.43 9.33
CA VAL B 326 -18.57 -16.69 8.15
C VAL B 326 -19.94 -16.09 8.42
N TYR B 327 -20.86 -16.92 8.89
CA TYR B 327 -22.25 -16.54 9.06
C TYR B 327 -22.54 -15.90 10.40
N TYR B 328 -21.66 -16.14 11.38
CA TYR B 328 -21.81 -15.50 12.70
C TYR B 328 -23.23 -15.62 13.27
N GLY B 329 -23.82 -16.80 13.14
CA GLY B 329 -25.17 -17.04 13.66
C GLY B 329 -26.34 -16.57 12.82
N ASN B 330 -26.07 -15.94 11.68
CA ASN B 330 -27.14 -15.46 10.81
C ASN B 330 -27.45 -16.38 9.60
N GLY B 331 -26.89 -17.60 9.65
CA GLY B 331 -27.10 -18.59 8.60
C GLY B 331 -27.81 -19.82 9.12
N LEU B 332 -28.51 -20.51 8.23
CA LEU B 332 -29.09 -21.80 8.54
C LEU B 332 -28.30 -22.81 7.73
N ARG B 333 -27.75 -23.81 8.39
CA ARG B 333 -27.03 -24.83 7.67
C ARG B 333 -27.97 -25.58 6.72
N ALA B 334 -27.51 -25.80 5.51
CA ALA B 334 -28.32 -26.39 4.45
C ALA B 334 -28.49 -27.87 4.69
N ARG B 335 -29.71 -28.38 4.52
CA ARG B 335 -29.94 -29.83 4.51
C ARG B 335 -30.48 -30.23 3.14
N SER B 336 -30.40 -29.27 2.21
CA SER B 336 -30.83 -29.44 0.83
C SER B 336 -30.39 -28.20 0.07
N ILE B 337 -30.58 -28.18 -1.24
CA ILE B 337 -30.40 -26.94 -1.98
C ILE B 337 -31.56 -25.98 -1.69
N LEU B 338 -32.64 -26.50 -1.14
CA LEU B 338 -33.79 -25.69 -0.79
C LEU B 338 -33.76 -25.39 0.70
N PRO B 339 -34.04 -24.13 1.09
CA PRO B 339 -34.20 -23.86 2.52
C PRO B 339 -35.57 -24.41 2.95
N PRO B 340 -35.75 -24.69 4.25
CA PRO B 340 -37.01 -25.24 4.76
C PRO B 340 -38.24 -24.34 4.51
N THR B 341 -38.01 -23.14 4.02
CA THR B 341 -39.10 -22.20 3.77
C THR B 341 -39.67 -22.31 2.35
N SER B 342 -39.06 -23.16 1.52
CA SER B 342 -39.61 -23.45 0.20
C SER B 342 -40.63 -24.55 0.36
N TRP B 343 -41.80 -24.45 -0.29
CA TRP B 343 -42.84 -25.48 -0.06
C TRP B 343 -42.42 -26.85 -0.58
N ALA B 344 -41.37 -26.90 -1.40
CA ALA B 344 -40.91 -28.16 -1.95
C ALA B 344 -39.73 -28.76 -1.14
N PHE B 345 -39.31 -28.08 -0.07
CA PHE B 345 -38.18 -28.58 0.72
C PHE B 345 -38.29 -30.06 1.15
N GLU B 346 -37.17 -30.76 1.13
CA GLU B 346 -37.08 -32.11 1.66
C GLU B 346 -35.66 -32.33 2.19
N PRO B 347 -35.54 -32.61 3.51
CA PRO B 347 -34.21 -32.77 4.10
C PRO B 347 -33.54 -33.99 3.48
N GLN B 348 -32.26 -33.87 3.15
CA GLN B 348 -31.56 -34.94 2.43
C GLN B 348 -30.72 -35.83 3.34
N LYS B 349 -31.15 -37.07 3.47
CA LYS B 349 -30.51 -37.97 4.41
C LYS B 349 -29.01 -38.11 4.14
N ASN B 350 -28.63 -38.20 2.86
CA ASN B 350 -27.23 -38.46 2.52
C ASN B 350 -26.29 -37.26 2.46
N MET B 351 -26.60 -36.17 3.15
CA MET B 351 -25.68 -35.04 3.17
C MET B 351 -24.35 -35.55 3.74
N PRO B 352 -23.24 -35.27 3.04
CA PRO B 352 -21.95 -35.83 3.45
C PRO B 352 -21.58 -35.46 4.90
N ILE B 353 -20.84 -36.34 5.57
CA ILE B 353 -20.31 -36.08 6.90
C ILE B 353 -19.00 -35.30 6.78
N PHE B 354 -18.76 -34.35 7.69
CA PHE B 354 -17.42 -33.78 7.81
C PHE B 354 -16.52 -34.89 8.33
N ASP B 355 -15.59 -35.35 7.50
CA ASP B 355 -14.74 -36.46 7.91
C ASP B 355 -13.49 -36.56 7.03
N PRO B 356 -12.42 -35.85 7.44
CA PRO B 356 -11.15 -35.71 6.71
C PRO B 356 -10.46 -37.05 6.42
N GLN B 357 -10.50 -37.98 7.37
CA GLN B 357 -9.92 -39.29 7.15
C GLN B 357 -10.63 -39.93 5.97
N LEU B 358 -11.94 -40.09 6.10
CA LEU B 358 -12.78 -40.54 5.00
C LEU B 358 -12.40 -39.79 3.72
N ALA B 359 -12.28 -38.46 3.82
CA ALA B 359 -12.04 -37.65 2.62
C ALA B 359 -10.69 -38.00 2.02
N LYS B 360 -9.69 -38.21 2.88
CA LYS B 360 -8.38 -38.65 2.43
C LYS B 360 -8.44 -40.08 1.91
N LYS B 361 -9.25 -40.93 2.53
CA LYS B 361 -9.41 -42.28 2.05
C LYS B 361 -10.04 -42.27 0.67
N LEU B 362 -11.15 -41.55 0.54
CA LEU B 362 -11.88 -41.45 -0.72
C LEU B 362 -11.04 -40.89 -1.85
N LEU B 363 -10.16 -39.96 -1.49
CA LEU B 363 -9.37 -39.26 -2.50
C LEU B 363 -8.25 -40.16 -3.04
N THR B 364 -7.63 -40.96 -2.19
CA THR B 364 -6.58 -41.88 -2.66
C THR B 364 -7.15 -43.01 -3.52
N GLU B 365 -8.31 -43.53 -3.14
CA GLU B 365 -8.95 -44.60 -3.89
C GLU B 365 -9.22 -44.25 -5.36
N ALA B 366 -9.28 -42.97 -5.68
CA ALA B 366 -9.58 -42.55 -7.05
C ALA B 366 -8.33 -42.12 -7.77
N GLY B 367 -7.18 -42.23 -7.10
CA GLY B 367 -5.96 -41.64 -7.58
C GLY B 367 -5.61 -40.60 -6.54
N TYR B 368 -4.83 -39.60 -6.91
CA TYR B 368 -4.56 -38.49 -6.01
C TYR B 368 -4.61 -38.87 -4.52
N GLU B 369 -3.89 -39.89 -4.05
CA GLU B 369 -2.77 -40.62 -4.68
C GLU B 369 -1.55 -40.64 -3.74
N LYS B 370 -1.21 -39.51 -3.14
CA LYS B 370 -2.10 -38.37 -3.01
C LYS B 370 -1.60 -36.97 -3.42
N GLY B 371 -2.54 -36.05 -3.58
CA GLY B 371 -2.26 -34.64 -3.79
C GLY B 371 -2.69 -34.02 -5.11
N PHE B 372 -3.30 -32.84 -5.06
CA PHE B 372 -3.44 -31.98 -6.24
C PHE B 372 -3.79 -30.52 -5.93
N ASP B 373 -3.47 -29.65 -6.88
CA ASP B 373 -3.74 -28.23 -6.75
C ASP B 373 -5.04 -27.79 -7.41
N MET B 374 -5.89 -27.11 -6.67
CA MET B 374 -7.11 -26.53 -7.24
C MET B 374 -7.30 -25.08 -6.79
N SER B 375 -8.03 -24.32 -7.58
CA SER B 375 -8.39 -22.99 -7.18
C SER B 375 -9.86 -22.94 -6.75
N ILE B 376 -10.19 -22.07 -5.81
CA ILE B 376 -11.55 -21.87 -5.34
C ILE B 376 -11.85 -20.42 -5.61
N TRP B 377 -12.80 -20.17 -6.49
CA TRP B 377 -13.14 -18.81 -6.88
C TRP B 377 -14.13 -18.27 -5.87
N ALA B 378 -13.79 -17.13 -5.27
CA ALA B 378 -14.61 -16.52 -4.23
C ALA B 378 -15.36 -15.37 -4.82
N MET B 379 -16.68 -15.37 -4.67
CA MET B 379 -17.47 -14.24 -5.14
C MET B 379 -17.02 -12.96 -4.42
N PRO B 380 -16.85 -11.87 -5.18
CA PRO B 380 -16.28 -10.61 -4.68
C PRO B 380 -17.21 -9.80 -3.78
N VAL B 381 -18.52 -9.98 -3.90
CA VAL B 381 -19.44 -9.18 -3.09
C VAL B 381 -20.02 -9.96 -1.93
N SER B 382 -20.41 -9.23 -0.89
CA SER B 382 -21.10 -9.80 0.26
C SER B 382 -22.57 -10.01 -0.07
N ARG B 383 -23.09 -11.17 0.30
CA ARG B 383 -24.51 -11.43 0.13
C ARG B 383 -25.10 -12.27 1.25
N ILE B 384 -26.42 -12.20 1.38
CA ILE B 384 -27.11 -12.93 2.45
C ILE B 384 -26.75 -14.42 2.46
N TYR B 385 -26.70 -15.04 1.28
CA TYR B 385 -26.33 -16.45 1.16
C TYR B 385 -24.84 -16.72 1.41
N ASN B 386 -24.04 -15.67 1.42
CA ASN B 386 -22.62 -15.76 1.75
C ASN B 386 -22.01 -14.39 2.00
N PRO B 387 -22.01 -13.99 3.34
CA PRO B 387 -21.55 -12.60 3.53
C PRO B 387 -20.06 -12.35 3.35
N ASN B 388 -19.28 -13.40 3.11
CA ASN B 388 -17.84 -13.24 2.91
C ASN B 388 -17.19 -14.51 2.35
N ALA B 389 -17.23 -14.65 1.03
CA ALA B 389 -16.72 -15.83 0.35
C ALA B 389 -15.21 -15.98 0.47
N ARG B 390 -14.50 -14.87 0.50
CA ARG B 390 -13.03 -14.90 0.63
C ARG B 390 -12.64 -15.61 1.93
N LYS B 391 -13.26 -15.14 3.01
CA LYS B 391 -13.10 -15.71 4.32
C LYS B 391 -13.47 -17.18 4.30
N MET B 392 -14.62 -17.51 3.70
CA MET B 392 -15.06 -18.89 3.58
C MET B 392 -14.01 -19.71 2.84
N ALA B 393 -13.49 -19.17 1.74
CA ALA B 393 -12.49 -19.90 0.98
C ALA B 393 -11.20 -20.10 1.78
N GLU B 394 -10.91 -19.14 2.64
CA GLU B 394 -9.73 -19.24 3.50
C GLU B 394 -9.81 -20.44 4.44
N LEU B 395 -11.00 -20.69 4.97
CA LEU B 395 -11.20 -21.80 5.89
C LEU B 395 -11.14 -23.11 5.12
N MET B 396 -11.66 -23.09 3.89
CA MET B 396 -11.63 -24.28 3.06
C MET B 396 -10.19 -24.60 2.66
N GLN B 397 -9.42 -23.54 2.44
CA GLN B 397 -8.00 -23.69 2.12
C GLN B 397 -7.28 -24.45 3.24
N SER B 398 -7.59 -24.10 4.47
CA SER B 398 -7.04 -24.77 5.63
C SER B 398 -7.59 -26.22 5.74
N ASP B 399 -8.90 -26.37 5.66
CA ASP B 399 -9.51 -27.71 5.73
C ASP B 399 -8.85 -28.66 4.73
N LEU B 400 -8.69 -28.18 3.50
CA LEU B 400 -8.25 -29.05 2.39
C LEU B 400 -6.73 -29.29 2.35
N ARG B 401 -5.94 -28.39 2.91
CA ARG B 401 -4.49 -28.59 2.91
C ARG B 401 -4.16 -29.84 3.73
N LYS B 402 -4.93 -30.06 4.79
CA LYS B 402 -4.73 -31.19 5.68
C LYS B 402 -4.95 -32.52 4.96
N ILE B 403 -5.69 -32.46 3.85
CA ILE B 403 -6.03 -33.66 3.08
C ILE B 403 -5.18 -33.77 1.82
N GLY B 404 -4.37 -32.76 1.57
CA GLY B 404 -3.40 -32.78 0.49
C GLY B 404 -3.76 -31.91 -0.71
N VAL B 405 -4.85 -31.17 -0.60
CA VAL B 405 -5.27 -30.31 -1.69
C VAL B 405 -4.76 -28.88 -1.48
N ASN B 406 -4.07 -28.34 -2.48
CA ASN B 406 -3.47 -27.02 -2.39
C ASN B 406 -4.32 -25.94 -3.07
N VAL B 407 -5.22 -25.35 -2.30
CA VAL B 407 -6.16 -24.37 -2.80
C VAL B 407 -5.48 -23.03 -3.03
N ASN B 408 -5.77 -22.39 -4.15
CA ASN B 408 -5.44 -21.00 -4.30
C ASN B 408 -6.70 -20.19 -4.62
N ILE B 409 -6.79 -19.00 -4.04
CA ILE B 409 -8.05 -18.27 -4.03
C ILE B 409 -8.12 -17.23 -5.13
N VAL B 410 -9.12 -17.36 -5.96
CA VAL B 410 -9.28 -16.53 -7.14
C VAL B 410 -10.42 -15.54 -6.90
N GLU B 411 -10.14 -14.27 -7.13
CA GLU B 411 -11.15 -13.24 -6.91
C GLU B 411 -11.03 -12.16 -7.98
N TYR B 412 -12.06 -12.03 -8.82
CA TYR B 412 -12.14 -10.91 -9.73
C TYR B 412 -13.33 -9.98 -9.41
N GLU B 413 -13.21 -8.74 -9.85
CA GLU B 413 -14.31 -7.80 -9.88
C GLU B 413 -15.58 -8.54 -10.31
N TRP B 414 -16.68 -8.22 -9.67
CA TRP B 414 -17.95 -8.88 -9.88
C TRP B 414 -18.32 -9.17 -11.33
N ASN B 415 -18.35 -8.13 -12.17
CA ASN B 415 -18.79 -8.31 -13.54
C ASN B 415 -17.99 -9.39 -14.24
N THR B 416 -16.68 -9.25 -14.19
CA THR B 416 -15.76 -10.23 -14.75
C THR B 416 -15.96 -11.62 -14.13
N PHE B 417 -16.02 -11.65 -12.80
CA PHE B 417 -16.22 -12.88 -12.04
C PHE B 417 -17.33 -13.73 -12.64
N ILE B 418 -18.53 -13.17 -12.69
CA ILE B 418 -19.66 -13.93 -13.20
C ILE B 418 -19.45 -14.31 -14.66
N GLN B 419 -18.91 -13.38 -15.44
CA GLN B 419 -18.66 -13.64 -16.86
C GLN B 419 -17.76 -14.87 -16.98
N ARG B 420 -16.68 -14.90 -16.23
CA ARG B 420 -15.75 -16.01 -16.32
C ARG B 420 -16.31 -17.32 -15.77
N ILE B 421 -17.20 -17.22 -14.80
CA ILE B 421 -17.92 -18.39 -14.27
C ILE B 421 -18.88 -18.95 -15.32
N GLY B 422 -19.51 -18.04 -16.07
CA GLY B 422 -20.34 -18.41 -17.20
C GLY B 422 -19.55 -19.17 -18.26
N GLU B 423 -18.32 -18.71 -18.53
CA GLU B 423 -17.45 -19.37 -19.51
C GLU B 423 -16.78 -20.62 -18.93
N HIS B 424 -17.09 -20.96 -17.68
CA HIS B 424 -16.58 -22.17 -17.04
C HIS B 424 -15.05 -22.24 -16.94
N ARG B 425 -14.44 -21.08 -16.69
CA ARG B 425 -12.98 -21.00 -16.54
C ARG B 425 -12.47 -21.48 -15.18
N HIS B 426 -13.39 -21.75 -14.27
CA HIS B 426 -13.04 -22.03 -12.88
C HIS B 426 -12.92 -23.52 -12.62
N ASP B 427 -12.11 -23.87 -11.62
CA ASP B 427 -12.11 -25.21 -11.06
C ASP B 427 -13.34 -25.42 -10.17
N SER B 428 -13.59 -24.46 -9.30
CA SER B 428 -14.72 -24.51 -8.38
C SER B 428 -15.02 -23.08 -7.91
N VAL B 429 -16.19 -22.86 -7.33
CA VAL B 429 -16.58 -21.48 -7.04
C VAL B 429 -17.49 -21.44 -5.85
N LEU B 430 -17.32 -20.41 -5.02
CA LEU B 430 -18.23 -20.13 -3.91
C LEU B 430 -19.18 -19.07 -4.40
N LEU B 431 -20.41 -19.48 -4.60
CA LEU B 431 -21.37 -18.58 -5.18
C LEU B 431 -22.67 -18.91 -4.47
N GLY B 432 -23.75 -18.29 -4.89
CA GLY B 432 -25.02 -18.51 -4.23
C GLY B 432 -26.13 -17.91 -5.05
N TRP B 433 -27.35 -18.11 -4.60
CA TRP B 433 -28.49 -17.71 -5.40
C TRP B 433 -29.61 -17.29 -4.47
N ALA B 434 -30.23 -16.18 -4.78
CA ALA B 434 -31.43 -15.78 -4.07
C ALA B 434 -32.55 -15.91 -5.08
N ALA B 435 -33.62 -16.63 -4.72
CA ALA B 435 -34.69 -16.85 -5.66
C ALA B 435 -35.33 -15.53 -6.04
N ASP B 436 -35.56 -15.35 -7.33
CA ASP B 436 -36.26 -14.17 -7.84
C ASP B 436 -37.77 -14.34 -7.67
N THR B 437 -38.18 -15.57 -7.37
CA THR B 437 -39.58 -15.88 -7.17
C THR B 437 -39.61 -17.01 -6.15
N PRO B 438 -40.76 -17.20 -5.48
CA PRO B 438 -40.94 -18.28 -4.50
C PRO B 438 -41.43 -19.61 -5.11
N ASP B 439 -41.46 -19.68 -6.43
CA ASP B 439 -41.71 -20.93 -7.14
C ASP B 439 -40.44 -21.79 -7.07
N PRO B 440 -40.54 -22.98 -6.46
CA PRO B 440 -39.36 -23.83 -6.29
C PRO B 440 -38.57 -24.09 -7.60
N ASP B 441 -39.22 -23.94 -8.74
CA ASP B 441 -38.52 -24.15 -10.01
C ASP B 441 -37.31 -23.21 -10.10
N ASN B 442 -37.41 -22.06 -9.44
CA ASN B 442 -36.38 -21.03 -9.55
C ASN B 442 -35.05 -21.42 -8.95
N PHE B 443 -35.04 -22.49 -8.17
CA PHE B 443 -33.83 -22.97 -7.53
C PHE B 443 -33.09 -23.97 -8.43
N PHE B 444 -33.76 -24.45 -9.47
CA PHE B 444 -33.26 -25.55 -10.29
C PHE B 444 -32.95 -25.16 -11.73
N SER B 445 -33.97 -24.66 -12.43
CA SER B 445 -33.85 -24.29 -13.84
C SER B 445 -32.73 -23.31 -14.16
N PRO B 446 -32.64 -22.19 -13.42
CA PRO B 446 -31.62 -21.18 -13.74
C PRO B 446 -30.23 -21.52 -13.21
N LEU B 447 -30.12 -22.60 -12.45
CA LEU B 447 -28.87 -22.92 -11.77
C LEU B 447 -28.17 -24.18 -12.32
N LEU B 448 -28.96 -25.24 -12.52
CA LEU B 448 -28.38 -26.55 -12.78
C LEU B 448 -28.97 -27.28 -13.99
N SER B 449 -29.77 -26.57 -14.78
CA SER B 449 -30.40 -27.16 -15.95
C SER B 449 -29.42 -27.08 -17.11
N CYS B 450 -29.68 -27.89 -18.14
CA CYS B 450 -28.87 -27.91 -19.34
C CYS B 450 -28.85 -26.54 -20.03
N THR B 451 -30.01 -25.94 -20.23
CA THR B 451 -30.01 -24.68 -20.94
C THR B 451 -29.27 -23.61 -20.13
N ALA B 452 -29.30 -23.72 -18.80
CA ALA B 452 -28.57 -22.76 -17.97
C ALA B 452 -27.07 -22.86 -18.26
N THR B 453 -26.62 -24.06 -18.61
CA THR B 453 -25.23 -24.33 -18.97
C THR B 453 -24.77 -23.65 -20.27
N PHE B 454 -25.69 -23.52 -21.24
CA PHE B 454 -25.36 -22.88 -22.51
C PHE B 454 -25.46 -21.36 -22.41
N SER B 455 -26.12 -20.89 -21.36
CA SER B 455 -26.31 -19.46 -21.14
C SER B 455 -25.27 -18.87 -20.18
N GLY B 456 -24.48 -19.72 -19.54
CA GLY B 456 -23.46 -19.26 -18.60
C GLY B 456 -24.01 -19.00 -17.20
N LYS B 457 -25.20 -19.56 -16.96
CA LYS B 457 -25.94 -19.33 -15.73
C LYS B 457 -25.70 -20.48 -14.75
N ASN B 458 -25.04 -21.52 -15.22
CA ASN B 458 -24.82 -22.74 -14.46
C ASN B 458 -23.38 -22.84 -13.94
N PRO B 459 -23.18 -22.70 -12.62
CA PRO B 459 -21.83 -22.67 -12.05
C PRO B 459 -21.17 -24.05 -12.04
N ALA B 460 -21.95 -25.09 -12.30
CA ALA B 460 -21.43 -26.45 -12.21
C ALA B 460 -21.14 -27.05 -13.60
N ASN B 461 -21.44 -26.26 -14.63
CA ASN B 461 -21.22 -26.73 -16.00
C ASN B 461 -21.82 -28.12 -16.19
N TRP B 462 -23.06 -28.30 -15.74
CA TRP B 462 -23.61 -29.62 -15.48
C TRP B 462 -24.92 -29.83 -16.21
N CYS B 463 -24.87 -30.53 -17.33
CA CYS B 463 -26.07 -30.87 -18.07
C CYS B 463 -26.49 -32.31 -17.80
N ASN B 464 -27.65 -32.48 -17.18
CA ASN B 464 -28.12 -33.82 -16.84
C ASN B 464 -29.56 -33.94 -17.27
N PRO B 465 -29.80 -34.65 -18.40
CA PRO B 465 -31.13 -34.73 -19.02
C PRO B 465 -32.14 -35.35 -18.06
N GLU B 466 -31.69 -36.28 -17.23
CA GLU B 466 -32.64 -36.89 -16.32
C GLU B 466 -33.10 -35.82 -15.34
N PHE B 467 -32.14 -35.04 -14.83
CA PHE B 467 -32.43 -33.97 -13.90
C PHE B 467 -33.40 -32.93 -14.52
N ASP B 468 -33.05 -32.43 -15.70
CA ASP B 468 -33.92 -31.48 -16.42
C ASP B 468 -35.34 -32.01 -16.61
N LEU B 469 -35.44 -33.30 -16.93
CA LEU B 469 -36.74 -33.95 -17.11
C LEU B 469 -37.63 -33.83 -15.86
N LEU B 470 -37.06 -34.11 -14.69
CA LEU B 470 -37.76 -33.86 -13.43
C LEU B 470 -38.34 -32.47 -13.42
N LEU B 471 -37.51 -31.48 -13.74
CA LEU B 471 -37.93 -30.09 -13.69
C LEU B 471 -39.07 -29.90 -14.67
N THR B 472 -38.89 -30.50 -15.84
CA THR B 472 -39.83 -30.35 -16.95
C THR B 472 -41.19 -30.96 -16.61
N LYS B 473 -41.16 -32.10 -15.96
CA LYS B 473 -42.39 -32.79 -15.59
C LYS B 473 -43.11 -32.09 -14.44
N ALA B 474 -42.32 -31.43 -13.58
CA ALA B 474 -42.86 -30.60 -12.51
C ALA B 474 -43.73 -29.51 -13.11
N LEU B 475 -43.13 -28.67 -13.95
CA LEU B 475 -43.82 -27.54 -14.54
C LEU B 475 -45.02 -27.99 -15.37
N ASP B 476 -45.02 -29.25 -15.78
CA ASP B 476 -46.06 -29.74 -16.67
C ASP B 476 -47.33 -30.13 -15.90
N THR B 477 -47.29 -30.00 -14.57
CA THR B 477 -48.43 -30.37 -13.74
C THR B 477 -48.86 -29.28 -12.75
N THR B 478 -50.15 -29.15 -12.57
CA THR B 478 -50.71 -28.16 -11.66
C THR B 478 -51.08 -28.83 -10.34
N ASP B 479 -50.70 -30.10 -10.20
CA ASP B 479 -50.93 -30.84 -8.97
C ASP B 479 -49.70 -30.71 -8.08
N LEU B 480 -49.69 -29.70 -7.21
CA LEU B 480 -48.50 -29.35 -6.45
C LEU B 480 -47.94 -30.48 -5.57
N ASN B 481 -48.77 -31.45 -5.20
CA ASN B 481 -48.24 -32.65 -4.56
C ASN B 481 -47.36 -33.43 -5.53
N LEU B 482 -47.85 -33.58 -6.76
CA LEU B 482 -47.06 -34.25 -7.79
C LEU B 482 -45.79 -33.44 -8.06
N ARG B 483 -45.87 -32.13 -7.96
CA ARG B 483 -44.68 -31.33 -8.17
C ARG B 483 -43.66 -31.70 -7.13
N LYS B 484 -44.11 -31.86 -5.89
CA LYS B 484 -43.20 -32.15 -4.79
C LYS B 484 -42.45 -33.46 -5.02
N GLN B 485 -43.16 -34.45 -5.55
CA GLN B 485 -42.53 -35.74 -5.84
C GLN B 485 -41.31 -35.54 -6.75
N TYR B 486 -41.47 -34.73 -7.80
CA TYR B 486 -40.38 -34.49 -8.72
C TYR B 486 -39.24 -33.74 -8.04
N TYR B 487 -39.59 -32.65 -7.37
CA TYR B 487 -38.60 -31.82 -6.69
C TYR B 487 -37.84 -32.61 -5.64
N ASP B 488 -38.52 -33.56 -4.99
CA ASP B 488 -37.86 -34.39 -3.99
C ASP B 488 -36.77 -35.12 -4.74
N ALA B 489 -37.15 -35.64 -5.90
CA ALA B 489 -36.22 -36.43 -6.69
C ALA B 489 -35.07 -35.55 -7.21
N ALA B 490 -35.38 -34.30 -7.51
CA ALA B 490 -34.38 -33.39 -8.02
C ALA B 490 -33.40 -33.04 -6.93
N GLN B 491 -33.90 -32.99 -5.70
CA GLN B 491 -33.05 -32.67 -4.56
C GLN B 491 -32.11 -33.83 -4.24
N SER B 492 -32.65 -35.05 -4.25
CA SER B 492 -31.84 -36.26 -4.06
C SER B 492 -30.74 -36.33 -5.12
N MET B 493 -31.12 -36.09 -6.36
CA MET B 493 -30.15 -36.17 -7.43
C MET B 493 -29.00 -35.22 -7.18
N ILE B 494 -29.29 -34.03 -6.64
CA ILE B 494 -28.26 -33.00 -6.42
C ILE B 494 -27.20 -33.45 -5.42
N ILE B 495 -27.65 -34.04 -4.32
CA ILE B 495 -26.74 -34.55 -3.31
C ILE B 495 -26.03 -35.80 -3.79
N GLU B 496 -26.74 -36.61 -4.57
CA GLU B 496 -26.20 -37.87 -5.05
C GLU B 496 -25.04 -37.58 -6.00
N GLN B 497 -25.16 -36.54 -6.80
CA GLN B 497 -24.17 -36.26 -7.84
C GLN B 497 -23.22 -35.12 -7.49
N LEU B 498 -23.64 -34.25 -6.57
CA LEU B 498 -22.79 -33.13 -6.13
C LEU B 498 -22.26 -32.20 -7.23
N PRO B 499 -23.12 -31.77 -8.15
CA PRO B 499 -22.60 -30.74 -9.07
C PRO B 499 -22.21 -29.46 -8.28
N LEU B 500 -22.99 -29.19 -7.24
CA LEU B 500 -22.65 -28.17 -6.25
C LEU B 500 -23.02 -28.72 -4.88
N TYR B 501 -22.45 -28.12 -3.84
CA TYR B 501 -22.64 -28.57 -2.46
C TYR B 501 -23.28 -27.47 -1.63
N PRO B 502 -24.58 -27.63 -1.31
CA PRO B 502 -25.32 -26.59 -0.57
C PRO B 502 -24.74 -26.38 0.82
N ILE B 503 -24.34 -25.16 1.12
CA ILE B 503 -23.72 -24.82 2.40
C ILE B 503 -24.73 -24.27 3.40
N ALA B 504 -25.24 -23.08 3.12
CA ALA B 504 -26.04 -22.37 4.11
C ALA B 504 -27.10 -21.48 3.49
N HIS B 505 -28.07 -21.09 4.32
CA HIS B 505 -29.10 -20.16 3.91
C HIS B 505 -29.02 -18.93 4.78
N GLY B 506 -29.11 -17.80 4.09
CA GLY B 506 -29.14 -16.51 4.74
C GLY B 506 -30.43 -16.36 5.49
N MET B 507 -30.31 -15.91 6.73
CA MET B 507 -31.48 -15.62 7.53
C MET B 507 -31.86 -14.16 7.30
N ARG B 508 -33.03 -13.80 7.78
CA ARG B 508 -33.46 -12.43 7.79
C ARG B 508 -34.26 -12.19 9.08
N PHE B 509 -33.97 -11.07 9.75
CA PHE B 509 -34.56 -10.77 11.05
C PHE B 509 -35.33 -9.44 11.05
N GLN B 510 -36.27 -9.31 11.98
CA GLN B 510 -37.06 -8.11 12.12
C GLN B 510 -37.47 -7.93 13.58
N ALA B 511 -37.25 -6.75 14.12
CA ALA B 511 -37.68 -6.46 15.49
C ALA B 511 -38.71 -5.36 15.44
N SER B 512 -39.72 -5.46 16.28
CA SER B 512 -40.81 -4.50 16.24
C SER B 512 -41.46 -4.34 17.61
N SER B 513 -42.07 -3.19 17.85
CA SER B 513 -42.96 -3.00 18.99
C SER B 513 -44.17 -3.96 18.88
N ALA B 514 -44.57 -4.58 19.99
CA ALA B 514 -45.69 -5.52 19.97
C ALA B 514 -47.03 -4.82 19.80
N ASP B 515 -47.00 -3.50 19.77
CA ASP B 515 -48.20 -2.73 19.46
C ASP B 515 -48.67 -2.99 18.03
N VAL B 516 -47.77 -3.47 17.19
CA VAL B 516 -48.07 -3.55 15.76
C VAL B 516 -48.13 -4.96 15.23
N GLU B 517 -49.14 -5.23 14.41
CA GLU B 517 -49.35 -6.54 13.83
C GLU B 517 -49.54 -6.38 12.33
N GLY B 518 -49.76 -7.48 11.64
CA GLY B 518 -49.86 -7.48 10.19
C GLY B 518 -48.53 -7.29 9.50
N ILE B 519 -47.44 -7.63 10.17
CA ILE B 519 -46.11 -7.42 9.60
C ILE B 519 -45.21 -8.65 9.67
N THR B 520 -45.83 -9.81 9.88
CA THR B 520 -45.10 -11.07 9.97
C THR B 520 -44.11 -11.22 8.83
N LEU B 521 -42.86 -11.53 9.18
CA LEU B 521 -41.79 -11.72 8.22
C LEU B 521 -41.99 -12.98 7.38
N GLY B 522 -42.03 -12.81 6.08
CA GLY B 522 -42.14 -13.94 5.17
C GLY B 522 -40.79 -14.38 4.65
N PRO B 523 -40.74 -15.55 4.00
CA PRO B 523 -39.48 -16.08 3.50
C PRO B 523 -38.99 -15.40 2.23
N PHE B 524 -39.91 -14.77 1.50
CA PHE B 524 -39.56 -14.21 0.21
C PHE B 524 -40.05 -12.80 -0.05
N GLY B 525 -39.21 -12.00 -0.70
CA GLY B 525 -39.62 -10.70 -1.18
C GLY B 525 -39.35 -9.54 -0.25
N ALA B 526 -39.60 -8.34 -0.76
CA ALA B 526 -39.34 -7.14 0.00
C ALA B 526 -40.26 -7.01 1.20
N ILE B 527 -39.82 -6.28 2.18
CA ILE B 527 -40.67 -5.90 3.31
C ILE B 527 -41.96 -5.28 2.83
N SER B 528 -43.09 -5.77 3.35
CA SER B 528 -44.38 -5.11 3.11
C SER B 528 -44.94 -4.53 4.40
N LEU B 529 -45.46 -3.31 4.33
CA LEU B 529 -46.24 -2.73 5.41
C LEU B 529 -47.67 -2.53 4.94
N ALA B 530 -47.97 -3.13 3.80
CA ALA B 530 -49.28 -3.03 3.16
C ALA B 530 -50.39 -3.43 4.12
N ASN B 531 -50.10 -4.37 5.00
CA ASN B 531 -51.09 -4.81 5.98
C ASN B 531 -50.78 -4.41 7.42
N ALA B 532 -49.70 -3.65 7.61
CA ALA B 532 -49.35 -3.16 8.93
C ALA B 532 -50.49 -2.42 9.60
N ARG B 533 -50.63 -2.61 10.91
CA ARG B 533 -51.56 -1.84 11.73
C ARG B 533 -51.19 -1.89 13.20
N LYS B 534 -51.89 -1.07 14.00
CA LYS B 534 -51.73 -1.01 15.45
C LYS B 534 -52.84 -1.79 16.16
N GLY C 30 7.63 -20.92 55.20
CA GLY C 30 6.33 -20.44 55.65
C GLY C 30 5.35 -20.07 54.54
N LEU C 31 4.11 -20.56 54.64
CA LEU C 31 3.08 -20.22 53.67
C LEU C 31 1.71 -20.13 54.34
N VAL C 32 1.03 -19.00 54.14
CA VAL C 32 -0.31 -18.81 54.69
C VAL C 32 -1.38 -18.95 53.59
N TYR C 33 -2.33 -19.85 53.83
CA TYR C 33 -3.43 -20.09 52.89
C TYR C 33 -4.72 -19.60 53.53
N CYS C 34 -5.49 -18.79 52.80
CA CYS C 34 -6.74 -18.29 53.35
C CYS C 34 -7.85 -19.32 53.15
N ALA C 35 -8.16 -20.06 54.21
CA ALA C 35 -9.13 -21.12 54.14
C ALA C 35 -10.53 -20.57 54.34
N GLU C 36 -11.51 -21.14 53.65
CA GLU C 36 -12.88 -20.65 53.71
C GLU C 36 -13.66 -21.24 54.89
N ALA C 37 -13.15 -22.30 55.49
CA ALA C 37 -13.88 -23.00 56.57
C ALA C 37 -13.01 -23.96 57.40
N ASN C 38 -13.42 -24.16 58.66
CA ASN C 38 -12.79 -25.15 59.53
C ASN C 38 -12.86 -26.51 58.88
N PRO C 39 -11.81 -27.33 59.10
CA PRO C 39 -11.93 -28.71 58.65
C PRO C 39 -12.90 -29.41 59.60
N VAL C 40 -13.87 -30.14 59.08
CA VAL C 40 -14.79 -30.95 59.90
C VAL C 40 -14.17 -32.26 60.40
N SER C 41 -13.01 -32.62 59.85
CA SER C 41 -12.32 -33.84 60.26
C SER C 41 -10.89 -33.75 59.74
N PHE C 42 -10.01 -34.59 60.28
CA PHE C 42 -8.68 -34.71 59.70
C PHE C 42 -8.49 -36.01 58.94
N ASN C 43 -9.55 -36.80 58.86
CA ASN C 43 -9.52 -38.02 58.03
C ASN C 43 -10.40 -37.86 56.80
N PRO C 44 -9.78 -37.86 55.62
CA PRO C 44 -10.56 -37.74 54.39
C PRO C 44 -11.60 -38.84 54.23
N GLN C 45 -11.48 -39.96 54.94
CA GLN C 45 -12.40 -41.06 54.70
C GLN C 45 -13.83 -40.68 55.10
N VAL C 46 -13.95 -39.87 56.14
CA VAL C 46 -15.24 -39.70 56.78
C VAL C 46 -16.05 -38.50 56.26
N THR C 47 -15.53 -37.78 55.27
CA THR C 47 -16.21 -36.57 54.79
C THR C 47 -16.03 -36.30 53.31
N THR C 48 -17.05 -35.70 52.69
CA THR C 48 -16.90 -35.22 51.33
C THR C 48 -16.87 -33.70 51.26
N THR C 49 -16.90 -33.02 52.42
CA THR C 49 -16.90 -31.57 52.43
C THR C 49 -15.64 -31.03 51.77
N GLY C 50 -15.81 -30.39 50.61
CA GLY C 50 -14.72 -29.86 49.80
C GLY C 50 -13.69 -29.04 50.57
N SER C 51 -14.14 -28.04 51.30
CA SER C 51 -13.23 -27.15 52.01
C SER C 51 -12.35 -27.88 53.04
N THR C 52 -12.86 -28.99 53.56
CA THR C 52 -12.05 -29.86 54.42
C THR C 52 -11.04 -30.67 53.60
N ILE C 53 -11.50 -31.32 52.54
CA ILE C 53 -10.61 -32.14 51.74
C ILE C 53 -9.45 -31.26 51.24
N ASP C 54 -9.78 -30.01 50.91
CA ASP C 54 -8.80 -29.03 50.43
C ASP C 54 -7.67 -28.84 51.43
N ILE C 55 -8.02 -28.86 52.71
CA ILE C 55 -7.04 -28.59 53.73
C ILE C 55 -6.15 -29.79 54.00
N ILE C 56 -6.74 -30.99 54.07
CA ILE C 56 -6.09 -32.14 54.71
C ILE C 56 -5.52 -33.19 53.74
N ALA C 57 -6.27 -33.53 52.70
CA ALA C 57 -5.93 -34.69 51.86
C ALA C 57 -4.50 -34.70 51.32
N ASN C 58 -4.21 -33.83 50.36
CA ASN C 58 -2.90 -33.79 49.71
C ASN C 58 -1.76 -33.35 50.62
N GLN C 59 -2.10 -32.70 51.73
CA GLN C 59 -1.09 -32.14 52.63
C GLN C 59 -0.55 -33.13 53.67
N LEU C 60 -1.45 -33.95 54.23
CA LEU C 60 -1.07 -34.88 55.29
C LEU C 60 -0.79 -36.31 54.81
N TYR C 61 -1.27 -36.65 53.62
CA TYR C 61 -1.29 -38.06 53.19
C TYR C 61 -0.78 -38.35 51.80
N ASP C 62 -0.75 -39.63 51.49
CA ASP C 62 -0.54 -40.08 50.13
C ASP C 62 -1.56 -41.18 49.83
N ARG C 63 -1.85 -41.35 48.55
CA ARG C 63 -2.67 -42.45 48.08
C ARG C 63 -1.73 -43.56 47.59
N LEU C 64 -2.30 -44.67 47.13
CA LEU C 64 -1.48 -45.73 46.54
C LEU C 64 -1.04 -45.29 45.14
N ILE C 65 -1.92 -44.58 44.46
CA ILE C 65 -1.69 -44.21 43.08
C ILE C 65 -2.36 -42.89 42.81
N SER C 66 -1.96 -42.27 41.71
CA SER C 66 -2.56 -41.02 41.34
C SER C 66 -2.76 -41.04 39.85
N ILE C 67 -3.12 -39.89 39.30
CA ILE C 67 -3.37 -39.78 37.87
C ILE C 67 -2.51 -38.68 37.30
N ASP C 68 -1.94 -38.91 36.12
CA ASP C 68 -1.15 -37.89 35.46
C ASP C 68 -2.09 -36.88 34.79
N PRO C 69 -1.98 -35.60 35.16
CA PRO C 69 -2.95 -34.62 34.64
C PRO C 69 -2.73 -34.37 33.15
N VAL C 70 -1.48 -34.54 32.70
CA VAL C 70 -1.11 -34.39 31.29
C VAL C 70 -1.28 -35.67 30.45
N THR C 71 -0.89 -36.83 30.99
CA THR C 71 -1.00 -38.07 30.24
C THR C 71 -2.29 -38.85 30.53
N ALA C 72 -2.91 -38.55 31.66
CA ALA C 72 -4.12 -39.24 32.14
C ALA C 72 -3.85 -40.67 32.53
N GLU C 73 -2.58 -41.04 32.53
CA GLU C 73 -2.17 -42.36 32.99
C GLU C 73 -2.10 -42.46 34.52
N PHE C 74 -2.23 -43.69 35.02
CA PHE C 74 -2.08 -43.96 36.45
C PHE C 74 -0.60 -43.86 36.86
N LYS C 75 -0.34 -43.17 37.97
CA LYS C 75 1.05 -42.98 38.43
C LYS C 75 1.31 -43.56 39.82
N SER C 76 2.54 -44.03 39.99
CA SER C 76 3.01 -44.66 41.21
C SER C 76 2.97 -43.64 42.33
N GLU C 77 2.38 -44.02 43.47
CA GLU C 77 2.60 -43.26 44.68
C GLU C 77 3.14 -44.09 45.84
N LEU C 78 2.25 -44.68 46.64
CA LEU C 78 2.73 -45.48 47.77
C LEU C 78 2.78 -46.89 47.25
N ALA C 79 2.07 -47.14 46.16
CA ALA C 79 2.13 -48.41 45.44
C ALA C 79 3.08 -48.28 44.26
N THR C 80 4.16 -49.07 44.23
CA THR C 80 5.10 -49.03 43.11
C THR C 80 4.61 -49.74 41.84
N ASP C 81 3.73 -50.72 42.00
CA ASP C 81 3.18 -51.43 40.87
C ASP C 81 1.77 -51.85 41.22
N TRP C 82 0.96 -52.05 40.19
CA TRP C 82 -0.39 -52.56 40.37
C TRP C 82 -0.73 -53.47 39.21
N LYS C 83 -1.71 -54.35 39.42
CA LYS C 83 -1.96 -55.39 38.46
C LYS C 83 -3.37 -55.91 38.63
N ILE C 84 -4.07 -56.04 37.52
CA ILE C 84 -5.44 -56.53 37.54
C ILE C 84 -5.44 -57.92 36.94
N SER C 85 -6.02 -58.88 37.65
CA SER C 85 -6.20 -60.25 37.16
C SER C 85 -6.96 -60.20 35.85
N LYS C 86 -6.85 -61.26 35.04
CA LYS C 86 -7.58 -61.31 33.77
C LYS C 86 -9.11 -61.32 33.90
N ASP C 87 -9.64 -61.89 34.97
CA ASP C 87 -11.09 -61.84 35.16
C ASP C 87 -11.55 -60.53 35.81
N GLY C 88 -10.58 -59.72 36.22
CA GLY C 88 -10.83 -58.41 36.79
C GLY C 88 -11.27 -58.37 38.25
N LYS C 89 -11.26 -59.51 38.92
CA LYS C 89 -11.78 -59.56 40.28
C LYS C 89 -10.67 -59.48 41.31
N SER C 90 -9.46 -59.21 40.85
CA SER C 90 -8.32 -59.09 41.73
C SER C 90 -7.40 -57.98 41.29
N VAL C 91 -7.12 -57.06 42.21
CA VAL C 91 -6.13 -56.03 41.94
C VAL C 91 -5.01 -56.10 42.97
N THR C 92 -3.80 -56.37 42.50
CA THR C 92 -2.66 -56.48 43.40
C THR C 92 -1.82 -55.21 43.41
N PHE C 93 -1.40 -54.78 44.59
CA PHE C 93 -0.54 -53.61 44.72
C PHE C 93 0.77 -53.99 45.38
N THR C 94 1.87 -53.63 44.72
CA THR C 94 3.19 -53.74 45.34
C THR C 94 3.47 -52.42 46.03
N LEU C 95 3.89 -52.48 47.30
CA LEU C 95 3.98 -51.29 48.13
C LEU C 95 5.40 -50.76 48.25
N ARG C 96 5.51 -49.43 48.27
CA ARG C 96 6.80 -48.77 48.34
C ARG C 96 7.51 -49.09 49.65
N LYS C 97 8.79 -49.39 49.55
CA LYS C 97 9.59 -49.66 50.73
C LYS C 97 10.25 -48.38 51.26
N GLY C 98 10.53 -48.33 52.56
CA GLY C 98 11.22 -47.20 53.16
C GLY C 98 10.33 -46.03 53.61
N VAL C 99 9.03 -46.17 53.43
CA VAL C 99 8.11 -45.06 53.67
C VAL C 99 7.73 -44.94 55.13
N LYS C 100 8.03 -43.78 55.70
CA LYS C 100 7.76 -43.49 57.11
C LYS C 100 6.47 -42.72 57.36
N PHE C 101 5.66 -43.21 58.30
CA PHE C 101 4.57 -42.41 58.86
C PHE C 101 5.15 -41.28 59.70
N HIS C 102 4.35 -40.23 59.91
CA HIS C 102 4.82 -39.07 60.65
C HIS C 102 5.15 -39.38 62.11
N THR C 103 6.23 -38.80 62.62
CA THR C 103 6.40 -38.59 64.06
C THR C 103 5.68 -37.32 64.38
N THR C 104 4.65 -37.39 65.22
CA THR C 104 3.95 -36.19 65.62
C THR C 104 4.26 -35.93 67.08
N ALA C 105 3.66 -34.90 67.65
CA ALA C 105 3.83 -34.71 69.08
C ALA C 105 3.28 -35.92 69.83
N TYR C 106 2.29 -36.57 69.24
CA TYR C 106 1.48 -37.56 69.96
C TYR C 106 1.66 -39.00 69.47
N PHE C 107 2.37 -39.19 68.36
CA PHE C 107 2.68 -40.54 67.90
C PHE C 107 4.09 -40.70 67.33
N THR C 108 4.72 -41.80 67.70
CA THR C 108 6.03 -42.13 67.18
C THR C 108 6.03 -43.56 66.68
N PRO C 109 6.11 -43.72 65.36
CA PRO C 109 6.03 -45.03 64.73
C PRO C 109 7.21 -45.92 65.09
N THR C 110 6.99 -47.23 64.98
CA THR C 110 7.92 -48.28 65.37
C THR C 110 8.39 -49.01 64.13
N ARG C 111 7.49 -49.09 63.14
CA ARG C 111 7.76 -49.73 61.87
C ARG C 111 7.36 -48.82 60.71
N GLU C 112 7.85 -49.17 59.52
CA GLU C 112 7.55 -48.42 58.31
C GLU C 112 6.24 -48.86 57.67
N PHE C 113 5.78 -48.06 56.72
CA PHE C 113 4.56 -48.35 55.98
C PHE C 113 4.58 -49.77 55.41
N ASN C 114 3.47 -50.48 55.55
CA ASN C 114 3.40 -51.83 55.02
C ASN C 114 1.99 -52.35 54.73
N ALA C 115 1.94 -53.58 54.22
CA ALA C 115 0.70 -54.18 53.77
C ALA C 115 -0.38 -54.14 54.84
N ASP C 116 0.01 -54.22 56.11
CA ASP C 116 -0.94 -54.12 57.22
C ASP C 116 -1.65 -52.77 57.26
N ASP C 117 -0.96 -51.71 56.86
CA ASP C 117 -1.63 -50.41 56.85
C ASP C 117 -2.67 -50.37 55.76
N VAL C 118 -2.31 -50.84 54.57
CA VAL C 118 -3.24 -50.79 53.45
C VAL C 118 -4.51 -51.56 53.83
N ILE C 119 -4.32 -52.79 54.30
CA ILE C 119 -5.40 -53.66 54.76
C ILE C 119 -6.29 -53.06 55.87
N PHE C 120 -5.69 -52.44 56.88
CA PHE C 120 -6.49 -51.78 57.90
C PHE C 120 -7.27 -50.56 57.38
N THR C 121 -6.62 -49.76 56.54
CA THR C 121 -7.19 -48.50 56.04
C THR C 121 -8.41 -48.78 55.19
N PHE C 122 -8.27 -49.71 54.24
CA PHE C 122 -9.37 -49.97 53.34
C PHE C 122 -10.40 -50.96 53.88
N SER C 123 -10.00 -51.88 54.73
CA SER C 123 -10.95 -52.78 55.35
C SER C 123 -11.84 -51.98 56.30
N ARG C 124 -11.33 -50.86 56.82
CA ARG C 124 -12.19 -50.02 57.64
C ARG C 124 -13.51 -49.74 56.95
N LEU C 125 -13.47 -49.57 55.64
CA LEU C 125 -14.63 -49.07 54.92
C LEU C 125 -15.77 -50.10 54.87
N PHE C 126 -15.45 -51.38 55.04
CA PHE C 126 -16.46 -52.39 54.81
C PHE C 126 -16.54 -53.49 55.88
N ASP C 127 -15.44 -53.72 56.58
CA ASP C 127 -15.35 -54.94 57.39
C ASP C 127 -15.82 -54.73 58.82
N VAL C 128 -16.95 -55.33 59.17
CA VAL C 128 -17.53 -55.22 60.52
C VAL C 128 -16.68 -55.86 61.61
N TYR C 129 -15.52 -56.39 61.27
CA TYR C 129 -14.63 -56.95 62.27
C TYR C 129 -13.42 -56.05 62.47
N ASN C 130 -13.27 -55.09 61.57
CA ASN C 130 -12.27 -54.05 61.75
C ASN C 130 -12.81 -53.18 62.86
N PRO C 131 -12.02 -53.01 63.94
CA PRO C 131 -12.47 -52.28 65.14
C PRO C 131 -12.91 -50.84 64.84
N TYR C 132 -12.25 -50.20 63.88
CA TYR C 132 -12.54 -48.82 63.54
C TYR C 132 -13.67 -48.67 62.53
N HIS C 133 -14.22 -49.77 62.07
CA HIS C 133 -15.27 -49.68 61.06
C HIS C 133 -16.38 -48.79 61.55
N PHE C 134 -16.67 -48.88 62.85
CA PHE C 134 -17.81 -48.20 63.45
C PHE C 134 -17.47 -46.90 64.14
N VAL C 135 -16.20 -46.49 64.14
CA VAL C 135 -15.91 -45.18 64.70
C VAL C 135 -15.91 -44.09 63.64
N GLY C 136 -16.66 -43.03 63.91
CA GLY C 136 -17.64 -43.04 64.98
C GLY C 136 -18.98 -43.25 64.30
N ASP C 137 -18.97 -43.04 62.98
CA ASP C 137 -20.20 -42.99 62.22
C ASP C 137 -20.50 -44.29 61.45
N ALA C 138 -19.44 -45.04 61.13
CA ALA C 138 -19.52 -46.02 60.07
C ALA C 138 -19.89 -45.29 58.79
N ASN C 139 -19.70 -43.97 58.80
CA ASN C 139 -19.97 -43.19 57.60
C ASN C 139 -18.71 -42.86 56.79
N TYR C 140 -18.67 -43.39 55.56
CA TYR C 140 -17.58 -43.18 54.62
C TYR C 140 -18.16 -42.70 53.30
N PRO C 141 -18.54 -41.41 53.28
CA PRO C 141 -19.46 -40.87 52.27
C PRO C 141 -19.00 -41.08 50.86
N TYR C 142 -17.72 -40.84 50.55
CA TYR C 142 -17.30 -40.97 49.16
C TYR C 142 -17.37 -42.40 48.66
N PHE C 143 -16.77 -43.31 49.42
CA PHE C 143 -16.72 -44.73 49.06
C PHE C 143 -18.12 -45.37 49.00
N GLN C 144 -19.00 -44.96 49.90
CA GLN C 144 -20.36 -45.49 49.86
C GLN C 144 -21.10 -45.04 48.61
N SER C 145 -20.99 -43.74 48.27
CA SER C 145 -21.67 -43.20 47.09
C SER C 145 -21.22 -43.87 45.82
N VAL C 146 -19.96 -44.32 45.85
CA VAL C 146 -19.28 -44.83 44.68
C VAL C 146 -19.32 -46.38 44.59
N GLY C 147 -19.90 -47.03 45.59
CA GLY C 147 -20.05 -48.47 45.59
C GLY C 147 -18.93 -49.29 46.23
N ILE C 148 -17.76 -48.68 46.43
CA ILE C 148 -16.60 -49.41 46.92
C ILE C 148 -16.76 -50.19 48.22
N ASP C 149 -17.48 -49.65 49.19
CA ASP C 149 -17.69 -50.37 50.44
C ASP C 149 -18.47 -51.68 50.27
N GLN C 150 -19.08 -51.89 49.11
CA GLN C 150 -19.85 -53.12 48.88
C GLN C 150 -19.15 -54.01 47.88
N LEU C 151 -18.17 -53.44 47.20
CA LEU C 151 -17.42 -54.10 46.13
C LEU C 151 -16.29 -54.97 46.68
N ILE C 152 -15.52 -54.47 47.63
CA ILE C 152 -14.38 -55.22 48.14
C ILE C 152 -14.80 -56.40 49.04
N ARG C 153 -14.42 -57.61 48.64
CA ARG C 153 -14.72 -58.79 49.45
C ARG C 153 -13.65 -59.03 50.53
N LYS C 154 -12.39 -58.85 50.16
CA LYS C 154 -11.26 -59.08 51.07
C LYS C 154 -10.03 -58.34 50.57
N ILE C 155 -9.11 -58.09 51.50
CA ILE C 155 -7.82 -57.57 51.13
C ILE C 155 -6.76 -58.56 51.67
N VAL C 156 -6.05 -59.19 50.74
CA VAL C 156 -5.13 -60.26 51.07
C VAL C 156 -3.72 -59.75 51.32
N ARG C 157 -3.12 -60.21 52.41
CA ARG C 157 -1.73 -59.93 52.70
C ARG C 157 -0.82 -60.88 51.92
N VAL C 158 -0.50 -60.55 50.68
CA VAL C 158 0.32 -61.50 49.92
C VAL C 158 1.80 -61.47 50.34
N SER C 159 2.23 -60.37 50.94
CA SER C 159 3.55 -60.32 51.54
C SER C 159 3.66 -59.02 52.31
N ASP C 160 4.83 -58.73 52.86
CA ASP C 160 5.03 -57.53 53.66
C ASP C 160 4.68 -56.25 52.87
N HIS C 161 4.90 -56.29 51.57
CA HIS C 161 4.85 -55.10 50.73
C HIS C 161 4.07 -55.44 49.49
N GLN C 162 3.02 -56.23 49.70
CA GLN C 162 2.14 -56.58 48.63
C GLN C 162 0.80 -56.93 49.22
N VAL C 163 -0.26 -56.47 48.56
CA VAL C 163 -1.61 -56.68 49.04
C VAL C 163 -2.49 -56.97 47.84
N ARG C 164 -3.55 -57.75 48.00
CA ARG C 164 -4.40 -58.03 46.87
C ARG C 164 -5.87 -57.86 47.20
N PHE C 165 -6.49 -56.89 46.52
CA PHE C 165 -7.90 -56.57 46.67
C PHE C 165 -8.72 -57.57 45.88
N GLU C 166 -9.59 -58.32 46.56
CA GLU C 166 -10.56 -59.21 45.92
C GLU C 166 -11.94 -58.56 45.82
N LEU C 167 -12.41 -58.37 44.59
CA LEU C 167 -13.69 -57.74 44.33
C LEU C 167 -14.77 -58.78 44.08
N PHE C 168 -16.02 -58.46 44.42
CA PHE C 168 -17.15 -59.35 44.15
C PHE C 168 -17.40 -59.49 42.66
N ASN C 169 -16.88 -58.53 41.88
CA ASN C 169 -17.02 -58.56 40.43
C ASN C 169 -16.12 -57.53 39.78
N ALA C 170 -15.76 -57.79 38.54
CA ALA C 170 -14.96 -56.86 37.77
C ALA C 170 -15.66 -55.50 37.76
N GLU C 171 -14.89 -54.44 37.90
CA GLU C 171 -15.44 -53.09 37.91
C GLU C 171 -14.41 -52.12 37.35
N SER C 172 -14.72 -51.54 36.19
CA SER C 172 -13.74 -50.70 35.51
C SER C 172 -13.24 -49.54 36.37
N SER C 173 -14.10 -49.05 37.28
CA SER C 173 -13.81 -47.80 37.98
C SER C 173 -12.99 -47.94 39.26
N PHE C 174 -12.68 -49.17 39.68
CA PHE C 174 -11.94 -49.39 40.93
C PHE C 174 -10.59 -48.68 41.01
N LEU C 175 -9.71 -48.86 40.03
CA LEU C 175 -8.46 -48.10 40.04
C LEU C 175 -8.61 -46.55 40.13
N ALA C 176 -9.57 -45.97 39.40
CA ALA C 176 -9.77 -44.52 39.41
C ALA C 176 -10.19 -44.09 40.79
N ASN C 177 -11.11 -44.85 41.36
CA ASN C 177 -11.57 -44.61 42.71
C ASN C 177 -10.43 -44.72 43.75
N MET C 178 -9.50 -45.65 43.52
CA MET C 178 -8.31 -45.74 44.38
C MET C 178 -7.35 -44.55 44.20
N ALA C 179 -7.60 -43.72 43.21
CA ALA C 179 -6.71 -42.59 42.97
C ALA C 179 -7.31 -41.26 43.39
N THR C 180 -8.48 -41.30 44.01
CA THR C 180 -9.17 -40.09 44.45
C THR C 180 -8.54 -39.56 45.75
N ASP C 181 -8.78 -38.29 46.05
CA ASP C 181 -8.29 -37.63 47.27
C ASP C 181 -8.65 -38.42 48.55
N PHE C 182 -9.69 -39.25 48.47
CA PHE C 182 -10.21 -39.91 49.65
C PHE C 182 -9.49 -41.20 49.96
N ALA C 183 -8.73 -41.69 48.98
CA ALA C 183 -8.12 -42.99 49.10
C ALA C 183 -6.73 -42.88 49.75
N VAL C 184 -6.66 -42.14 50.86
CA VAL C 184 -5.41 -41.92 51.57
C VAL C 184 -5.06 -43.15 52.43
N VAL C 185 -3.77 -43.29 52.77
CA VAL C 185 -3.31 -44.41 53.56
C VAL C 185 -3.08 -44.01 55.02
N LEU C 186 -3.79 -44.67 55.94
CA LEU C 186 -3.69 -44.35 57.36
C LEU C 186 -2.75 -45.33 58.07
N SER C 187 -2.48 -45.04 59.34
CA SER C 187 -1.56 -45.84 60.12
C SER C 187 -2.25 -46.84 61.03
N LYS C 188 -2.03 -48.14 60.79
CA LYS C 188 -2.58 -49.15 61.66
C LYS C 188 -1.91 -49.09 63.02
N GLU C 189 -0.63 -48.77 63.06
CA GLU C 189 0.05 -48.74 64.35
C GLU C 189 -0.60 -47.73 65.28
N TYR C 190 -0.81 -46.52 64.76
CA TYR C 190 -1.40 -45.44 65.55
C TYR C 190 -2.81 -45.83 65.92
N ALA C 191 -3.55 -46.38 64.96
CA ALA C 191 -4.90 -46.87 65.19
C ALA C 191 -4.96 -47.87 66.35
N MET C 192 -4.10 -48.89 66.30
CA MET C 192 -4.09 -49.89 67.35
C MET C 192 -3.58 -49.34 68.68
N ALA C 193 -2.58 -48.47 68.64
CA ALA C 193 -2.15 -47.77 69.87
C ALA C 193 -3.32 -47.02 70.55
N LEU C 194 -4.13 -46.32 69.77
CA LEU C 194 -5.26 -45.60 70.35
C LEU C 194 -6.33 -46.54 70.86
N LYS C 195 -6.69 -47.53 70.06
CA LYS C 195 -7.66 -48.54 70.49
C LYS C 195 -7.26 -49.14 71.84
N ALA C 196 -5.97 -49.36 72.05
CA ALA C 196 -5.55 -50.01 73.28
C ALA C 196 -5.88 -49.08 74.45
N ASN C 197 -5.87 -47.78 74.16
CA ASN C 197 -6.17 -46.74 75.14
C ASN C 197 -7.66 -46.48 75.31
N ASN C 198 -8.48 -47.04 74.42
CA ASN C 198 -9.89 -46.66 74.31
C ASN C 198 -10.07 -45.18 73.95
N GLN C 199 -9.12 -44.66 73.17
CA GLN C 199 -9.21 -43.29 72.66
C GLN C 199 -9.32 -43.29 71.13
N GLU C 200 -10.21 -44.15 70.63
CA GLU C 200 -10.42 -44.32 69.18
C GLU C 200 -10.72 -43.01 68.43
N ASN C 201 -11.44 -42.11 69.10
CA ASN C 201 -11.84 -40.85 68.49
C ASN C 201 -10.69 -39.87 68.31
N LEU C 202 -9.51 -40.21 68.81
CA LEU C 202 -8.37 -39.36 68.56
C LEU C 202 -7.86 -39.57 67.14
N PHE C 203 -8.18 -40.73 66.56
CA PHE C 203 -7.61 -41.18 65.28
C PHE C 203 -7.93 -40.24 64.13
N ASP C 204 -9.22 -39.95 63.95
CA ASP C 204 -9.67 -39.09 62.86
C ASP C 204 -9.48 -37.63 63.21
N GLN C 205 -9.22 -37.35 64.47
CA GLN C 205 -9.12 -35.98 64.97
C GLN C 205 -7.66 -35.50 64.94
N TYR C 206 -6.73 -36.40 65.22
CA TYR C 206 -5.32 -36.07 65.25
C TYR C 206 -4.56 -37.00 64.34
N PRO C 207 -4.32 -36.54 63.11
CA PRO C 207 -3.90 -37.37 61.98
C PRO C 207 -2.44 -37.87 62.02
N VAL C 208 -2.23 -39.05 61.47
CA VAL C 208 -0.90 -39.55 61.16
C VAL C 208 -0.97 -40.00 59.71
N GLY C 209 -0.18 -39.38 58.85
CA GLY C 209 -0.17 -39.73 57.44
C GLY C 209 1.25 -40.01 57.00
N THR C 210 1.47 -40.30 55.72
CA THR C 210 2.82 -40.36 55.18
C THR C 210 3.15 -39.09 54.38
N GLY C 211 2.20 -38.15 54.38
CA GLY C 211 2.27 -36.93 53.56
C GLY C 211 3.40 -35.94 53.82
N PRO C 212 3.52 -34.95 52.93
CA PRO C 212 4.65 -34.00 52.95
C PRO C 212 4.65 -33.06 54.18
N TYR C 213 3.48 -32.86 54.79
CA TYR C 213 3.35 -31.98 55.94
C TYR C 213 2.69 -32.71 57.13
N ILE C 214 2.96 -32.24 58.33
CA ILE C 214 2.56 -32.94 59.55
C ILE C 214 1.69 -32.04 60.43
N TYR C 215 0.72 -32.63 61.10
CA TYR C 215 -0.22 -31.85 61.91
C TYR C 215 0.50 -31.28 63.13
N LYS C 216 0.27 -29.99 63.40
CA LYS C 216 0.84 -29.34 64.59
C LYS C 216 -0.26 -28.88 65.55
N GLU C 217 -1.30 -28.22 65.03
CA GLU C 217 -2.29 -27.53 65.86
C GLU C 217 -3.55 -27.11 65.08
N TYR C 218 -4.69 -27.15 65.76
CA TYR C 218 -5.95 -26.71 65.19
C TYR C 218 -6.71 -25.88 66.23
N ARG C 219 -7.03 -24.64 65.86
CA ARG C 219 -7.83 -23.77 66.72
C ARG C 219 -9.14 -23.44 66.03
N ARG C 220 -10.23 -24.01 66.53
CA ARG C 220 -11.55 -23.78 65.94
C ARG C 220 -11.71 -22.31 65.51
N ASP C 221 -12.21 -22.08 64.30
CA ASP C 221 -12.50 -20.73 63.81
C ASP C 221 -11.28 -19.80 63.68
N HIS C 222 -10.08 -20.33 63.87
CA HIS C 222 -8.89 -19.48 63.88
C HIS C 222 -7.91 -19.93 62.81
N LEU C 223 -7.17 -21.00 63.11
CA LEU C 223 -6.24 -21.54 62.14
C LEU C 223 -5.99 -23.05 62.26
N VAL C 224 -5.42 -23.61 61.21
CA VAL C 224 -4.78 -24.91 61.35
C VAL C 224 -3.33 -24.73 60.92
N ARG C 225 -2.44 -25.44 61.59
CA ARG C 225 -1.01 -25.31 61.37
C ARG C 225 -0.40 -26.67 61.05
N PHE C 226 0.34 -26.76 59.95
CA PHE C 226 1.02 -28.02 59.58
C PHE C 226 2.50 -27.74 59.51
N TYR C 227 3.36 -28.72 59.75
CA TYR C 227 4.78 -28.50 59.48
C TYR C 227 5.44 -29.50 58.56
N LYS C 228 6.64 -29.13 58.11
CA LYS C 228 7.37 -29.90 57.11
C LYS C 228 7.67 -31.31 57.60
N ASN C 229 7.39 -32.29 56.74
CA ASN C 229 7.83 -33.64 57.01
C ASN C 229 9.25 -33.78 56.49
N ALA C 230 10.23 -33.70 57.41
CA ALA C 230 11.63 -33.76 57.01
C ALA C 230 11.95 -35.15 56.49
N ASP C 231 11.07 -36.10 56.77
CA ASP C 231 11.26 -37.50 56.36
C ASP C 231 10.58 -37.88 55.03
N TYR C 232 9.81 -36.95 54.46
CA TYR C 232 8.98 -37.26 53.27
C TYR C 232 9.73 -38.08 52.21
N TRP C 233 9.09 -39.13 51.72
CA TRP C 233 9.75 -40.05 50.79
C TRP C 233 9.81 -39.54 49.33
N LYS C 234 8.81 -38.76 48.92
CA LYS C 234 8.71 -38.35 47.51
C LYS C 234 9.63 -37.20 47.09
N HIS C 235 9.85 -36.24 47.98
CA HIS C 235 10.75 -35.13 47.66
C HIS C 235 10.99 -34.26 48.88
N GLU C 236 12.05 -33.45 48.84
CA GLU C 236 12.34 -32.54 49.93
C GLU C 236 11.28 -31.47 49.97
N VAL C 237 10.43 -31.52 50.98
CA VAL C 237 9.38 -30.51 51.14
C VAL C 237 9.98 -29.09 51.15
N ALA C 238 9.37 -28.19 50.38
CA ALA C 238 9.98 -26.88 50.10
C ALA C 238 9.76 -25.86 51.21
N LEU C 239 8.59 -25.92 51.85
CA LEU C 239 8.25 -25.01 52.93
C LEU C 239 8.43 -25.66 54.29
N GLU C 240 8.74 -24.84 55.29
CA GLU C 240 8.89 -25.31 56.64
C GLU C 240 7.53 -25.37 57.35
N GLN C 241 6.57 -24.56 56.89
CA GLN C 241 5.31 -24.42 57.61
C GLN C 241 4.15 -24.02 56.71
N LEU C 242 2.97 -24.60 56.95
CA LEU C 242 1.75 -24.18 56.28
C LEU C 242 0.79 -23.68 57.32
N VAL C 243 0.22 -22.51 57.10
CA VAL C 243 -0.81 -22.01 58.00
C VAL C 243 -2.13 -21.75 57.28
N TYR C 244 -3.19 -22.37 57.80
CA TYR C 244 -4.51 -22.19 57.25
C TYR C 244 -5.31 -21.18 58.07
N ASP C 245 -5.45 -19.98 57.52
CA ASP C 245 -6.12 -18.88 58.19
C ASP C 245 -7.61 -19.04 57.90
N ILE C 246 -8.36 -19.51 58.88
CA ILE C 246 -9.78 -19.74 58.67
C ILE C 246 -10.48 -18.39 58.56
N THR C 247 -10.90 -18.07 57.35
CA THR C 247 -11.46 -16.76 57.01
C THR C 247 -12.68 -16.95 56.11
N PRO C 248 -13.82 -17.24 56.74
CA PRO C 248 -15.11 -17.55 56.11
C PRO C 248 -15.57 -16.49 55.12
N ASN C 249 -15.17 -15.24 55.32
CA ASN C 249 -15.58 -14.18 54.40
C ASN C 249 -14.71 -14.03 53.14
N GLY C 250 -15.33 -14.27 51.99
CA GLY C 250 -14.64 -14.22 50.71
C GLY C 250 -14.01 -12.87 50.44
N THR C 251 -14.72 -11.79 50.78
CA THR C 251 -14.17 -10.46 50.55
C THR C 251 -12.97 -10.21 51.48
N THR C 252 -13.05 -10.64 52.72
CA THR C 252 -11.89 -10.53 53.60
C THR C 252 -10.70 -11.28 53.00
N ARG C 253 -10.98 -12.46 52.46
CA ARG C 253 -9.92 -13.30 51.92
C ARG C 253 -9.19 -12.62 50.79
N ILE C 254 -9.93 -11.89 49.96
CA ILE C 254 -9.31 -11.18 48.85
C ILE C 254 -8.48 -10.05 49.41
N ALA C 255 -9.04 -9.34 50.37
CA ALA C 255 -8.35 -8.25 51.03
C ALA C 255 -7.03 -8.74 51.56
N LYS C 256 -7.06 -9.95 52.13
CA LYS C 256 -5.90 -10.49 52.81
C LYS C 256 -4.76 -10.85 51.84
N ILE C 257 -5.10 -11.07 50.57
CA ILE C 257 -4.07 -11.25 49.55
C ILE C 257 -3.41 -9.90 49.30
N LEU C 258 -4.23 -8.86 49.26
CA LEU C 258 -3.76 -7.51 48.93
C LEU C 258 -2.76 -7.02 49.96
N THR C 259 -3.06 -7.29 51.22
CA THR C 259 -2.19 -6.88 52.31
C THR C 259 -1.05 -7.84 52.49
N LYS C 260 -1.03 -8.92 51.71
CA LYS C 260 -0.01 -9.95 51.86
C LYS C 260 -0.17 -10.78 53.13
N GLU C 261 -1.29 -10.64 53.82
CA GLU C 261 -1.53 -11.46 55.01
C GLU C 261 -1.79 -12.95 54.71
N CYS C 262 -2.35 -13.25 53.54
CA CYS C 262 -2.39 -14.61 52.99
C CYS C 262 -1.59 -14.64 51.69
N ASP C 263 -1.01 -15.78 51.34
CA ASP C 263 -0.34 -15.92 50.05
C ASP C 263 -1.22 -16.56 49.00
N VAL C 264 -2.27 -17.25 49.42
CA VAL C 264 -3.13 -17.97 48.49
C VAL C 264 -4.56 -18.00 48.98
N THR C 265 -5.52 -17.79 48.09
CA THR C 265 -6.92 -17.75 48.52
C THR C 265 -7.73 -18.88 48.03
N ALA C 266 -8.30 -19.62 48.98
CA ALA C 266 -9.27 -20.68 48.73
C ALA C 266 -10.46 -20.11 48.00
N HIS C 267 -10.59 -20.43 46.73
CA HIS C 267 -11.75 -19.98 45.95
C HIS C 267 -12.09 -18.52 46.19
N PRO C 268 -12.28 -17.79 45.11
CA PRO C 268 -13.16 -16.63 45.20
C PRO C 268 -14.12 -16.71 44.03
N SER C 269 -14.90 -15.66 43.78
CA SER C 269 -15.74 -15.59 42.58
C SER C 269 -15.10 -14.68 41.51
N SER C 270 -15.67 -14.65 40.31
CA SER C 270 -15.09 -13.88 39.22
C SER C 270 -15.12 -12.39 39.55
N ALA C 271 -16.24 -11.94 40.11
CA ALA C 271 -16.44 -10.55 40.48
C ALA C 271 -15.38 -10.10 41.49
N GLN C 272 -15.28 -10.84 42.59
CA GLN C 272 -14.27 -10.60 43.60
C GLN C 272 -12.90 -10.36 42.95
N LEU C 273 -12.53 -11.22 42.02
CA LEU C 273 -11.16 -11.24 41.52
C LEU C 273 -10.68 -9.95 40.87
N SER C 274 -11.57 -9.24 40.19
CA SER C 274 -11.21 -8.08 39.35
C SER C 274 -10.12 -7.18 39.94
N ILE C 275 -10.22 -6.91 41.23
CA ILE C 275 -9.28 -6.01 41.90
C ILE C 275 -7.84 -6.53 41.85
N LEU C 276 -7.68 -7.84 41.67
CA LEU C 276 -6.35 -8.46 41.73
C LEU C 276 -5.64 -8.49 40.39
N ALA C 277 -6.38 -8.32 39.30
CA ALA C 277 -5.78 -8.32 37.97
C ALA C 277 -4.93 -7.05 37.78
N GLN C 278 -5.31 -5.99 38.49
CA GLN C 278 -4.61 -4.71 38.40
C GLN C 278 -3.17 -4.77 38.91
N ARG C 279 -2.82 -5.90 39.54
CA ARG C 279 -1.58 -6.01 40.29
C ARG C 279 -0.47 -6.81 39.58
N ASP C 280 0.77 -6.48 39.90
CA ASP C 280 1.95 -7.12 39.32
C ASP C 280 2.38 -8.28 40.20
N ASP C 281 2.10 -8.13 41.48
CA ASP C 281 2.59 -9.04 42.49
C ASP C 281 1.53 -10.10 42.90
N ILE C 282 0.50 -10.26 42.08
CA ILE C 282 -0.56 -11.23 42.36
C ILE C 282 -0.91 -12.02 41.12
N ASN C 283 -1.13 -13.33 41.29
CA ASN C 283 -1.67 -14.16 40.22
C ASN C 283 -3.12 -14.59 40.45
N VAL C 284 -3.92 -14.47 39.40
CA VAL C 284 -5.29 -14.92 39.43
C VAL C 284 -5.42 -16.02 38.40
N GLU C 285 -6.00 -17.14 38.80
CA GLU C 285 -6.09 -18.27 37.89
C GLU C 285 -7.52 -18.71 37.77
N ARG C 286 -7.85 -19.33 36.65
CA ARG C 286 -9.17 -19.91 36.48
C ARG C 286 -9.07 -21.19 35.67
N GLU C 287 -9.59 -22.27 36.22
CA GLU C 287 -9.64 -23.54 35.52
C GLU C 287 -11.08 -24.00 35.54
N THR C 288 -11.64 -24.30 34.38
CA THR C 288 -12.99 -24.81 34.41
C THR C 288 -12.95 -26.22 35.00
N ASN C 289 -13.82 -26.45 35.98
CA ASN C 289 -13.78 -27.66 36.76
C ASN C 289 -14.56 -28.77 36.10
N LEU C 290 -14.18 -30.00 36.38
CA LEU C 290 -14.86 -31.15 35.82
C LEU C 290 -16.26 -31.31 36.42
N ASN C 291 -17.22 -30.61 35.82
CA ASN C 291 -18.60 -30.78 36.23
C ASN C 291 -19.54 -30.29 35.15
N ILE C 292 -20.81 -30.63 35.29
CA ILE C 292 -21.82 -30.23 34.34
C ILE C 292 -23.16 -30.04 35.03
N GLY C 293 -23.79 -28.90 34.73
CA GLY C 293 -25.14 -28.65 35.17
C GLY C 293 -26.01 -28.77 33.94
N TYR C 294 -27.18 -29.38 34.07
CA TYR C 294 -27.99 -29.69 32.90
C TYR C 294 -29.47 -29.67 33.22
N TRP C 295 -30.27 -29.87 32.19
CA TRP C 295 -31.69 -30.06 32.34
C TRP C 295 -32.01 -31.45 31.73
N ALA C 296 -32.45 -32.40 32.56
CA ALA C 296 -32.74 -33.73 32.04
C ALA C 296 -34.25 -33.96 31.91
N PHE C 297 -34.65 -34.69 30.87
CA PHE C 297 -36.05 -35.02 30.64
C PHE C 297 -36.31 -36.47 30.97
N ASN C 298 -37.46 -36.74 31.56
CA ASN C 298 -37.89 -38.11 31.82
C ASN C 298 -38.33 -38.74 30.50
N THR C 299 -37.39 -39.38 29.81
CA THR C 299 -37.63 -39.79 28.45
C THR C 299 -38.63 -40.95 28.33
N GLU C 300 -39.12 -41.44 29.46
CA GLU C 300 -40.14 -42.49 29.41
C GLU C 300 -41.52 -41.93 29.74
N ARG C 301 -41.56 -40.64 29.99
CA ARG C 301 -42.83 -40.02 30.36
C ARG C 301 -43.30 -39.11 29.25
N PRO C 302 -44.48 -39.42 28.68
CA PRO C 302 -45.04 -38.52 27.68
C PRO C 302 -45.48 -37.20 28.32
N PRO C 303 -45.30 -36.09 27.59
CA PRO C 303 -44.94 -36.14 26.18
C PRO C 303 -43.44 -36.04 25.98
N PHE C 304 -42.69 -36.24 27.07
CA PHE C 304 -41.24 -36.02 27.06
C PHE C 304 -40.52 -37.18 26.39
N ASP C 305 -41.23 -38.28 26.17
CA ASP C 305 -40.68 -39.40 25.41
C ASP C 305 -40.45 -39.06 23.93
N ASN C 306 -40.89 -37.87 23.51
CA ASN C 306 -40.85 -37.45 22.11
C ASN C 306 -39.70 -36.50 21.80
N LEU C 307 -38.70 -36.97 21.07
CA LEU C 307 -37.55 -36.16 20.70
C LEU C 307 -37.94 -34.75 20.27
N LYS C 308 -38.99 -34.66 19.47
CA LYS C 308 -39.53 -33.38 18.99
C LYS C 308 -39.90 -32.43 20.14
N VAL C 309 -40.62 -32.96 21.11
CA VAL C 309 -40.97 -32.23 22.32
C VAL C 309 -39.70 -31.78 23.03
N ARG C 310 -38.76 -32.70 23.24
CA ARG C 310 -37.52 -32.34 23.90
C ARG C 310 -36.82 -31.19 23.15
N GLN C 311 -36.80 -31.29 21.82
CA GLN C 311 -36.13 -30.24 21.06
C GLN C 311 -36.86 -28.90 21.19
N ALA C 312 -38.19 -28.90 21.05
CA ALA C 312 -38.96 -27.67 21.24
C ALA C 312 -38.68 -27.00 22.60
N LEU C 313 -38.72 -27.76 23.67
CA LEU C 313 -38.47 -27.23 25.02
C LEU C 313 -37.11 -26.54 25.15
N VAL C 314 -36.07 -27.11 24.53
CA VAL C 314 -34.72 -26.57 24.67
C VAL C 314 -34.49 -25.30 23.83
N HIS C 315 -35.14 -25.24 22.67
CA HIS C 315 -35.11 -24.04 21.84
C HIS C 315 -35.78 -22.84 22.51
N ALA C 316 -36.63 -23.07 23.50
CA ALA C 316 -37.37 -21.96 24.14
C ALA C 316 -36.61 -21.23 25.24
N ILE C 317 -35.50 -21.81 25.69
CA ILE C 317 -34.82 -21.30 26.87
C ILE C 317 -33.81 -20.22 26.53
N ASP C 318 -33.96 -19.05 27.14
CA ASP C 318 -32.93 -18.06 27.01
C ASP C 318 -31.81 -18.45 27.94
N ILE C 319 -30.94 -19.32 27.49
CA ILE C 319 -29.91 -19.74 28.42
C ILE C 319 -28.79 -18.69 28.66
N GLU C 320 -28.62 -17.75 27.71
CA GLU C 320 -27.74 -16.62 27.96
C GLU C 320 -28.20 -15.76 29.16
N LYS C 321 -29.52 -15.59 29.30
CA LYS C 321 -30.08 -14.94 30.48
C LYS C 321 -29.66 -15.74 31.70
N ILE C 322 -29.79 -17.06 31.61
CA ILE C 322 -29.40 -17.93 32.70
C ILE C 322 -27.93 -17.76 33.06
N MET C 323 -27.07 -17.70 32.06
CA MET C 323 -25.65 -17.54 32.34
C MET C 323 -25.46 -16.29 33.18
N GLN C 324 -26.21 -15.25 32.85
CA GLN C 324 -26.07 -13.96 33.52
C GLN C 324 -26.67 -13.90 34.93
N ALA C 325 -27.87 -14.46 35.07
CA ALA C 325 -28.64 -14.34 36.31
C ALA C 325 -28.55 -15.55 37.22
N VAL C 326 -27.92 -16.61 36.74
CA VAL C 326 -27.66 -17.73 37.64
C VAL C 326 -26.17 -17.84 37.96
N TYR C 327 -25.35 -17.85 36.92
CA TYR C 327 -23.93 -18.11 37.12
C TYR C 327 -23.11 -16.87 37.43
N TYR C 328 -23.68 -15.70 37.19
CA TYR C 328 -23.00 -14.45 37.54
C TYR C 328 -21.50 -14.52 37.34
N GLY C 329 -21.08 -14.90 36.14
CA GLY C 329 -19.68 -14.90 35.77
C GLY C 329 -18.86 -16.15 36.08
N ASN C 330 -19.38 -17.04 36.93
CA ASN C 330 -18.61 -18.20 37.42
C ASN C 330 -18.91 -19.49 36.68
N GLY C 331 -19.41 -19.37 35.45
CA GLY C 331 -19.78 -20.52 34.65
C GLY C 331 -19.36 -20.41 33.20
N LEU C 332 -19.06 -21.56 32.60
CA LEU C 332 -18.78 -21.70 31.18
C LEU C 332 -20.02 -22.29 30.54
N ARG C 333 -20.51 -21.64 29.50
CA ARG C 333 -21.59 -22.16 28.70
C ARG C 333 -21.14 -23.47 28.12
N ALA C 334 -21.96 -24.50 28.24
CA ALA C 334 -21.54 -25.83 27.78
C ALA C 334 -21.61 -25.97 26.27
N ARG C 335 -20.57 -26.61 25.69
CA ARG C 335 -20.52 -27.01 24.27
C ARG C 335 -20.54 -28.54 24.14
N SER C 336 -20.65 -29.20 25.28
CA SER C 336 -20.82 -30.64 25.35
C SER C 336 -21.32 -30.95 26.75
N ILE C 337 -21.63 -32.21 27.03
CA ILE C 337 -21.83 -32.58 28.41
C ILE C 337 -20.47 -32.51 29.10
N LEU C 338 -19.40 -32.62 28.31
CA LEU C 338 -18.05 -32.56 28.85
C LEU C 338 -17.53 -31.14 28.73
N PRO C 339 -16.87 -30.66 29.78
CA PRO C 339 -16.23 -29.35 29.78
C PRO C 339 -14.93 -29.46 28.98
N PRO C 340 -14.46 -28.35 28.40
CA PRO C 340 -13.22 -28.46 27.60
C PRO C 340 -12.01 -28.94 28.40
N THR C 341 -12.11 -29.01 29.72
CA THR C 341 -10.98 -29.49 30.53
C THR C 341 -10.89 -31.01 30.62
N SER C 342 -11.88 -31.70 30.05
CA SER C 342 -11.87 -33.16 29.94
C SER C 342 -11.06 -33.50 28.72
N TRP C 343 -10.15 -34.49 28.84
CA TRP C 343 -9.34 -34.88 27.68
C TRP C 343 -10.17 -35.40 26.51
N ALA C 344 -11.40 -35.81 26.79
CA ALA C 344 -12.27 -36.31 25.73
C ALA C 344 -13.20 -35.26 25.17
N PHE C 345 -13.15 -34.04 25.70
CA PHE C 345 -14.08 -33.00 25.26
C PHE C 345 -14.11 -32.85 23.76
N GLU C 346 -15.31 -32.68 23.22
CA GLU C 346 -15.46 -32.41 21.80
C GLU C 346 -16.61 -31.45 21.57
N PRO C 347 -16.29 -30.31 20.94
CA PRO C 347 -17.26 -29.25 20.62
C PRO C 347 -18.35 -29.80 19.73
N GLN C 348 -19.59 -29.73 20.18
CA GLN C 348 -20.71 -30.19 19.38
C GLN C 348 -21.27 -29.03 18.59
N LYS C 349 -21.59 -29.24 17.31
CA LYS C 349 -22.05 -28.11 16.51
C LYS C 349 -23.53 -28.23 16.10
N ASN C 350 -24.23 -29.20 16.68
CA ASN C 350 -25.67 -29.22 16.50
C ASN C 350 -26.40 -28.60 17.70
N MET C 351 -25.70 -27.71 18.42
CA MET C 351 -26.22 -27.14 19.65
C MET C 351 -27.47 -26.30 19.40
N PRO C 352 -28.58 -26.65 20.07
CA PRO C 352 -29.85 -25.99 19.76
C PRO C 352 -29.73 -24.49 20.01
N ILE C 353 -30.38 -23.74 19.12
CA ILE C 353 -30.40 -22.30 19.20
C ILE C 353 -31.61 -21.87 20.05
N PHE C 354 -31.42 -20.80 20.80
CA PHE C 354 -32.55 -20.18 21.45
C PHE C 354 -33.43 -19.61 20.36
N ASP C 355 -34.55 -20.28 20.08
CA ASP C 355 -35.52 -19.77 19.10
C ASP C 355 -36.96 -20.15 19.42
N PRO C 356 -37.71 -19.25 20.06
CA PRO C 356 -39.10 -19.52 20.44
C PRO C 356 -40.00 -19.80 19.24
N GLN C 357 -39.74 -19.18 18.09
CA GLN C 357 -40.50 -19.48 16.88
C GLN C 357 -40.33 -20.94 16.45
N LEU C 358 -39.09 -21.43 16.47
CA LEU C 358 -38.81 -22.83 16.20
C LEU C 358 -39.51 -23.72 17.22
N ALA C 359 -39.36 -23.36 18.50
CA ALA C 359 -39.96 -24.10 19.59
C ALA C 359 -41.47 -24.30 19.37
N LYS C 360 -42.17 -23.24 19.00
CA LYS C 360 -43.61 -23.33 18.81
C LYS C 360 -43.94 -24.18 17.58
N LYS C 361 -43.21 -23.99 16.49
CA LYS C 361 -43.40 -24.84 15.33
C LYS C 361 -43.25 -26.30 15.76
N LEU C 362 -42.15 -26.59 16.44
CA LEU C 362 -41.87 -27.97 16.82
C LEU C 362 -42.96 -28.53 17.73
N LEU C 363 -43.36 -27.74 18.73
CA LEU C 363 -44.41 -28.17 19.63
C LEU C 363 -45.74 -28.45 18.91
N THR C 364 -46.19 -27.50 18.09
CA THR C 364 -47.44 -27.67 17.36
C THR C 364 -47.35 -28.83 16.35
N GLU C 365 -46.16 -29.05 15.78
CA GLU C 365 -45.93 -30.16 14.86
C GLU C 365 -45.98 -31.54 15.52
N ALA C 366 -45.48 -31.64 16.75
CA ALA C 366 -45.60 -32.88 17.52
C ALA C 366 -47.03 -33.01 18.01
N GLY C 367 -47.78 -31.91 17.87
CA GLY C 367 -49.10 -31.80 18.46
C GLY C 367 -49.11 -30.57 19.37
N TYR C 368 -49.25 -30.82 20.66
CA TYR C 368 -49.14 -29.80 21.70
C TYR C 368 -48.73 -28.39 21.24
N GLU C 369 -49.59 -27.63 20.55
CA GLU C 369 -50.99 -27.90 20.27
C GLU C 369 -51.69 -26.58 19.89
N LYS C 370 -51.52 -25.54 20.71
CA LYS C 370 -50.50 -25.48 21.75
C LYS C 370 -50.97 -25.76 23.17
N GLY C 371 -50.01 -26.02 24.05
CA GLY C 371 -50.25 -26.05 25.48
C GLY C 371 -50.06 -27.38 26.21
N PHE C 372 -49.18 -27.38 27.22
CA PHE C 372 -49.22 -28.40 28.26
C PHE C 372 -48.60 -27.96 29.60
N ASP C 373 -49.01 -28.62 30.67
CA ASP C 373 -48.42 -28.39 31.98
C ASP C 373 -47.28 -29.37 32.23
N MET C 374 -46.14 -28.85 32.71
CA MET C 374 -45.07 -29.71 33.15
C MET C 374 -44.46 -29.21 34.46
N SER C 375 -43.72 -30.10 35.12
CA SER C 375 -42.98 -29.72 36.29
C SER C 375 -41.48 -29.69 35.96
N ILE C 376 -40.78 -28.76 36.57
CA ILE C 376 -39.32 -28.75 36.54
C ILE C 376 -38.80 -28.89 37.97
N TRP C 377 -38.16 -30.02 38.25
CA TRP C 377 -37.65 -30.24 39.59
C TRP C 377 -36.36 -29.50 39.82
N ALA C 378 -36.36 -28.63 40.83
CA ALA C 378 -35.23 -27.77 41.14
C ALA C 378 -34.39 -28.39 42.23
N MET C 379 -33.14 -28.69 41.92
CA MET C 379 -32.29 -29.26 42.93
C MET C 379 -32.17 -28.26 44.08
N PRO C 380 -32.36 -28.76 45.32
CA PRO C 380 -32.45 -28.01 46.59
C PRO C 380 -31.19 -27.22 47.00
N VAL C 381 -30.01 -27.81 46.89
CA VAL C 381 -28.77 -27.18 47.36
C VAL C 381 -28.05 -26.35 46.29
N SER C 382 -27.08 -25.55 46.72
CA SER C 382 -26.27 -24.75 45.79
C SER C 382 -24.99 -25.48 45.42
N ARG C 383 -24.62 -25.41 44.15
CA ARG C 383 -23.47 -26.14 43.63
C ARG C 383 -22.75 -25.32 42.55
N ILE C 384 -21.49 -25.66 42.32
CA ILE C 384 -20.65 -24.96 41.36
C ILE C 384 -21.31 -25.06 39.97
N TYR C 385 -21.86 -26.23 39.69
CA TYR C 385 -22.48 -26.52 38.40
C TYR C 385 -23.91 -25.98 38.28
N ASN C 386 -24.47 -25.58 39.40
CA ASN C 386 -25.76 -24.89 39.42
C ASN C 386 -25.95 -24.18 40.75
N PRO C 387 -25.39 -22.89 40.80
CA PRO C 387 -25.50 -22.28 42.13
C PRO C 387 -26.91 -21.87 42.54
N ASN C 388 -27.88 -22.01 41.65
CA ASN C 388 -29.25 -21.66 42.00
C ASN C 388 -30.34 -22.20 41.08
N ALA C 389 -30.66 -23.48 41.26
CA ALA C 389 -31.59 -24.14 40.38
C ALA C 389 -32.96 -23.46 40.44
N ARG C 390 -33.38 -23.06 41.63
CA ARG C 390 -34.68 -22.42 41.81
C ARG C 390 -34.81 -21.24 40.85
N LYS C 391 -33.81 -20.37 40.87
CA LYS C 391 -33.75 -19.22 39.98
C LYS C 391 -33.75 -19.64 38.51
N MET C 392 -32.95 -20.64 38.19
CA MET C 392 -32.95 -21.19 36.84
C MET C 392 -34.35 -21.64 36.41
N ALA C 393 -35.03 -22.44 37.23
CA ALA C 393 -36.41 -22.85 36.93
C ALA C 393 -37.32 -21.66 36.64
N GLU C 394 -37.24 -20.63 37.48
CA GLU C 394 -38.08 -19.44 37.36
C GLU C 394 -37.90 -18.78 36.00
N LEU C 395 -36.64 -18.60 35.61
CA LEU C 395 -36.34 -18.08 34.30
C LEU C 395 -36.93 -19.01 33.23
N MET C 396 -36.68 -20.31 33.36
CA MET C 396 -37.21 -21.25 32.37
C MET C 396 -38.72 -21.23 32.35
N GLN C 397 -39.30 -21.08 33.54
CA GLN C 397 -40.73 -20.99 33.69
C GLN C 397 -41.29 -19.80 32.93
N SER C 398 -40.54 -18.71 32.93
CA SER C 398 -40.97 -17.51 32.22
C SER C 398 -40.92 -17.73 30.70
N ASP C 399 -39.77 -18.17 30.21
CA ASP C 399 -39.59 -18.53 28.80
C ASP C 399 -40.65 -19.52 28.27
N LEU C 400 -40.98 -20.53 29.06
CA LEU C 400 -41.89 -21.56 28.57
C LEU C 400 -43.34 -21.09 28.53
N ARG C 401 -43.66 -20.06 29.32
CA ARG C 401 -44.98 -19.44 29.28
C ARG C 401 -45.32 -18.98 27.86
N LYS C 402 -44.30 -18.48 27.16
CA LYS C 402 -44.47 -17.87 25.85
C LYS C 402 -44.76 -18.87 24.75
N ILE C 403 -44.75 -20.14 25.11
CA ILE C 403 -44.78 -21.21 24.14
C ILE C 403 -45.98 -22.08 24.46
N GLY C 404 -46.64 -21.73 25.56
CA GLY C 404 -47.84 -22.40 26.02
C GLY C 404 -47.54 -23.53 26.99
N VAL C 405 -46.33 -23.52 27.55
CA VAL C 405 -45.94 -24.52 28.53
C VAL C 405 -45.89 -23.90 29.91
N ASN C 406 -46.82 -24.32 30.76
CA ASN C 406 -46.92 -23.82 32.13
C ASN C 406 -46.09 -24.70 33.02
N VAL C 407 -45.06 -24.10 33.61
CA VAL C 407 -44.15 -24.82 34.50
C VAL C 407 -44.60 -24.74 35.95
N ASN C 408 -44.50 -25.89 36.61
CA ASN C 408 -44.68 -25.99 38.04
C ASN C 408 -43.34 -26.33 38.71
N ILE C 409 -42.72 -25.34 39.32
CA ILE C 409 -41.41 -25.53 39.94
C ILE C 409 -41.50 -26.40 41.19
N VAL C 410 -40.87 -27.57 41.15
CA VAL C 410 -40.97 -28.54 42.23
C VAL C 410 -39.68 -28.61 42.98
N GLU C 411 -39.78 -28.69 44.30
CA GLU C 411 -38.62 -28.57 45.16
C GLU C 411 -38.77 -29.42 46.41
N TYR C 412 -37.87 -30.39 46.57
CA TYR C 412 -37.80 -31.16 47.79
C TYR C 412 -36.47 -30.94 48.49
N GLU C 413 -36.42 -31.25 49.78
CA GLU C 413 -35.16 -31.38 50.48
C GLU C 413 -34.34 -32.43 49.73
N TRP C 414 -33.02 -32.41 49.91
CA TRP C 414 -32.13 -33.25 49.12
C TRP C 414 -32.47 -34.74 49.06
N ASN C 415 -32.39 -35.44 50.19
CA ASN C 415 -32.56 -36.90 50.22
C ASN C 415 -33.82 -37.42 49.51
N THR C 416 -34.97 -36.76 49.75
CA THR C 416 -36.19 -37.11 49.03
C THR C 416 -35.97 -36.81 47.55
N PHE C 417 -35.48 -35.60 47.27
CA PHE C 417 -35.25 -35.17 45.91
C PHE C 417 -34.61 -36.28 45.08
N ILE C 418 -33.45 -36.75 45.52
CA ILE C 418 -32.64 -37.74 44.81
C ILE C 418 -33.23 -39.14 44.85
N GLN C 419 -33.99 -39.41 45.90
CA GLN C 419 -34.77 -40.63 46.00
C GLN C 419 -35.81 -40.62 44.87
N ARG C 420 -36.63 -39.58 44.85
CA ARG C 420 -37.68 -39.45 43.86
C ARG C 420 -37.15 -39.32 42.43
N ILE C 421 -36.04 -38.62 42.25
CA ILE C 421 -35.46 -38.58 40.91
C ILE C 421 -35.04 -40.00 40.49
N GLY C 422 -34.33 -40.70 41.38
CA GLY C 422 -33.98 -42.08 41.12
C GLY C 422 -35.18 -42.98 40.84
N GLU C 423 -36.33 -42.64 41.40
CA GLU C 423 -37.57 -43.37 41.13
C GLU C 423 -38.30 -42.89 39.86
N HIS C 424 -37.68 -41.97 39.11
CA HIS C 424 -38.24 -41.45 37.88
C HIS C 424 -39.65 -40.90 38.06
N ARG C 425 -39.84 -40.11 39.11
CA ARG C 425 -41.13 -39.53 39.42
C ARG C 425 -41.35 -38.16 38.80
N HIS C 426 -40.32 -37.61 38.20
CA HIS C 426 -40.31 -36.25 37.67
C HIS C 426 -40.63 -36.17 36.19
N ASP C 427 -40.99 -34.98 35.72
CA ASP C 427 -41.12 -34.73 34.29
C ASP C 427 -39.77 -34.35 33.75
N SER C 428 -39.10 -33.42 34.43
CA SER C 428 -37.78 -32.96 34.03
C SER C 428 -37.12 -32.38 35.28
N VAL C 429 -35.80 -32.24 35.25
CA VAL C 429 -35.09 -31.89 36.45
C VAL C 429 -33.83 -31.06 36.14
N LEU C 430 -33.64 -30.00 36.92
CA LEU C 430 -32.41 -29.23 36.86
C LEU C 430 -31.50 -29.82 37.94
N LEU C 431 -30.46 -30.49 37.48
CA LEU C 431 -29.57 -31.23 38.36
C LEU C 431 -28.18 -31.11 37.75
N GLY C 432 -27.19 -31.75 38.34
CA GLY C 432 -25.84 -31.69 37.80
C GLY C 432 -24.95 -32.72 38.42
N TRP C 433 -23.68 -32.71 38.02
CA TRP C 433 -22.73 -33.74 38.40
C TRP C 433 -21.33 -33.15 38.42
N ALA C 434 -20.64 -33.33 39.54
CA ALA C 434 -19.21 -33.07 39.61
C ALA C 434 -18.55 -34.43 39.49
N ALA C 435 -17.68 -34.57 38.49
CA ALA C 435 -17.05 -35.87 38.26
C ALA C 435 -16.32 -36.35 39.51
N ASP C 436 -16.41 -37.64 39.81
CA ASP C 436 -15.74 -38.20 40.98
C ASP C 436 -14.32 -38.53 40.60
N THR C 437 -14.06 -38.58 39.29
CA THR C 437 -12.76 -38.94 38.76
C THR C 437 -12.54 -38.21 37.44
N PRO C 438 -11.28 -38.00 37.05
CA PRO C 438 -11.04 -37.30 35.78
C PRO C 438 -11.09 -38.27 34.59
N ASP C 439 -11.66 -39.44 34.82
CA ASP C 439 -11.92 -40.37 33.73
C ASP C 439 -13.22 -39.99 32.99
N PRO C 440 -13.11 -39.62 31.71
CA PRO C 440 -14.33 -39.17 31.02
C PRO C 440 -15.46 -40.20 31.10
N ASP C 441 -15.15 -41.49 31.26
CA ASP C 441 -16.22 -42.46 31.50
C ASP C 441 -17.18 -42.00 32.59
N ASN C 442 -16.67 -41.19 33.51
CA ASN C 442 -17.43 -40.81 34.69
C ASN C 442 -18.54 -39.79 34.42
N PHE C 443 -18.50 -39.17 33.24
CA PHE C 443 -19.58 -38.32 32.80
C PHE C 443 -20.69 -39.12 32.10
N PHE C 444 -20.40 -40.35 31.70
CA PHE C 444 -21.34 -41.08 30.87
C PHE C 444 -22.02 -42.22 31.60
N SER C 445 -21.23 -43.13 32.13
CA SER C 445 -21.75 -44.36 32.70
C SER C 445 -22.66 -44.18 33.92
N PRO C 446 -22.32 -43.25 34.83
CA PRO C 446 -23.15 -42.90 35.99
C PRO C 446 -24.41 -42.12 35.65
N LEU C 447 -24.35 -41.27 34.62
CA LEU C 447 -25.45 -40.38 34.30
C LEU C 447 -26.50 -40.98 33.37
N LEU C 448 -26.06 -41.68 32.33
CA LEU C 448 -26.93 -41.93 31.18
C LEU C 448 -26.99 -43.37 30.70
N SER C 449 -26.24 -44.27 31.33
CA SER C 449 -26.24 -45.68 30.90
C SER C 449 -27.51 -46.38 31.37
N CYS C 450 -27.80 -47.53 30.78
CA CYS C 450 -28.98 -48.32 31.17
C CYS C 450 -28.85 -48.83 32.58
N THR C 451 -27.64 -49.17 32.98
CA THR C 451 -27.43 -49.67 34.33
C THR C 451 -27.75 -48.56 35.33
N ALA C 452 -27.38 -47.33 34.99
CA ALA C 452 -27.69 -46.18 35.83
C ALA C 452 -29.20 -45.95 35.98
N THR C 453 -29.97 -46.32 34.97
CA THR C 453 -31.42 -46.27 35.08
C THR C 453 -31.91 -47.34 36.06
N PHE C 454 -31.23 -48.48 36.02
CA PHE C 454 -31.53 -49.62 36.87
C PHE C 454 -30.92 -49.45 38.28
N SER C 455 -30.34 -48.28 38.54
CA SER C 455 -29.73 -47.96 39.84
C SER C 455 -30.26 -46.63 40.41
N GLY C 456 -31.19 -46.02 39.68
CA GLY C 456 -31.73 -44.73 40.06
C GLY C 456 -30.68 -43.65 40.11
N LYS C 457 -29.82 -43.64 39.09
CA LYS C 457 -28.71 -42.70 39.01
C LYS C 457 -28.89 -41.82 37.78
N ASN C 458 -29.78 -42.25 36.90
CA ASN C 458 -29.95 -41.65 35.58
C ASN C 458 -31.18 -40.73 35.59
N PRO C 459 -30.93 -39.42 35.54
CA PRO C 459 -32.00 -38.42 35.69
C PRO C 459 -32.86 -38.34 34.44
N ALA C 460 -32.44 -39.03 33.39
CA ALA C 460 -33.17 -39.00 32.12
C ALA C 460 -33.99 -40.26 31.94
N ASN C 461 -33.83 -41.22 32.85
CA ASN C 461 -34.51 -42.49 32.73
C ASN C 461 -34.26 -43.06 31.33
N TRP C 462 -33.02 -42.91 30.89
CA TRP C 462 -32.68 -43.13 29.48
C TRP C 462 -31.83 -44.37 29.28
N CYS C 463 -32.35 -45.35 28.54
CA CYS C 463 -31.60 -46.57 28.22
C CYS C 463 -31.46 -46.76 26.71
N ASN C 464 -30.24 -46.61 26.23
CA ASN C 464 -29.94 -46.60 24.82
C ASN C 464 -28.70 -47.45 24.58
N PRO C 465 -28.91 -48.71 24.15
CA PRO C 465 -27.84 -49.70 24.04
C PRO C 465 -26.75 -49.31 23.04
N GLU C 466 -27.08 -48.59 21.97
CA GLU C 466 -26.06 -48.08 21.06
C GLU C 466 -25.14 -47.08 21.76
N PHE C 467 -25.72 -46.25 22.62
CA PHE C 467 -24.97 -45.34 23.46
C PHE C 467 -24.16 -46.14 24.45
N ASP C 468 -24.81 -47.09 25.13
CA ASP C 468 -24.10 -47.93 26.08
C ASP C 468 -22.93 -48.68 25.45
N LEU C 469 -23.06 -49.08 24.19
CA LEU C 469 -22.02 -49.88 23.56
C LEU C 469 -20.72 -49.08 23.43
N LEU C 470 -20.85 -47.82 23.05
CA LEU C 470 -19.70 -46.92 22.94
C LEU C 470 -18.98 -46.82 24.27
N LEU C 471 -19.75 -46.75 25.35
CA LEU C 471 -19.16 -46.64 26.68
C LEU C 471 -18.37 -47.90 27.00
N THR C 472 -18.96 -49.04 26.63
CA THR C 472 -18.37 -50.35 26.91
C THR C 472 -17.16 -50.59 26.02
N LYS C 473 -17.24 -50.14 24.78
CA LYS C 473 -16.12 -50.26 23.85
C LYS C 473 -14.94 -49.36 24.22
N ALA C 474 -15.24 -48.15 24.70
CA ALA C 474 -14.18 -47.23 25.15
C ALA C 474 -13.42 -47.81 26.33
N LEU C 475 -14.16 -48.33 27.31
CA LEU C 475 -13.54 -48.95 28.48
C LEU C 475 -12.69 -50.15 28.11
N ASP C 476 -12.94 -50.70 26.92
CA ASP C 476 -12.25 -51.93 26.53
C ASP C 476 -10.93 -51.73 25.79
N THR C 477 -10.57 -50.48 25.51
CA THR C 477 -9.28 -50.21 24.87
C THR C 477 -8.38 -49.31 25.70
N THR C 478 -7.09 -49.62 25.68
CA THR C 478 -6.10 -48.89 26.48
C THR C 478 -5.39 -47.81 25.66
N ASP C 479 -5.86 -47.57 24.43
CA ASP C 479 -5.32 -46.47 23.65
C ASP C 479 -6.26 -45.28 23.72
N LEU C 480 -5.91 -44.34 24.59
CA LEU C 480 -6.69 -43.13 24.84
C LEU C 480 -7.17 -42.43 23.58
N ASN C 481 -6.37 -42.43 22.52
CA ASN C 481 -6.77 -41.77 21.28
C ASN C 481 -7.97 -42.48 20.65
N LEU C 482 -7.99 -43.80 20.77
CA LEU C 482 -9.08 -44.58 20.19
C LEU C 482 -10.36 -44.40 21.02
N ARG C 483 -10.20 -44.36 22.34
CA ARG C 483 -11.32 -44.00 23.19
C ARG C 483 -12.00 -42.71 22.71
N LYS C 484 -11.19 -41.69 22.45
CA LYS C 484 -11.69 -40.38 22.06
C LYS C 484 -12.69 -40.54 20.95
N GLN C 485 -12.39 -41.41 20.00
CA GLN C 485 -13.32 -41.71 18.92
C GLN C 485 -14.70 -42.08 19.48
N TYR C 486 -14.73 -43.00 20.43
CA TYR C 486 -16.00 -43.45 21.03
C TYR C 486 -16.69 -42.33 21.79
N TYR C 487 -15.91 -41.57 22.55
CA TYR C 487 -16.47 -40.52 23.39
C TYR C 487 -17.06 -39.38 22.56
N ASP C 488 -16.37 -38.98 21.49
CA ASP C 488 -16.92 -38.03 20.52
C ASP C 488 -18.28 -38.53 20.05
N ALA C 489 -18.40 -39.85 19.84
CA ALA C 489 -19.66 -40.40 19.35
C ALA C 489 -20.74 -40.40 20.43
N ALA C 490 -20.32 -40.52 21.69
CA ALA C 490 -21.25 -40.40 22.81
C ALA C 490 -21.75 -38.97 22.97
N GLN C 491 -20.85 -38.00 22.83
CA GLN C 491 -21.25 -36.61 23.01
C GLN C 491 -22.28 -36.16 21.99
N SER C 492 -22.10 -36.60 20.74
CA SER C 492 -23.03 -36.21 19.69
C SER C 492 -24.41 -36.81 19.93
N MET C 493 -24.42 -38.07 20.36
CA MET C 493 -25.69 -38.75 20.62
C MET C 493 -26.53 -37.99 21.67
N ILE C 494 -25.85 -37.43 22.67
CA ILE C 494 -26.54 -36.71 23.74
C ILE C 494 -27.27 -35.51 23.18
N ILE C 495 -26.57 -34.77 22.31
CA ILE C 495 -27.12 -33.59 21.66
C ILE C 495 -28.20 -33.95 20.66
N GLU C 496 -28.05 -35.07 19.95
CA GLU C 496 -29.05 -35.48 18.99
C GLU C 496 -30.33 -35.97 19.68
N GLN C 497 -30.18 -36.74 20.76
CA GLN C 497 -31.34 -37.27 21.48
C GLN C 497 -31.81 -36.44 22.66
N LEU C 498 -30.97 -35.53 23.15
CA LEU C 498 -31.35 -34.68 24.27
C LEU C 498 -32.11 -35.42 25.40
N PRO C 499 -31.53 -36.49 25.96
CA PRO C 499 -32.11 -37.04 27.19
C PRO C 499 -31.93 -36.02 28.30
N LEU C 500 -30.84 -35.27 28.22
CA LEU C 500 -30.60 -34.13 29.08
C LEU C 500 -29.96 -33.03 28.24
N TYR C 501 -30.10 -31.79 28.67
CA TYR C 501 -29.49 -30.68 27.95
C TYR C 501 -28.39 -30.05 28.80
N PRO C 502 -27.13 -30.10 28.31
CA PRO C 502 -25.97 -29.54 29.01
C PRO C 502 -26.04 -28.02 28.96
N ILE C 503 -26.00 -27.39 30.12
CA ILE C 503 -26.25 -25.96 30.23
C ILE C 503 -24.92 -25.29 30.42
N ALA C 504 -24.28 -25.60 31.53
CA ALA C 504 -23.07 -24.90 31.94
C ALA C 504 -22.22 -25.75 32.84
N HIS C 505 -20.94 -25.38 32.88
CA HIS C 505 -19.96 -25.90 33.81
C HIS C 505 -19.55 -24.78 34.76
N GLY C 506 -19.25 -25.15 36.01
CA GLY C 506 -18.78 -24.21 37.01
C GLY C 506 -17.27 -24.09 36.92
N MET C 507 -16.72 -22.95 37.30
CA MET C 507 -15.27 -22.77 37.27
C MET C 507 -14.73 -22.61 38.67
N ARG C 508 -13.44 -22.83 38.83
CA ARG C 508 -12.78 -22.50 40.09
C ARG C 508 -11.78 -21.39 39.84
N PHE C 509 -11.64 -20.53 40.82
CA PHE C 509 -10.70 -19.43 40.74
C PHE C 509 -9.75 -19.53 41.91
N GLN C 510 -8.53 -19.04 41.71
CA GLN C 510 -7.53 -19.02 42.76
C GLN C 510 -6.65 -17.79 42.59
N ALA C 511 -6.43 -17.08 43.68
CA ALA C 511 -5.57 -15.92 43.65
C ALA C 511 -4.48 -16.12 44.66
N SER C 512 -3.28 -15.70 44.30
CA SER C 512 -2.11 -15.90 45.12
C SER C 512 -1.08 -14.80 44.93
N SER C 513 -0.18 -14.66 45.90
CA SER C 513 1.03 -13.89 45.74
C SER C 513 1.84 -14.44 44.57
N ALA C 514 2.21 -13.58 43.63
CA ALA C 514 2.99 -14.02 42.46
C ALA C 514 4.34 -14.59 42.89
N ASP C 515 4.61 -14.51 44.20
CA ASP C 515 5.84 -15.05 44.74
C ASP C 515 5.79 -16.56 45.03
N VAL C 516 4.62 -17.19 44.92
CA VAL C 516 4.54 -18.64 45.12
C VAL C 516 4.29 -19.44 43.84
N GLU C 517 5.03 -20.53 43.68
CA GLU C 517 4.87 -21.41 42.53
C GLU C 517 4.64 -22.85 42.98
N GLY C 518 4.34 -23.71 42.03
CA GLY C 518 3.95 -25.09 42.31
C GLY C 518 2.56 -25.22 42.89
N ILE C 519 1.64 -24.38 42.42
CA ILE C 519 0.32 -24.25 42.99
C ILE C 519 -0.75 -24.21 41.88
N THR C 520 -0.30 -24.46 40.67
CA THR C 520 -1.15 -24.31 39.48
C THR C 520 -2.50 -25.01 39.57
N LEU C 521 -3.56 -24.22 39.39
CA LEU C 521 -4.92 -24.70 39.57
C LEU C 521 -5.27 -25.75 38.53
N GLY C 522 -5.93 -26.82 38.96
CA GLY C 522 -6.31 -27.90 38.07
C GLY C 522 -7.81 -28.02 37.88
N PRO C 523 -8.23 -28.77 36.85
CA PRO C 523 -9.65 -28.95 36.53
C PRO C 523 -10.34 -29.95 37.43
N PHE C 524 -9.57 -30.77 38.15
CA PHE C 524 -10.15 -31.82 38.98
C PHE C 524 -9.41 -32.03 40.29
N GLY C 525 -10.17 -32.31 41.34
CA GLY C 525 -9.58 -32.68 42.63
C GLY C 525 -9.49 -31.57 43.64
N ALA C 526 -9.22 -31.94 44.89
CA ALA C 526 -8.96 -30.97 45.94
C ALA C 526 -7.71 -30.16 45.66
N ILE C 527 -7.64 -28.97 46.24
CA ILE C 527 -6.45 -28.14 46.21
C ILE C 527 -5.28 -28.90 46.79
N SER C 528 -4.12 -28.71 46.21
CA SER C 528 -2.90 -29.35 46.70
C SER C 528 -1.77 -28.36 46.84
N LEU C 529 -1.10 -28.41 47.99
CA LEU C 529 0.03 -27.55 48.27
C LEU C 529 1.31 -28.37 48.44
N ALA C 530 1.26 -29.62 48.00
CA ALA C 530 2.36 -30.55 48.21
C ALA C 530 3.64 -30.07 47.52
N ASN C 531 3.48 -29.26 46.48
CA ASN C 531 4.62 -28.67 45.80
C ASN C 531 4.74 -27.16 45.95
N ALA C 532 3.87 -26.59 46.79
CA ALA C 532 3.92 -25.16 47.09
C ALA C 532 5.36 -24.75 47.34
N ARG C 533 5.77 -23.68 46.66
CA ARG C 533 7.14 -23.17 46.78
C ARG C 533 7.09 -21.65 46.83
N LYS C 534 7.95 -21.04 47.64
CA LYS C 534 7.91 -19.60 47.87
C LYS C 534 9.31 -18.99 47.95
N GLY D 30 18.00 15.91 -26.91
CA GLY D 30 16.80 16.28 -26.18
C GLY D 30 15.61 16.59 -27.07
N LEU D 31 14.49 15.90 -26.85
CA LEU D 31 13.29 16.17 -27.66
C LEU D 31 12.09 16.30 -26.74
N VAL D 32 11.16 17.20 -27.08
CA VAL D 32 9.98 17.45 -26.26
C VAL D 32 8.75 17.21 -27.09
N TYR D 33 7.96 16.24 -26.67
CA TYR D 33 6.72 15.88 -27.33
C TYR D 33 5.57 16.46 -26.52
N CYS D 34 4.72 17.27 -27.16
CA CYS D 34 3.55 17.80 -26.48
C CYS D 34 2.50 16.72 -26.36
N ALA D 35 2.37 16.12 -25.17
CA ALA D 35 1.41 15.04 -24.94
C ALA D 35 0.04 15.58 -24.52
N GLU D 36 -1.03 14.88 -24.89
CA GLU D 36 -2.37 15.38 -24.64
C GLU D 36 -2.98 14.96 -23.30
N ALA D 37 -2.23 14.22 -22.47
CA ALA D 37 -2.82 13.63 -21.27
C ALA D 37 -1.85 12.83 -20.44
N ASN D 38 -2.05 12.81 -19.13
CA ASN D 38 -1.22 11.99 -18.25
C ASN D 38 -1.33 10.54 -18.65
N PRO D 39 -0.21 9.80 -18.54
CA PRO D 39 -0.30 8.35 -18.67
C PRO D 39 -1.17 7.84 -17.54
N VAL D 40 -2.07 6.87 -17.78
CA VAL D 40 -2.82 6.27 -16.69
C VAL D 40 -2.10 5.04 -16.12
N SER D 41 -1.01 4.63 -16.76
CA SER D 41 -0.15 3.56 -16.25
C SER D 41 1.18 3.58 -16.98
N PHE D 42 2.18 2.90 -16.44
CA PHE D 42 3.41 2.72 -17.20
C PHE D 42 3.59 1.30 -17.75
N ASN D 43 2.55 0.48 -17.66
CA ASN D 43 2.57 -0.83 -18.28
C ASN D 43 1.47 -0.98 -19.32
N PRO D 44 1.86 -1.10 -20.60
CA PRO D 44 0.86 -1.19 -21.68
C PRO D 44 -0.14 -2.33 -21.49
N GLN D 45 0.24 -3.36 -20.74
CA GLN D 45 -0.61 -4.53 -20.54
C GLN D 45 -1.98 -4.15 -20.00
N VAL D 46 -2.01 -3.17 -19.11
CA VAL D 46 -3.19 -2.94 -18.31
C VAL D 46 -4.14 -1.87 -18.85
N THR D 47 -3.81 -1.28 -19.99
CA THR D 47 -4.69 -0.26 -20.55
C THR D 47 -4.70 -0.26 -22.06
N THR D 48 -5.83 0.13 -22.66
CA THR D 48 -5.88 0.43 -24.08
C THR D 48 -5.98 1.94 -24.37
N THR D 49 -5.74 2.78 -23.36
CA THR D 49 -5.84 4.24 -23.56
C THR D 49 -4.76 4.80 -24.47
N GLY D 50 -5.20 5.17 -25.67
CA GLY D 50 -4.31 5.59 -26.73
C GLY D 50 -3.24 6.56 -26.31
N SER D 51 -3.64 7.66 -25.65
CA SER D 51 -2.68 8.67 -25.28
C SER D 51 -1.63 8.17 -24.27
N THR D 52 -1.91 7.08 -23.56
CA THR D 52 -0.91 6.51 -22.65
C THR D 52 0.07 5.64 -23.41
N ILE D 53 -0.48 4.76 -24.25
CA ILE D 53 0.34 3.87 -25.06
C ILE D 53 1.33 4.66 -25.91
N ASP D 54 0.84 5.74 -26.53
CA ASP D 54 1.69 6.68 -27.28
C ASP D 54 2.91 7.12 -26.51
N ILE D 55 2.78 7.23 -25.20
CA ILE D 55 3.87 7.73 -24.39
C ILE D 55 4.85 6.61 -23.99
N ILE D 56 4.29 5.50 -23.54
CA ILE D 56 5.08 4.44 -22.89
C ILE D 56 5.57 3.28 -23.78
N ALA D 57 4.67 2.66 -24.56
CA ALA D 57 5.00 1.41 -25.27
C ALA D 57 6.33 1.35 -26.08
N ASN D 58 6.49 2.17 -27.12
CA ASN D 58 7.67 2.05 -27.97
C ASN D 58 8.96 2.69 -27.41
N GLN D 59 8.81 3.46 -26.35
CA GLN D 59 9.92 4.17 -25.76
C GLN D 59 10.65 3.34 -24.69
N LEU D 60 9.89 2.71 -23.80
CA LEU D 60 10.48 2.05 -22.65
C LEU D 60 10.68 0.56 -22.89
N TYR D 61 9.97 0.01 -23.86
CA TYR D 61 9.91 -1.45 -24.03
C TYR D 61 10.28 -1.96 -25.42
N ASP D 62 10.39 -3.28 -25.51
CA ASP D 62 10.48 -4.01 -26.78
C ASP D 62 9.50 -5.18 -26.78
N ARG D 63 8.91 -5.41 -27.95
CA ARG D 63 8.14 -6.61 -28.23
C ARG D 63 9.03 -7.81 -28.58
N LEU D 64 8.42 -9.00 -28.71
CA LEU D 64 9.14 -10.20 -29.20
C LEU D 64 9.34 -10.09 -30.70
N ILE D 65 8.30 -9.66 -31.38
CA ILE D 65 8.33 -9.44 -32.82
C ILE D 65 7.55 -8.18 -33.15
N SER D 66 7.75 -7.71 -34.38
CA SER D 66 7.01 -6.59 -34.91
C SER D 66 6.67 -6.85 -36.37
N ILE D 67 6.14 -5.82 -37.02
CA ILE D 67 5.71 -5.91 -38.41
C ILE D 67 6.53 -4.98 -39.28
N ASP D 68 6.91 -5.47 -40.45
CA ASP D 68 7.62 -4.69 -41.43
C ASP D 68 6.60 -3.86 -42.21
N PRO D 69 6.76 -2.53 -42.20
CA PRO D 69 5.77 -1.60 -42.78
C PRO D 69 5.68 -1.73 -44.31
N VAL D 70 6.77 -2.11 -44.97
CA VAL D 70 6.73 -2.29 -46.41
C VAL D 70 6.30 -3.70 -46.85
N THR D 71 6.83 -4.73 -46.21
CA THR D 71 6.54 -6.10 -46.61
C THR D 71 5.34 -6.72 -45.91
N ALA D 72 4.99 -6.19 -44.74
CA ALA D 72 3.94 -6.78 -43.91
C ALA D 72 4.38 -8.12 -43.33
N GLU D 73 5.68 -8.41 -43.44
CA GLU D 73 6.26 -9.60 -42.82
C GLU D 73 6.54 -9.38 -41.33
N PHE D 74 6.56 -10.45 -40.56
CA PHE D 74 7.00 -10.38 -39.17
C PHE D 74 8.49 -10.09 -39.06
N LYS D 75 8.86 -9.27 -38.10
CA LYS D 75 10.24 -8.81 -37.96
C LYS D 75 10.76 -9.10 -36.56
N SER D 76 12.01 -9.53 -36.48
CA SER D 76 12.61 -9.87 -35.21
C SER D 76 12.82 -8.67 -34.29
N GLU D 77 12.48 -8.86 -33.02
CA GLU D 77 12.83 -7.87 -32.02
C GLU D 77 13.52 -8.50 -30.81
N LEU D 78 12.80 -9.02 -29.82
CA LEU D 78 13.52 -9.69 -28.74
C LEU D 78 13.65 -11.17 -29.13
N ALA D 79 12.75 -11.62 -30.00
CA ALA D 79 12.86 -12.97 -30.55
C ALA D 79 13.57 -12.88 -31.89
N THR D 80 14.56 -13.76 -32.09
CA THR D 80 15.34 -13.79 -33.32
C THR D 80 14.76 -14.80 -34.31
N ASP D 81 13.84 -15.63 -33.82
CA ASP D 81 13.17 -16.58 -34.69
C ASP D 81 11.95 -17.20 -34.02
N TRP D 82 11.05 -17.74 -34.82
CA TRP D 82 9.81 -18.28 -34.31
C TRP D 82 9.31 -19.40 -35.22
N LYS D 83 8.71 -20.41 -34.62
CA LYS D 83 8.28 -21.57 -35.38
C LYS D 83 6.91 -22.01 -34.91
N ILE D 84 6.04 -22.27 -35.86
CA ILE D 84 4.71 -22.73 -35.55
C ILE D 84 4.51 -24.21 -35.95
N SER D 85 4.31 -25.07 -34.96
CA SER D 85 4.11 -26.50 -35.16
C SER D 85 3.10 -26.79 -36.28
N LYS D 86 3.15 -28.01 -36.81
CA LYS D 86 2.29 -28.36 -37.93
C LYS D 86 0.83 -28.27 -37.57
N ASP D 87 0.47 -28.69 -36.36
CA ASP D 87 -0.94 -28.57 -35.94
C ASP D 87 -1.38 -27.13 -35.63
N GLY D 88 -0.41 -26.22 -35.50
CA GLY D 88 -0.71 -24.83 -35.20
C GLY D 88 -0.91 -24.50 -33.74
N LYS D 89 -0.72 -25.48 -32.87
CA LYS D 89 -0.96 -25.32 -31.43
C LYS D 89 0.30 -25.05 -30.61
N SER D 90 1.47 -24.98 -31.23
CA SER D 90 2.69 -24.63 -30.50
C SER D 90 3.56 -23.62 -31.25
N VAL D 91 3.72 -22.43 -30.71
CA VAL D 91 4.63 -21.47 -31.29
C VAL D 91 5.87 -21.31 -30.41
N THR D 92 7.05 -21.53 -30.97
CA THR D 92 8.28 -21.43 -30.20
C THR D 92 9.10 -20.21 -30.62
N PHE D 93 9.59 -19.47 -29.64
CA PHE D 93 10.40 -18.30 -29.90
C PHE D 93 11.79 -18.58 -29.42
N THR D 94 12.76 -18.23 -30.27
CA THR D 94 14.16 -18.21 -29.89
C THR D 94 14.50 -16.79 -29.46
N LEU D 95 15.07 -16.65 -28.26
CA LEU D 95 15.25 -15.34 -27.67
C LEU D 95 16.62 -14.73 -27.92
N ARG D 96 16.61 -13.44 -28.22
CA ARG D 96 17.84 -12.67 -28.40
C ARG D 96 18.74 -12.74 -27.16
N LYS D 97 20.04 -12.92 -27.39
CA LYS D 97 21.03 -12.95 -26.33
C LYS D 97 21.69 -11.60 -25.99
N GLY D 98 22.01 -11.41 -24.72
CA GLY D 98 22.77 -10.27 -24.25
C GLY D 98 21.94 -9.02 -24.13
N VAL D 99 20.64 -9.22 -23.91
CA VAL D 99 19.72 -8.10 -23.80
C VAL D 99 19.56 -7.69 -22.35
N LYS D 100 19.92 -6.44 -22.06
CA LYS D 100 19.84 -5.89 -20.71
C LYS D 100 18.57 -5.10 -20.40
N PHE D 101 18.00 -5.37 -19.24
CA PHE D 101 16.92 -4.58 -18.73
C PHE D 101 17.49 -3.26 -18.19
N HIS D 102 16.63 -2.26 -18.10
CA HIS D 102 17.08 -0.94 -17.68
C HIS D 102 17.71 -1.02 -16.30
N THR D 103 18.80 -0.28 -16.11
CA THR D 103 19.19 0.12 -14.78
C THR D 103 18.52 1.47 -14.50
N THR D 104 17.62 1.49 -13.51
CA THR D 104 16.91 2.72 -13.16
C THR D 104 17.37 3.21 -11.79
N ALA D 105 16.83 4.32 -11.32
CA ALA D 105 17.17 4.77 -9.98
C ALA D 105 16.69 3.75 -8.95
N TYR D 106 15.73 2.92 -9.35
CA TYR D 106 15.07 2.01 -8.41
C TYR D 106 15.40 0.54 -8.60
N PHE D 107 15.96 0.19 -9.75
CA PHE D 107 16.27 -1.20 -9.99
C PHE D 107 17.56 -1.43 -10.81
N THR D 108 18.37 -2.38 -10.36
CA THR D 108 19.55 -2.78 -11.09
C THR D 108 19.50 -4.28 -11.34
N PRO D 109 19.46 -4.67 -12.62
CA PRO D 109 19.34 -6.07 -13.03
C PRO D 109 20.55 -6.90 -12.59
N THR D 110 20.29 -8.19 -12.44
CA THR D 110 21.28 -9.15 -11.94
C THR D 110 21.58 -10.21 -12.99
N ARG D 111 20.62 -10.41 -13.89
CA ARG D 111 20.80 -11.30 -15.04
C ARG D 111 20.28 -10.60 -16.27
N GLU D 112 20.46 -11.20 -17.43
CA GLU D 112 19.91 -10.67 -18.66
C GLU D 112 18.56 -11.26 -19.04
N PHE D 113 17.95 -10.65 -20.06
CA PHE D 113 16.72 -11.14 -20.67
C PHE D 113 16.77 -12.62 -21.02
N ASN D 114 15.74 -13.35 -20.59
CA ASN D 114 15.63 -14.77 -20.90
C ASN D 114 14.20 -15.30 -20.87
N ALA D 115 14.07 -16.61 -21.09
CA ALA D 115 12.78 -17.28 -21.21
C ALA D 115 11.81 -16.93 -20.08
N ASP D 116 12.35 -16.85 -18.87
CA ASP D 116 11.51 -16.61 -17.69
C ASP D 116 10.76 -15.28 -17.76
N ASP D 117 11.36 -14.29 -18.39
CA ASP D 117 10.70 -12.98 -18.54
C ASP D 117 9.49 -13.08 -19.45
N VAL D 118 9.63 -13.83 -20.54
CA VAL D 118 8.55 -14.04 -21.48
C VAL D 118 7.40 -14.74 -20.78
N ILE D 119 7.77 -15.74 -19.98
CA ILE D 119 6.81 -16.56 -19.25
C ILE D 119 6.08 -15.77 -18.19
N PHE D 120 6.82 -14.98 -17.41
CA PHE D 120 6.16 -14.10 -16.43
C PHE D 120 5.23 -13.16 -17.17
N THR D 121 5.81 -12.40 -18.09
CA THR D 121 5.09 -11.36 -18.81
C THR D 121 3.76 -11.85 -19.34
N PHE D 122 3.76 -12.91 -20.13
CA PHE D 122 2.53 -13.28 -20.78
C PHE D 122 1.61 -14.16 -19.96
N SER D 123 2.17 -14.88 -18.99
CA SER D 123 1.33 -15.69 -18.13
C SER D 123 0.56 -14.81 -17.15
N ARG D 124 1.12 -13.64 -16.80
CA ARG D 124 0.34 -12.73 -15.99
C ARG D 124 -1.05 -12.55 -16.61
N LEU D 125 -1.12 -12.62 -17.92
CA LEU D 125 -2.37 -12.28 -18.61
C LEU D 125 -3.52 -13.26 -18.35
N PHE D 126 -3.21 -14.49 -17.93
CA PHE D 126 -4.23 -15.54 -17.94
C PHE D 126 -4.10 -16.57 -16.85
N ASP D 127 -2.93 -16.66 -16.22
CA ASP D 127 -2.63 -17.70 -15.26
C ASP D 127 -2.95 -17.27 -13.82
N VAL D 128 -4.03 -17.80 -13.24
CA VAL D 128 -4.48 -17.40 -11.91
C VAL D 128 -3.44 -17.68 -10.82
N TYR D 129 -2.40 -18.42 -11.18
CA TYR D 129 -1.29 -18.73 -10.28
C TYR D 129 -0.12 -17.76 -10.42
N ASN D 130 -0.08 -17.01 -11.50
CA ASN D 130 0.93 -15.97 -11.63
C ASN D 130 0.75 -14.92 -10.52
N PRO D 131 1.80 -14.68 -9.72
CA PRO D 131 1.73 -13.77 -8.57
C PRO D 131 1.24 -12.36 -8.92
N TYR D 132 1.29 -11.99 -10.21
CA TYR D 132 0.87 -10.66 -10.64
C TYR D 132 -0.46 -10.66 -11.36
N HIS D 133 -1.09 -11.82 -11.45
CA HIS D 133 -2.30 -11.92 -12.25
C HIS D 133 -3.41 -10.99 -11.73
N PHE D 134 -3.49 -10.87 -10.41
CA PHE D 134 -4.54 -10.05 -9.76
C PHE D 134 -4.12 -8.63 -9.33
N VAL D 135 -2.86 -8.27 -9.53
CA VAL D 135 -2.48 -6.89 -9.29
C VAL D 135 -2.80 -6.12 -10.56
N GLY D 136 -3.60 -5.07 -10.41
CA GLY D 136 -4.24 -4.76 -9.16
C GLY D 136 -5.69 -4.60 -9.56
N ASP D 137 -5.90 -4.32 -10.86
CA ASP D 137 -7.22 -4.36 -11.42
C ASP D 137 -7.51 -5.78 -11.89
N ALA D 138 -6.45 -6.49 -12.26
CA ALA D 138 -6.58 -7.80 -12.90
C ALA D 138 -7.23 -7.66 -14.27
N ASN D 139 -7.02 -6.50 -14.88
CA ASN D 139 -7.52 -6.21 -16.21
C ASN D 139 -6.38 -6.04 -17.20
N TYR D 140 -6.48 -6.76 -18.32
CA TYR D 140 -5.51 -6.69 -19.39
C TYR D 140 -6.33 -6.52 -20.66
N PRO D 141 -6.84 -5.29 -20.84
CA PRO D 141 -7.98 -5.09 -21.76
C PRO D 141 -7.71 -5.49 -23.22
N TYR D 142 -6.55 -5.16 -23.77
CA TYR D 142 -6.33 -5.52 -25.14
C TYR D 142 -6.41 -7.06 -25.30
N PHE D 143 -5.58 -7.76 -24.52
CA PHE D 143 -5.49 -9.21 -24.62
C PHE D 143 -6.82 -9.91 -24.33
N GLN D 144 -7.60 -9.37 -23.41
CA GLN D 144 -8.92 -9.94 -23.13
C GLN D 144 -9.83 -9.74 -24.34
N SER D 145 -9.71 -8.58 -24.98
CA SER D 145 -10.66 -8.21 -26.03
C SER D 145 -10.47 -9.11 -27.23
N VAL D 146 -9.21 -9.44 -27.50
CA VAL D 146 -8.86 -10.23 -28.66
C VAL D 146 -8.74 -11.72 -28.28
N GLY D 147 -9.16 -12.04 -27.06
CA GLY D 147 -9.25 -13.41 -26.60
C GLY D 147 -7.96 -14.15 -26.26
N ILE D 148 -6.82 -13.47 -26.41
CA ILE D 148 -5.53 -14.14 -26.18
C ILE D 148 -5.44 -14.79 -24.79
N ASP D 149 -6.21 -14.29 -23.82
CA ASP D 149 -6.13 -14.84 -22.46
C ASP D 149 -6.81 -16.20 -22.31
N GLN D 150 -7.77 -16.51 -23.16
CA GLN D 150 -8.38 -17.84 -23.12
C GLN D 150 -7.73 -18.80 -24.13
N LEU D 151 -6.86 -18.27 -24.98
CA LEU D 151 -6.24 -19.04 -26.03
C LEU D 151 -4.98 -19.77 -25.57
N ILE D 152 -4.13 -19.08 -24.82
CA ILE D 152 -2.88 -19.69 -24.38
C ILE D 152 -3.10 -20.69 -23.24
N ARG D 153 -2.65 -21.92 -23.43
CA ARG D 153 -2.76 -22.94 -22.40
C ARG D 153 -1.60 -22.87 -21.39
N LYS D 154 -0.38 -22.74 -21.89
CA LYS D 154 0.81 -22.71 -21.05
C LYS D 154 1.95 -22.11 -21.84
N ILE D 155 2.99 -21.68 -21.13
CA ILE D 155 4.18 -21.17 -21.78
C ILE D 155 5.33 -21.92 -21.15
N VAL D 156 6.05 -22.67 -21.97
CA VAL D 156 7.05 -23.62 -21.49
C VAL D 156 8.45 -23.08 -21.73
N ARG D 157 9.32 -23.20 -20.73
CA ARG D 157 10.72 -22.86 -20.97
C ARG D 157 11.34 -24.10 -21.56
N VAL D 158 12.03 -23.94 -22.69
CA VAL D 158 12.77 -25.06 -23.28
C VAL D 158 14.27 -24.86 -23.04
N SER D 159 14.64 -23.60 -22.81
CA SER D 159 15.98 -23.24 -22.38
C SER D 159 16.01 -21.73 -22.16
N ASP D 160 17.09 -21.24 -21.57
CA ASP D 160 17.21 -19.81 -21.29
C ASP D 160 16.71 -18.94 -22.43
N HIS D 161 16.99 -19.34 -23.68
CA HIS D 161 16.67 -18.50 -24.81
C HIS D 161 15.71 -19.13 -25.79
N GLN D 162 14.87 -20.01 -25.29
CA GLN D 162 13.83 -20.56 -26.13
C GLN D 162 12.59 -20.84 -25.30
N VAL D 163 11.43 -20.45 -25.83
CA VAL D 163 10.19 -20.58 -25.10
C VAL D 163 9.08 -21.03 -26.03
N ARG D 164 8.19 -21.90 -25.54
CA ARG D 164 7.12 -22.43 -26.37
C ARG D 164 5.78 -22.02 -25.80
N PHE D 165 4.99 -21.29 -26.59
CA PHE D 165 3.61 -21.04 -26.25
C PHE D 165 2.84 -22.25 -26.73
N GLU D 166 2.00 -22.79 -25.87
CA GLU D 166 1.10 -23.88 -26.22
C GLU D 166 -0.32 -23.32 -26.25
N LEU D 167 -0.96 -23.39 -27.41
CA LEU D 167 -2.31 -22.85 -27.57
C LEU D 167 -3.35 -23.95 -27.39
N PHE D 168 -4.58 -23.57 -27.08
CA PHE D 168 -5.64 -24.56 -26.98
C PHE D 168 -6.05 -25.03 -28.39
N ASN D 169 -5.79 -24.19 -29.38
CA ASN D 169 -6.14 -24.47 -30.76
C ASN D 169 -5.29 -23.61 -31.68
N ALA D 170 -5.23 -23.97 -32.95
CA ALA D 170 -4.55 -23.13 -33.92
C ALA D 170 -5.34 -21.84 -34.05
N GLU D 171 -4.62 -20.74 -34.22
CA GLU D 171 -5.22 -19.39 -34.32
C GLU D 171 -4.31 -18.52 -35.17
N SER D 172 -4.81 -18.11 -36.32
CA SER D 172 -4.02 -17.36 -37.28
C SER D 172 -3.57 -16.01 -36.73
N SER D 173 -4.41 -15.40 -35.90
CA SER D 173 -4.13 -14.05 -35.41
C SER D 173 -3.14 -14.04 -34.25
N PHE D 174 -2.73 -15.21 -33.78
CA PHE D 174 -1.87 -15.26 -32.60
C PHE D 174 -0.59 -14.44 -32.76
N LEU D 175 0.13 -14.64 -33.86
CA LEU D 175 1.35 -13.87 -34.07
C LEU D 175 1.15 -12.35 -34.25
N ALA D 176 0.07 -11.95 -34.92
CA ALA D 176 -0.26 -10.54 -35.07
C ALA D 176 -0.46 -9.90 -33.71
N ASN D 177 -1.29 -10.51 -32.88
CA ASN D 177 -1.45 -10.05 -31.51
C ASN D 177 -0.13 -9.92 -30.76
N MET D 178 0.82 -10.81 -31.03
CA MET D 178 2.12 -10.75 -30.35
C MET D 178 3.04 -9.67 -30.93
N ALA D 179 2.60 -9.05 -32.02
CA ALA D 179 3.33 -7.94 -32.61
C ALA D 179 2.71 -6.58 -32.24
N THR D 180 1.56 -6.59 -31.56
CA THR D 180 0.88 -5.33 -31.16
C THR D 180 1.64 -4.46 -30.14
N ASP D 181 1.26 -3.21 -29.97
CA ASP D 181 1.96 -2.38 -28.99
C ASP D 181 1.87 -2.96 -27.58
N PHE D 182 0.84 -3.74 -27.32
CA PHE D 182 0.59 -4.21 -25.95
C PHE D 182 1.47 -5.36 -25.52
N ALA D 183 2.10 -6.01 -26.50
CA ALA D 183 2.83 -7.25 -26.23
C ALA D 183 4.30 -7.00 -25.85
N VAL D 184 4.55 -6.02 -24.99
CA VAL D 184 5.92 -5.73 -24.58
C VAL D 184 6.41 -6.79 -23.58
N VAL D 185 7.72 -6.87 -23.39
CA VAL D 185 8.32 -7.82 -22.43
C VAL D 185 8.71 -7.11 -21.12
N LEU D 186 8.19 -7.59 -20.00
CA LEU D 186 8.46 -7.02 -18.69
C LEU D 186 9.55 -7.82 -17.98
N SER D 187 10.05 -7.30 -16.86
CA SER D 187 11.16 -7.96 -16.16
C SER D 187 10.71 -8.78 -14.96
N LYS D 188 10.87 -10.10 -15.05
CA LYS D 188 10.45 -10.97 -13.95
C LYS D 188 11.23 -10.70 -12.69
N GLU D 189 12.54 -10.48 -12.83
CA GLU D 189 13.37 -10.21 -11.65
C GLU D 189 12.85 -9.01 -10.85
N TYR D 190 12.56 -7.93 -11.53
CA TYR D 190 11.99 -6.74 -10.91
C TYR D 190 10.67 -7.06 -10.22
N ALA D 191 9.74 -7.66 -10.96
CA ALA D 191 8.47 -8.09 -10.37
C ALA D 191 8.66 -8.89 -9.08
N MET D 192 9.57 -9.85 -9.10
CA MET D 192 9.77 -10.72 -7.93
C MET D 192 10.43 -9.97 -6.77
N ALA D 193 11.36 -9.06 -7.08
CA ALA D 193 11.99 -8.23 -6.05
C ALA D 193 10.94 -7.37 -5.34
N LEU D 194 9.95 -6.89 -6.09
CA LEU D 194 8.89 -6.07 -5.52
C LEU D 194 7.92 -6.94 -4.74
N LYS D 195 7.61 -8.12 -5.27
CA LYS D 195 6.73 -9.06 -4.57
C LYS D 195 7.34 -9.47 -3.24
N ALA D 196 8.65 -9.67 -3.21
CA ALA D 196 9.34 -9.97 -1.97
C ALA D 196 9.13 -8.83 -0.96
N ASN D 197 9.01 -7.60 -1.44
CA ASN D 197 8.80 -6.48 -0.54
C ASN D 197 7.31 -6.25 -0.26
N ASN D 198 6.44 -7.05 -0.89
CA ASN D 198 5.02 -6.70 -0.96
C ASN D 198 4.82 -5.31 -1.53
N GLN D 199 5.59 -4.97 -2.54
CA GLN D 199 5.42 -3.68 -3.18
C GLN D 199 4.93 -3.85 -4.62
N GLU D 200 3.95 -4.72 -4.79
CA GLU D 200 3.50 -5.06 -6.13
C GLU D 200 3.04 -3.84 -6.94
N ASN D 201 2.50 -2.83 -6.26
CA ASN D 201 1.88 -1.71 -6.98
C ASN D 201 2.89 -0.78 -7.60
N LEU D 202 4.15 -0.99 -7.29
CA LEU D 202 5.23 -0.21 -7.87
C LEU D 202 5.55 -0.63 -9.31
N PHE D 203 5.27 -1.89 -9.63
CA PHE D 203 5.68 -2.52 -10.91
C PHE D 203 5.12 -1.83 -12.17
N ASP D 204 3.81 -1.62 -12.23
CA ASP D 204 3.20 -0.99 -13.39
C ASP D 204 3.34 0.52 -13.33
N GLN D 205 3.88 1.00 -12.21
CA GLN D 205 3.92 2.44 -11.92
C GLN D 205 5.31 3.00 -12.16
N TYR D 206 6.33 2.25 -11.73
CA TYR D 206 7.73 2.58 -12.01
C TYR D 206 8.34 1.49 -12.85
N PRO D 207 8.30 1.67 -14.17
CA PRO D 207 8.58 0.63 -15.16
C PRO D 207 10.06 0.25 -15.28
N VAL D 208 10.30 -1.00 -15.64
CA VAL D 208 11.61 -1.47 -16.07
C VAL D 208 11.42 -2.18 -17.40
N GLY D 209 12.20 -1.80 -18.39
CA GLY D 209 12.14 -2.46 -19.67
C GLY D 209 13.49 -2.66 -20.31
N THR D 210 13.44 -2.99 -21.59
CA THR D 210 14.64 -3.18 -22.38
C THR D 210 14.72 -2.09 -23.43
N GLY D 211 13.63 -1.34 -23.57
CA GLY D 211 13.47 -0.35 -24.62
C GLY D 211 14.56 0.71 -24.71
N PRO D 212 14.47 1.57 -25.73
CA PRO D 212 15.49 2.59 -26.03
C PRO D 212 15.57 3.73 -24.98
N TYR D 213 14.52 3.90 -24.19
CA TYR D 213 14.52 4.98 -23.19
C TYR D 213 14.17 4.48 -21.80
N ILE D 214 14.62 5.21 -20.78
CA ILE D 214 14.51 4.75 -19.40
C ILE D 214 13.71 5.74 -18.57
N TYR D 215 12.74 5.23 -17.84
CA TYR D 215 11.92 6.09 -16.99
C TYR D 215 12.80 6.88 -16.01
N LYS D 216 12.52 8.16 -15.91
CA LYS D 216 13.28 9.04 -15.04
C LYS D 216 12.37 9.75 -14.04
N GLU D 217 11.27 10.32 -14.52
CA GLU D 217 10.42 11.11 -13.65
C GLU D 217 9.02 11.31 -14.21
N TYR D 218 8.03 11.32 -13.33
CA TYR D 218 6.66 11.66 -13.74
C TYR D 218 6.00 12.62 -12.77
N ARG D 219 5.67 13.81 -13.25
CA ARG D 219 4.89 14.75 -12.44
C ARG D 219 3.51 14.94 -13.04
N ARG D 220 2.51 14.35 -12.39
CA ARG D 220 1.11 14.48 -12.79
C ARG D 220 0.76 15.87 -13.31
N ASP D 221 0.08 15.91 -14.44
CA ASP D 221 -0.41 17.17 -15.02
C ASP D 221 0.72 18.06 -15.52
N HIS D 222 1.94 17.57 -15.44
CA HIS D 222 3.07 18.39 -15.81
C HIS D 222 3.93 17.71 -16.89
N LEU D 223 4.79 16.79 -16.49
CA LEU D 223 5.65 16.18 -17.48
C LEU D 223 5.98 14.74 -17.17
N VAL D 224 6.31 13.99 -18.21
CA VAL D 224 6.99 12.71 -18.00
C VAL D 224 8.35 12.79 -18.67
N ARG D 225 9.38 12.32 -17.98
CA ARG D 225 10.75 12.47 -18.47
C ARG D 225 11.50 11.12 -18.60
N PHE D 226 12.11 10.91 -19.76
CA PHE D 226 12.87 9.68 -20.04
C PHE D 226 14.29 10.01 -20.48
N TYR D 227 15.25 9.21 -20.03
CA TYR D 227 16.65 9.34 -20.44
C TYR D 227 17.02 8.23 -21.44
N LYS D 228 18.02 8.51 -22.26
CA LYS D 228 18.59 7.53 -23.16
C LYS D 228 19.03 6.24 -22.47
N ASN D 229 18.64 5.10 -23.04
CA ASN D 229 19.17 3.80 -22.61
C ASN D 229 20.54 3.61 -23.23
N ALA D 230 21.59 3.69 -22.41
CA ALA D 230 22.93 3.68 -22.96
C ALA D 230 23.30 2.29 -23.43
N ASP D 231 22.58 1.29 -22.89
CA ASP D 231 22.88 -0.11 -23.21
C ASP D 231 21.87 -0.76 -24.17
N TYR D 232 21.07 0.05 -24.85
CA TYR D 232 20.05 -0.46 -25.77
C TYR D 232 20.68 -1.44 -26.76
N TRP D 233 20.05 -2.60 -26.94
CA TRP D 233 20.60 -3.66 -27.77
C TRP D 233 20.46 -3.41 -29.28
N LYS D 234 19.41 -2.69 -29.67
CA LYS D 234 19.01 -2.57 -31.08
C LYS D 234 19.83 -1.58 -31.89
N HIS D 235 20.08 -0.40 -31.34
CA HIS D 235 20.84 0.61 -32.07
C HIS D 235 21.26 1.68 -31.09
N GLU D 236 22.16 2.55 -31.52
CA GLU D 236 22.61 3.64 -30.67
C GLU D 236 21.51 4.68 -30.64
N VAL D 237 20.84 4.78 -29.49
CA VAL D 237 19.75 5.73 -29.28
C VAL D 237 20.20 7.15 -29.59
N ALA D 238 19.40 7.89 -30.35
CA ALA D 238 19.82 9.18 -30.90
C ALA D 238 19.73 10.33 -29.90
N LEU D 239 18.65 10.37 -29.12
CA LEU D 239 18.44 11.47 -28.20
C LEU D 239 18.82 11.12 -26.78
N GLU D 240 19.31 12.11 -26.05
CA GLU D 240 19.73 11.94 -24.67
C GLU D 240 18.55 11.87 -23.70
N GLN D 241 17.45 12.52 -24.06
CA GLN D 241 16.34 12.73 -23.14
C GLN D 241 15.06 12.97 -23.94
N LEU D 242 13.98 12.29 -23.55
CA LEU D 242 12.65 12.58 -24.11
C LEU D 242 11.83 13.25 -23.03
N VAL D 243 11.29 14.42 -23.30
CA VAL D 243 10.36 15.00 -22.33
C VAL D 243 8.98 15.01 -22.95
N TYR D 244 8.00 14.55 -22.18
CA TYR D 244 6.61 14.67 -22.57
C TYR D 244 5.99 15.77 -21.73
N ASP D 245 5.83 16.93 -22.35
CA ASP D 245 5.10 18.07 -21.80
C ASP D 245 3.58 17.79 -21.82
N ILE D 246 2.99 17.45 -20.68
CA ILE D 246 1.56 17.21 -20.65
C ILE D 246 0.76 18.50 -20.80
N THR D 247 0.05 18.61 -21.91
CA THR D 247 -0.62 19.83 -22.31
C THR D 247 -1.93 19.48 -23.01
N PRO D 248 -2.99 19.30 -22.21
CA PRO D 248 -4.30 18.78 -22.63
C PRO D 248 -5.10 19.71 -23.57
N ASN D 249 -4.81 21.00 -23.60
CA ASN D 249 -5.50 21.85 -24.57
C ASN D 249 -4.82 21.75 -25.93
N GLY D 250 -5.58 21.31 -26.93
CA GLY D 250 -5.01 21.08 -28.24
C GLY D 250 -4.46 22.32 -28.95
N THR D 251 -5.20 23.42 -28.87
CA THR D 251 -4.72 24.63 -29.51
C THR D 251 -3.45 25.16 -28.79
N THR D 252 -3.30 24.84 -27.51
CA THR D 252 -2.06 25.24 -26.86
C THR D 252 -0.88 24.45 -27.41
N ARG D 253 -1.10 23.17 -27.64
CA ARG D 253 -0.04 22.32 -28.16
C ARG D 253 0.42 22.83 -29.52
N ILE D 254 -0.53 23.30 -30.32
CA ILE D 254 -0.15 23.79 -31.61
C ILE D 254 0.65 25.07 -31.44
N ALA D 255 0.20 25.92 -30.52
CA ALA D 255 0.90 27.14 -30.18
C ALA D 255 2.33 26.87 -29.69
N LYS D 256 2.50 25.80 -28.91
CA LYS D 256 3.82 25.43 -28.41
C LYS D 256 4.74 24.95 -29.53
N ILE D 257 4.15 24.48 -30.63
CA ILE D 257 4.94 24.17 -31.82
C ILE D 257 5.48 25.47 -32.43
N LEU D 258 4.60 26.45 -32.63
CA LEU D 258 4.99 27.78 -33.14
C LEU D 258 6.01 28.50 -32.27
N THR D 259 5.99 28.25 -30.98
CA THR D 259 7.00 28.87 -30.14
C THR D 259 8.20 27.97 -29.96
N LYS D 260 8.12 26.76 -30.51
CA LYS D 260 9.21 25.80 -30.44
C LYS D 260 9.51 25.30 -29.02
N GLU D 261 8.51 25.33 -28.14
CA GLU D 261 8.64 24.74 -26.81
C GLU D 261 8.36 23.25 -26.91
N CYS D 262 7.64 22.86 -27.96
CA CYS D 262 7.48 21.44 -28.30
C CYS D 262 8.08 21.22 -29.67
N ASP D 263 8.60 20.02 -29.88
CA ASP D 263 9.24 19.63 -31.15
C ASP D 263 8.29 18.78 -31.96
N VAL D 264 7.32 18.18 -31.29
CA VAL D 264 6.40 17.28 -31.96
C VAL D 264 5.08 17.27 -31.21
N THR D 265 3.98 17.41 -31.93
CA THR D 265 2.71 17.41 -31.25
C THR D 265 1.75 16.39 -31.79
N ALA D 266 1.01 15.84 -30.85
CA ALA D 266 -0.04 14.86 -31.06
C ALA D 266 -1.02 15.32 -32.12
N HIS D 267 -2.08 14.54 -32.26
CA HIS D 267 -3.15 14.76 -33.22
C HIS D 267 -3.72 16.15 -33.26
N PRO D 268 -4.79 16.31 -34.03
CA PRO D 268 -5.51 17.56 -33.95
C PRO D 268 -6.77 17.48 -34.81
N SER D 269 -6.91 18.54 -35.62
CA SER D 269 -7.91 18.69 -36.65
C SER D 269 -7.26 19.46 -37.80
N SER D 270 -7.70 19.18 -39.02
CA SER D 270 -7.15 19.86 -40.19
C SER D 270 -7.25 21.38 -40.07
N ALA D 271 -8.30 21.85 -39.42
CA ALA D 271 -8.48 23.27 -39.19
C ALA D 271 -7.40 23.82 -38.26
N GLN D 272 -7.30 23.25 -37.06
CA GLN D 272 -6.24 23.54 -36.08
C GLN D 272 -4.91 23.89 -36.76
N LEU D 273 -4.46 22.99 -37.65
CA LEU D 273 -3.09 23.01 -38.16
C LEU D 273 -2.78 24.08 -39.19
N SER D 274 -3.78 24.53 -39.93
CA SER D 274 -3.57 25.51 -41.00
C SER D 274 -2.56 26.57 -40.57
N ILE D 275 -2.73 27.03 -39.33
CA ILE D 275 -1.80 27.95 -38.70
C ILE D 275 -0.32 27.65 -39.00
N LEU D 276 0.03 26.39 -39.08
CA LEU D 276 1.43 26.02 -39.16
C LEU D 276 1.95 26.11 -40.58
N ALA D 277 1.04 26.38 -41.51
CA ALA D 277 1.34 26.27 -42.93
C ALA D 277 2.52 27.14 -43.38
N GLN D 278 2.42 28.44 -43.13
CA GLN D 278 3.39 29.41 -43.62
C GLN D 278 4.80 29.23 -43.07
N ARG D 279 4.94 28.41 -42.03
CA ARG D 279 6.24 28.18 -41.40
C ARG D 279 7.02 27.05 -42.08
N ASP D 280 8.14 27.40 -42.69
CA ASP D 280 8.95 26.45 -43.44
C ASP D 280 9.69 25.50 -42.51
N ASP D 281 9.83 25.93 -41.26
CA ASP D 281 10.57 25.18 -40.27
C ASP D 281 9.66 24.22 -39.47
N ILE D 282 8.41 24.06 -39.92
CA ILE D 282 7.49 23.10 -39.30
C ILE D 282 6.88 22.13 -40.31
N ASN D 283 6.84 20.85 -39.97
CA ASN D 283 6.29 19.84 -40.88
C ASN D 283 4.88 19.41 -40.42
N VAL D 284 3.93 19.32 -41.34
CA VAL D 284 2.62 18.75 -41.01
C VAL D 284 2.32 17.48 -41.81
N GLU D 285 1.99 16.42 -41.11
CA GLU D 285 1.73 15.11 -41.73
C GLU D 285 0.31 14.66 -41.49
N ARG D 286 -0.27 13.98 -42.46
CA ARG D 286 -1.54 13.32 -42.26
C ARG D 286 -1.39 11.90 -42.78
N GLU D 287 -2.07 10.95 -42.14
CA GLU D 287 -2.04 9.58 -42.60
C GLU D 287 -3.37 8.98 -42.26
N THR D 288 -4.03 8.36 -43.22
CA THR D 288 -5.30 7.71 -42.93
C THR D 288 -5.04 6.52 -42.04
N ASN D 289 -5.72 6.48 -40.90
CA ASN D 289 -5.49 5.45 -39.90
C ASN D 289 -6.30 4.19 -40.20
N LEU D 290 -5.85 3.04 -39.70
CA LEU D 290 -6.57 1.80 -39.99
C LEU D 290 -7.84 1.68 -39.15
N ASN D 291 -8.95 2.18 -39.68
CA ASN D 291 -10.24 2.08 -39.01
C ASN D 291 -11.29 2.35 -40.05
N ILE D 292 -12.55 2.11 -39.70
CA ILE D 292 -13.66 2.37 -40.61
C ILE D 292 -14.91 2.68 -39.79
N GLY D 293 -15.65 3.70 -40.21
CA GLY D 293 -16.93 3.97 -39.61
C GLY D 293 -17.99 3.63 -40.62
N TYR D 294 -19.04 2.96 -40.17
CA TYR D 294 -20.02 2.39 -41.06
C TYR D 294 -21.45 2.48 -40.55
N TRP D 295 -22.41 2.25 -41.43
CA TRP D 295 -23.81 2.00 -41.08
C TRP D 295 -24.14 0.54 -41.34
N ALA D 296 -24.33 -0.26 -40.29
CA ALA D 296 -24.60 -1.69 -40.48
C ALA D 296 -26.08 -1.97 -40.33
N PHE D 297 -26.59 -2.93 -41.10
CA PHE D 297 -28.01 -3.31 -41.04
C PHE D 297 -28.19 -4.67 -40.42
N ASN D 298 -29.25 -4.84 -39.63
CA ASN D 298 -29.57 -6.16 -39.09
C ASN D 298 -30.22 -7.01 -40.18
N THR D 299 -29.41 -7.84 -40.82
CA THR D 299 -29.79 -8.48 -42.07
C THR D 299 -30.74 -9.66 -41.90
N GLU D 300 -31.09 -9.97 -40.66
CA GLU D 300 -32.07 -11.03 -40.39
C GLU D 300 -33.42 -10.42 -40.08
N ARG D 301 -33.48 -9.10 -39.98
CA ARG D 301 -34.70 -8.45 -39.56
C ARG D 301 -35.38 -7.72 -40.70
N PRO D 302 -36.60 -8.13 -41.04
CA PRO D 302 -37.29 -7.40 -42.10
C PRO D 302 -37.66 -5.98 -41.61
N PRO D 303 -37.64 -5.00 -42.52
CA PRO D 303 -37.41 -5.16 -43.96
C PRO D 303 -35.94 -5.10 -44.38
N PHE D 304 -35.03 -4.99 -43.41
CA PHE D 304 -33.61 -4.82 -43.73
C PHE D 304 -32.95 -6.12 -44.19
N ASP D 305 -33.70 -7.22 -44.17
CA ASP D 305 -33.21 -8.49 -44.72
C ASP D 305 -33.31 -8.53 -46.24
N ASN D 306 -34.01 -7.56 -46.82
CA ASN D 306 -34.17 -7.42 -48.26
C ASN D 306 -33.10 -6.47 -48.84
N LEU D 307 -32.17 -7.00 -49.63
CA LEU D 307 -31.07 -6.21 -50.19
C LEU D 307 -31.51 -4.95 -50.92
N LYS D 308 -32.60 -5.04 -51.68
CA LYS D 308 -33.08 -3.84 -52.34
C LYS D 308 -33.43 -2.73 -51.34
N VAL D 309 -33.97 -3.12 -50.18
CA VAL D 309 -34.25 -2.14 -49.12
C VAL D 309 -32.97 -1.51 -48.56
N ARG D 310 -31.98 -2.34 -48.19
CA ARG D 310 -30.69 -1.82 -47.78
C ARG D 310 -30.12 -0.88 -48.84
N GLN D 311 -30.15 -1.33 -50.10
CA GLN D 311 -29.66 -0.49 -51.19
C GLN D 311 -30.38 0.86 -51.22
N ALA D 312 -31.71 0.82 -51.11
CA ALA D 312 -32.50 2.05 -51.13
C ALA D 312 -32.06 2.97 -49.99
N LEU D 313 -32.08 2.44 -48.78
CA LEU D 313 -31.64 3.17 -47.60
C LEU D 313 -30.36 3.95 -47.84
N VAL D 314 -29.35 3.29 -48.40
CA VAL D 314 -28.03 3.91 -48.55
C VAL D 314 -27.99 4.97 -49.65
N HIS D 315 -28.79 4.77 -50.70
CA HIS D 315 -28.93 5.73 -51.80
C HIS D 315 -29.54 7.03 -51.34
N ALA D 316 -30.29 7.00 -50.24
CA ALA D 316 -30.94 8.19 -49.74
C ALA D 316 -30.00 9.10 -48.92
N ILE D 317 -28.83 8.58 -48.53
CA ILE D 317 -27.94 9.34 -47.66
C ILE D 317 -26.97 10.28 -48.39
N ASP D 318 -27.05 11.57 -48.06
CA ASP D 318 -26.11 12.57 -48.56
C ASP D 318 -24.83 12.49 -47.74
N ILE D 319 -23.95 11.57 -48.08
CA ILE D 319 -22.79 11.35 -47.24
C ILE D 319 -21.70 12.38 -47.44
N GLU D 320 -21.86 13.23 -48.45
CA GLU D 320 -20.97 14.40 -48.55
C GLU D 320 -21.32 15.42 -47.45
N LYS D 321 -22.61 15.54 -47.14
CA LYS D 321 -23.04 16.37 -46.02
C LYS D 321 -22.43 15.88 -44.72
N ILE D 322 -22.38 14.57 -44.51
CA ILE D 322 -21.88 14.11 -43.21
C ILE D 322 -20.35 14.16 -43.19
N MET D 323 -19.74 14.11 -44.37
CA MET D 323 -18.29 14.28 -44.44
C MET D 323 -17.92 15.66 -43.91
N GLN D 324 -18.77 16.65 -44.18
CA GLN D 324 -18.49 18.04 -43.82
C GLN D 324 -19.01 18.42 -42.43
N ALA D 325 -20.20 17.95 -42.07
CA ALA D 325 -20.84 18.35 -40.82
C ALA D 325 -20.52 17.43 -39.63
N VAL D 326 -20.00 16.25 -39.92
CA VAL D 326 -19.67 15.28 -38.86
C VAL D 326 -18.16 15.10 -38.75
N TYR D 327 -17.46 15.08 -39.87
CA TYR D 327 -16.02 14.82 -39.87
C TYR D 327 -15.22 16.10 -39.99
N TYR D 328 -15.89 17.19 -40.38
CA TYR D 328 -15.26 18.53 -40.43
C TYR D 328 -14.00 18.56 -41.29
N GLY D 329 -14.04 17.92 -42.46
CA GLY D 329 -12.86 17.80 -43.30
C GLY D 329 -11.72 17.00 -42.67
N ASN D 330 -11.96 16.51 -41.44
CA ASN D 330 -10.97 15.70 -40.71
C ASN D 330 -11.04 14.21 -41.01
N GLY D 331 -11.84 13.83 -42.00
CA GLY D 331 -12.07 12.44 -42.30
C GLY D 331 -11.89 12.14 -43.78
N LEU D 332 -11.74 10.86 -44.10
CA LEU D 332 -11.59 10.41 -45.48
C LEU D 332 -12.82 9.61 -45.86
N ARG D 333 -13.44 9.95 -46.97
CA ARG D 333 -14.58 9.16 -47.40
C ARG D 333 -14.17 7.75 -47.89
N ALA D 334 -14.97 6.75 -47.53
CA ALA D 334 -14.65 5.36 -47.81
C ALA D 334 -14.91 4.99 -49.26
N ARG D 335 -13.96 4.28 -49.86
CA ARG D 335 -14.19 3.70 -51.18
C ARG D 335 -14.29 2.18 -51.08
N SER D 336 -14.38 1.68 -49.85
CA SER D 336 -14.35 0.25 -49.53
C SER D 336 -14.40 0.12 -48.01
N ILE D 337 -14.46 -1.09 -47.48
CA ILE D 337 -14.39 -1.25 -46.04
C ILE D 337 -12.95 -0.95 -45.60
N LEU D 338 -12.01 -1.20 -46.49
CA LEU D 338 -10.61 -0.90 -46.15
C LEU D 338 -10.30 0.56 -46.48
N PRO D 339 -9.47 1.18 -45.65
CA PRO D 339 -8.91 2.47 -46.00
C PRO D 339 -7.78 2.22 -47.01
N PRO D 340 -7.49 3.18 -47.88
CA PRO D 340 -6.41 2.96 -48.84
C PRO D 340 -5.02 2.69 -48.24
N THR D 341 -4.86 2.75 -46.93
CA THR D 341 -3.55 2.46 -46.31
C THR D 341 -3.44 1.00 -45.85
N SER D 342 -4.53 0.25 -46.00
CA SER D 342 -4.46 -1.20 -45.87
C SER D 342 -3.82 -1.75 -47.16
N TRP D 343 -2.89 -2.70 -47.03
CA TRP D 343 -2.25 -3.22 -48.25
C TRP D 343 -3.21 -3.99 -49.14
N ALA D 344 -4.34 -4.39 -48.58
CA ALA D 344 -5.34 -5.14 -49.34
C ALA D 344 -6.31 -4.23 -50.05
N PHE D 345 -6.13 -2.93 -49.92
CA PHE D 345 -7.13 -1.99 -50.40
C PHE D 345 -7.38 -2.12 -51.88
N GLU D 346 -8.65 -2.17 -52.24
CA GLU D 346 -9.05 -1.99 -53.63
C GLU D 346 -10.28 -1.06 -53.72
N PRO D 347 -10.18 0.04 -54.49
CA PRO D 347 -11.31 0.94 -54.70
C PRO D 347 -12.52 0.20 -55.30
N GLN D 348 -13.71 0.43 -54.77
CA GLN D 348 -14.90 -0.26 -55.25
C GLN D 348 -15.61 0.53 -56.32
N LYS D 349 -15.82 -0.08 -57.48
CA LYS D 349 -16.42 0.63 -58.60
C LYS D 349 -17.92 0.87 -58.39
N ASN D 350 -18.59 -0.09 -57.75
CA ASN D 350 -20.04 -0.03 -57.60
C ASN D 350 -20.53 0.64 -56.31
N MET D 351 -19.69 1.47 -55.69
CA MET D 351 -20.11 2.21 -54.49
C MET D 351 -21.44 2.88 -54.81
N PRO D 352 -22.49 2.54 -54.04
CA PRO D 352 -23.81 3.13 -54.28
C PRO D 352 -23.72 4.64 -54.29
N ILE D 353 -24.52 5.28 -55.13
CA ILE D 353 -24.44 6.72 -55.25
C ILE D 353 -25.60 7.36 -54.51
N PHE D 354 -25.45 8.64 -54.17
CA PHE D 354 -26.51 9.38 -53.53
C PHE D 354 -27.58 9.79 -54.56
N ASP D 355 -28.74 9.15 -54.48
CA ASP D 355 -29.80 9.39 -55.44
C ASP D 355 -31.13 8.98 -54.86
N PRO D 356 -31.82 9.95 -54.22
CA PRO D 356 -33.12 9.70 -53.58
C PRO D 356 -34.16 9.17 -54.55
N GLN D 357 -34.28 9.77 -55.73
CA GLN D 357 -35.22 9.27 -56.73
C GLN D 357 -35.05 7.78 -56.96
N LEU D 358 -33.80 7.33 -57.01
CA LEU D 358 -33.50 5.91 -57.17
C LEU D 358 -33.84 5.18 -55.89
N ALA D 359 -33.60 5.84 -54.76
CA ALA D 359 -33.90 5.22 -53.48
C ALA D 359 -35.39 4.92 -53.45
N LYS D 360 -36.17 5.98 -53.61
CA LYS D 360 -37.63 5.90 -53.66
C LYS D 360 -38.09 4.86 -54.68
N LYS D 361 -37.38 4.78 -55.80
CA LYS D 361 -37.69 3.76 -56.80
C LYS D 361 -37.54 2.38 -56.19
N LEU D 362 -36.34 2.09 -55.69
CA LEU D 362 -36.00 0.78 -55.14
C LEU D 362 -36.94 0.31 -54.03
N LEU D 363 -37.39 1.23 -53.18
CA LEU D 363 -38.31 0.88 -52.11
C LEU D 363 -39.65 0.47 -52.66
N THR D 364 -40.14 1.23 -53.63
CA THR D 364 -41.44 0.97 -54.24
C THR D 364 -41.44 -0.36 -54.99
N GLU D 365 -40.24 -0.80 -55.39
CA GLU D 365 -40.05 -2.06 -56.09
C GLU D 365 -39.84 -3.26 -55.14
N ALA D 366 -39.38 -2.94 -53.94
CA ALA D 366 -39.21 -3.93 -52.89
C ALA D 366 -40.52 -4.16 -52.17
N GLY D 367 -41.50 -3.31 -52.47
CA GLY D 367 -42.83 -3.43 -51.89
C GLY D 367 -43.06 -2.50 -50.73
N TYR D 368 -42.29 -1.41 -50.67
CA TYR D 368 -42.42 -0.43 -49.61
C TYR D 368 -42.45 0.97 -50.23
N GLU D 369 -43.53 1.43 -50.88
CA GLU D 369 -44.95 1.01 -50.82
C GLU D 369 -46.00 1.98 -50.21
N LYS D 370 -45.64 3.10 -49.57
CA LYS D 370 -44.26 3.58 -49.39
C LYS D 370 -43.94 3.96 -47.95
N GLY D 371 -42.77 3.56 -47.48
CA GLY D 371 -42.29 3.94 -46.17
C GLY D 371 -42.41 2.90 -45.08
N PHE D 372 -41.60 3.10 -44.04
CA PHE D 372 -41.69 2.35 -42.80
C PHE D 372 -40.88 3.07 -41.71
N ASP D 373 -41.02 2.62 -40.48
CA ASP D 373 -40.27 3.19 -39.37
C ASP D 373 -39.12 2.26 -39.00
N MET D 374 -37.95 2.84 -38.86
CA MET D 374 -36.80 2.09 -38.44
C MET D 374 -36.08 2.89 -37.39
N SER D 375 -35.13 2.26 -36.73
CA SER D 375 -34.26 2.98 -35.82
C SER D 375 -32.79 2.87 -36.25
N ILE D 376 -32.05 3.92 -35.93
CA ILE D 376 -30.61 3.98 -36.14
C ILE D 376 -29.92 4.11 -34.80
N TRP D 377 -29.37 3.03 -34.28
CA TRP D 377 -28.65 3.11 -33.02
C TRP D 377 -27.35 3.89 -33.22
N ALA D 378 -27.19 4.99 -32.50
CA ALA D 378 -25.98 5.77 -32.65
C ALA D 378 -25.05 5.45 -31.49
N MET D 379 -23.79 5.16 -31.80
CA MET D 379 -22.81 4.93 -30.76
C MET D 379 -22.65 6.18 -29.89
N PRO D 380 -22.50 5.97 -28.57
CA PRO D 380 -22.47 7.05 -27.58
C PRO D 380 -21.13 7.77 -27.50
N VAL D 381 -20.05 7.08 -27.86
CA VAL D 381 -18.70 7.65 -27.75
C VAL D 381 -18.23 8.33 -29.03
N SER D 382 -17.33 9.28 -28.85
CA SER D 382 -16.74 9.96 -29.99
C SER D 382 -15.45 9.27 -30.39
N ARG D 383 -15.44 8.65 -31.57
CA ARG D 383 -14.22 8.03 -32.08
C ARG D 383 -13.79 8.65 -33.40
N ILE D 384 -12.55 8.39 -33.84
CA ILE D 384 -12.07 9.00 -35.09
C ILE D 384 -12.78 8.43 -36.32
N TYR D 385 -13.15 7.15 -36.26
CA TYR D 385 -13.95 6.57 -37.34
C TYR D 385 -15.36 7.12 -37.41
N ASN D 386 -15.77 7.83 -36.36
CA ASN D 386 -17.04 8.54 -36.33
C ASN D 386 -17.06 9.52 -35.16
N PRO D 387 -16.62 10.82 -35.45
CA PRO D 387 -16.57 11.69 -34.27
C PRO D 387 -17.92 12.21 -33.76
N ASN D 388 -19.02 11.95 -34.46
CA ASN D 388 -20.32 12.42 -33.96
C ASN D 388 -21.53 11.63 -34.47
N ALA D 389 -21.75 10.45 -33.90
CA ALA D 389 -22.80 9.56 -34.38
C ALA D 389 -24.18 10.20 -34.30
N ARG D 390 -24.43 10.91 -33.20
CA ARG D 390 -25.67 11.65 -33.00
C ARG D 390 -25.98 12.47 -34.24
N LYS D 391 -25.05 13.35 -34.58
CA LYS D 391 -25.23 14.25 -35.71
C LYS D 391 -25.54 13.43 -36.93
N MET D 392 -24.68 12.46 -37.21
CA MET D 392 -24.83 11.62 -38.40
C MET D 392 -26.23 11.01 -38.42
N ALA D 393 -26.68 10.54 -37.26
CA ALA D 393 -27.99 9.92 -37.15
C ALA D 393 -29.10 10.89 -37.51
N GLU D 394 -28.94 12.15 -37.09
CA GLU D 394 -29.90 13.20 -37.40
C GLU D 394 -29.89 13.59 -38.87
N LEU D 395 -28.71 13.74 -39.45
CA LEU D 395 -28.62 13.99 -40.88
C LEU D 395 -29.34 12.89 -41.66
N MET D 396 -29.08 11.63 -41.32
CA MET D 396 -29.75 10.48 -41.97
C MET D 396 -31.25 10.52 -41.75
N GLN D 397 -31.64 10.80 -40.51
CA GLN D 397 -33.03 10.97 -40.17
C GLN D 397 -33.65 11.95 -41.16
N SER D 398 -33.04 13.12 -41.26
CA SER D 398 -33.46 14.11 -42.24
C SER D 398 -33.60 13.52 -43.65
N ASP D 399 -32.58 12.80 -44.10
CA ASP D 399 -32.57 12.31 -45.47
C ASP D 399 -33.65 11.27 -45.71
N LEU D 400 -33.78 10.34 -44.77
CA LEU D 400 -34.73 9.24 -44.89
C LEU D 400 -36.19 9.71 -44.81
N ARG D 401 -36.39 10.84 -44.15
CA ARG D 401 -37.70 11.49 -44.07
C ARG D 401 -38.20 11.77 -45.47
N LYS D 402 -37.28 12.22 -46.33
CA LYS D 402 -37.63 12.63 -47.68
C LYS D 402 -37.97 11.42 -48.54
N ILE D 403 -37.82 10.23 -47.95
CA ILE D 403 -37.94 9.00 -48.72
C ILE D 403 -39.10 8.16 -48.20
N GLY D 404 -39.76 8.65 -47.16
CA GLY D 404 -40.88 7.95 -46.57
C GLY D 404 -40.46 7.11 -45.37
N VAL D 405 -39.16 7.16 -45.06
CA VAL D 405 -38.61 6.36 -43.97
C VAL D 405 -38.36 7.20 -42.73
N ASN D 406 -39.06 6.85 -41.65
CA ASN D 406 -39.01 7.62 -40.42
C ASN D 406 -38.07 7.02 -39.37
N VAL D 407 -36.96 7.71 -39.15
CA VAL D 407 -35.93 7.22 -38.24
C VAL D 407 -36.25 7.51 -36.79
N ASN D 408 -36.00 6.51 -35.95
CA ASN D 408 -36.04 6.70 -34.51
C ASN D 408 -34.60 6.65 -34.00
N ILE D 409 -34.02 7.81 -33.72
CA ILE D 409 -32.64 7.87 -33.27
C ILE D 409 -32.47 7.35 -31.86
N VAL D 410 -31.96 6.14 -31.76
CA VAL D 410 -31.70 5.50 -30.49
C VAL D 410 -30.24 5.72 -30.02
N GLU D 411 -30.06 6.17 -28.80
CA GLU D 411 -28.73 6.10 -28.20
C GLU D 411 -28.76 5.56 -26.80
N TYR D 412 -28.07 4.45 -26.62
CA TYR D 412 -27.88 3.88 -25.32
C TYR D 412 -26.50 4.32 -24.89
N GLU D 413 -26.25 4.21 -23.59
CA GLU D 413 -24.92 4.41 -23.03
C GLU D 413 -24.07 3.24 -23.49
N TRP D 414 -22.75 3.41 -23.45
CA TRP D 414 -21.84 2.46 -24.07
C TRP D 414 -22.14 1.02 -23.71
N ASN D 415 -21.93 0.66 -22.44
CA ASN D 415 -21.98 -0.73 -22.00
C ASN D 415 -23.22 -1.50 -22.47
N THR D 416 -24.40 -0.93 -22.26
CA THR D 416 -25.65 -1.55 -22.74
C THR D 416 -25.65 -1.67 -24.24
N PHE D 417 -25.21 -0.58 -24.90
CA PHE D 417 -25.15 -0.46 -26.35
C PHE D 417 -24.49 -1.67 -26.98
N ILE D 418 -23.27 -1.94 -26.55
CA ILE D 418 -22.46 -3.01 -27.11
C ILE D 418 -23.00 -4.38 -26.77
N GLN D 419 -23.79 -4.45 -25.70
CA GLN D 419 -24.36 -5.74 -25.32
C GLN D 419 -25.58 -6.03 -26.16
N ARG D 420 -26.44 -5.03 -26.30
CA ARG D 420 -27.66 -5.14 -27.09
C ARG D 420 -27.38 -5.36 -28.59
N ILE D 421 -26.43 -4.63 -29.14
CA ILE D 421 -25.98 -4.84 -30.50
C ILE D 421 -25.43 -6.27 -30.66
N GLY D 422 -24.74 -6.73 -29.63
CA GLY D 422 -24.16 -8.06 -29.65
C GLY D 422 -25.25 -9.10 -29.76
N GLU D 423 -26.43 -8.78 -29.25
CA GLU D 423 -27.56 -9.68 -29.25
C GLU D 423 -28.44 -9.40 -30.46
N HIS D 424 -28.06 -8.42 -31.26
CA HIS D 424 -28.76 -8.10 -32.48
C HIS D 424 -30.19 -7.63 -32.20
N ARG D 425 -30.34 -6.72 -31.24
CA ARG D 425 -31.68 -6.19 -30.92
C ARG D 425 -32.05 -4.97 -31.75
N HIS D 426 -31.14 -4.53 -32.60
CA HIS D 426 -31.32 -3.28 -33.31
C HIS D 426 -31.85 -3.45 -34.73
N ASP D 427 -32.45 -2.38 -35.27
CA ASP D 427 -32.77 -2.29 -36.69
C ASP D 427 -31.51 -2.06 -37.51
N SER D 428 -30.72 -1.09 -37.09
CA SER D 428 -29.49 -0.71 -37.76
C SER D 428 -28.66 0.06 -36.74
N VAL D 429 -27.37 0.24 -37.00
CA VAL D 429 -26.50 0.89 -36.03
C VAL D 429 -25.40 1.70 -36.66
N LEU D 430 -25.14 2.88 -36.09
CA LEU D 430 -23.97 3.65 -36.49
C LEU D 430 -22.78 3.32 -35.59
N LEU D 431 -21.80 2.63 -36.16
CA LEU D 431 -20.66 2.14 -35.38
C LEU D 431 -19.39 2.11 -36.23
N GLY D 432 -18.38 1.42 -35.75
CA GLY D 432 -17.09 1.46 -36.39
C GLY D 432 -16.07 0.57 -35.72
N TRP D 433 -14.91 0.49 -36.33
CA TRP D 433 -13.89 -0.43 -35.91
C TRP D 433 -12.55 0.16 -36.25
N ALA D 434 -11.66 0.17 -35.26
CA ALA D 434 -10.25 0.46 -35.45
C ALA D 434 -9.53 -0.88 -35.46
N ALA D 435 -8.72 -1.12 -36.47
CA ALA D 435 -8.05 -2.39 -36.60
C ALA D 435 -7.13 -2.63 -35.40
N ASP D 436 -7.11 -3.87 -34.91
CA ASP D 436 -6.28 -4.26 -33.78
C ASP D 436 -4.92 -4.68 -34.31
N THR D 437 -4.84 -4.99 -35.60
CA THR D 437 -3.58 -5.31 -36.21
C THR D 437 -3.64 -4.77 -37.63
N PRO D 438 -2.47 -4.62 -38.28
CA PRO D 438 -2.42 -4.13 -39.66
C PRO D 438 -2.62 -5.25 -40.69
N ASP D 439 -3.25 -6.33 -40.25
CA ASP D 439 -3.59 -7.43 -41.15
C ASP D 439 -5.01 -7.24 -41.72
N PRO D 440 -5.15 -7.14 -43.07
CA PRO D 440 -6.47 -6.88 -43.66
C PRO D 440 -7.51 -7.83 -43.08
N ASP D 441 -7.08 -9.05 -42.77
CA ASP D 441 -8.01 -9.98 -42.15
C ASP D 441 -8.77 -9.31 -41.01
N ASN D 442 -8.15 -8.33 -40.37
CA ASN D 442 -8.76 -7.78 -39.17
C ASN D 442 -10.01 -6.93 -39.44
N PHE D 443 -10.28 -6.59 -40.70
CA PHE D 443 -11.46 -5.80 -41.06
C PHE D 443 -12.62 -6.71 -41.39
N PHE D 444 -12.31 -7.96 -41.73
CA PHE D 444 -13.31 -8.92 -42.19
C PHE D 444 -13.75 -9.92 -41.12
N SER D 445 -12.84 -10.80 -40.71
CA SER D 445 -13.13 -11.84 -39.73
C SER D 445 -13.75 -11.34 -38.41
N PRO D 446 -13.19 -10.28 -37.82
CA PRO D 446 -13.75 -9.77 -36.57
C PRO D 446 -15.13 -9.13 -36.74
N LEU D 447 -15.45 -8.69 -37.95
CA LEU D 447 -16.59 -7.81 -38.18
C LEU D 447 -17.75 -8.47 -38.89
N LEU D 448 -17.44 -9.33 -39.85
CA LEU D 448 -18.47 -9.83 -40.75
C LEU D 448 -18.52 -11.35 -40.94
N SER D 449 -17.69 -12.10 -40.24
CA SER D 449 -17.71 -13.54 -40.37
C SER D 449 -18.92 -14.12 -39.65
N CYS D 450 -19.17 -15.40 -39.84
CA CYS D 450 -20.25 -16.10 -39.15
C CYS D 450 -19.90 -16.28 -37.68
N THR D 451 -18.64 -16.61 -37.40
CA THR D 451 -18.25 -16.80 -36.02
C THR D 451 -18.42 -15.49 -35.22
N ALA D 452 -18.18 -14.37 -35.89
CA ALA D 452 -18.34 -13.07 -35.28
C ALA D 452 -19.83 -12.83 -34.96
N THR D 453 -20.68 -13.50 -35.74
CA THR D 453 -22.12 -13.54 -35.54
C THR D 453 -22.48 -14.10 -34.14
N PHE D 454 -21.77 -15.13 -33.69
CA PHE D 454 -22.02 -15.70 -32.37
C PHE D 454 -21.20 -15.04 -31.27
N SER D 455 -20.04 -14.51 -31.64
CA SER D 455 -19.22 -13.71 -30.71
C SER D 455 -19.90 -12.41 -30.31
N GLY D 456 -21.05 -12.11 -30.92
CA GLY D 456 -21.72 -10.84 -30.69
C GLY D 456 -20.98 -9.66 -31.32
N LYS D 457 -20.05 -9.97 -32.21
CA LYS D 457 -19.12 -8.98 -32.76
C LYS D 457 -19.54 -8.48 -34.15
N ASN D 458 -20.49 -9.18 -34.77
CA ASN D 458 -21.00 -8.85 -36.10
C ASN D 458 -22.26 -7.97 -36.08
N PRO D 459 -22.08 -6.66 -36.32
CA PRO D 459 -23.14 -5.65 -36.20
C PRO D 459 -24.20 -5.81 -37.28
N ALA D 460 -23.90 -6.62 -38.30
CA ALA D 460 -24.82 -6.84 -39.41
C ALA D 460 -25.69 -8.08 -39.19
N ASN D 461 -25.29 -8.88 -38.21
CA ASN D 461 -25.96 -10.15 -37.95
C ASN D 461 -25.96 -10.94 -39.25
N TRP D 462 -24.82 -10.97 -39.91
CA TRP D 462 -24.71 -11.46 -41.27
C TRP D 462 -23.78 -12.67 -41.31
N CYS D 463 -24.37 -13.85 -41.48
CA CYS D 463 -23.61 -15.07 -41.70
C CYS D 463 -23.72 -15.49 -43.17
N ASN D 464 -22.62 -15.35 -43.91
CA ASN D 464 -22.59 -15.68 -45.33
C ASN D 464 -21.40 -16.58 -45.60
N PRO D 465 -21.68 -17.88 -45.81
CA PRO D 465 -20.66 -18.91 -46.02
C PRO D 465 -19.75 -18.57 -47.21
N GLU D 466 -20.31 -18.08 -48.32
CA GLU D 466 -19.47 -17.71 -49.47
C GLU D 466 -18.46 -16.66 -49.06
N PHE D 467 -18.92 -15.63 -48.32
CA PHE D 467 -18.03 -14.59 -47.79
C PHE D 467 -16.96 -15.19 -46.89
N ASP D 468 -17.38 -15.92 -45.86
CA ASP D 468 -16.40 -16.55 -44.97
C ASP D 468 -15.39 -17.40 -45.74
N LEU D 469 -15.84 -18.00 -46.83
CA LEU D 469 -14.95 -18.83 -47.65
C LEU D 469 -13.74 -18.01 -48.14
N LEU D 470 -13.99 -16.83 -48.70
CA LEU D 470 -12.91 -15.97 -49.16
C LEU D 470 -11.89 -15.75 -48.06
N LEU D 471 -12.41 -15.52 -46.85
CA LEU D 471 -11.55 -15.16 -45.73
C LEU D 471 -10.64 -16.34 -45.38
N THR D 472 -11.22 -17.53 -45.29
CA THR D 472 -10.47 -18.75 -44.95
C THR D 472 -9.41 -19.05 -46.02
N LYS D 473 -9.79 -18.85 -47.27
CA LYS D 473 -8.85 -19.13 -48.36
C LYS D 473 -7.65 -18.23 -48.20
N ALA D 474 -7.89 -16.95 -47.98
CA ALA D 474 -6.81 -15.98 -47.87
C ALA D 474 -5.92 -16.30 -46.69
N LEU D 475 -6.53 -16.88 -45.66
CA LEU D 475 -5.80 -17.22 -44.44
C LEU D 475 -4.98 -18.51 -44.60
N ASP D 476 -5.35 -19.32 -45.58
CA ASP D 476 -4.60 -20.54 -45.81
C ASP D 476 -3.24 -20.26 -46.45
N THR D 477 -3.25 -19.46 -47.51
CA THR D 477 -2.06 -19.19 -48.31
C THR D 477 -1.03 -18.38 -47.53
N THR D 478 0.02 -17.95 -48.23
CA THR D 478 1.06 -17.10 -47.66
C THR D 478 1.51 -16.12 -48.73
N ASP D 479 1.02 -16.34 -49.94
CA ASP D 479 1.25 -15.43 -51.06
C ASP D 479 0.25 -14.29 -50.98
N LEU D 480 0.71 -13.14 -50.49
CA LEU D 480 -0.19 -12.02 -50.25
C LEU D 480 -0.92 -11.61 -51.53
N ASN D 481 -0.21 -11.68 -52.64
CA ASN D 481 -0.80 -11.28 -53.91
C ASN D 481 -1.99 -12.16 -54.25
N LEU D 482 -1.91 -13.43 -53.87
CA LEU D 482 -3.09 -14.30 -53.92
C LEU D 482 -4.10 -13.89 -52.87
N ARG D 483 -3.64 -13.70 -51.63
CA ARG D 483 -4.51 -13.17 -50.58
C ARG D 483 -5.29 -11.94 -51.07
N LYS D 484 -4.57 -11.05 -51.75
CA LYS D 484 -5.14 -9.80 -52.23
C LYS D 484 -6.37 -10.06 -53.07
N GLN D 485 -6.35 -11.18 -53.79
CA GLN D 485 -7.41 -11.50 -54.73
C GLN D 485 -8.69 -11.94 -54.00
N TYR D 486 -8.53 -12.62 -52.88
CA TYR D 486 -9.68 -12.98 -52.07
C TYR D 486 -10.21 -11.73 -51.38
N TYR D 487 -9.30 -10.91 -50.88
CA TYR D 487 -9.70 -9.65 -50.27
C TYR D 487 -10.44 -8.70 -51.24
N ASP D 488 -10.04 -8.68 -52.50
CA ASP D 488 -10.75 -7.87 -53.50
C ASP D 488 -12.19 -8.36 -53.71
N ALA D 489 -12.36 -9.68 -53.77
CA ALA D 489 -13.69 -10.25 -53.90
C ALA D 489 -14.46 -10.08 -52.61
N ALA D 490 -13.75 -10.05 -51.48
CA ALA D 490 -14.43 -9.78 -50.22
C ALA D 490 -14.97 -8.35 -50.14
N GLN D 491 -14.15 -7.38 -50.56
CA GLN D 491 -14.56 -5.97 -50.62
C GLN D 491 -15.77 -5.73 -51.55
N SER D 492 -15.81 -6.43 -52.69
CA SER D 492 -16.92 -6.30 -53.63
C SER D 492 -18.21 -6.76 -53.00
N MET D 493 -18.13 -7.88 -52.30
CA MET D 493 -19.33 -8.48 -51.71
C MET D 493 -19.94 -7.54 -50.66
N ILE D 494 -19.11 -6.96 -49.80
CA ILE D 494 -19.63 -6.01 -48.83
C ILE D 494 -20.44 -4.94 -49.56
N ILE D 495 -19.85 -4.33 -50.58
CA ILE D 495 -20.56 -3.31 -51.33
C ILE D 495 -21.83 -3.82 -52.01
N GLU D 496 -21.73 -4.96 -52.66
CA GLU D 496 -22.85 -5.46 -53.43
C GLU D 496 -23.94 -6.07 -52.53
N GLN D 497 -23.56 -6.63 -51.39
CA GLN D 497 -24.53 -7.22 -50.45
C GLN D 497 -24.98 -6.25 -49.33
N LEU D 498 -24.11 -5.28 -49.01
CA LEU D 498 -24.41 -4.22 -48.06
C LEU D 498 -24.96 -4.71 -46.72
N PRO D 499 -24.26 -5.66 -46.08
CA PRO D 499 -24.55 -6.00 -44.68
C PRO D 499 -24.28 -4.75 -43.82
N LEU D 500 -23.20 -4.04 -44.14
CA LEU D 500 -22.95 -2.71 -43.65
C LEU D 500 -22.53 -1.84 -44.82
N TYR D 501 -22.73 -0.53 -44.70
CA TYR D 501 -22.24 0.42 -45.71
C TYR D 501 -21.04 1.17 -45.14
N PRO D 502 -19.89 1.12 -45.83
CA PRO D 502 -18.68 1.83 -45.37
C PRO D 502 -18.83 3.35 -45.58
N ILE D 503 -18.64 4.16 -44.53
CA ILE D 503 -18.85 5.59 -44.66
C ILE D 503 -17.56 6.35 -44.89
N ALA D 504 -16.66 6.25 -43.90
CA ALA D 504 -15.41 6.99 -43.92
C ALA D 504 -14.37 6.46 -42.94
N HIS D 505 -13.17 6.98 -43.08
CA HIS D 505 -12.04 6.65 -42.24
C HIS D 505 -11.52 7.93 -41.56
N GLY D 506 -11.14 7.76 -40.30
CA GLY D 506 -10.49 8.79 -39.52
C GLY D 506 -9.01 8.87 -39.88
N MET D 507 -8.50 10.08 -39.96
CA MET D 507 -7.09 10.33 -40.19
C MET D 507 -6.39 10.72 -38.89
N ARG D 508 -5.06 10.74 -38.94
CA ARG D 508 -4.21 11.25 -37.85
C ARG D 508 -3.37 12.37 -38.38
N PHE D 509 -3.03 13.33 -37.53
CA PHE D 509 -2.14 14.40 -37.96
C PHE D 509 -1.02 14.58 -36.98
N GLN D 510 0.12 15.01 -37.49
CA GLN D 510 1.29 15.23 -36.66
C GLN D 510 2.00 16.47 -37.12
N ALA D 511 2.26 17.37 -36.19
CA ALA D 511 3.00 18.57 -36.47
C ALA D 511 4.29 18.51 -35.68
N SER D 512 5.38 18.88 -36.33
CA SER D 512 6.68 18.78 -35.72
C SER D 512 7.61 19.90 -36.23
N SER D 513 8.71 20.09 -35.52
CA SER D 513 9.81 20.89 -36.00
C SER D 513 10.52 20.19 -37.16
N ALA D 514 10.81 20.91 -38.24
CA ALA D 514 11.53 20.33 -39.36
C ALA D 514 12.97 19.96 -38.99
N ASP D 515 13.39 20.26 -37.77
CA ASP D 515 14.70 19.80 -37.29
C ASP D 515 14.74 18.30 -36.99
N VAL D 516 13.59 17.69 -36.74
CA VAL D 516 13.52 16.30 -36.32
C VAL D 516 13.07 15.35 -37.44
N GLU D 517 13.77 14.24 -37.56
CA GLU D 517 13.36 13.17 -38.48
C GLU D 517 13.17 11.88 -37.68
N GLY D 518 12.94 10.78 -38.38
CA GLY D 518 12.80 9.48 -37.76
C GLY D 518 11.45 9.31 -37.10
N ILE D 519 10.45 10.03 -37.62
CA ILE D 519 9.20 10.22 -36.90
C ILE D 519 7.94 10.17 -37.77
N THR D 520 8.07 9.63 -38.98
CA THR D 520 6.97 9.57 -39.93
C THR D 520 5.71 8.92 -39.36
N LEU D 521 4.58 9.56 -39.61
CA LEU D 521 3.30 9.11 -39.09
C LEU D 521 2.83 7.90 -39.89
N GLY D 522 2.65 6.76 -39.24
CA GLY D 522 2.15 5.60 -39.93
C GLY D 522 0.65 5.56 -39.84
N PRO D 523 0.02 4.63 -40.59
CA PRO D 523 -1.43 4.40 -40.64
C PRO D 523 -1.92 3.49 -39.53
N PHE D 524 -1.01 2.85 -38.79
CA PHE D 524 -1.39 1.93 -37.73
C PHE D 524 -0.43 1.95 -36.55
N GLY D 525 -1.00 1.86 -35.34
CA GLY D 525 -0.19 1.66 -34.15
C GLY D 525 0.17 2.92 -33.42
N ALA D 526 0.54 2.78 -32.16
CA ALA D 526 0.90 3.94 -31.35
C ALA D 526 2.11 4.71 -31.90
N ILE D 527 2.16 5.99 -31.58
CA ILE D 527 3.27 6.84 -31.95
C ILE D 527 4.58 6.26 -31.42
N SER D 528 5.63 6.30 -32.24
CA SER D 528 6.94 5.87 -31.79
C SER D 528 7.99 6.95 -32.00
N LEU D 529 8.84 7.12 -31.00
CA LEU D 529 9.96 8.06 -31.01
C LEU D 529 11.22 7.22 -30.83
N ALA D 530 11.08 5.91 -30.93
CA ALA D 530 12.20 5.01 -30.75
C ALA D 530 13.29 5.35 -31.75
N ASN D 531 12.90 5.86 -32.91
CA ASN D 531 13.87 6.36 -33.91
C ASN D 531 13.97 7.88 -34.09
N ALA D 532 13.25 8.64 -33.27
CA ALA D 532 13.30 10.09 -33.34
C ALA D 532 14.76 10.55 -33.29
N ARG D 533 15.05 11.64 -33.97
CA ARG D 533 16.41 12.20 -33.96
C ARG D 533 16.43 13.61 -34.53
N LYS D 534 17.39 14.42 -34.08
CA LYS D 534 17.57 15.74 -34.64
C LYS D 534 18.61 15.76 -35.76
N GLY E 30 2.32 -12.99 18.82
CA GLY E 30 1.38 -12.49 17.81
C GLY E 30 0.03 -12.00 18.34
N LEU E 31 -0.41 -10.84 17.85
CA LEU E 31 -1.70 -10.29 18.26
C LEU E 31 -2.56 -9.88 17.06
N VAL E 32 -3.88 -10.08 17.17
CA VAL E 32 -4.81 -9.64 16.13
C VAL E 32 -5.76 -8.57 16.65
N TYR E 33 -5.72 -7.42 16.00
CA TYR E 33 -6.56 -6.29 16.36
C TYR E 33 -7.62 -6.10 15.27
N CYS E 34 -8.89 -6.05 15.67
CA CYS E 34 -10.00 -5.79 14.75
C CYS E 34 -10.12 -4.30 14.47
N ALA E 35 -9.64 -3.85 13.31
CA ALA E 35 -9.70 -2.41 12.99
C ALA E 35 -11.01 -2.05 12.26
N GLU E 36 -11.41 -0.79 12.34
CA GLU E 36 -12.70 -0.35 11.78
C GLU E 36 -12.60 0.22 10.36
N ALA E 37 -11.38 0.55 9.93
CA ALA E 37 -11.21 1.09 8.57
C ALA E 37 -9.78 0.94 8.06
N ASN E 38 -9.60 1.11 6.76
CA ASN E 38 -8.26 1.14 6.20
C ASN E 38 -7.49 2.31 6.77
N PRO E 39 -6.16 2.20 6.83
CA PRO E 39 -5.34 3.37 7.10
C PRO E 39 -5.43 4.23 5.85
N VAL E 40 -5.52 5.56 5.99
CA VAL E 40 -5.62 6.43 4.81
C VAL E 40 -4.20 6.90 4.47
N SER E 41 -3.27 6.54 5.34
CA SER E 41 -1.87 6.85 5.17
C SER E 41 -1.07 6.11 6.23
N PHE E 42 0.26 6.15 6.11
CA PHE E 42 1.14 5.51 7.09
C PHE E 42 2.08 6.52 7.73
N ASN E 43 1.98 7.79 7.31
CA ASN E 43 2.62 8.89 8.02
C ASN E 43 1.60 9.74 8.79
N PRO E 44 1.70 9.76 10.14
CA PRO E 44 0.70 10.45 10.96
C PRO E 44 0.66 11.95 10.68
N GLN E 45 1.72 12.48 10.09
CA GLN E 45 1.75 13.90 9.78
C GLN E 45 0.59 14.39 8.89
N VAL E 46 0.13 13.55 7.96
CA VAL E 46 -0.74 14.05 6.89
C VAL E 46 -2.21 13.78 7.10
N THR E 47 -2.58 13.39 8.31
CA THR E 47 -3.96 13.04 8.58
C THR E 47 -4.30 13.26 10.06
N THR E 48 -5.59 13.39 10.35
CA THR E 48 -6.08 13.32 11.73
C THR E 48 -7.23 12.30 11.80
N THR E 49 -7.28 11.40 10.84
CA THR E 49 -8.30 10.35 10.88
C THR E 49 -8.01 9.35 11.99
N GLY E 50 -8.82 9.43 13.05
CA GLY E 50 -8.68 8.63 14.24
C GLY E 50 -8.30 7.19 13.97
N SER E 51 -9.18 6.46 13.27
CA SER E 51 -8.96 5.05 12.98
C SER E 51 -7.60 4.79 12.32
N THR E 52 -7.02 5.81 11.70
CA THR E 52 -5.73 5.63 11.03
C THR E 52 -4.57 5.80 12.01
N ILE E 53 -4.65 6.86 12.79
CA ILE E 53 -3.66 7.13 13.82
C ILE E 53 -3.55 5.94 14.81
N ASP E 54 -4.71 5.36 15.16
CA ASP E 54 -4.79 4.15 16.01
C ASP E 54 -3.96 2.97 15.50
N ILE E 55 -3.83 2.85 14.18
CA ILE E 55 -3.06 1.75 13.61
C ILE E 55 -1.56 2.05 13.51
N ILE E 56 -1.23 3.29 13.15
CA ILE E 56 0.13 3.60 12.72
C ILE E 56 1.03 4.32 13.75
N ALA E 57 0.44 5.16 14.59
CA ALA E 57 1.24 6.15 15.30
C ALA E 57 2.20 5.53 16.34
N ASN E 58 1.64 4.82 17.32
CA ASN E 58 2.41 4.27 18.41
C ASN E 58 3.16 2.99 18.04
N GLN E 59 2.70 2.31 17.00
CA GLN E 59 3.31 1.05 16.61
C GLN E 59 4.59 1.28 15.80
N LEU E 60 4.54 2.25 14.89
CA LEU E 60 5.62 2.44 13.94
C LEU E 60 6.67 3.48 14.35
N TYR E 61 6.31 4.34 15.29
CA TYR E 61 7.11 5.53 15.54
C TYR E 61 7.34 5.80 17.02
N ASP E 62 8.18 6.79 17.27
CA ASP E 62 8.28 7.40 18.58
C ASP E 62 8.31 8.91 18.35
N ARG E 63 7.86 9.64 19.36
CA ARG E 63 8.01 11.08 19.40
C ARG E 63 9.33 11.44 20.09
N LEU E 64 9.61 12.73 20.20
CA LEU E 64 10.75 13.22 20.98
C LEU E 64 10.44 13.20 22.47
N ILE E 65 9.18 13.42 22.83
CA ILE E 65 8.72 13.38 24.21
C ILE E 65 7.27 12.88 24.33
N SER E 66 6.93 12.39 25.52
CA SER E 66 5.56 12.00 25.84
C SER E 66 5.06 12.62 27.15
N ILE E 67 3.82 12.29 27.49
CA ILE E 67 3.17 12.74 28.71
C ILE E 67 3.04 11.58 29.67
N ASP E 68 3.30 11.85 30.95
CA ASP E 68 3.20 10.83 31.98
C ASP E 68 1.74 10.48 32.25
N PRO E 69 1.47 9.18 32.46
CA PRO E 69 0.11 8.72 32.79
C PRO E 69 -0.31 9.09 34.21
N VAL E 70 0.65 9.33 35.09
CA VAL E 70 0.38 9.71 36.49
C VAL E 70 0.68 11.18 36.82
N THR E 71 1.95 11.58 36.74
CA THR E 71 2.35 12.93 37.12
C THR E 71 2.01 13.99 36.07
N ALA E 72 1.63 13.55 34.87
CA ALA E 72 1.30 14.46 33.77
C ALA E 72 2.49 15.31 33.31
N GLU E 73 3.69 14.97 33.77
CA GLU E 73 4.88 15.70 33.39
C GLU E 73 5.40 15.23 32.05
N PHE E 74 6.33 15.97 31.47
CA PHE E 74 6.92 15.51 30.22
C PHE E 74 7.89 14.39 30.47
N LYS E 75 7.89 13.43 29.55
CA LYS E 75 8.68 12.22 29.66
C LYS E 75 9.61 12.07 28.47
N SER E 76 10.81 11.60 28.75
CA SER E 76 11.80 11.39 27.71
C SER E 76 11.40 10.28 26.77
N GLU E 77 11.39 10.58 25.48
CA GLU E 77 11.30 9.54 24.45
C GLU E 77 12.47 9.49 23.52
N LEU E 78 12.40 10.20 22.39
CA LEU E 78 13.56 10.21 21.49
C LEU E 78 14.47 11.31 22.01
N ALA E 79 13.96 12.18 22.87
CA ALA E 79 14.78 13.23 23.44
C ALA E 79 15.07 12.86 24.88
N THR E 80 16.35 12.91 25.25
CA THR E 80 16.74 12.64 26.63
C THR E 80 16.47 13.86 27.52
N ASP E 81 16.58 15.06 26.94
CA ASP E 81 16.46 16.29 27.71
C ASP E 81 15.97 17.45 26.84
N TRP E 82 15.39 18.47 27.47
CA TRP E 82 14.88 19.62 26.76
C TRP E 82 14.99 20.88 27.63
N LYS E 83 15.20 22.04 27.01
CA LYS E 83 15.29 23.32 27.71
C LYS E 83 14.54 24.43 26.97
N ILE E 84 13.68 25.15 27.69
CA ILE E 84 13.06 26.34 27.15
C ILE E 84 13.90 27.55 27.55
N SER E 85 14.27 28.38 26.58
CA SER E 85 15.07 29.57 26.86
C SER E 85 14.35 30.56 27.81
N LYS E 86 15.08 31.55 28.32
CA LYS E 86 14.48 32.49 29.24
C LYS E 86 13.31 33.20 28.60
N ASP E 87 13.45 33.58 27.32
CA ASP E 87 12.37 34.27 26.64
C ASP E 87 11.38 33.29 26.01
N GLY E 88 11.49 32.02 26.39
CA GLY E 88 10.62 30.98 25.86
C GLY E 88 10.49 30.97 24.36
N LYS E 89 11.49 31.52 23.66
CA LYS E 89 11.49 31.55 22.20
C LYS E 89 12.44 30.55 21.57
N SER E 90 13.22 29.85 22.39
CA SER E 90 14.09 28.78 21.91
C SER E 90 13.87 27.50 22.70
N VAL E 91 13.87 26.36 22.03
CA VAL E 91 13.65 25.09 22.70
C VAL E 91 14.65 24.07 22.20
N THR E 92 15.53 23.61 23.09
CA THR E 92 16.62 22.75 22.68
C THR E 92 16.35 21.30 23.09
N PHE E 93 16.70 20.37 22.20
CA PHE E 93 16.53 18.95 22.47
C PHE E 93 17.86 18.24 22.35
N THR E 94 18.22 17.51 23.39
CA THR E 94 19.33 16.57 23.29
C THR E 94 18.71 15.26 22.88
N LEU E 95 19.28 14.64 21.86
CA LEU E 95 18.65 13.45 21.31
C LEU E 95 19.23 12.14 21.85
N ARG E 96 18.37 11.14 22.01
CA ARG E 96 18.82 9.85 22.50
C ARG E 96 19.85 9.31 21.51
N LYS E 97 21.03 8.97 22.02
CA LYS E 97 22.08 8.42 21.18
C LYS E 97 21.82 6.93 20.90
N GLY E 98 22.27 6.44 19.76
CA GLY E 98 22.25 5.02 19.47
C GLY E 98 20.90 4.49 19.02
N VAL E 99 20.04 5.35 18.48
CA VAL E 99 18.72 4.92 18.01
C VAL E 99 18.70 4.57 16.53
N LYS E 100 18.21 3.38 16.22
CA LYS E 100 18.21 2.87 14.85
C LYS E 100 16.85 2.95 14.17
N PHE E 101 16.80 3.53 12.99
CA PHE E 101 15.63 3.39 12.12
C PHE E 101 15.42 1.95 11.61
N HIS E 102 14.16 1.58 11.44
CA HIS E 102 13.75 0.31 10.87
C HIS E 102 14.57 -0.17 9.67
N THR E 103 14.96 -1.44 9.66
CA THR E 103 15.36 -2.08 8.42
C THR E 103 14.11 -2.80 7.90
N THR E 104 13.53 -2.30 6.82
CA THR E 104 12.42 -2.99 6.15
C THR E 104 12.93 -3.71 4.90
N ALA E 105 12.02 -4.36 4.20
CA ALA E 105 12.36 -5.02 2.94
C ALA E 105 12.81 -3.99 1.89
N TYR E 106 12.33 -2.76 2.02
CA TYR E 106 12.62 -1.69 1.05
C TYR E 106 13.70 -0.69 1.51
N PHE E 107 13.99 -0.64 2.80
CA PHE E 107 14.98 0.31 3.26
C PHE E 107 15.93 -0.34 4.26
N THR E 108 17.20 0.06 4.18
CA THR E 108 18.21 -0.33 5.14
C THR E 108 19.02 0.88 5.52
N PRO E 109 18.90 1.31 6.79
CA PRO E 109 19.58 2.50 7.29
C PRO E 109 21.12 2.41 7.21
N THR E 110 21.75 3.58 7.14
CA THR E 110 23.18 3.71 6.90
C THR E 110 23.84 4.47 8.05
N ARG E 111 23.04 5.19 8.82
CA ARG E 111 23.47 5.85 10.06
C ARG E 111 22.29 5.80 11.02
N GLU E 112 22.51 6.24 12.24
CA GLU E 112 21.47 6.20 13.26
C GLU E 112 20.72 7.52 13.33
N PHE E 113 19.60 7.50 14.04
CA PHE E 113 18.80 8.68 14.32
C PHE E 113 19.66 9.82 14.82
N ASN E 114 19.51 10.99 14.21
CA ASN E 114 20.17 12.21 14.68
C ASN E 114 19.43 13.50 14.36
N ALA E 115 20.11 14.61 14.61
CA ALA E 115 19.48 15.92 14.58
C ALA E 115 18.84 16.23 13.22
N ASP E 116 19.46 15.74 12.17
CA ASP E 116 18.98 16.00 10.81
C ASP E 116 17.61 15.36 10.57
N ASP E 117 17.33 14.26 11.26
CA ASP E 117 16.02 13.64 11.19
C ASP E 117 14.97 14.54 11.80
N VAL E 118 15.31 15.16 12.92
CA VAL E 118 14.35 16.06 13.57
C VAL E 118 14.11 17.27 12.67
N ILE E 119 15.19 17.92 12.27
CA ILE E 119 15.11 19.08 11.38
C ILE E 119 14.25 18.73 10.15
N PHE E 120 14.60 17.63 9.48
CA PHE E 120 13.82 17.21 8.32
C PHE E 120 12.35 17.01 8.66
N THR E 121 12.08 16.24 9.71
CA THR E 121 10.73 15.79 9.99
C THR E 121 9.84 17.00 10.20
N PHE E 122 10.30 17.89 11.07
CA PHE E 122 9.46 18.99 11.50
C PHE E 122 9.51 20.18 10.55
N SER E 123 10.62 20.36 9.85
CA SER E 123 10.65 21.47 8.92
C SER E 123 9.80 21.15 7.69
N ARG E 124 9.46 19.88 7.51
CA ARG E 124 8.58 19.50 6.41
C ARG E 124 7.26 20.19 6.57
N LEU E 125 6.91 20.53 7.82
CA LEU E 125 5.59 21.05 8.15
C LEU E 125 5.39 22.51 7.72
N PHE E 126 6.48 23.28 7.69
CA PHE E 126 6.36 24.73 7.52
C PHE E 126 7.26 25.38 6.47
N ASP E 127 8.36 24.71 6.12
CA ASP E 127 9.39 25.32 5.29
C ASP E 127 9.18 24.96 3.82
N VAL E 128 8.89 25.96 3.00
CA VAL E 128 8.66 25.71 1.57
C VAL E 128 9.91 25.30 0.80
N TYR E 129 11.07 25.31 1.44
CA TYR E 129 12.31 24.77 0.86
C TYR E 129 12.53 23.31 1.25
N ASN E 130 11.71 22.80 2.15
CA ASN E 130 11.79 21.39 2.47
C ASN E 130 11.24 20.60 1.28
N PRO E 131 12.07 19.71 0.72
CA PRO E 131 11.76 18.98 -0.52
C PRO E 131 10.51 18.12 -0.39
N TYR E 132 9.98 17.99 0.82
CA TYR E 132 8.81 17.18 1.03
C TYR E 132 7.61 18.00 1.42
N HIS E 133 7.82 19.29 1.70
CA HIS E 133 6.71 20.13 2.15
C HIS E 133 5.46 19.95 1.27
N PHE E 134 5.67 19.75 -0.03
CA PHE E 134 4.59 19.82 -1.04
C PHE E 134 4.08 18.47 -1.50
N VAL E 135 4.68 17.40 -1.00
CA VAL E 135 4.10 16.07 -1.21
C VAL E 135 3.17 15.77 -0.03
N GLY E 136 1.99 15.25 -0.33
CA GLY E 136 1.43 15.30 -1.66
C GLY E 136 0.35 16.37 -1.59
N ASP E 137 -0.35 16.43 -0.45
CA ASP E 137 -1.43 17.40 -0.25
C ASP E 137 -0.88 18.72 0.27
N ALA E 138 0.38 18.72 0.68
CA ALA E 138 0.96 19.82 1.44
C ALA E 138 0.09 20.07 2.64
N ASN E 139 -0.49 18.99 3.16
CA ASN E 139 -1.46 19.08 4.24
C ASN E 139 -0.94 18.40 5.51
N TYR E 140 -0.95 19.15 6.61
CA TYR E 140 -0.55 18.66 7.92
C TYR E 140 -1.64 19.08 8.93
N PRO E 141 -2.78 18.39 8.86
CA PRO E 141 -4.03 18.86 9.48
C PRO E 141 -3.88 19.20 10.96
N TYR E 142 -3.22 18.35 11.72
CA TYR E 142 -3.06 18.59 13.15
C TYR E 142 -2.24 19.85 13.41
N PHE E 143 -1.07 19.93 12.79
CA PHE E 143 -0.16 21.03 13.04
C PHE E 143 -0.71 22.38 12.58
N GLN E 144 -1.44 22.40 11.47
CA GLN E 144 -2.09 23.64 11.01
C GLN E 144 -3.23 24.06 11.94
N SER E 145 -4.00 23.11 12.42
CA SER E 145 -5.16 23.43 13.24
C SER E 145 -4.67 24.03 14.52
N VAL E 146 -3.46 23.65 14.87
CA VAL E 146 -2.90 23.98 16.16
C VAL E 146 -1.93 25.15 16.00
N GLY E 147 -1.62 25.46 14.75
CA GLY E 147 -0.79 26.59 14.42
C GLY E 147 0.70 26.38 14.56
N ILE E 148 1.14 25.13 14.79
CA ILE E 148 2.57 24.88 14.91
C ILE E 148 3.30 25.28 13.62
N ASP E 149 2.57 25.32 12.50
CA ASP E 149 3.20 25.62 11.21
C ASP E 149 3.58 27.10 11.04
N GLN E 150 2.91 27.97 11.79
CA GLN E 150 3.21 29.39 11.71
C GLN E 150 4.10 29.83 12.87
N LEU E 151 4.29 28.93 13.83
CA LEU E 151 5.05 29.22 15.05
C LEU E 151 6.57 29.08 14.87
N ILE E 152 7.01 27.96 14.32
CA ILE E 152 8.43 27.69 14.16
C ILE E 152 9.04 28.62 13.11
N ARG E 153 10.18 29.23 13.44
CA ARG E 153 10.96 30.04 12.49
C ARG E 153 12.06 29.19 11.83
N LYS E 154 12.75 28.41 12.63
CA LYS E 154 13.84 27.56 12.16
C LYS E 154 14.08 26.46 13.18
N ILE E 155 14.72 25.40 12.75
CA ILE E 155 15.21 24.41 13.67
C ILE E 155 16.70 24.29 13.38
N VAL E 156 17.51 24.65 14.36
CA VAL E 156 18.95 24.72 14.19
C VAL E 156 19.65 23.49 14.70
N ARG E 157 20.60 23.00 13.92
CA ARG E 157 21.40 21.86 14.34
C ARG E 157 22.57 22.37 15.16
N VAL E 158 22.68 21.94 16.41
CA VAL E 158 23.77 22.47 17.23
C VAL E 158 24.91 21.49 17.23
N SER E 159 24.56 20.22 17.43
CA SER E 159 25.48 19.10 17.27
C SER E 159 24.68 17.91 16.76
N ASP E 160 25.36 16.79 16.52
CA ASP E 160 24.71 15.60 16.03
C ASP E 160 23.51 15.19 16.86
N HIS E 161 23.65 15.31 18.17
CA HIS E 161 22.58 14.87 19.04
C HIS E 161 21.92 16.00 19.80
N GLN E 162 21.94 17.20 19.22
CA GLN E 162 21.27 18.33 19.83
C GLN E 162 20.71 19.29 18.78
N VAL E 163 19.44 19.65 18.94
CA VAL E 163 18.73 20.44 17.95
C VAL E 163 17.95 21.55 18.65
N ARG E 164 17.90 22.74 18.07
CA ARG E 164 17.20 23.86 18.72
C ARG E 164 16.03 24.38 17.89
N PHE E 165 14.84 24.39 18.47
CA PHE E 165 13.67 25.00 17.81
C PHE E 165 13.61 26.47 18.12
N GLU E 166 13.48 27.29 17.08
CA GLU E 166 13.33 28.73 17.25
C GLU E 166 11.90 29.12 16.92
N LEU E 167 11.28 29.92 17.77
CA LEU E 167 9.88 30.24 17.64
C LEU E 167 9.75 31.74 17.43
N PHE E 168 8.67 32.16 16.77
CA PHE E 168 8.38 33.58 16.57
C PHE E 168 7.89 34.26 17.84
N ASN E 169 7.47 33.47 18.83
CA ASN E 169 7.06 33.98 20.12
C ASN E 169 6.94 32.85 21.10
N ALA E 170 6.94 33.19 22.39
CA ALA E 170 6.75 32.20 23.42
C ALA E 170 5.43 31.51 23.17
N GLU E 171 5.43 30.18 23.28
CA GLU E 171 4.19 29.44 23.22
C GLU E 171 4.19 28.30 24.23
N SER E 172 3.33 28.43 25.23
CA SER E 172 3.26 27.47 26.33
C SER E 172 2.74 26.11 25.90
N SER E 173 2.02 26.05 24.77
CA SER E 173 1.40 24.81 24.32
C SER E 173 2.34 24.01 23.39
N PHE E 174 3.50 24.60 23.10
CA PHE E 174 4.44 24.00 22.16
C PHE E 174 4.91 22.59 22.54
N LEU E 175 5.53 22.45 23.72
CA LEU E 175 6.01 21.14 24.16
C LEU E 175 4.88 20.12 24.17
N ALA E 176 3.70 20.56 24.56
CA ALA E 176 2.53 19.69 24.63
C ALA E 176 2.14 19.21 23.24
N ASN E 177 2.28 20.08 22.24
CA ASN E 177 2.03 19.68 20.87
C ASN E 177 3.10 18.71 20.36
N MET E 178 4.34 18.88 20.81
CA MET E 178 5.42 17.97 20.44
C MET E 178 5.30 16.60 21.13
N ALA E 179 4.29 16.45 21.99
CA ALA E 179 4.08 15.18 22.67
C ALA E 179 2.83 14.45 22.18
N THR E 180 2.12 15.02 21.20
CA THR E 180 0.94 14.37 20.66
C THR E 180 1.26 13.22 19.70
N ASP E 181 0.25 12.44 19.39
CA ASP E 181 0.35 11.32 18.46
C ASP E 181 0.98 11.66 17.10
N PHE E 182 0.76 12.88 16.65
CA PHE E 182 1.22 13.34 15.35
C PHE E 182 2.69 13.73 15.27
N ALA E 183 3.30 14.04 16.41
CA ALA E 183 4.65 14.59 16.41
C ALA E 183 5.70 13.51 16.41
N VAL E 184 5.56 12.55 15.50
CA VAL E 184 6.52 11.47 15.34
C VAL E 184 7.78 11.94 14.59
N VAL E 185 8.86 11.19 14.78
CA VAL E 185 10.13 11.48 14.15
C VAL E 185 10.28 10.53 13.00
N LEU E 186 10.55 11.08 11.81
CA LEU E 186 10.72 10.31 10.58
C LEU E 186 12.17 10.30 10.11
N SER E 187 12.45 9.50 9.09
CA SER E 187 13.81 9.25 8.61
C SER E 187 14.25 10.14 7.42
N LYS E 188 15.09 11.13 7.70
CA LYS E 188 15.56 11.99 6.61
C LYS E 188 16.23 11.17 5.52
N GLU E 189 17.04 10.21 5.92
CA GLU E 189 17.82 9.41 4.97
C GLU E 189 16.94 8.65 3.99
N TYR E 190 15.81 8.15 4.48
CA TYR E 190 14.86 7.44 3.63
C TYR E 190 14.20 8.45 2.70
N ALA E 191 13.79 9.57 3.26
CA ALA E 191 13.21 10.64 2.44
C ALA E 191 14.14 10.96 1.28
N MET E 192 15.42 11.23 1.57
CA MET E 192 16.35 11.67 0.53
C MET E 192 16.66 10.55 -0.46
N ALA E 193 16.68 9.32 0.04
CA ALA E 193 16.85 8.15 -0.82
C ALA E 193 15.74 8.11 -1.86
N LEU E 194 14.51 8.33 -1.43
CA LEU E 194 13.37 8.32 -2.34
C LEU E 194 13.38 9.55 -3.25
N LYS E 195 13.78 10.68 -2.70
CA LYS E 195 13.78 11.93 -3.47
C LYS E 195 14.66 11.76 -4.68
N ALA E 196 15.77 11.05 -4.50
CA ALA E 196 16.73 10.87 -5.58
C ALA E 196 16.21 9.95 -6.66
N ASN E 197 15.22 9.12 -6.33
CA ASN E 197 14.59 8.23 -7.30
C ASN E 197 13.38 8.88 -7.94
N ASN E 198 13.01 10.05 -7.42
CA ASN E 198 11.75 10.69 -7.81
C ASN E 198 10.56 9.84 -7.39
N GLN E 199 10.69 9.20 -6.23
CA GLN E 199 9.66 8.33 -5.68
C GLN E 199 9.21 8.83 -4.32
N GLU E 200 9.12 10.14 -4.21
CA GLU E 200 8.65 10.78 -2.99
C GLU E 200 7.32 10.21 -2.50
N ASN E 201 6.47 9.78 -3.43
CA ASN E 201 5.13 9.30 -3.07
C ASN E 201 5.16 8.01 -2.27
N LEU E 202 6.30 7.35 -2.21
CA LEU E 202 6.42 6.14 -1.40
C LEU E 202 6.65 6.44 0.07
N PHE E 203 7.13 7.65 0.36
CA PHE E 203 7.54 8.02 1.71
C PHE E 203 6.45 7.89 2.77
N ASP E 204 5.27 8.46 2.50
CA ASP E 204 4.13 8.37 3.43
C ASP E 204 3.40 7.02 3.34
N GLN E 205 3.77 6.23 2.33
CA GLN E 205 3.05 5.00 1.94
C GLN E 205 3.76 3.76 2.44
N TYR E 206 5.08 3.75 2.34
CA TYR E 206 5.87 2.66 2.88
C TYR E 206 6.76 3.20 3.98
N PRO E 207 6.25 3.15 5.22
CA PRO E 207 6.82 3.90 6.34
C PRO E 207 8.17 3.38 6.82
N VAL E 208 8.99 4.29 7.34
CA VAL E 208 10.21 3.93 8.07
C VAL E 208 10.27 4.74 9.36
N GLY E 209 10.04 4.08 10.50
CA GLY E 209 10.08 4.75 11.78
C GLY E 209 11.16 4.21 12.70
N THR E 210 11.12 4.63 13.96
CA THR E 210 11.97 4.05 14.99
C THR E 210 11.17 3.17 15.96
N GLY E 211 9.85 3.11 15.79
CA GLY E 211 8.97 2.43 16.73
C GLY E 211 9.19 0.94 16.89
N PRO E 212 8.46 0.32 17.82
CA PRO E 212 8.57 -1.09 18.22
C PRO E 212 8.13 -2.08 17.14
N TYR E 213 7.30 -1.63 16.21
CA TYR E 213 6.89 -2.50 15.12
C TYR E 213 7.25 -1.92 13.76
N ILE E 214 7.39 -2.80 12.76
CA ILE E 214 7.83 -2.43 11.43
C ILE E 214 6.82 -2.89 10.38
N TYR E 215 6.69 -2.10 9.31
CA TYR E 215 5.70 -2.39 8.27
C TYR E 215 6.09 -3.64 7.50
N LYS E 216 5.14 -4.57 7.36
CA LYS E 216 5.36 -5.75 6.53
C LYS E 216 4.50 -5.68 5.26
N GLU E 217 3.21 -5.42 5.44
CA GLU E 217 2.25 -5.60 4.37
C GLU E 217 0.98 -4.80 4.63
N TYR E 218 0.41 -4.21 3.58
CA TYR E 218 -0.94 -3.65 3.68
C TYR E 218 -1.80 -4.15 2.53
N ARG E 219 -2.97 -4.71 2.85
CA ARG E 219 -3.95 -5.12 1.83
C ARG E 219 -5.26 -4.42 2.10
N ARG E 220 -5.56 -3.45 1.24
CA ARG E 220 -6.79 -2.69 1.32
C ARG E 220 -8.00 -3.57 1.53
N ASP E 221 -8.81 -3.22 2.52
CA ASP E 221 -10.05 -3.93 2.82
C ASP E 221 -9.81 -5.25 3.57
N HIS E 222 -8.56 -5.67 3.68
CA HIS E 222 -8.28 -6.96 4.31
C HIS E 222 -7.40 -6.89 5.58
N LEU E 223 -6.19 -6.36 5.46
CA LEU E 223 -5.32 -6.29 6.65
C LEU E 223 -4.07 -5.41 6.53
N VAL E 224 -3.58 -4.97 7.68
CA VAL E 224 -2.21 -4.50 7.74
C VAL E 224 -1.45 -5.36 8.73
N ARG E 225 -0.22 -5.70 8.35
CA ARG E 225 0.61 -6.61 9.09
C ARG E 225 1.89 -5.87 9.41
N PHE E 226 2.19 -5.77 10.70
CA PHE E 226 3.44 -5.19 11.18
C PHE E 226 4.22 -6.32 11.84
N TYR E 227 5.54 -6.22 11.90
CA TYR E 227 6.31 -7.23 12.64
C TYR E 227 7.30 -6.61 13.62
N LYS E 228 7.79 -7.42 14.56
CA LYS E 228 8.63 -6.95 15.67
C LYS E 228 9.91 -6.21 15.24
N ASN E 229 10.15 -5.04 15.81
CA ASN E 229 11.43 -4.35 15.60
C ASN E 229 12.46 -4.95 16.54
N ALA E 230 13.32 -5.82 16.03
CA ALA E 230 14.30 -6.48 16.87
C ALA E 230 15.28 -5.46 17.44
N ASP E 231 15.38 -4.31 16.79
CA ASP E 231 16.33 -3.27 17.18
C ASP E 231 15.73 -2.25 18.14
N TYR E 232 14.50 -2.44 18.62
CA TYR E 232 13.85 -1.37 19.38
C TYR E 232 14.68 -0.83 20.57
N TRP E 233 14.83 0.50 20.62
CA TRP E 233 15.62 1.14 21.65
C TRP E 233 14.95 1.11 23.01
N LYS E 234 13.64 1.31 23.04
CA LYS E 234 12.97 1.51 24.33
C LYS E 234 12.86 0.24 25.16
N HIS E 235 12.42 -0.85 24.53
CA HIS E 235 12.31 -2.10 25.26
C HIS E 235 12.34 -3.29 24.33
N GLU E 236 12.33 -4.48 24.90
CA GLU E 236 12.28 -5.69 24.08
C GLU E 236 10.82 -5.93 23.70
N VAL E 237 10.53 -5.91 22.41
CA VAL E 237 9.14 -5.96 21.97
C VAL E 237 8.50 -7.30 22.32
N ALA E 238 7.37 -7.25 23.02
CA ALA E 238 6.71 -8.43 23.56
C ALA E 238 6.10 -9.36 22.51
N LEU E 239 5.68 -8.80 21.38
CA LEU E 239 4.99 -9.61 20.37
C LEU E 239 5.78 -9.74 19.08
N GLU E 240 5.55 -10.84 18.38
CA GLU E 240 6.23 -11.10 17.12
C GLU E 240 5.57 -10.39 15.94
N GLN E 241 4.27 -10.16 16.04
CA GLN E 241 3.51 -9.70 14.89
C GLN E 241 2.21 -9.01 15.31
N LEU E 242 1.91 -7.88 14.67
CA LEU E 242 0.58 -7.30 14.78
C LEU E 242 -0.16 -7.42 13.45
N VAL E 243 -1.34 -8.00 13.50
CA VAL E 243 -2.22 -8.02 12.35
C VAL E 243 -3.43 -7.17 12.66
N TYR E 244 -3.70 -6.19 11.79
CA TYR E 244 -4.93 -5.43 11.89
C TYR E 244 -5.91 -5.99 10.88
N ASP E 245 -7.02 -6.52 11.38
CA ASP E 245 -8.02 -7.17 10.57
C ASP E 245 -9.08 -6.10 10.25
N ILE E 246 -9.06 -5.58 9.02
CA ILE E 246 -10.01 -4.54 8.64
C ILE E 246 -11.45 -5.07 8.65
N THR E 247 -12.19 -4.70 9.68
CA THR E 247 -13.57 -5.10 9.83
C THR E 247 -14.41 -3.87 10.18
N PRO E 248 -14.95 -3.20 9.16
CA PRO E 248 -15.70 -1.98 9.41
C PRO E 248 -17.03 -2.26 10.13
N ASN E 249 -17.56 -3.47 10.02
CA ASN E 249 -18.81 -3.81 10.72
C ASN E 249 -18.53 -4.09 12.20
N GLY E 250 -19.06 -3.25 13.08
CA GLY E 250 -18.75 -3.37 14.49
C GLY E 250 -19.33 -4.59 15.20
N THR E 251 -20.48 -5.07 14.75
CA THR E 251 -21.06 -6.24 15.39
C THR E 251 -20.22 -7.47 15.01
N THR E 252 -19.64 -7.45 13.81
CA THR E 252 -18.71 -8.50 13.42
C THR E 252 -17.45 -8.43 14.27
N ARG E 253 -16.98 -7.21 14.53
CA ARG E 253 -15.80 -7.04 15.39
C ARG E 253 -16.05 -7.59 16.79
N ILE E 254 -17.27 -7.41 17.30
CA ILE E 254 -17.60 -8.01 18.60
C ILE E 254 -17.66 -9.54 18.51
N ALA E 255 -18.21 -10.06 17.41
CA ALA E 255 -18.35 -11.50 17.26
C ALA E 255 -16.99 -12.17 17.12
N LYS E 256 -16.01 -11.43 16.60
CA LYS E 256 -14.67 -11.95 16.40
C LYS E 256 -13.88 -12.05 17.72
N ILE E 257 -14.26 -11.20 18.68
CA ILE E 257 -13.76 -11.34 20.02
C ILE E 257 -14.25 -12.70 20.59
N LEU E 258 -15.53 -13.02 20.36
CA LEU E 258 -16.16 -14.23 20.90
C LEU E 258 -15.63 -15.49 20.27
N THR E 259 -15.27 -15.40 18.99
CA THR E 259 -14.73 -16.56 18.29
C THR E 259 -13.22 -16.60 18.38
N LYS E 260 -12.61 -15.63 19.07
CA LYS E 260 -11.15 -15.56 19.24
C LYS E 260 -10.38 -15.31 17.92
N GLU E 261 -11.08 -14.83 16.91
CA GLU E 261 -10.44 -14.42 15.65
C GLU E 261 -9.67 -13.10 15.80
N CYS E 262 -10.13 -12.25 16.72
CA CYS E 262 -9.46 -11.00 17.08
C CYS E 262 -9.16 -11.05 18.57
N ASP E 263 -8.08 -10.40 18.98
CA ASP E 263 -7.71 -10.36 20.39
C ASP E 263 -8.11 -9.04 21.05
N VAL E 264 -8.22 -7.97 20.26
CA VAL E 264 -8.62 -6.67 20.78
C VAL E 264 -9.52 -6.01 19.77
N THR E 265 -10.65 -5.48 20.20
CA THR E 265 -11.57 -4.83 19.26
C THR E 265 -11.66 -3.33 19.46
N ALA E 266 -11.51 -2.66 18.33
CA ALA E 266 -11.70 -1.24 18.20
C ALA E 266 -13.08 -0.80 18.68
N HIS E 267 -13.08 0.34 19.38
CA HIS E 267 -14.31 1.12 19.61
C HIS E 267 -15.60 0.44 19.16
N PRO E 268 -16.18 -0.39 20.01
CA PRO E 268 -17.59 -0.75 19.83
C PRO E 268 -18.47 0.31 20.47
N SER E 269 -19.73 -0.03 20.78
CA SER E 269 -20.62 0.86 21.53
C SER E 269 -21.11 0.10 22.76
N SER E 270 -21.56 0.84 23.78
CA SER E 270 -21.94 0.26 25.06
C SER E 270 -22.89 -0.92 24.94
N ALA E 271 -23.90 -0.79 24.08
CA ALA E 271 -24.88 -1.86 23.86
C ALA E 271 -24.29 -3.06 23.13
N GLN E 272 -23.51 -2.79 22.08
CA GLN E 272 -22.72 -3.81 21.40
C GLN E 272 -21.99 -4.70 22.43
N LEU E 273 -21.81 -4.18 23.65
CA LEU E 273 -21.02 -4.86 24.67
C LEU E 273 -21.82 -5.71 25.63
N SER E 274 -23.10 -5.39 25.78
CA SER E 274 -23.97 -6.13 26.69
C SER E 274 -23.78 -7.64 26.61
N ILE E 275 -23.60 -8.15 25.39
CA ILE E 275 -23.36 -9.58 25.14
C ILE E 275 -22.22 -10.14 25.99
N LEU E 276 -21.07 -9.47 25.98
CA LEU E 276 -19.92 -9.91 26.76
C LEU E 276 -20.04 -9.52 28.21
N ALA E 277 -21.28 -9.31 28.66
CA ALA E 277 -21.60 -8.86 30.02
C ALA E 277 -20.66 -9.27 31.14
N GLN E 278 -20.50 -10.57 31.35
CA GLN E 278 -19.68 -11.05 32.45
C GLN E 278 -18.59 -11.99 31.90
N ARG E 279 -18.13 -11.65 30.70
CA ARG E 279 -16.90 -12.18 30.09
C ARG E 279 -16.91 -13.70 29.84
N ASP E 280 -16.22 -14.49 30.66
CA ASP E 280 -15.47 -14.09 31.86
C ASP E 280 -13.97 -14.05 31.54
N ASP E 281 -13.66 -14.49 30.33
CA ASP E 281 -12.33 -14.43 29.77
C ASP E 281 -12.15 -13.23 28.83
N ILE E 282 -13.08 -12.27 28.92
CA ILE E 282 -13.06 -11.06 28.08
C ILE E 282 -12.97 -9.80 28.94
N ASN E 283 -12.01 -8.92 28.65
CA ASN E 283 -11.99 -7.62 29.33
C ASN E 283 -12.71 -6.56 28.53
N VAL E 284 -13.63 -5.87 29.20
CA VAL E 284 -14.36 -4.80 28.58
C VAL E 284 -13.98 -3.51 29.30
N GLU E 285 -13.22 -2.66 28.64
CA GLU E 285 -12.85 -1.36 29.19
C GLU E 285 -13.72 -0.21 28.69
N ARG E 286 -13.82 0.82 29.53
CA ARG E 286 -14.70 1.95 29.33
C ARG E 286 -14.07 3.16 30.03
N GLU E 287 -13.40 4.02 29.25
CA GLU E 287 -12.78 5.24 29.78
C GLU E 287 -13.42 6.45 29.14
N THR E 288 -13.88 7.39 29.94
CA THR E 288 -14.46 8.59 29.35
C THR E 288 -13.33 9.45 28.74
N ASN E 289 -13.57 9.93 27.53
CA ASN E 289 -12.52 10.55 26.74
C ASN E 289 -12.49 12.07 26.95
N LEU E 290 -11.33 12.71 26.72
CA LEU E 290 -11.20 14.16 26.91
C LEU E 290 -11.94 14.96 25.83
N ASN E 291 -13.23 15.13 26.02
CA ASN E 291 -14.05 15.93 25.11
C ASN E 291 -15.22 16.52 25.88
N ILE E 292 -15.88 17.50 25.29
CA ILE E 292 -17.12 18.01 25.85
C ILE E 292 -18.07 18.38 24.73
N GLY E 293 -19.32 17.96 24.86
CA GLY E 293 -20.37 18.42 23.98
C GLY E 293 -21.09 19.52 24.72
N TYR E 294 -21.42 20.62 24.04
CA TYR E 294 -21.99 21.77 24.72
C TYR E 294 -23.06 22.53 23.93
N TRP E 295 -23.73 23.46 24.62
CA TRP E 295 -24.64 24.39 23.99
C TRP E 295 -24.15 25.79 24.31
N ALA E 296 -23.54 26.45 23.34
CA ALA E 296 -22.98 27.79 23.50
C ALA E 296 -23.91 28.91 23.05
N PHE E 297 -23.88 30.02 23.78
CA PHE E 297 -24.67 31.18 23.42
C PHE E 297 -23.78 32.30 22.92
N ASN E 298 -24.31 33.04 21.93
CA ASN E 298 -23.66 34.24 21.41
C ASN E 298 -23.93 35.32 22.43
N THR E 299 -22.95 35.59 23.28
CA THR E 299 -23.17 36.41 24.46
C THR E 299 -23.15 37.92 24.17
N GLU E 300 -23.13 38.30 22.90
CA GLU E 300 -23.15 39.70 22.52
C GLU E 300 -24.44 40.02 21.78
N ARG E 301 -25.23 38.98 21.55
CA ARG E 301 -26.46 39.15 20.80
C ARG E 301 -27.68 38.98 21.69
N PRO E 302 -28.38 40.09 21.95
CA PRO E 302 -29.63 40.11 22.73
C PRO E 302 -30.64 39.14 22.14
N PRO E 303 -31.42 38.46 23.00
CA PRO E 303 -31.40 38.56 24.45
C PRO E 303 -30.34 37.64 25.10
N PHE E 304 -29.55 36.97 24.29
CA PHE E 304 -28.64 35.97 24.84
C PHE E 304 -27.43 36.59 25.53
N ASP E 305 -27.30 37.92 25.46
CA ASP E 305 -26.26 38.60 26.24
C ASP E 305 -26.70 38.81 27.70
N ASN E 306 -27.95 38.50 27.99
CA ASN E 306 -28.48 38.55 29.37
C ASN E 306 -28.35 37.20 30.10
N LEU E 307 -27.47 37.14 31.09
CA LEU E 307 -27.26 35.96 31.91
C LEU E 307 -28.55 35.24 32.36
N LYS E 308 -29.60 35.99 32.68
CA LYS E 308 -30.83 35.36 33.15
C LYS E 308 -31.59 34.67 32.02
N VAL E 309 -31.29 35.07 30.79
CA VAL E 309 -31.90 34.48 29.62
C VAL E 309 -31.18 33.17 29.30
N ARG E 310 -29.87 33.14 29.55
CA ARG E 310 -29.13 31.90 29.40
C ARG E 310 -29.65 30.88 30.40
N GLN E 311 -29.49 31.19 31.68
CA GLN E 311 -29.98 30.30 32.73
C GLN E 311 -31.39 29.80 32.43
N ALA E 312 -32.30 30.71 32.11
CA ALA E 312 -33.69 30.33 31.85
C ALA E 312 -33.77 29.32 30.71
N LEU E 313 -33.01 29.57 29.65
CA LEU E 313 -32.99 28.67 28.51
C LEU E 313 -32.47 27.28 28.91
N VAL E 314 -31.44 27.24 29.76
CA VAL E 314 -30.81 25.98 30.13
C VAL E 314 -31.67 25.13 31.07
N HIS E 315 -32.35 25.77 32.01
CA HIS E 315 -33.26 25.08 32.91
C HIS E 315 -34.36 24.32 32.15
N ALA E 316 -34.72 24.81 30.96
CA ALA E 316 -35.86 24.26 30.23
C ALA E 316 -35.52 22.99 29.46
N ILE E 317 -34.25 22.61 29.52
CA ILE E 317 -33.77 21.48 28.75
C ILE E 317 -33.73 20.17 29.55
N ASP E 318 -34.67 19.29 29.25
CA ASP E 318 -34.68 17.94 29.82
C ASP E 318 -33.44 17.20 29.35
N ILE E 319 -32.31 17.49 29.99
CA ILE E 319 -31.03 16.93 29.58
C ILE E 319 -31.00 15.40 29.73
N GLU E 320 -31.82 14.89 30.65
CA GLU E 320 -31.95 13.45 30.83
C GLU E 320 -32.53 12.82 29.56
N LYS E 321 -33.57 13.43 29.01
CA LYS E 321 -34.13 12.99 27.74
C LYS E 321 -33.04 12.82 26.70
N ILE E 322 -32.20 13.85 26.58
CA ILE E 322 -31.20 13.85 25.53
C ILE E 322 -30.11 12.80 25.77
N MET E 323 -29.81 12.49 27.03
CA MET E 323 -28.77 11.51 27.33
C MET E 323 -29.17 10.12 26.83
N GLN E 324 -30.46 9.80 26.92
CA GLN E 324 -30.95 8.49 26.46
C GLN E 324 -31.30 8.44 24.97
N ALA E 325 -31.61 9.59 24.39
CA ALA E 325 -32.06 9.64 22.99
C ALA E 325 -30.97 10.08 22.01
N VAL E 326 -29.96 10.78 22.49
CA VAL E 326 -28.88 11.22 21.60
C VAL E 326 -27.63 10.37 21.81
N TYR E 327 -27.31 10.10 23.06
CA TYR E 327 -26.07 9.41 23.38
C TYR E 327 -26.26 7.90 23.49
N TYR E 328 -27.51 7.49 23.66
CA TYR E 328 -27.88 6.08 23.77
C TYR E 328 -26.93 5.39 24.73
N GLY E 329 -26.79 5.97 25.92
CA GLY E 329 -25.94 5.41 26.95
C GLY E 329 -24.47 5.31 26.61
N ASN E 330 -24.03 5.99 25.56
CA ASN E 330 -22.60 6.04 25.24
C ASN E 330 -21.91 7.32 25.69
N GLY E 331 -22.60 8.10 26.51
CA GLY E 331 -22.04 9.33 27.01
C GLY E 331 -22.10 9.43 28.52
N LEU E 332 -21.25 10.29 29.07
CA LEU E 332 -21.23 10.60 30.48
C LEU E 332 -21.85 11.97 30.64
N ARG E 333 -22.91 12.07 31.44
CA ARG E 333 -23.50 13.38 31.76
C ARG E 333 -22.42 14.30 32.31
N ALA E 334 -22.36 15.53 31.83
CA ALA E 334 -21.31 16.46 32.25
C ALA E 334 -21.56 17.02 33.66
N ARG E 335 -20.52 17.05 34.49
CA ARG E 335 -20.57 17.69 35.81
C ARG E 335 -19.71 18.97 35.87
N SER E 336 -19.21 19.36 34.70
CA SER E 336 -18.33 20.51 34.54
C SER E 336 -17.95 20.47 33.06
N ILE E 337 -17.39 21.55 32.53
CA ILE E 337 -16.90 21.49 31.16
C ILE E 337 -15.86 20.40 31.08
N LEU E 338 -15.18 20.13 32.19
CA LEU E 338 -14.15 19.09 32.17
C LEU E 338 -14.79 17.75 32.49
N PRO E 339 -14.37 16.71 31.77
CA PRO E 339 -14.71 15.32 32.10
C PRO E 339 -13.89 14.87 33.30
N PRO E 340 -14.41 13.91 34.08
CA PRO E 340 -13.66 13.51 35.27
C PRO E 340 -12.27 12.94 34.98
N THR E 341 -11.93 12.73 33.72
CA THR E 341 -10.61 12.14 33.41
C THR E 341 -9.56 13.21 33.10
N SER E 342 -9.99 14.47 33.18
CA SER E 342 -9.06 15.59 33.20
C SER E 342 -8.48 15.67 34.61
N TRP E 343 -7.17 15.86 34.77
CA TRP E 343 -6.65 15.96 36.13
C TRP E 343 -7.10 17.24 36.85
N ALA E 344 -7.72 18.17 36.12
CA ALA E 344 -8.19 19.40 36.76
C ALA E 344 -9.66 19.32 37.15
N PHE E 345 -10.29 18.19 36.85
CA PHE E 345 -11.71 18.07 37.07
C PHE E 345 -12.14 18.45 38.48
N GLU E 346 -13.25 19.17 38.57
CA GLU E 346 -13.88 19.48 39.84
C GLU E 346 -15.38 19.49 39.63
N PRO E 347 -16.10 18.61 40.35
CA PRO E 347 -17.55 18.60 40.16
C PRO E 347 -18.13 19.99 40.40
N GLN E 348 -19.10 20.39 39.60
CA GLN E 348 -19.72 21.68 39.82
C GLN E 348 -21.02 21.49 40.54
N LYS E 349 -21.11 22.10 41.72
CA LYS E 349 -22.23 21.89 42.61
C LYS E 349 -23.44 22.71 42.18
N ASN E 350 -23.20 23.72 41.35
CA ASN E 350 -24.26 24.60 40.89
C ASN E 350 -24.81 24.38 39.49
N MET E 351 -24.66 23.16 38.95
CA MET E 351 -25.21 22.85 37.63
C MET E 351 -26.71 23.05 37.63
N PRO E 352 -27.22 23.90 36.73
CA PRO E 352 -28.65 24.20 36.67
C PRO E 352 -29.45 22.91 36.54
N ILE E 353 -30.52 22.76 37.32
CA ILE E 353 -31.35 21.56 37.24
C ILE E 353 -32.46 21.75 36.21
N PHE E 354 -32.94 20.65 35.64
CA PHE E 354 -34.09 20.70 34.74
C PHE E 354 -35.33 21.14 35.51
N ASP E 355 -35.87 22.30 35.17
CA ASP E 355 -37.04 22.85 35.85
C ASP E 355 -37.76 23.91 34.99
N PRO E 356 -38.61 23.45 34.07
CA PRO E 356 -39.25 24.29 33.07
C PRO E 356 -40.11 25.39 33.69
N GLN E 357 -40.61 25.16 34.90
CA GLN E 357 -41.34 26.20 35.60
C GLN E 357 -40.36 27.30 35.97
N LEU E 358 -39.27 26.92 36.63
CA LEU E 358 -38.23 27.86 37.02
C LEU E 358 -37.76 28.67 35.83
N ALA E 359 -37.71 28.04 34.66
CA ALA E 359 -37.34 28.74 33.44
C ALA E 359 -38.37 29.81 33.07
N LYS E 360 -39.63 29.42 32.97
CA LYS E 360 -40.72 30.33 32.60
C LYS E 360 -40.72 31.57 33.48
N LYS E 361 -40.58 31.35 34.78
CA LYS E 361 -40.54 32.43 35.74
C LYS E 361 -39.30 33.28 35.56
N LEU E 362 -38.26 32.72 34.93
CA LEU E 362 -37.02 33.47 34.75
C LEU E 362 -37.04 34.34 33.50
N LEU E 363 -37.50 33.77 32.40
CA LEU E 363 -37.67 34.52 31.15
C LEU E 363 -38.63 35.65 31.40
N THR E 364 -39.62 35.36 32.22
CA THR E 364 -40.64 36.34 32.58
C THR E 364 -40.04 37.47 33.41
N GLU E 365 -39.22 37.10 34.38
CA GLU E 365 -38.57 38.09 35.24
C GLU E 365 -37.40 38.76 34.52
N ALA E 366 -37.45 38.72 33.19
CA ALA E 366 -36.47 39.41 32.36
C ALA E 366 -37.14 39.98 31.12
N GLY E 367 -38.45 40.22 31.22
CA GLY E 367 -39.22 40.77 30.13
C GLY E 367 -39.97 39.72 29.36
N TYR E 368 -39.20 38.91 28.62
CA TYR E 368 -39.76 37.93 27.70
C TYR E 368 -40.81 37.04 28.35
N GLU E 369 -42.07 37.18 27.96
CA GLU E 369 -42.52 38.12 26.93
C GLU E 369 -44.02 37.97 26.60
N LYS E 370 -44.52 36.75 26.66
CA LYS E 370 -43.72 35.58 27.01
C LYS E 370 -42.96 35.04 25.80
N GLY E 371 -41.64 34.94 25.95
CA GLY E 371 -40.80 34.26 24.97
C GLY E 371 -40.39 35.06 23.73
N PHE E 372 -39.82 34.34 22.77
CA PHE E 372 -39.26 34.96 21.58
C PHE E 372 -38.84 33.89 20.60
N ASP E 373 -38.26 34.33 19.49
CA ASP E 373 -37.76 33.40 18.50
C ASP E 373 -36.24 33.34 18.50
N MET E 374 -35.69 32.13 18.43
CA MET E 374 -34.24 31.96 18.29
C MET E 374 -33.91 30.78 17.40
N SER E 375 -32.64 30.68 17.01
CA SER E 375 -32.17 29.55 16.23
C SER E 375 -31.06 28.81 16.97
N ILE E 376 -31.07 27.49 16.88
CA ILE E 376 -29.99 26.67 17.41
C ILE E 376 -29.25 26.07 16.25
N TRP E 377 -27.95 26.35 16.13
CA TRP E 377 -27.16 25.84 15.01
C TRP E 377 -26.67 24.43 15.32
N ALA E 378 -27.06 23.44 14.53
CA ALA E 378 -26.68 22.06 14.79
C ALA E 378 -25.49 21.60 13.97
N MET E 379 -24.43 21.24 14.68
CA MET E 379 -23.27 20.59 14.11
C MET E 379 -23.69 19.58 13.03
N PRO E 380 -23.17 19.73 11.79
CA PRO E 380 -23.47 18.86 10.65
C PRO E 380 -22.96 17.43 10.79
N VAL E 381 -21.79 17.27 11.40
CA VAL E 381 -21.12 15.98 11.50
C VAL E 381 -21.49 15.26 12.79
N SER E 382 -21.31 13.94 12.79
CA SER E 382 -21.51 13.13 13.99
C SER E 382 -20.19 13.04 14.71
N ARG E 383 -20.20 13.20 16.02
CA ARG E 383 -18.95 13.19 16.75
C ARG E 383 -19.06 12.63 18.19
N ILE E 384 -17.93 12.14 18.68
CA ILE E 384 -17.80 11.61 20.04
C ILE E 384 -18.59 12.41 21.06
N TYR E 385 -18.38 13.72 21.07
CA TYR E 385 -19.01 14.60 22.03
C TYR E 385 -20.48 14.91 21.72
N ASN E 386 -20.93 14.51 20.53
CA ASN E 386 -22.33 14.65 20.16
C ASN E 386 -22.61 13.87 18.90
N PRO E 387 -23.11 12.65 19.05
CA PRO E 387 -23.33 11.82 17.87
C PRO E 387 -24.48 12.31 17.00
N ASN E 388 -25.34 13.21 17.50
CA ASN E 388 -26.45 13.70 16.66
C ASN E 388 -27.06 15.08 17.01
N ALA E 389 -26.41 16.15 16.61
CA ALA E 389 -26.84 17.49 17.03
C ALA E 389 -28.22 17.87 16.49
N ARG E 390 -28.59 17.31 15.33
CA ARG E 390 -29.87 17.62 14.72
C ARG E 390 -30.99 17.06 15.60
N LYS E 391 -30.75 15.88 16.15
CA LYS E 391 -31.74 15.22 16.99
C LYS E 391 -31.80 15.92 18.36
N MET E 392 -30.64 16.32 18.86
CA MET E 392 -30.57 17.06 20.11
C MET E 392 -31.25 18.42 19.95
N ALA E 393 -31.06 19.09 18.81
CA ALA E 393 -31.74 20.35 18.55
C ALA E 393 -33.27 20.19 18.49
N GLU E 394 -33.71 19.21 17.71
CA GLU E 394 -35.13 18.86 17.64
C GLU E 394 -35.71 18.64 19.03
N LEU E 395 -34.95 17.98 19.90
CA LEU E 395 -35.38 17.74 21.28
C LEU E 395 -35.46 19.02 22.10
N MET E 396 -34.50 19.91 21.90
CA MET E 396 -34.44 21.18 22.60
C MET E 396 -35.57 22.09 22.12
N GLN E 397 -35.82 22.00 20.82
CA GLN E 397 -36.98 22.66 20.20
C GLN E 397 -38.22 22.36 21.03
N SER E 398 -38.62 21.10 21.00
CA SER E 398 -39.80 20.63 21.74
C SER E 398 -39.83 21.10 23.19
N ASP E 399 -38.66 21.08 23.84
CA ASP E 399 -38.48 21.55 25.22
C ASP E 399 -38.74 23.07 25.37
N LEU E 400 -38.11 23.86 24.51
CA LEU E 400 -38.17 25.31 24.62
C LEU E 400 -39.57 25.85 24.29
N ARG E 401 -40.20 25.22 23.30
CA ARG E 401 -41.56 25.53 22.89
C ARG E 401 -42.48 25.64 24.09
N LYS E 402 -42.29 24.75 25.06
CA LYS E 402 -43.14 24.71 26.25
C LYS E 402 -43.06 25.97 27.10
N ILE E 403 -42.05 26.80 26.86
CA ILE E 403 -41.90 28.04 27.64
C ILE E 403 -41.93 29.30 26.78
N GLY E 404 -42.37 29.16 25.53
CA GLY E 404 -42.56 30.31 24.65
C GLY E 404 -41.47 30.54 23.61
N VAL E 405 -40.31 29.92 23.83
CA VAL E 405 -39.19 30.08 22.91
C VAL E 405 -39.32 29.16 21.70
N ASN E 406 -39.50 29.76 20.53
CA ASN E 406 -39.64 29.02 19.28
C ASN E 406 -38.30 28.90 18.57
N VAL E 407 -37.83 27.66 18.44
CA VAL E 407 -36.51 27.41 17.88
C VAL E 407 -36.55 27.14 16.38
N ASN E 408 -35.54 27.63 15.69
CA ASN E 408 -35.34 27.27 14.29
C ASN E 408 -33.98 26.61 14.08
N ILE E 409 -33.98 25.38 13.56
CA ILE E 409 -32.76 24.57 13.55
C ILE E 409 -31.91 24.79 12.31
N VAL E 410 -30.89 25.62 12.46
CA VAL E 410 -29.97 25.97 11.38
C VAL E 410 -28.97 24.84 11.11
N GLU E 411 -28.60 24.68 9.84
CA GLU E 411 -27.65 23.62 9.45
C GLU E 411 -26.86 23.96 8.19
N TYR E 412 -25.54 24.12 8.32
CA TYR E 412 -24.70 24.26 7.14
C TYR E 412 -23.71 23.12 7.03
N GLU E 413 -23.13 22.98 5.84
CA GLU E 413 -22.04 22.05 5.60
C GLU E 413 -20.91 22.35 6.59
N TRP E 414 -20.10 21.36 6.92
CA TRP E 414 -19.09 21.58 7.95
C TRP E 414 -18.30 22.90 7.83
N ASN E 415 -17.68 23.14 6.68
CA ASN E 415 -16.74 24.27 6.58
C ASN E 415 -17.44 25.60 6.66
N THR E 416 -18.63 25.67 6.05
CA THR E 416 -19.48 26.86 6.13
C THR E 416 -19.83 27.12 7.58
N PHE E 417 -20.50 26.13 8.17
CA PHE E 417 -20.84 26.11 9.57
C PHE E 417 -19.72 26.70 10.43
N ILE E 418 -18.56 26.05 10.43
CA ILE E 418 -17.46 26.53 11.27
C ILE E 418 -17.08 27.96 10.90
N GLN E 419 -17.15 28.28 9.61
CA GLN E 419 -16.88 29.63 9.16
C GLN E 419 -17.85 30.61 9.82
N ARG E 420 -19.13 30.26 9.77
CA ARG E 420 -20.19 31.14 10.29
C ARG E 420 -20.25 31.23 11.81
N ILE E 421 -19.96 30.13 12.51
CA ILE E 421 -19.90 30.17 13.97
C ILE E 421 -18.74 31.07 14.38
N GLY E 422 -17.60 30.91 13.70
CA GLY E 422 -16.43 31.72 13.99
C GLY E 422 -16.62 33.20 13.74
N GLU E 423 -17.42 33.53 12.72
CA GLU E 423 -17.80 34.91 12.44
C GLU E 423 -18.94 35.38 13.37
N HIS E 424 -19.41 34.45 14.21
CA HIS E 424 -20.39 34.75 15.26
C HIS E 424 -21.76 35.18 14.71
N ARG E 425 -22.19 34.53 13.64
CA ARG E 425 -23.48 34.81 13.03
C ARG E 425 -24.64 34.06 13.70
N HIS E 426 -24.32 33.13 14.58
CA HIS E 426 -25.33 32.28 15.22
C HIS E 426 -25.97 32.94 16.43
N ASP E 427 -27.16 32.48 16.78
CA ASP E 427 -27.81 32.80 18.05
C ASP E 427 -27.25 31.93 19.17
N SER E 428 -27.21 30.64 18.89
CA SER E 428 -26.69 29.63 19.80
C SER E 428 -26.31 28.43 18.93
N VAL E 429 -25.43 27.59 19.44
CA VAL E 429 -24.95 26.44 18.67
C VAL E 429 -24.71 25.22 19.54
N LEU E 430 -25.13 24.07 19.03
CA LEU E 430 -24.79 22.78 19.60
C LEU E 430 -23.55 22.36 18.86
N LEU E 431 -22.42 22.37 19.56
CA LEU E 431 -21.13 22.00 19.00
C LEU E 431 -20.34 21.28 20.09
N GLY E 432 -19.02 21.21 19.93
CA GLY E 432 -18.22 20.51 20.92
C GLY E 432 -16.73 20.52 20.65
N TRP E 433 -15.97 19.92 21.56
CA TRP E 433 -14.52 19.93 21.47
C TRP E 433 -13.87 18.67 22.04
N ALA E 434 -12.94 18.12 21.27
CA ALA E 434 -12.08 17.05 21.75
C ALA E 434 -10.68 17.62 21.94
N ALA E 435 -10.08 17.31 23.08
CA ALA E 435 -8.81 17.92 23.43
C ALA E 435 -7.66 17.44 22.55
N ASP E 436 -6.95 18.39 21.98
CA ASP E 436 -5.73 18.11 21.22
C ASP E 436 -4.58 17.62 22.12
N THR E 437 -4.65 17.93 23.41
CA THR E 437 -3.64 17.46 24.38
C THR E 437 -4.32 17.17 25.71
N PRO E 438 -3.65 16.44 26.62
CA PRO E 438 -4.20 16.23 27.97
C PRO E 438 -3.90 17.36 28.98
N ASP E 439 -3.48 18.54 28.52
CA ASP E 439 -3.33 19.72 29.40
C ASP E 439 -4.66 20.40 29.61
N PRO E 440 -5.09 20.55 30.86
CA PRO E 440 -6.40 21.13 31.11
C PRO E 440 -6.56 22.48 30.40
N ASP E 441 -5.50 23.29 30.37
CA ASP E 441 -5.58 24.55 29.63
C ASP E 441 -6.29 24.41 28.28
N ASN E 442 -6.26 23.22 27.69
CA ASN E 442 -6.78 23.01 26.35
C ASN E 442 -8.31 22.90 26.30
N PHE E 443 -8.98 22.93 27.45
CA PHE E 443 -10.42 23.07 27.50
C PHE E 443 -10.83 24.55 27.72
N PHE E 444 -9.86 25.43 27.92
CA PHE E 444 -10.22 26.81 28.27
C PHE E 444 -9.78 27.86 27.25
N SER E 445 -8.49 27.89 26.93
CA SER E 445 -7.96 28.93 26.08
C SER E 445 -8.50 28.87 24.65
N PRO E 446 -8.51 27.67 24.03
CA PRO E 446 -9.01 27.60 22.65
C PRO E 446 -10.53 27.71 22.58
N LEU E 447 -11.20 27.66 23.72
CA LEU E 447 -12.65 27.65 23.72
C LEU E 447 -13.27 28.96 24.15
N LEU E 448 -12.83 29.48 25.27
CA LEU E 448 -13.56 30.57 25.89
C LEU E 448 -12.71 31.77 26.28
N SER E 449 -11.53 31.88 25.69
CA SER E 449 -10.67 33.00 25.97
C SER E 449 -10.93 34.14 24.99
N CYS E 450 -10.42 35.32 25.32
CA CYS E 450 -10.53 36.49 24.43
C CYS E 450 -9.83 36.30 23.08
N THR E 451 -8.57 35.86 23.10
CA THR E 451 -7.83 35.63 21.87
C THR E 451 -8.57 34.65 20.96
N ALA E 452 -9.27 33.68 21.57
CA ALA E 452 -10.06 32.73 20.80
C ALA E 452 -11.27 33.42 20.13
N THR E 453 -11.67 34.57 20.68
CA THR E 453 -12.74 35.36 20.09
C THR E 453 -12.34 35.84 18.70
N PHE E 454 -11.10 36.30 18.58
CA PHE E 454 -10.59 36.89 17.35
C PHE E 454 -10.27 35.87 16.26
N SER E 455 -9.89 34.67 16.66
CA SER E 455 -9.63 33.59 15.70
C SER E 455 -10.91 32.92 15.17
N GLY E 456 -12.02 33.10 15.88
CA GLY E 456 -13.25 32.42 15.54
C GLY E 456 -13.27 31.03 16.13
N LYS E 457 -12.72 30.91 17.33
CA LYS E 457 -12.61 29.63 18.00
C LYS E 457 -13.43 29.62 19.29
N ASN E 458 -13.90 30.80 19.68
CA ASN E 458 -14.75 30.98 20.85
C ASN E 458 -16.21 31.12 20.44
N PRO E 459 -16.95 30.00 20.43
CA PRO E 459 -18.33 29.84 19.95
C PRO E 459 -19.32 30.64 20.77
N ALA E 460 -18.86 31.23 21.86
CA ALA E 460 -19.75 32.01 22.71
C ALA E 460 -19.53 33.48 22.53
N ASN E 461 -18.51 33.83 21.78
CA ASN E 461 -18.25 35.25 21.56
C ASN E 461 -18.06 35.89 22.93
N TRP E 462 -17.41 35.17 23.83
CA TRP E 462 -17.33 35.56 25.23
C TRP E 462 -15.94 36.05 25.57
N CYS E 463 -15.79 37.36 25.67
CA CYS E 463 -14.54 37.93 26.15
C CYS E 463 -14.68 38.39 27.59
N ASN E 464 -14.08 37.62 28.50
CA ASN E 464 -14.14 37.88 29.93
C ASN E 464 -12.74 37.96 30.47
N PRO E 465 -12.26 39.18 30.76
CA PRO E 465 -10.88 39.44 31.19
C PRO E 465 -10.55 38.74 32.50
N GLU E 466 -11.55 38.62 33.36
CA GLU E 466 -11.39 38.03 34.68
C GLU E 466 -11.13 36.54 34.53
N PHE E 467 -11.94 35.90 33.71
CA PHE E 467 -11.76 34.50 33.35
C PHE E 467 -10.39 34.31 32.71
N ASP E 468 -10.01 35.21 31.81
CA ASP E 468 -8.75 35.10 31.10
C ASP E 468 -7.56 35.21 32.04
N LEU E 469 -7.72 36.00 33.10
CA LEU E 469 -6.66 36.12 34.09
C LEU E 469 -6.44 34.79 34.83
N LEU E 470 -7.52 34.03 35.03
CA LEU E 470 -7.40 32.76 35.70
C LEU E 470 -6.49 31.88 34.87
N LEU E 471 -6.73 31.87 33.55
CA LEU E 471 -5.98 31.01 32.64
C LEU E 471 -4.51 31.43 32.59
N THR E 472 -4.25 32.74 32.56
CA THR E 472 -2.87 33.24 32.49
C THR E 472 -2.12 32.94 33.78
N LYS E 473 -2.82 32.95 34.90
CA LYS E 473 -2.18 32.60 36.16
C LYS E 473 -1.81 31.13 36.15
N ALA E 474 -2.79 30.28 35.87
CA ALA E 474 -2.53 28.84 35.83
C ALA E 474 -1.29 28.52 34.99
N LEU E 475 -1.18 29.14 33.82
CA LEU E 475 -0.04 28.90 32.95
C LEU E 475 1.28 29.47 33.49
N ASP E 476 1.21 30.42 34.41
CA ASP E 476 2.46 31.00 34.91
C ASP E 476 3.06 30.23 36.09
N THR E 477 2.28 29.33 36.67
CA THR E 477 2.76 28.52 37.78
C THR E 477 3.10 27.10 37.34
N THR E 478 4.16 26.53 37.91
CA THR E 478 4.61 25.20 37.52
C THR E 478 4.11 24.10 38.46
N ASP E 479 3.84 24.46 39.72
CA ASP E 479 3.24 23.52 40.65
C ASP E 479 1.82 23.22 40.21
N LEU E 480 1.59 22.00 39.76
CA LEU E 480 0.30 21.62 39.20
C LEU E 480 -0.87 21.76 40.17
N ASN E 481 -0.63 21.55 41.46
CA ASN E 481 -1.71 21.71 42.44
C ASN E 481 -2.18 23.16 42.47
N LEU E 482 -1.24 24.08 42.27
CA LEU E 482 -1.59 25.49 42.23
C LEU E 482 -2.52 25.75 41.06
N ARG E 483 -2.17 25.18 39.91
CA ARG E 483 -3.01 25.28 38.72
C ARG E 483 -4.42 24.79 39.02
N LYS E 484 -4.54 23.76 39.86
CA LYS E 484 -5.84 23.19 40.15
C LYS E 484 -6.74 24.28 40.68
N GLN E 485 -6.18 25.08 41.57
CA GLN E 485 -6.90 26.20 42.14
C GLN E 485 -7.50 27.10 41.06
N TYR E 486 -6.70 27.46 40.06
CA TYR E 486 -7.17 28.36 39.02
C TYR E 486 -8.26 27.72 38.14
N TYR E 487 -8.01 26.48 37.72
CA TYR E 487 -8.96 25.70 36.93
C TYR E 487 -10.26 25.42 37.70
N ASP E 488 -10.15 25.35 39.02
CA ASP E 488 -11.32 25.18 39.87
C ASP E 488 -12.18 26.44 39.78
N ALA E 489 -11.54 27.60 39.79
CA ALA E 489 -12.27 28.85 39.68
C ALA E 489 -12.81 29.07 38.27
N ALA E 490 -12.01 28.69 37.28
CA ALA E 490 -12.44 28.79 35.89
C ALA E 490 -13.65 27.91 35.59
N GLN E 491 -13.67 26.71 36.16
CA GLN E 491 -14.79 25.79 35.94
C GLN E 491 -16.07 26.36 36.49
N SER E 492 -15.99 26.97 37.68
CA SER E 492 -17.13 27.63 38.31
C SER E 492 -17.70 28.77 37.49
N MET E 493 -16.81 29.62 36.99
CA MET E 493 -17.21 30.78 36.21
C MET E 493 -18.04 30.36 35.01
N ILE E 494 -17.63 29.25 34.39
CA ILE E 494 -18.32 28.74 33.21
C ILE E 494 -19.77 28.41 33.55
N ILE E 495 -19.99 27.80 34.71
CA ILE E 495 -21.35 27.45 35.15
C ILE E 495 -22.14 28.68 35.58
N GLU E 496 -21.47 29.60 36.28
CA GLU E 496 -22.11 30.81 36.80
C GLU E 496 -22.41 31.82 35.70
N GLN E 497 -21.61 31.81 34.63
CA GLN E 497 -21.77 32.76 33.54
C GLN E 497 -22.46 32.13 32.33
N LEU E 498 -22.46 30.81 32.27
CA LEU E 498 -23.02 30.08 31.12
C LEU E 498 -22.70 30.67 29.73
N PRO E 499 -21.42 30.92 29.40
CA PRO E 499 -21.22 31.31 27.99
C PRO E 499 -21.53 30.11 27.08
N LEU E 500 -21.26 28.92 27.62
CA LEU E 500 -21.76 27.67 27.08
C LEU E 500 -22.22 26.76 28.20
N TYR E 501 -23.21 25.91 27.92
CA TYR E 501 -23.67 24.90 28.87
C TYR E 501 -23.09 23.54 28.55
N PRO E 502 -22.20 23.03 29.41
CA PRO E 502 -21.60 21.70 29.27
C PRO E 502 -22.66 20.61 29.38
N ILE E 503 -22.80 19.79 28.35
CA ILE E 503 -23.86 18.79 28.30
C ILE E 503 -23.35 17.40 28.66
N ALA E 504 -22.32 16.93 27.96
CA ALA E 504 -21.92 15.54 28.10
C ALA E 504 -20.56 15.28 27.49
N HIS E 505 -19.97 14.16 27.89
CA HIS E 505 -18.70 13.69 27.32
C HIS E 505 -18.93 12.33 26.66
N GLY E 506 -18.24 12.14 25.54
CA GLY E 506 -18.24 10.86 24.82
C GLY E 506 -17.29 9.88 25.50
N MET E 507 -17.78 8.65 25.67
CA MET E 507 -17.00 7.55 26.22
C MET E 507 -16.22 6.88 25.11
N ARG E 508 -15.19 6.15 25.52
CA ARG E 508 -14.49 5.25 24.62
C ARG E 508 -14.56 3.85 25.21
N PHE E 509 -14.78 2.84 24.36
CA PHE E 509 -14.85 1.46 24.86
C PHE E 509 -13.78 0.58 24.24
N GLN E 510 -13.40 -0.47 24.96
CA GLN E 510 -12.51 -1.46 24.39
C GLN E 510 -12.85 -2.84 24.92
N ALA E 511 -12.81 -3.83 24.03
CA ALA E 511 -13.04 -5.21 24.43
C ALA E 511 -11.79 -6.00 24.09
N SER E 512 -11.51 -7.09 24.79
CA SER E 512 -10.31 -7.85 24.51
C SER E 512 -10.27 -9.22 25.18
N SER E 513 -9.45 -10.12 24.64
CA SER E 513 -9.16 -11.35 25.35
C SER E 513 -8.47 -11.01 26.66
N ALA E 514 -8.90 -11.70 27.72
CA ALA E 514 -8.25 -11.59 29.03
C ALA E 514 -6.79 -11.99 28.90
N ASP E 515 -6.41 -12.59 27.79
CA ASP E 515 -5.05 -13.05 27.63
C ASP E 515 -4.07 -11.92 27.35
N VAL E 516 -4.57 -10.78 26.91
CA VAL E 516 -3.63 -9.71 26.60
C VAL E 516 -3.59 -8.62 27.67
N GLU E 517 -2.43 -8.01 27.83
CA GLU E 517 -2.25 -6.97 28.82
C GLU E 517 -1.33 -5.92 28.23
N GLY E 518 -1.22 -4.79 28.92
CA GLY E 518 -0.42 -3.68 28.42
C GLY E 518 -1.19 -2.87 27.40
N ILE E 519 -2.52 -2.94 27.49
CA ILE E 519 -3.41 -2.27 26.55
C ILE E 519 -4.53 -1.51 27.25
N THR E 520 -4.27 -1.08 28.48
CA THR E 520 -5.28 -0.36 29.26
C THR E 520 -5.73 0.92 28.55
N LEU E 521 -7.03 1.03 28.31
CA LEU E 521 -7.60 2.17 27.59
C LEU E 521 -7.42 3.48 28.37
N GLY E 522 -6.81 4.48 27.75
CA GLY E 522 -6.65 5.77 28.39
C GLY E 522 -7.76 6.78 28.09
N PRO E 523 -7.79 7.91 28.80
CA PRO E 523 -8.80 8.93 28.52
C PRO E 523 -8.40 9.79 27.33
N PHE E 524 -7.15 9.69 26.90
CA PHE E 524 -6.69 10.56 25.84
C PHE E 524 -5.72 9.95 24.84
N GLY E 525 -5.93 10.25 23.57
CA GLY E 525 -5.00 9.86 22.54
C GLY E 525 -5.35 8.60 21.79
N ALA E 526 -4.55 8.29 20.78
CA ALA E 526 -4.77 7.15 19.92
C ALA E 526 -4.44 5.85 20.65
N ILE E 527 -5.10 4.76 20.24
CA ILE E 527 -4.88 3.44 20.83
C ILE E 527 -3.40 3.17 20.67
N SER E 528 -2.79 2.55 21.65
CA SER E 528 -1.40 2.12 21.51
C SER E 528 -1.19 0.65 21.86
N LEU E 529 -0.51 -0.09 20.99
CA LEU E 529 -0.16 -1.48 21.28
C LEU E 529 1.35 -1.62 21.52
N ALA E 530 2.01 -0.51 21.83
CA ALA E 530 3.46 -0.50 22.04
C ALA E 530 3.88 -1.38 23.22
N ASN E 531 3.00 -1.54 24.19
CA ASN E 531 3.30 -2.38 25.35
C ASN E 531 2.50 -3.67 25.48
N ALA E 532 1.61 -3.93 24.51
CA ALA E 532 0.78 -5.15 24.50
C ALA E 532 1.60 -6.42 24.68
N ARG E 533 1.02 -7.41 25.37
CA ARG E 533 1.75 -8.58 25.86
C ARG E 533 0.87 -9.83 25.76
N LYS E 534 1.48 -10.97 25.48
CA LYS E 534 0.76 -12.24 25.30
C LYS E 534 -0.13 -12.25 24.06
N GLY F 30 11.71 15.59 -61.03
CA GLY F 30 11.31 16.89 -61.53
C GLY F 30 9.85 17.22 -61.24
N LEU F 31 9.48 18.47 -61.53
CA LEU F 31 8.14 18.95 -61.26
C LEU F 31 7.59 19.62 -62.52
N VAL F 32 6.29 19.46 -62.74
CA VAL F 32 5.62 20.12 -63.85
C VAL F 32 4.59 21.09 -63.31
N TYR F 33 4.78 22.36 -63.68
CA TYR F 33 3.91 23.43 -63.23
C TYR F 33 3.03 23.90 -64.40
N CYS F 34 1.71 23.76 -64.24
CA CYS F 34 0.78 24.25 -65.25
C CYS F 34 0.69 25.76 -65.21
N ALA F 35 1.37 26.41 -66.15
CA ALA F 35 1.40 27.87 -66.20
C ALA F 35 0.23 28.42 -67.01
N GLU F 36 -0.04 29.70 -66.85
CA GLU F 36 -1.23 30.26 -67.46
C GLU F 36 -0.93 31.04 -68.73
N ALA F 37 0.35 31.29 -69.00
CA ALA F 37 0.73 32.15 -70.14
C ALA F 37 2.21 32.04 -70.49
N ASN F 38 2.55 32.41 -71.72
CA ASN F 38 3.94 32.55 -72.10
C ASN F 38 4.63 33.64 -71.27
N PRO F 39 5.92 33.44 -70.94
CA PRO F 39 6.66 34.57 -70.35
C PRO F 39 6.93 35.54 -71.47
N VAL F 40 6.70 36.82 -71.23
CA VAL F 40 6.93 37.88 -72.21
C VAL F 40 8.41 38.27 -72.23
N SER F 41 9.18 37.71 -71.29
CA SER F 41 10.59 38.01 -71.18
C SER F 41 11.25 37.15 -70.10
N PHE F 42 12.57 37.07 -70.14
CA PHE F 42 13.28 36.29 -69.14
C PHE F 42 14.10 37.15 -68.19
N ASN F 43 13.73 38.43 -68.11
CA ASN F 43 14.33 39.33 -67.16
C ASN F 43 13.23 40.14 -66.46
N PRO F 44 13.11 39.98 -65.12
CA PRO F 44 12.03 40.64 -64.38
C PRO F 44 12.07 42.17 -64.47
N GLN F 45 13.22 42.77 -64.74
CA GLN F 45 13.38 44.22 -64.78
C GLN F 45 12.44 44.88 -65.79
N VAL F 46 12.13 44.18 -66.86
CA VAL F 46 11.48 44.84 -67.99
C VAL F 46 9.98 44.56 -68.07
N THR F 47 9.42 43.96 -67.02
CA THR F 47 7.99 43.68 -67.01
C THR F 47 7.41 43.57 -65.60
N THR F 48 6.10 43.71 -65.49
CA THR F 48 5.41 43.49 -64.22
C THR F 48 4.27 42.50 -64.42
N THR F 49 4.24 41.84 -65.57
CA THR F 49 3.22 40.84 -65.79
C THR F 49 3.42 39.65 -64.83
N GLY F 50 2.46 39.47 -63.93
CA GLY F 50 2.57 38.50 -62.87
C GLY F 50 2.92 37.11 -63.38
N SER F 51 2.18 36.66 -64.39
CA SER F 51 2.31 35.30 -64.89
C SER F 51 3.72 35.08 -65.37
N THR F 52 4.36 36.15 -65.83
CA THR F 52 5.76 36.08 -66.25
C THR F 52 6.68 36.02 -65.05
N ILE F 53 6.50 36.91 -64.08
CA ILE F 53 7.34 36.88 -62.89
C ILE F 53 7.23 35.51 -62.19
N ASP F 54 5.99 35.03 -62.07
CA ASP F 54 5.72 33.74 -61.48
C ASP F 54 6.69 32.69 -61.97
N ILE F 55 6.96 32.71 -63.27
CA ILE F 55 7.83 31.71 -63.89
C ILE F 55 9.33 31.93 -63.67
N ILE F 56 9.78 33.18 -63.74
CA ILE F 56 11.21 33.47 -63.93
C ILE F 56 12.01 33.99 -62.72
N ALA F 57 11.37 34.73 -61.83
CA ALA F 57 12.09 35.52 -60.84
C ALA F 57 12.77 34.71 -59.72
N ASN F 58 11.98 33.94 -58.99
CA ASN F 58 12.50 33.14 -57.88
C ASN F 58 13.26 31.88 -58.32
N GLN F 59 12.97 31.41 -59.53
CA GLN F 59 13.62 30.22 -60.09
C GLN F 59 15.03 30.49 -60.59
N LEU F 60 15.17 31.50 -61.43
CA LEU F 60 16.48 31.75 -62.05
C LEU F 60 17.40 32.68 -61.25
N TYR F 61 16.86 33.47 -60.34
CA TYR F 61 17.70 34.53 -59.76
C TYR F 61 17.76 34.55 -58.25
N ASP F 62 18.66 35.39 -57.75
CA ASP F 62 18.60 35.85 -56.37
C ASP F 62 18.61 37.37 -56.30
N ARG F 63 18.05 37.90 -55.20
CA ARG F 63 18.13 39.32 -54.83
C ARG F 63 19.27 39.61 -53.87
N LEU F 64 19.53 40.90 -53.64
CA LEU F 64 20.48 41.30 -52.60
C LEU F 64 20.00 40.91 -51.21
N ILE F 65 18.70 41.05 -50.98
CA ILE F 65 18.10 40.80 -49.68
C ILE F 65 16.63 40.42 -49.87
N SER F 66 16.09 39.67 -48.93
CA SER F 66 14.68 39.30 -48.98
C SER F 66 14.03 39.61 -47.66
N ILE F 67 12.73 39.31 -47.55
CA ILE F 67 11.99 39.54 -46.32
C ILE F 67 11.57 38.23 -45.66
N ASP F 68 12.04 37.99 -44.44
CA ASP F 68 11.57 36.84 -43.66
C ASP F 68 10.05 36.93 -43.53
N PRO F 69 9.33 35.86 -43.90
CA PRO F 69 7.87 35.93 -43.82
C PRO F 69 7.38 35.83 -42.39
N VAL F 70 8.28 35.56 -41.44
CA VAL F 70 7.92 35.49 -40.02
C VAL F 70 8.38 36.71 -39.18
N THR F 71 9.67 37.04 -39.24
CA THR F 71 10.20 38.18 -38.47
C THR F 71 9.98 39.54 -39.15
N ALA F 72 9.63 39.50 -40.44
CA ALA F 72 9.44 40.72 -41.24
C ALA F 72 10.69 41.59 -41.30
N GLU F 73 11.81 41.04 -40.83
CA GLU F 73 13.11 41.69 -40.98
C GLU F 73 13.68 41.33 -42.35
N PHE F 74 14.61 42.14 -42.84
CA PHE F 74 15.33 41.78 -44.06
C PHE F 74 16.29 40.62 -43.80
N LYS F 75 16.32 39.67 -44.72
CA LYS F 75 17.23 38.54 -44.61
C LYS F 75 18.34 38.61 -45.64
N SER F 76 19.49 38.04 -45.33
CA SER F 76 20.59 38.09 -46.27
C SER F 76 20.33 37.19 -47.47
N GLU F 77 20.69 37.67 -48.65
CA GLU F 77 20.67 36.88 -49.87
C GLU F 77 21.93 36.89 -50.73
N LEU F 78 22.15 37.93 -51.52
CA LEU F 78 23.36 37.96 -52.34
C LEU F 78 24.26 38.95 -51.61
N ALA F 79 23.66 39.80 -50.79
CA ALA F 79 24.39 40.67 -49.86
C ALA F 79 24.37 40.07 -48.45
N THR F 80 25.55 39.92 -47.85
CA THR F 80 25.66 39.34 -46.51
C THR F 80 25.39 40.36 -45.41
N ASP F 81 25.65 41.63 -45.72
CA ASP F 81 25.39 42.70 -44.78
C ASP F 81 25.08 43.99 -45.55
N TRP F 82 24.45 44.95 -44.87
CA TRP F 82 24.14 46.25 -45.46
C TRP F 82 24.01 47.32 -44.40
N LYS F 83 24.29 48.56 -44.77
CA LYS F 83 24.23 49.67 -43.84
C LYS F 83 23.61 50.91 -44.48
N ILE F 84 22.85 51.67 -43.70
CA ILE F 84 22.40 52.98 -44.13
C ILE F 84 23.09 54.10 -43.34
N SER F 85 23.75 55.01 -44.05
CA SER F 85 24.42 56.15 -43.42
C SER F 85 23.50 56.91 -42.47
N LYS F 86 24.12 57.79 -41.68
CA LYS F 86 23.42 58.66 -40.74
C LYS F 86 22.28 59.39 -41.43
N ASP F 87 22.62 60.09 -42.50
CA ASP F 87 21.66 60.91 -43.24
C ASP F 87 20.83 60.11 -44.26
N GLY F 88 20.96 58.79 -44.24
CA GLY F 88 20.15 57.92 -45.08
C GLY F 88 20.21 58.16 -46.58
N LYS F 89 21.34 58.69 -47.05
CA LYS F 89 21.56 58.92 -48.47
C LYS F 89 22.50 57.85 -49.03
N SER F 90 23.20 57.16 -48.14
CA SER F 90 24.09 56.07 -48.51
C SER F 90 23.55 54.73 -48.02
N VAL F 91 23.54 53.74 -48.91
CA VAL F 91 23.29 52.37 -48.49
C VAL F 91 24.42 51.46 -48.98
N THR F 92 25.10 50.80 -48.06
CA THR F 92 26.28 50.01 -48.40
C THR F 92 25.98 48.55 -48.24
N PHE F 93 26.13 47.80 -49.33
CA PHE F 93 25.91 46.36 -49.32
C PHE F 93 27.24 45.62 -49.37
N THR F 94 27.36 44.62 -48.50
CA THR F 94 28.52 43.75 -48.48
C THR F 94 28.13 42.52 -49.27
N LEU F 95 28.96 42.17 -50.27
CA LEU F 95 28.60 41.09 -51.19
C LEU F 95 29.12 39.71 -50.77
N ARG F 96 28.17 38.77 -50.73
CA ARG F 96 28.45 37.37 -50.48
C ARG F 96 29.49 36.83 -51.46
N LYS F 97 30.38 36.02 -50.95
CA LYS F 97 31.57 35.56 -51.68
C LYS F 97 31.40 34.18 -52.32
N GLY F 98 32.00 34.01 -53.50
CA GLY F 98 32.04 32.71 -54.14
C GLY F 98 30.74 32.24 -54.76
N VAL F 99 29.82 33.16 -55.02
CA VAL F 99 28.60 32.82 -55.73
C VAL F 99 28.87 32.81 -57.21
N LYS F 100 28.46 31.73 -57.86
CA LYS F 100 28.67 31.57 -59.30
C LYS F 100 27.42 31.85 -60.10
N PHE F 101 27.61 32.53 -61.24
CA PHE F 101 26.59 32.66 -62.27
C PHE F 101 26.46 31.35 -63.02
N HIS F 102 25.24 31.04 -63.44
CA HIS F 102 24.97 29.84 -64.21
C HIS F 102 25.94 29.66 -65.35
N THR F 103 26.32 28.41 -65.57
CA THR F 103 26.86 27.96 -66.84
C THR F 103 25.63 27.45 -67.59
N THR F 104 25.27 28.12 -68.68
CA THR F 104 24.18 27.63 -69.51
C THR F 104 24.82 27.08 -70.78
N ALA F 105 24.01 26.55 -71.68
CA ALA F 105 24.56 26.08 -72.94
C ALA F 105 25.25 27.22 -73.71
N TYR F 106 24.87 28.46 -73.41
CA TYR F 106 25.34 29.59 -74.23
C TYR F 106 26.24 30.57 -73.47
N PHE F 107 26.50 30.26 -72.20
CA PHE F 107 27.45 31.07 -71.45
C PHE F 107 28.15 30.29 -70.37
N THR F 108 29.46 30.52 -70.24
CA THR F 108 30.24 30.02 -69.12
C THR F 108 30.99 31.18 -68.46
N PRO F 109 30.61 31.52 -67.21
CA PRO F 109 31.23 32.67 -66.53
C PRO F 109 32.74 32.51 -66.42
N THR F 110 33.46 33.62 -66.19
CA THR F 110 34.91 33.61 -66.09
C THR F 110 35.36 34.16 -64.73
N ARG F 111 34.41 34.71 -63.99
CA ARG F 111 34.62 35.18 -62.62
C ARG F 111 33.34 34.94 -61.83
N GLU F 112 33.39 35.17 -60.52
CA GLU F 112 32.19 35.04 -59.69
C GLU F 112 31.47 36.38 -59.48
N PHE F 113 30.34 36.33 -58.80
CA PHE F 113 29.52 37.50 -58.57
C PHE F 113 30.26 38.56 -57.77
N ASN F 114 30.15 39.82 -58.17
CA ASN F 114 30.77 40.90 -57.41
C ASN F 114 30.19 42.27 -57.72
N ALA F 115 30.66 43.27 -56.97
CA ALA F 115 30.21 44.65 -57.08
C ALA F 115 29.83 45.06 -58.49
N ASP F 116 30.71 44.76 -59.45
CA ASP F 116 30.48 45.12 -60.86
C ASP F 116 29.14 44.60 -61.40
N ASP F 117 28.80 43.36 -61.03
CA ASP F 117 27.49 42.82 -61.37
C ASP F 117 26.39 43.73 -60.83
N VAL F 118 26.52 44.07 -59.55
CA VAL F 118 25.51 44.89 -58.91
C VAL F 118 25.38 46.18 -59.66
N ILE F 119 26.47 46.90 -59.78
CA ILE F 119 26.46 48.21 -60.42
C ILE F 119 25.83 48.15 -61.79
N PHE F 120 26.19 47.14 -62.58
CA PHE F 120 25.64 47.03 -63.90
C PHE F 120 24.14 46.77 -63.85
N THR F 121 23.75 45.82 -63.02
CA THR F 121 22.34 45.43 -62.92
C THR F 121 21.45 46.63 -62.64
N PHE F 122 21.84 47.41 -61.65
CA PHE F 122 20.93 48.43 -61.17
C PHE F 122 21.12 49.76 -61.88
N SER F 123 22.35 50.04 -62.30
CA SER F 123 22.57 51.29 -63.03
C SER F 123 21.89 51.24 -64.39
N ARG F 124 21.53 50.04 -64.86
CA ARG F 124 20.76 49.91 -66.10
C ARG F 124 19.38 50.55 -65.95
N LEU F 125 18.88 50.65 -64.73
CA LEU F 125 17.57 51.24 -64.48
C LEU F 125 17.53 52.75 -64.76
N PHE F 126 18.58 53.46 -64.38
CA PHE F 126 18.62 54.92 -64.48
C PHE F 126 19.68 55.50 -65.42
N ASP F 127 20.88 54.93 -65.43
CA ASP F 127 22.04 55.55 -66.07
C ASP F 127 21.99 55.53 -67.59
N VAL F 128 21.77 56.69 -68.20
CA VAL F 128 21.66 56.78 -69.66
C VAL F 128 22.98 56.52 -70.37
N TYR F 129 24.05 56.36 -69.59
CA TYR F 129 25.36 55.99 -70.14
C TYR F 129 25.58 54.47 -70.13
N ASN F 130 24.80 53.77 -69.31
CA ASN F 130 24.84 52.30 -69.27
C ASN F 130 24.49 51.68 -70.63
N PRO F 131 25.42 50.91 -71.21
CA PRO F 131 25.22 50.31 -72.53
C PRO F 131 23.93 49.47 -72.67
N TYR F 132 23.27 49.14 -71.57
CA TYR F 132 22.03 48.34 -71.68
C TYR F 132 20.76 49.14 -71.42
N HIS F 133 20.91 50.42 -71.08
CA HIS F 133 19.77 51.22 -70.68
C HIS F 133 18.66 51.22 -71.73
N PHE F 134 19.05 51.31 -73.00
CA PHE F 134 18.07 51.50 -74.06
C PHE F 134 17.64 50.21 -74.77
N VAL F 135 18.15 49.07 -74.33
CA VAL F 135 17.60 47.81 -74.80
C VAL F 135 16.46 47.38 -73.86
N GLY F 136 15.33 46.99 -74.42
CA GLY F 136 15.00 47.25 -75.79
C GLY F 136 13.95 48.36 -75.78
N ASP F 137 13.18 48.42 -74.69
CA ASP F 137 12.12 49.40 -74.56
C ASP F 137 12.45 50.46 -73.52
N ALA F 138 13.68 50.42 -72.99
CA ALA F 138 14.08 51.29 -71.90
C ALA F 138 12.98 51.36 -70.87
N ASN F 139 12.23 50.27 -70.79
CA ASN F 139 11.11 50.15 -69.90
C ASN F 139 11.46 49.31 -68.68
N TYR F 140 11.41 49.93 -67.51
CA TYR F 140 11.70 49.22 -66.28
C TYR F 140 10.57 49.46 -65.31
N PRO F 141 9.36 49.00 -65.68
CA PRO F 141 8.05 49.38 -65.12
C PRO F 141 7.93 49.37 -63.59
N TYR F 142 8.39 48.32 -62.94
CA TYR F 142 8.29 48.30 -61.50
C TYR F 142 9.16 49.38 -60.87
N PHE F 143 10.44 49.44 -61.25
CA PHE F 143 11.31 50.48 -60.74
C PHE F 143 10.87 51.90 -61.14
N GLN F 144 10.28 52.02 -62.33
CA GLN F 144 9.76 53.31 -62.77
C GLN F 144 8.57 53.76 -61.91
N SER F 145 7.66 52.83 -61.60
CA SER F 145 6.44 53.23 -60.87
C SER F 145 6.73 53.49 -59.40
N VAL F 146 7.90 53.07 -58.93
CA VAL F 146 8.21 53.22 -57.54
C VAL F 146 9.32 54.26 -57.40
N GLY F 147 9.69 54.84 -58.54
CA GLY F 147 10.62 55.95 -58.57
C GLY F 147 12.07 55.63 -58.21
N ILE F 148 12.42 54.35 -58.22
CA ILE F 148 13.80 53.99 -57.92
C ILE F 148 14.72 54.53 -59.01
N ASP F 149 14.18 54.72 -60.21
CA ASP F 149 15.00 55.15 -61.32
C ASP F 149 15.41 56.62 -61.20
N GLN F 150 14.68 57.41 -60.41
CA GLN F 150 15.04 58.81 -60.21
C GLN F 150 15.71 59.00 -58.85
N LEU F 151 15.49 58.04 -57.96
CA LEU F 151 16.08 58.02 -56.63
C LEU F 151 17.60 57.75 -56.57
N ILE F 152 18.11 56.86 -57.40
CA ILE F 152 19.54 56.57 -57.33
C ILE F 152 20.37 57.54 -58.14
N ARG F 153 21.41 58.10 -57.52
CA ARG F 153 22.32 58.98 -58.24
C ARG F 153 23.55 58.24 -58.78
N LYS F 154 24.10 57.33 -57.98
CA LYS F 154 25.30 56.62 -58.35
C LYS F 154 25.40 55.32 -57.57
N ILE F 155 26.12 54.37 -58.15
CA ILE F 155 26.49 53.17 -57.42
C ILE F 155 28.00 52.99 -57.50
N VAL F 156 28.66 53.09 -56.35
CA VAL F 156 30.12 53.10 -56.32
C VAL F 156 30.67 51.79 -55.80
N ARG F 157 31.64 51.26 -56.53
CA ARG F 157 32.37 50.09 -56.07
C ARG F 157 33.42 50.49 -55.03
N VAL F 158 33.22 50.08 -53.79
CA VAL F 158 34.26 50.28 -52.78
C VAL F 158 35.28 49.12 -52.82
N SER F 159 34.81 47.89 -52.94
CA SER F 159 35.68 46.73 -53.11
C SER F 159 34.99 45.70 -54.01
N ASP F 160 35.68 44.60 -54.29
CA ASP F 160 35.10 43.53 -55.09
C ASP F 160 33.77 43.12 -54.48
N HIS F 161 33.71 43.07 -53.16
CA HIS F 161 32.51 42.57 -52.51
C HIS F 161 31.86 43.61 -51.61
N GLN F 162 32.00 44.86 -52.01
CA GLN F 162 31.30 45.94 -51.36
C GLN F 162 30.91 47.06 -52.33
N VAL F 163 29.65 47.46 -52.27
CA VAL F 163 29.11 48.41 -53.22
C VAL F 163 28.28 49.46 -52.47
N ARG F 164 28.31 50.71 -52.92
CA ARG F 164 27.56 51.76 -52.23
C ARG F 164 26.57 52.51 -53.11
N PHE F 165 25.28 52.34 -52.82
CA PHE F 165 24.25 53.16 -53.47
C PHE F 165 24.20 54.55 -52.85
N GLU F 166 24.31 55.56 -53.72
CA GLU F 166 24.18 56.95 -53.32
C GLU F 166 22.84 57.48 -53.77
N LEU F 167 21.95 57.77 -52.82
CA LEU F 167 20.61 58.29 -53.14
C LEU F 167 20.57 59.83 -53.10
N PHE F 168 19.65 60.41 -53.87
CA PHE F 168 19.50 61.87 -53.93
C PHE F 168 18.98 62.40 -52.59
N ASN F 169 18.09 61.64 -51.97
CA ASN F 169 17.61 61.96 -50.65
C ASN F 169 17.39 60.67 -49.91
N ALA F 170 17.28 60.75 -48.59
CA ALA F 170 16.92 59.58 -47.81
C ALA F 170 15.55 59.12 -48.27
N GLU F 171 15.35 57.81 -48.35
CA GLU F 171 14.00 57.27 -48.59
C GLU F 171 13.81 55.96 -47.84
N SER F 172 12.80 55.93 -46.99
CA SER F 172 12.54 54.75 -46.16
C SER F 172 12.41 53.49 -47.01
N SER F 173 11.71 53.59 -48.14
CA SER F 173 11.30 52.41 -48.91
C SER F 173 12.41 51.80 -49.77
N PHE F 174 13.61 52.38 -49.76
CA PHE F 174 14.67 51.87 -50.60
C PHE F 174 14.95 50.38 -50.39
N LEU F 175 15.19 49.97 -49.13
CA LEU F 175 15.49 48.57 -48.85
C LEU F 175 14.34 47.63 -49.23
N ALA F 176 13.11 48.01 -48.89
CA ALA F 176 11.98 47.16 -49.22
C ALA F 176 11.94 46.96 -50.73
N ASN F 177 12.13 48.04 -51.50
CA ASN F 177 12.10 47.93 -52.95
C ASN F 177 13.22 47.05 -53.50
N MET F 178 14.38 47.17 -52.87
CA MET F 178 15.52 46.30 -53.17
C MET F 178 15.29 44.81 -52.78
N ALA F 179 14.26 44.55 -51.98
CA ALA F 179 13.95 43.17 -51.59
C ALA F 179 12.76 42.54 -52.36
N THR F 180 12.36 43.17 -53.46
CA THR F 180 11.22 42.69 -54.25
C THR F 180 11.63 41.73 -55.36
N ASP F 181 10.62 41.05 -55.93
CA ASP F 181 10.84 40.07 -56.98
C ASP F 181 11.64 40.62 -58.15
N PHE F 182 11.56 41.94 -58.36
CA PHE F 182 12.15 42.52 -59.57
C PHE F 182 13.59 42.92 -59.38
N ALA F 183 14.06 42.99 -58.13
CA ALA F 183 15.42 43.47 -57.88
C ALA F 183 16.44 42.34 -57.94
N VAL F 184 16.29 41.49 -58.94
CA VAL F 184 17.18 40.36 -59.16
C VAL F 184 18.57 40.83 -59.61
N VAL F 185 19.58 40.01 -59.36
CA VAL F 185 20.94 40.33 -59.76
C VAL F 185 21.36 39.63 -61.05
N LEU F 186 21.82 40.43 -62.01
CA LEU F 186 22.19 39.94 -63.34
C LEU F 186 23.72 39.90 -63.57
N SER F 187 24.13 39.25 -64.65
CA SER F 187 25.53 39.12 -64.98
C SER F 187 26.03 40.22 -65.90
N LYS F 188 27.10 40.91 -65.50
CA LYS F 188 27.68 41.92 -66.35
C LYS F 188 28.56 41.25 -67.41
N GLU F 189 29.22 40.15 -67.04
CA GLU F 189 30.08 39.46 -67.99
C GLU F 189 29.28 38.98 -69.19
N TYR F 190 28.20 38.27 -68.93
CA TYR F 190 27.26 37.91 -69.98
C TYR F 190 26.86 39.13 -70.82
N ALA F 191 26.35 40.16 -70.15
CA ALA F 191 25.92 41.41 -70.79
C ALA F 191 27.00 42.01 -71.68
N MET F 192 28.21 42.12 -71.16
CA MET F 192 29.29 42.74 -71.91
C MET F 192 29.76 41.81 -73.02
N ALA F 193 29.64 40.50 -72.77
CA ALA F 193 29.97 39.53 -73.80
C ALA F 193 29.05 39.71 -74.99
N LEU F 194 27.78 39.93 -74.72
CA LEU F 194 26.80 40.11 -75.79
C LEU F 194 27.01 41.42 -76.52
N LYS F 195 27.36 42.46 -75.76
CA LYS F 195 27.60 43.78 -76.31
C LYS F 195 28.76 43.72 -77.31
N ALA F 196 29.81 42.99 -76.96
CA ALA F 196 30.93 42.83 -77.87
C ALA F 196 30.48 42.19 -79.18
N ASN F 197 29.41 41.40 -79.15
CA ASN F 197 28.95 40.69 -80.35
C ASN F 197 27.89 41.47 -81.11
N ASN F 198 27.41 42.54 -80.50
CA ASN F 198 26.23 43.28 -80.96
C ASN F 198 24.96 42.43 -80.89
N GLN F 199 24.84 41.62 -79.85
CA GLN F 199 23.67 40.77 -79.65
C GLN F 199 23.01 41.06 -78.31
N GLU F 200 22.86 42.34 -78.00
CA GLU F 200 22.25 42.78 -76.76
C GLU F 200 20.89 42.12 -76.51
N ASN F 201 20.12 41.93 -77.59
CA ASN F 201 18.77 41.40 -77.48
C ASN F 201 18.77 39.91 -77.10
N LEU F 202 19.94 39.36 -76.82
CA LEU F 202 20.01 37.99 -76.35
C LEU F 202 19.94 37.94 -74.82
N PHE F 203 20.24 39.07 -74.19
CA PHE F 203 20.43 39.16 -72.74
C PHE F 203 19.16 38.96 -71.89
N ASP F 204 18.06 39.58 -72.30
CA ASP F 204 16.77 39.48 -71.61
C ASP F 204 15.99 38.29 -72.13
N GLN F 205 16.55 37.65 -73.16
CA GLN F 205 15.91 36.53 -73.84
C GLN F 205 16.46 35.18 -73.36
N TYR F 206 17.79 35.06 -73.33
CA TYR F 206 18.45 33.84 -72.90
C TYR F 206 19.22 34.15 -71.63
N PRO F 207 18.66 33.75 -70.48
CA PRO F 207 19.07 34.32 -69.19
C PRO F 207 20.27 33.66 -68.52
N VAL F 208 20.94 34.46 -67.69
CA VAL F 208 21.97 34.00 -66.78
C VAL F 208 21.75 34.69 -65.44
N GLY F 209 21.50 33.90 -64.39
CA GLY F 209 21.37 34.41 -63.03
C GLY F 209 22.26 33.62 -62.08
N THR F 210 21.95 33.70 -60.79
CA THR F 210 22.70 32.93 -59.78
C THR F 210 21.78 31.98 -59.03
N GLY F 211 20.52 31.90 -59.46
CA GLY F 211 19.51 31.16 -58.72
C GLY F 211 19.59 29.65 -58.86
N PRO F 212 18.73 28.94 -58.12
CA PRO F 212 18.65 27.46 -58.07
C PRO F 212 18.40 26.79 -59.43
N TYR F 213 17.70 27.47 -60.33
CA TYR F 213 17.37 26.85 -61.61
C TYR F 213 17.97 27.57 -62.81
N ILE F 214 18.17 26.82 -63.89
CA ILE F 214 18.90 27.29 -65.05
C ILE F 214 18.01 27.14 -66.27
N TYR F 215 17.94 28.19 -67.08
CA TYR F 215 17.21 28.14 -68.34
C TYR F 215 17.75 27.05 -69.29
N LYS F 216 16.85 26.21 -69.81
CA LYS F 216 17.24 25.17 -70.78
C LYS F 216 16.56 25.38 -72.14
N GLU F 217 15.25 25.57 -72.12
CA GLU F 217 14.48 25.70 -73.34
C GLU F 217 13.18 26.50 -73.16
N TYR F 218 12.80 27.27 -74.18
CA TYR F 218 11.51 27.93 -74.20
C TYR F 218 10.85 27.75 -75.58
N ARG F 219 9.61 27.29 -75.57
CA ARG F 219 8.85 27.08 -76.80
C ARG F 219 7.48 27.73 -76.67
N ARG F 220 7.26 28.81 -77.40
CA ARG F 220 5.99 29.53 -77.31
C ARG F 220 4.78 28.60 -77.41
N ASP F 221 3.80 28.82 -76.54
CA ASP F 221 2.54 28.10 -76.54
C ASP F 221 2.72 26.64 -76.15
N HIS F 222 3.91 26.30 -75.68
CA HIS F 222 4.22 24.92 -75.37
C HIS F 222 4.80 24.77 -73.95
N LEU F 223 6.00 25.29 -73.72
CA LEU F 223 6.65 25.02 -72.45
C LEU F 223 7.92 25.84 -72.18
N VAL F 224 8.25 26.01 -70.90
CA VAL F 224 9.62 26.39 -70.54
C VAL F 224 10.29 25.32 -69.65
N ARG F 225 11.58 25.11 -69.88
CA ARG F 225 12.32 24.03 -69.22
C ARG F 225 13.51 24.60 -68.45
N PHE F 226 13.54 24.36 -67.15
CA PHE F 226 14.70 24.74 -66.34
C PHE F 226 15.28 23.48 -65.76
N TYR F 227 16.59 23.45 -65.55
CA TYR F 227 17.18 22.31 -64.89
C TYR F 227 17.92 22.78 -63.61
N LYS F 228 18.32 21.85 -62.76
CA LYS F 228 18.89 22.19 -61.47
C LYS F 228 20.23 22.91 -61.59
N ASN F 229 20.41 24.01 -60.85
CA ASN F 229 21.73 24.63 -60.74
C ASN F 229 22.60 23.88 -59.73
N ALA F 230 23.45 22.98 -60.21
CA ALA F 230 24.33 22.17 -59.36
C ALA F 230 25.20 22.97 -58.41
N ASP F 231 25.57 24.19 -58.81
CA ASP F 231 26.45 25.02 -58.00
C ASP F 231 25.70 26.09 -57.19
N TYR F 232 24.41 25.88 -56.93
CA TYR F 232 23.63 26.86 -56.17
C TYR F 232 24.21 27.09 -54.79
N TRP F 233 24.54 28.35 -54.50
CA TRP F 233 25.21 28.72 -53.26
C TRP F 233 24.34 28.51 -52.02
N LYS F 234 23.04 28.74 -52.15
CA LYS F 234 22.21 28.88 -50.95
C LYS F 234 21.84 27.55 -50.31
N HIS F 235 21.37 26.62 -51.13
CA HIS F 235 21.12 25.26 -50.66
C HIS F 235 21.20 24.26 -51.84
N GLU F 236 21.07 22.97 -51.52
CA GLU F 236 21.10 21.90 -52.52
C GLU F 236 19.72 21.72 -53.18
N VAL F 237 19.62 22.15 -54.44
CA VAL F 237 18.33 22.19 -55.11
C VAL F 237 17.70 20.81 -55.12
N ALA F 238 16.46 20.76 -54.67
CA ALA F 238 15.79 19.48 -54.47
C ALA F 238 15.23 18.83 -55.74
N LEU F 239 15.15 19.56 -56.84
CA LEU F 239 14.60 18.99 -58.07
C LEU F 239 15.63 18.90 -59.22
N GLU F 240 15.40 17.98 -60.16
CA GLU F 240 16.31 17.87 -61.30
C GLU F 240 15.93 18.84 -62.41
N GLN F 241 14.62 18.95 -62.67
CA GLN F 241 14.13 19.68 -63.81
C GLN F 241 12.78 20.33 -63.46
N LEU F 242 12.58 21.57 -63.90
CA LEU F 242 11.27 22.21 -63.76
C LEU F 242 10.70 22.41 -65.12
N VAL F 243 9.45 22.01 -65.29
CA VAL F 243 8.80 22.20 -66.58
C VAL F 243 7.55 23.03 -66.38
N TYR F 244 7.45 24.13 -67.11
CA TYR F 244 6.25 24.94 -67.12
C TYR F 244 5.48 24.61 -68.39
N ASP F 245 4.29 24.07 -68.19
CA ASP F 245 3.43 23.67 -69.29
C ASP F 245 2.41 24.78 -69.53
N ILE F 246 2.64 25.55 -70.58
CA ILE F 246 1.78 26.67 -70.91
C ILE F 246 0.37 26.22 -71.28
N THR F 247 -0.57 26.48 -70.38
CA THR F 247 -1.97 26.16 -70.58
C THR F 247 -2.85 27.35 -70.20
N PRO F 248 -3.16 28.21 -71.17
CA PRO F 248 -3.93 29.41 -70.83
C PRO F 248 -5.31 29.07 -70.26
N ASN F 249 -5.96 28.05 -70.82
CA ASN F 249 -7.29 27.65 -70.37
C ASN F 249 -7.27 27.09 -68.95
N GLY F 250 -7.98 27.75 -68.04
CA GLY F 250 -7.99 27.34 -66.65
C GLY F 250 -8.60 25.97 -66.41
N THR F 251 -9.70 25.68 -67.13
CA THR F 251 -10.40 24.42 -66.97
C THR F 251 -9.45 23.30 -67.29
N THR F 252 -8.69 23.48 -68.37
CA THR F 252 -7.77 22.44 -68.83
C THR F 252 -6.77 22.16 -67.74
N ARG F 253 -6.32 23.23 -67.08
CA ARG F 253 -5.31 23.12 -66.03
C ARG F 253 -5.78 22.31 -64.84
N ILE F 254 -7.04 22.50 -64.45
CA ILE F 254 -7.58 21.72 -63.34
C ILE F 254 -7.61 20.25 -63.74
N ALA F 255 -7.82 19.99 -65.02
CA ALA F 255 -7.83 18.63 -65.53
C ALA F 255 -6.44 18.01 -65.46
N LYS F 256 -5.42 18.75 -65.89
CA LYS F 256 -4.07 18.21 -65.89
C LYS F 256 -3.65 17.90 -64.45
N ILE F 257 -4.29 18.58 -63.50
CA ILE F 257 -4.06 18.32 -62.08
C ILE F 257 -4.65 16.96 -61.71
N LEU F 258 -5.90 16.74 -62.14
CA LEU F 258 -6.56 15.46 -61.96
C LEU F 258 -5.79 14.31 -62.63
N THR F 259 -5.38 14.52 -63.89
CA THR F 259 -4.67 13.48 -64.63
C THR F 259 -3.21 13.36 -64.23
N LYS F 260 -2.84 13.99 -63.13
CA LYS F 260 -1.47 13.96 -62.62
C LYS F 260 -0.43 14.46 -63.64
N GLU F 261 -0.90 15.06 -64.72
CA GLU F 261 -0.01 15.67 -65.73
C GLU F 261 0.73 16.90 -65.19
N CYS F 262 -0.02 17.76 -64.51
CA CYS F 262 0.54 18.90 -63.80
C CYS F 262 0.65 18.60 -62.31
N ASP F 263 1.84 18.81 -61.77
CA ASP F 263 2.08 18.65 -60.35
C ASP F 263 1.49 19.82 -59.57
N VAL F 264 1.54 21.02 -60.15
CA VAL F 264 1.07 22.26 -59.52
C VAL F 264 0.34 23.13 -60.53
N THR F 265 -0.77 23.73 -60.12
CA THR F 265 -1.51 24.60 -61.02
C THR F 265 -1.68 25.98 -60.46
N ALA F 266 -1.28 26.97 -61.25
CA ALA F 266 -1.42 28.36 -60.89
C ALA F 266 -2.89 28.71 -60.77
N HIS F 267 -3.13 29.90 -60.24
CA HIS F 267 -4.44 30.52 -60.27
C HIS F 267 -5.52 29.69 -60.95
N PRO F 268 -6.48 29.21 -60.16
CA PRO F 268 -7.75 28.71 -60.64
C PRO F 268 -8.85 29.63 -60.12
N SER F 269 -10.10 29.22 -60.28
CA SER F 269 -11.24 29.92 -59.67
C SER F 269 -11.63 29.20 -58.38
N SER F 270 -12.59 29.75 -57.65
CA SER F 270 -13.02 29.09 -56.43
C SER F 270 -13.86 27.87 -56.77
N ALA F 271 -14.69 27.99 -57.80
CA ALA F 271 -15.54 26.90 -58.24
C ALA F 271 -14.71 25.80 -58.91
N GLN F 272 -13.90 26.18 -59.89
CA GLN F 272 -12.97 25.25 -60.51
C GLN F 272 -12.41 24.32 -59.45
N LEU F 273 -12.20 24.87 -58.25
CA LEU F 273 -11.53 24.13 -57.18
C LEU F 273 -12.39 23.07 -56.48
N SER F 274 -13.63 23.40 -56.17
CA SER F 274 -14.52 22.44 -55.49
C SER F 274 -14.50 21.07 -56.15
N ILE F 275 -14.37 21.07 -57.48
CA ILE F 275 -14.23 19.83 -58.22
C ILE F 275 -13.02 19.01 -57.73
N LEU F 276 -12.11 19.68 -57.02
CA LEU F 276 -10.91 19.05 -56.45
C LEU F 276 -11.05 18.84 -54.94
N ALA F 277 -12.21 19.20 -54.41
CA ALA F 277 -12.45 19.13 -52.96
C ALA F 277 -12.18 17.73 -52.43
N GLN F 278 -13.06 16.80 -52.77
CA GLN F 278 -13.00 15.44 -52.25
C GLN F 278 -11.93 14.59 -52.95
N ARG F 279 -10.71 15.10 -52.99
CA ARG F 279 -9.59 14.34 -53.55
C ARG F 279 -8.43 14.46 -52.59
N ASP F 280 -8.14 13.38 -51.89
CA ASP F 280 -7.15 13.41 -50.82
C ASP F 280 -5.73 13.37 -51.35
N ASP F 281 -5.59 13.23 -52.66
CA ASP F 281 -4.28 13.27 -53.29
C ASP F 281 -3.93 14.69 -53.75
N ILE F 282 -4.91 15.58 -53.66
CA ILE F 282 -4.81 16.96 -54.13
C ILE F 282 -4.94 18.03 -53.04
N ASN F 283 -3.87 18.80 -52.84
CA ASN F 283 -3.90 19.94 -51.93
C ASN F 283 -4.47 21.22 -52.54
N VAL F 284 -5.61 21.66 -52.04
CA VAL F 284 -6.16 22.96 -52.43
C VAL F 284 -5.76 24.02 -51.40
N GLU F 285 -5.23 25.13 -51.89
CA GLU F 285 -4.60 26.13 -51.04
C GLU F 285 -5.18 27.51 -51.37
N ARG F 286 -5.32 28.36 -50.37
CA ARG F 286 -6.09 29.58 -50.55
C ARG F 286 -5.63 30.67 -49.60
N GLU F 287 -5.18 31.78 -50.18
CA GLU F 287 -4.55 32.83 -49.40
C GLU F 287 -4.90 34.22 -49.90
N THR F 288 -5.49 35.01 -49.01
CA THR F 288 -5.81 36.39 -49.32
C THR F 288 -4.50 37.17 -49.57
N ASN F 289 -4.45 37.90 -50.68
CA ASN F 289 -3.23 38.57 -51.15
C ASN F 289 -3.13 40.01 -50.61
N LEU F 290 -1.92 40.55 -50.45
CA LEU F 290 -1.78 41.93 -49.99
C LEU F 290 -2.27 42.91 -51.05
N ASN F 291 -3.57 43.18 -51.03
CA ASN F 291 -4.14 44.12 -51.97
C ASN F 291 -5.44 44.64 -51.39
N ILE F 292 -6.01 45.66 -52.03
CA ILE F 292 -7.26 46.21 -51.58
C ILE F 292 -7.97 46.89 -52.74
N GLY F 293 -9.27 46.64 -52.85
CA GLY F 293 -10.13 47.36 -53.79
C GLY F 293 -11.01 48.26 -52.93
N TYR F 294 -11.29 49.47 -53.41
CA TYR F 294 -12.00 50.43 -52.57
C TYR F 294 -12.83 51.45 -53.34
N TRP F 295 -13.54 52.29 -52.61
CA TRP F 295 -14.28 53.38 -53.23
C TRP F 295 -13.88 54.70 -52.54
N ALA F 296 -13.03 55.47 -53.21
CA ALA F 296 -12.53 56.73 -52.65
C ALA F 296 -13.42 57.90 -53.06
N PHE F 297 -13.46 58.90 -52.18
CA PHE F 297 -14.22 60.10 -52.42
C PHE F 297 -13.26 61.28 -52.62
N ASN F 298 -13.60 62.18 -53.54
CA ASN F 298 -12.83 63.41 -53.66
C ASN F 298 -13.19 64.26 -52.47
N THR F 299 -12.49 64.01 -51.35
CA THR F 299 -12.77 64.65 -50.07
C THR F 299 -12.73 66.17 -50.14
N GLU F 300 -12.19 66.72 -51.22
CA GLU F 300 -12.14 68.17 -51.41
C GLU F 300 -13.09 68.66 -52.51
N ARG F 301 -14.11 67.87 -52.82
CA ARG F 301 -15.15 68.34 -53.73
C ARG F 301 -16.55 68.10 -53.17
N PRO F 302 -17.32 69.18 -53.00
CA PRO F 302 -18.65 69.09 -52.40
C PRO F 302 -19.67 68.41 -53.31
N PRO F 303 -20.60 67.61 -52.74
CA PRO F 303 -20.82 67.37 -51.31
C PRO F 303 -19.88 66.36 -50.65
N PHE F 304 -18.97 65.76 -51.41
CA PHE F 304 -18.18 64.63 -50.91
C PHE F 304 -17.12 65.05 -49.87
N ASP F 305 -17.03 66.34 -49.59
CA ASP F 305 -16.12 66.85 -48.56
C ASP F 305 -16.77 66.80 -47.20
N ASN F 306 -18.06 66.51 -47.20
CA ASN F 306 -18.85 66.48 -45.99
C ASN F 306 -18.88 65.07 -45.43
N LEU F 307 -18.19 64.86 -44.30
CA LEU F 307 -18.08 63.52 -43.72
C LEU F 307 -19.43 62.79 -43.62
N LYS F 308 -20.51 63.52 -43.33
CA LYS F 308 -21.83 62.90 -43.19
C LYS F 308 -22.40 62.42 -44.52
N VAL F 309 -22.00 63.06 -45.61
CA VAL F 309 -22.39 62.60 -46.94
C VAL F 309 -21.69 61.29 -47.27
N ARG F 310 -20.38 61.26 -47.06
CA ARG F 310 -19.61 60.02 -47.19
C ARG F 310 -20.25 58.94 -46.33
N GLN F 311 -20.46 59.26 -45.05
CA GLN F 311 -20.98 58.28 -44.10
C GLN F 311 -22.29 57.71 -44.61
N ALA F 312 -23.02 58.49 -45.38
CA ALA F 312 -24.34 58.07 -45.86
C ALA F 312 -24.24 57.19 -47.10
N LEU F 313 -23.44 57.61 -48.08
CA LEU F 313 -23.31 56.83 -49.31
C LEU F 313 -22.91 55.39 -49.01
N VAL F 314 -21.88 55.23 -48.19
CA VAL F 314 -21.37 53.93 -47.80
C VAL F 314 -22.46 52.98 -47.25
N HIS F 315 -23.30 53.47 -46.35
CA HIS F 315 -24.43 52.67 -45.84
C HIS F 315 -25.33 52.20 -46.97
N ALA F 316 -25.32 52.93 -48.08
CA ALA F 316 -26.22 52.66 -49.21
C ALA F 316 -25.82 51.47 -50.08
N ILE F 317 -24.57 51.03 -49.98
CA ILE F 317 -24.06 50.02 -50.89
C ILE F 317 -24.16 48.59 -50.35
N ASP F 318 -24.83 47.75 -51.11
CA ASP F 318 -24.98 46.35 -50.77
C ASP F 318 -23.69 45.60 -51.10
N ILE F 319 -22.76 45.59 -50.16
CA ILE F 319 -21.47 44.93 -50.41
C ILE F 319 -21.60 43.40 -50.56
N GLU F 320 -22.56 42.79 -49.87
CA GLU F 320 -22.84 41.37 -50.07
C GLU F 320 -23.04 41.08 -51.55
N LYS F 321 -23.98 41.78 -52.16
CA LYS F 321 -24.24 41.64 -53.59
C LYS F 321 -22.94 41.68 -54.39
N ILE F 322 -22.16 42.74 -54.23
CA ILE F 322 -20.98 42.92 -55.07
C ILE F 322 -19.90 41.84 -54.84
N MET F 323 -19.96 41.16 -53.70
CA MET F 323 -19.06 40.05 -53.46
C MET F 323 -19.47 38.85 -54.33
N GLN F 324 -20.77 38.74 -54.57
CA GLN F 324 -21.34 37.71 -55.44
C GLN F 324 -21.21 38.01 -56.95
N ALA F 325 -21.64 39.22 -57.34
CA ALA F 325 -21.79 39.58 -58.75
C ALA F 325 -20.59 40.34 -59.32
N VAL F 326 -19.51 40.40 -58.56
CA VAL F 326 -18.27 40.96 -59.08
C VAL F 326 -17.11 40.02 -58.82
N TYR F 327 -17.02 39.53 -57.60
CA TYR F 327 -15.90 38.71 -57.18
C TYR F 327 -16.18 37.24 -57.37
N TYR F 328 -17.45 36.87 -57.45
CA TYR F 328 -17.86 35.48 -57.62
C TYR F 328 -17.02 34.54 -56.74
N GLY F 329 -16.99 34.81 -55.43
CA GLY F 329 -16.25 33.99 -54.49
C GLY F 329 -14.71 34.02 -54.57
N ASN F 330 -14.14 34.99 -55.27
CA ASN F 330 -12.68 35.06 -55.36
C ASN F 330 -12.07 36.20 -54.53
N GLY F 331 -12.94 36.85 -53.77
CA GLY F 331 -12.54 37.97 -52.93
C GLY F 331 -12.96 37.81 -51.49
N LEU F 332 -12.32 38.60 -50.64
CA LEU F 332 -12.55 38.61 -49.20
C LEU F 332 -13.03 40.00 -48.82
N ARG F 333 -14.26 40.09 -48.30
CA ARG F 333 -14.82 41.35 -47.89
C ARG F 333 -13.88 41.99 -46.89
N ALA F 334 -13.71 43.30 -46.98
CA ALA F 334 -12.73 43.99 -46.15
C ALA F 334 -13.32 44.41 -44.82
N ARG F 335 -12.47 44.39 -43.79
CA ARG F 335 -12.88 44.90 -42.49
C ARG F 335 -11.85 45.92 -42.04
N SER F 336 -11.06 46.39 -42.99
CA SER F 336 -10.04 47.39 -42.75
C SER F 336 -9.32 47.59 -44.07
N ILE F 337 -8.78 48.77 -44.32
CA ILE F 337 -8.05 48.94 -45.56
C ILE F 337 -7.04 47.80 -45.70
N LEU F 338 -6.62 47.26 -44.57
CA LEU F 338 -5.64 46.18 -44.54
C LEU F 338 -6.30 44.79 -44.50
N PRO F 339 -5.78 43.84 -45.30
CA PRO F 339 -6.31 42.46 -45.33
C PRO F 339 -5.76 41.65 -44.18
N PRO F 340 -6.50 40.60 -43.76
CA PRO F 340 -6.12 39.80 -42.58
C PRO F 340 -4.71 39.23 -42.67
N THR F 341 -4.09 39.31 -43.83
CA THR F 341 -2.78 38.72 -44.00
C THR F 341 -1.63 39.72 -43.84
N SER F 342 -1.98 40.99 -43.65
CA SER F 342 -0.97 41.98 -43.30
C SER F 342 -0.68 41.84 -41.82
N TRP F 343 0.60 41.89 -41.42
CA TRP F 343 0.88 41.68 -39.99
C TRP F 343 0.36 42.80 -39.08
N ALA F 344 -0.03 43.92 -39.67
CA ALA F 344 -0.60 45.03 -38.90
C ALA F 344 -2.12 44.99 -38.90
N PHE F 345 -2.70 44.04 -39.61
CA PHE F 345 -4.14 43.97 -39.68
C PHE F 345 -4.80 44.19 -38.33
N GLU F 346 -6.01 44.74 -38.36
CA GLU F 346 -6.87 44.78 -37.20
C GLU F 346 -8.28 45.04 -37.71
N PRO F 347 -9.23 44.16 -37.35
CA PRO F 347 -10.60 44.31 -37.81
C PRO F 347 -11.12 45.62 -37.26
N GLN F 348 -11.99 46.31 -37.98
CA GLN F 348 -12.44 47.63 -37.53
C GLN F 348 -13.87 47.60 -37.07
N LYS F 349 -14.05 47.81 -35.76
CA LYS F 349 -15.35 47.65 -35.13
C LYS F 349 -16.44 48.51 -35.81
N ASN F 350 -16.05 49.67 -36.32
CA ASN F 350 -17.06 50.56 -36.89
C ASN F 350 -17.21 50.53 -38.41
N MET F 351 -17.00 49.38 -39.04
CA MET F 351 -17.29 49.26 -40.46
C MET F 351 -18.71 49.68 -40.72
N PRO F 352 -18.91 50.60 -41.66
CA PRO F 352 -20.26 50.97 -42.07
C PRO F 352 -21.03 49.72 -42.42
N ILE F 353 -22.23 49.62 -41.85
CA ILE F 353 -23.11 48.50 -42.15
C ILE F 353 -24.06 48.87 -43.26
N PHE F 354 -24.32 47.92 -44.15
CA PHE F 354 -25.33 48.09 -45.16
C PHE F 354 -26.66 48.45 -44.51
N ASP F 355 -27.22 49.58 -44.88
CA ASP F 355 -28.52 50.00 -44.38
C ASP F 355 -29.07 51.11 -45.24
N PRO F 356 -29.91 50.69 -46.28
CA PRO F 356 -30.38 51.81 -47.12
C PRO F 356 -31.14 52.88 -46.33
N GLN F 357 -32.01 52.45 -45.43
CA GLN F 357 -32.78 53.38 -44.62
C GLN F 357 -31.89 54.37 -43.88
N LEU F 358 -30.97 53.84 -43.08
CA LEU F 358 -30.03 54.66 -42.34
C LEU F 358 -29.41 55.68 -43.30
N ALA F 359 -28.99 55.20 -44.48
CA ALA F 359 -28.37 56.05 -45.50
C ALA F 359 -29.28 57.22 -45.84
N LYS F 360 -30.53 56.89 -46.19
CA LYS F 360 -31.49 57.92 -46.55
C LYS F 360 -31.63 58.96 -45.44
N LYS F 361 -31.73 58.49 -44.20
CA LYS F 361 -31.89 59.42 -43.09
C LYS F 361 -30.68 60.34 -42.99
N LEU F 362 -29.49 59.74 -42.96
CA LEU F 362 -28.24 60.49 -42.80
C LEU F 362 -28.01 61.51 -43.90
N LEU F 363 -28.49 61.20 -45.10
CA LEU F 363 -28.40 62.13 -46.22
C LEU F 363 -29.34 63.27 -45.93
N THR F 364 -30.62 62.91 -45.78
CA THR F 364 -31.68 63.86 -45.45
C THR F 364 -31.23 64.92 -44.44
N GLU F 365 -30.59 64.48 -43.36
CA GLU F 365 -30.20 65.35 -42.26
C GLU F 365 -28.90 66.13 -42.51
N ALA F 366 -28.28 65.92 -43.66
CA ALA F 366 -27.10 66.71 -44.00
C ALA F 366 -27.49 67.77 -45.03
N GLY F 367 -28.80 67.85 -45.29
CA GLY F 367 -29.33 68.52 -46.45
C GLY F 367 -29.75 67.38 -47.35
N TYR F 368 -29.69 67.57 -48.67
CA TYR F 368 -29.85 66.47 -49.62
C TYR F 368 -30.97 65.46 -49.30
N GLU F 369 -32.21 65.91 -49.05
CA GLU F 369 -32.75 67.25 -49.32
C GLU F 369 -34.15 67.15 -49.91
N LYS F 370 -34.35 66.22 -50.85
CA LYS F 370 -33.33 65.22 -51.15
C LYS F 370 -32.91 65.15 -52.62
N GLY F 371 -31.76 64.52 -52.86
CA GLY F 371 -31.28 64.24 -54.20
C GLY F 371 -29.96 64.88 -54.60
N PHE F 372 -29.16 64.13 -55.36
CA PHE F 372 -28.10 64.71 -56.19
C PHE F 372 -27.44 63.72 -57.18
N ASP F 373 -26.65 64.28 -58.09
CA ASP F 373 -25.97 63.49 -59.10
C ASP F 373 -24.52 63.32 -58.67
N MET F 374 -23.93 62.20 -59.04
CA MET F 374 -22.50 62.03 -58.87
C MET F 374 -21.99 61.06 -59.90
N SER F 375 -20.69 61.07 -60.10
CA SER F 375 -20.09 60.10 -60.98
C SER F 375 -19.25 59.11 -60.18
N ILE F 376 -19.26 57.85 -60.61
CA ILE F 376 -18.33 56.88 -60.09
C ILE F 376 -17.37 56.56 -61.22
N TRP F 377 -16.08 56.70 -60.96
CA TRP F 377 -15.08 56.48 -61.99
C TRP F 377 -14.63 55.03 -61.90
N ALA F 378 -14.85 54.26 -62.97
CA ALA F 378 -14.60 52.82 -62.95
C ALA F 378 -13.29 52.47 -63.63
N MET F 379 -12.35 51.91 -62.88
CA MET F 379 -11.08 51.54 -63.49
C MET F 379 -11.33 50.63 -64.71
N PRO F 380 -10.63 50.93 -65.81
CA PRO F 380 -10.81 50.25 -67.11
C PRO F 380 -10.24 48.83 -67.17
N VAL F 381 -9.23 48.52 -66.36
CA VAL F 381 -8.64 47.20 -66.40
C VAL F 381 -9.13 46.34 -65.25
N SER F 382 -9.06 45.03 -65.41
CA SER F 382 -9.46 44.10 -64.37
C SER F 382 -8.27 43.72 -63.51
N ARG F 383 -8.45 43.73 -62.19
CA ARG F 383 -7.36 43.36 -61.32
C ARG F 383 -7.81 42.46 -60.19
N ILE F 384 -6.86 41.98 -59.42
CA ILE F 384 -7.11 41.10 -58.27
C ILE F 384 -8.06 41.77 -57.28
N TYR F 385 -7.73 43.01 -56.92
CA TYR F 385 -8.51 43.77 -55.95
C TYR F 385 -9.88 44.17 -56.47
N ASN F 386 -10.05 44.18 -57.80
CA ASN F 386 -11.35 44.44 -58.39
C ASN F 386 -11.40 44.00 -59.85
N PRO F 387 -11.95 42.81 -60.09
CA PRO F 387 -11.87 42.21 -61.42
C PRO F 387 -12.90 42.77 -62.37
N ASN F 388 -13.79 43.64 -61.89
CA ASN F 388 -14.76 44.29 -62.78
C ASN F 388 -15.41 45.56 -62.22
N ALA F 389 -14.69 46.67 -62.30
CA ALA F 389 -15.17 47.94 -61.74
C ALA F 389 -16.49 48.42 -62.35
N ARG F 390 -16.65 48.27 -63.67
CA ARG F 390 -17.90 48.63 -64.35
C ARG F 390 -19.08 47.91 -63.74
N LYS F 391 -18.93 46.60 -63.58
CA LYS F 391 -19.99 45.78 -63.03
C LYS F 391 -20.29 46.32 -61.64
N MET F 392 -19.25 46.44 -60.81
CA MET F 392 -19.40 47.03 -59.48
C MET F 392 -20.08 48.41 -59.52
N ALA F 393 -19.65 49.24 -60.46
CA ALA F 393 -20.17 50.59 -60.59
C ALA F 393 -21.64 50.55 -61.01
N GLU F 394 -22.02 49.50 -61.73
CA GLU F 394 -23.41 49.29 -62.10
C GLU F 394 -24.24 48.85 -60.89
N LEU F 395 -23.64 48.03 -60.03
CA LEU F 395 -24.33 47.60 -58.81
C LEU F 395 -24.56 48.79 -57.87
N MET F 396 -23.51 49.55 -57.61
CA MET F 396 -23.59 50.77 -56.82
C MET F 396 -24.62 51.74 -57.40
N GLN F 397 -24.67 51.82 -58.71
CA GLN F 397 -25.62 52.70 -59.38
C GLN F 397 -27.06 52.30 -59.00
N SER F 398 -27.34 51.01 -58.99
CA SER F 398 -28.66 50.54 -58.62
C SER F 398 -28.96 50.84 -57.15
N ASP F 399 -28.06 50.43 -56.26
CA ASP F 399 -28.19 50.70 -54.83
C ASP F 399 -28.46 52.18 -54.50
N LEU F 400 -27.64 53.08 -55.06
CA LEU F 400 -27.78 54.49 -54.78
C LEU F 400 -29.07 55.13 -55.32
N ARG F 401 -29.54 54.68 -56.48
CA ARG F 401 -30.74 55.26 -57.07
C ARG F 401 -31.91 55.24 -56.08
N LYS F 402 -31.93 54.23 -55.20
CA LYS F 402 -32.98 54.10 -54.18
C LYS F 402 -32.83 55.14 -53.08
N ILE F 403 -31.62 55.69 -52.96
CA ILE F 403 -31.32 56.68 -51.95
C ILE F 403 -31.50 58.10 -52.50
N GLY F 404 -31.81 58.21 -53.79
CA GLY F 404 -31.99 59.49 -54.45
C GLY F 404 -30.76 59.99 -55.20
N VAL F 405 -29.63 59.33 -54.96
CA VAL F 405 -28.38 59.67 -55.65
C VAL F 405 -28.30 59.00 -57.03
N ASN F 406 -28.20 59.82 -58.07
CA ASN F 406 -28.19 59.33 -59.46
C ASN F 406 -26.78 59.21 -60.04
N VAL F 407 -26.25 57.99 -60.06
CA VAL F 407 -24.86 57.77 -60.44
C VAL F 407 -24.71 57.78 -61.93
N ASN F 408 -23.63 58.38 -62.41
CA ASN F 408 -23.25 58.17 -63.80
C ASN F 408 -21.83 57.61 -63.86
N ILE F 409 -21.66 56.58 -64.68
CA ILE F 409 -20.43 55.80 -64.69
C ILE F 409 -19.42 56.35 -65.67
N VAL F 410 -18.21 56.58 -65.18
CA VAL F 410 -17.16 57.17 -65.96
C VAL F 410 -16.02 56.16 -66.14
N GLU F 411 -15.62 55.96 -67.40
CA GLU F 411 -14.52 55.06 -67.73
C GLU F 411 -13.65 55.66 -68.82
N TYR F 412 -12.34 55.71 -68.58
CA TYR F 412 -11.40 56.12 -69.62
C TYR F 412 -10.36 55.03 -69.79
N GLU F 413 -9.56 55.15 -70.84
CA GLU F 413 -8.35 54.34 -71.03
C GLU F 413 -7.48 54.50 -69.80
N TRP F 414 -6.74 53.46 -69.45
CA TRP F 414 -5.98 53.43 -68.20
C TRP F 414 -5.05 54.64 -67.94
N ASN F 415 -4.19 54.98 -68.90
CA ASN F 415 -3.22 56.06 -68.69
C ASN F 415 -3.87 57.42 -68.51
N THR F 416 -5.00 57.63 -69.19
CA THR F 416 -5.73 58.88 -69.03
C THR F 416 -6.53 58.83 -67.75
N PHE F 417 -7.10 57.66 -67.47
CA PHE F 417 -7.86 57.42 -66.25
C PHE F 417 -7.02 57.78 -65.03
N ILE F 418 -5.83 57.20 -64.96
CA ILE F 418 -4.93 57.42 -63.83
C ILE F 418 -4.39 58.85 -63.77
N GLN F 419 -4.14 59.44 -64.93
CA GLN F 419 -3.73 60.83 -65.01
C GLN F 419 -4.83 61.72 -64.41
N ARG F 420 -6.06 61.60 -64.93
CA ARG F 420 -7.16 62.43 -64.43
C ARG F 420 -7.53 62.20 -62.96
N ILE F 421 -7.35 60.96 -62.47
CA ILE F 421 -7.57 60.68 -61.05
C ILE F 421 -6.51 61.38 -60.20
N GLY F 422 -5.29 61.44 -60.74
CA GLY F 422 -4.20 62.14 -60.08
C GLY F 422 -4.38 63.66 -60.10
N GLU F 423 -5.16 64.14 -61.06
CA GLU F 423 -5.50 65.55 -61.12
C GLU F 423 -6.78 65.82 -60.34
N HIS F 424 -7.29 64.79 -59.67
CA HIS F 424 -8.50 64.94 -58.84
C HIS F 424 -9.71 65.46 -59.60
N ARG F 425 -9.84 65.08 -60.87
CA ARG F 425 -10.96 65.55 -61.69
C ARG F 425 -12.27 64.86 -61.36
N HIS F 426 -12.21 63.86 -60.47
CA HIS F 426 -13.33 62.95 -60.26
C HIS F 426 -14.19 63.22 -59.01
N ASP F 427 -15.46 62.84 -59.07
CA ASP F 427 -16.30 62.80 -57.87
C ASP F 427 -15.88 61.68 -56.91
N SER F 428 -15.80 60.46 -57.46
CA SER F 428 -15.47 59.26 -56.72
C SER F 428 -14.92 58.21 -57.71
N VAL F 429 -14.19 57.23 -57.21
CA VAL F 429 -13.50 56.28 -58.08
C VAL F 429 -13.43 54.89 -57.46
N LEU F 430 -13.69 53.87 -58.28
CA LEU F 430 -13.43 52.50 -57.89
C LEU F 430 -12.05 52.09 -58.38
N LEU F 431 -11.11 52.04 -57.45
CA LEU F 431 -9.73 51.77 -57.81
C LEU F 431 -9.20 50.79 -56.77
N GLY F 432 -7.89 50.55 -56.76
CA GLY F 432 -7.34 49.60 -55.83
C GLY F 432 -5.83 49.63 -55.86
N TRP F 433 -5.24 48.78 -55.04
CA TRP F 433 -3.81 48.84 -54.80
C TRP F 433 -3.39 47.43 -54.43
N ALA F 434 -2.28 46.98 -55.01
CA ALA F 434 -1.68 45.72 -54.62
C ALA F 434 -0.33 46.09 -54.09
N ALA F 435 -0.06 45.68 -52.86
CA ALA F 435 1.12 46.15 -52.16
C ALA F 435 2.34 45.77 -52.96
N ASP F 436 3.23 46.75 -53.17
CA ASP F 436 4.52 46.53 -53.80
C ASP F 436 5.46 45.81 -52.83
N THR F 437 5.24 46.01 -51.53
CA THR F 437 6.02 45.32 -50.51
C THR F 437 5.08 44.88 -49.39
N PRO F 438 5.57 43.97 -48.52
CA PRO F 438 4.77 43.43 -47.40
C PRO F 438 4.85 44.30 -46.15
N ASP F 439 5.46 45.46 -46.28
CA ASP F 439 5.49 46.47 -45.22
C ASP F 439 4.14 47.14 -45.16
N PRO F 440 3.40 46.98 -44.05
CA PRO F 440 2.03 47.49 -43.93
C PRO F 440 1.95 48.96 -44.36
N ASP F 441 3.06 49.65 -44.12
CA ASP F 441 3.19 51.05 -44.50
C ASP F 441 2.82 51.28 -45.96
N ASN F 442 3.05 50.27 -46.78
CA ASN F 442 2.81 50.38 -48.20
C ASN F 442 1.34 50.51 -48.52
N PHE F 443 0.49 50.26 -47.53
CA PHE F 443 -0.95 50.44 -47.70
C PHE F 443 -1.40 51.87 -47.38
N PHE F 444 -0.58 52.61 -46.64
CA PHE F 444 -0.93 53.95 -46.16
C PHE F 444 -0.25 55.09 -46.91
N SER F 445 1.08 55.14 -46.86
CA SER F 445 1.82 56.24 -47.46
C SER F 445 1.56 56.49 -48.95
N PRO F 446 1.72 55.47 -49.79
CA PRO F 446 1.48 55.63 -51.23
C PRO F 446 0.06 56.05 -51.55
N LEU F 447 -0.89 55.81 -50.65
CA LEU F 447 -2.30 55.98 -50.95
C LEU F 447 -2.98 57.20 -50.34
N LEU F 448 -2.84 57.35 -49.03
CA LEU F 448 -3.65 58.28 -48.26
C LEU F 448 -2.85 59.35 -47.54
N SER F 449 -1.57 59.45 -47.87
CA SER F 449 -0.71 60.45 -47.22
C SER F 449 -0.78 61.82 -47.89
N CYS F 450 -0.36 62.85 -47.17
CA CYS F 450 -0.35 64.20 -47.74
C CYS F 450 0.51 64.29 -48.99
N THR F 451 1.69 63.69 -48.93
CA THR F 451 2.62 63.88 -50.01
C THR F 451 2.18 63.08 -51.22
N ALA F 452 1.28 62.12 -51.01
CA ALA F 452 0.71 61.36 -52.11
C ALA F 452 -0.38 62.17 -52.81
N THR F 453 -0.96 63.13 -52.08
CA THR F 453 -1.85 64.08 -52.70
C THR F 453 -1.07 64.95 -53.68
N PHE F 454 0.09 65.41 -53.24
CA PHE F 454 0.96 66.23 -54.06
C PHE F 454 1.81 65.37 -54.97
N SER F 455 1.21 64.30 -55.47
CA SER F 455 1.86 63.43 -56.43
C SER F 455 0.80 62.78 -57.32
N GLY F 456 -0.44 63.19 -57.13
CA GLY F 456 -1.56 62.64 -57.85
C GLY F 456 -1.70 61.15 -57.66
N LYS F 457 -1.41 60.67 -56.46
CA LYS F 457 -1.50 59.22 -56.22
C LYS F 457 -2.48 58.84 -55.11
N ASN F 458 -3.05 59.88 -54.51
CA ASN F 458 -4.02 59.73 -53.46
C ASN F 458 -5.40 59.99 -54.06
N PRO F 459 -6.15 58.92 -54.36
CA PRO F 459 -7.47 59.05 -55.00
C PRO F 459 -8.49 59.80 -54.15
N ALA F 460 -8.22 59.95 -52.85
CA ALA F 460 -9.18 60.66 -51.98
C ALA F 460 -8.88 62.15 -51.88
N ASN F 461 -7.72 62.55 -52.38
CA ASN F 461 -7.32 63.94 -52.33
C ASN F 461 -7.37 64.35 -50.88
N TRP F 462 -6.82 63.50 -50.02
CA TRP F 462 -7.03 63.62 -48.58
C TRP F 462 -5.72 63.91 -47.87
N CYS F 463 -5.58 65.11 -47.33
CA CYS F 463 -4.43 65.45 -46.52
C CYS F 463 -4.82 65.58 -45.05
N ASN F 464 -4.31 64.68 -44.23
CA ASN F 464 -4.67 64.65 -42.82
C ASN F 464 -3.43 64.54 -41.95
N PRO F 465 -2.83 65.68 -41.63
CA PRO F 465 -1.56 65.75 -40.92
C PRO F 465 -1.50 64.79 -39.74
N GLU F 466 -2.60 64.59 -39.02
CA GLU F 466 -2.55 63.64 -37.91
C GLU F 466 -2.28 62.21 -38.43
N PHE F 467 -3.04 61.80 -39.45
CA PHE F 467 -2.78 60.56 -40.19
C PHE F 467 -1.29 60.36 -40.54
N ASP F 468 -0.71 61.32 -41.26
CA ASP F 468 0.68 61.23 -41.67
C ASP F 468 1.63 61.13 -40.50
N LEU F 469 1.25 61.72 -39.38
CA LEU F 469 2.08 61.59 -38.19
C LEU F 469 2.12 60.12 -37.74
N LEU F 470 0.93 59.52 -37.61
CA LEU F 470 0.84 58.09 -37.32
C LEU F 470 1.83 57.29 -38.18
N LEU F 471 1.85 57.55 -39.48
CA LEU F 471 2.69 56.78 -40.38
C LEU F 471 4.18 57.10 -40.24
N THR F 472 4.49 58.38 -40.07
CA THR F 472 5.87 58.80 -39.92
C THR F 472 6.46 58.30 -38.60
N LYS F 473 5.63 58.14 -37.58
CA LYS F 473 6.12 57.56 -36.33
C LYS F 473 6.34 56.03 -36.46
N ALA F 474 5.27 55.32 -36.80
CA ALA F 474 5.37 53.90 -37.11
C ALA F 474 6.69 53.62 -37.80
N LEU F 475 7.04 54.45 -38.79
CA LEU F 475 8.25 54.21 -39.56
C LEU F 475 9.55 54.48 -38.81
N ASP F 476 9.45 55.13 -37.65
CA ASP F 476 10.64 55.62 -36.96
C ASP F 476 10.98 54.77 -35.73
N THR F 477 10.04 53.93 -35.33
CA THR F 477 10.29 52.97 -34.25
C THR F 477 10.77 51.63 -34.82
N THR F 478 12.04 51.32 -34.55
CA THR F 478 12.64 50.07 -35.03
C THR F 478 11.91 48.86 -34.47
N ASP F 479 10.98 49.11 -33.56
CA ASP F 479 10.32 48.08 -32.76
C ASP F 479 8.96 47.66 -33.34
N LEU F 480 8.89 46.45 -33.89
CA LEU F 480 7.65 45.95 -34.50
C LEU F 480 6.39 46.13 -33.63
N ASN F 481 6.52 45.96 -32.31
CA ASN F 481 5.40 46.13 -31.39
C ASN F 481 4.79 47.53 -31.42
N LEU F 482 5.66 48.53 -31.27
CA LEU F 482 5.22 49.91 -31.26
C LEU F 482 4.43 50.20 -32.53
N ARG F 483 4.98 49.76 -33.67
CA ARG F 483 4.41 50.09 -34.97
C ARG F 483 2.90 49.85 -35.02
N LYS F 484 2.47 48.68 -34.59
CA LYS F 484 1.06 48.30 -34.69
C LYS F 484 0.14 49.26 -33.94
N GLN F 485 0.65 49.86 -32.86
CA GLN F 485 -0.10 50.87 -32.13
C GLN F 485 -0.58 51.98 -33.07
N TYR F 486 0.32 52.46 -33.91
CA TYR F 486 0.01 53.53 -34.83
C TYR F 486 -0.82 53.03 -36.01
N TYR F 487 -0.43 51.88 -36.55
CA TYR F 487 -1.16 51.27 -37.66
C TYR F 487 -2.58 50.94 -37.23
N ASP F 488 -2.71 50.47 -36.00
CA ASP F 488 -4.03 50.21 -35.44
C ASP F 488 -4.84 51.48 -35.50
N ALA F 489 -4.17 52.62 -35.29
CA ALA F 489 -4.84 53.93 -35.30
C ALA F 489 -5.12 54.43 -36.71
N ALA F 490 -4.14 54.30 -37.61
CA ALA F 490 -4.34 54.70 -39.01
C ALA F 490 -5.54 53.99 -39.60
N GLN F 491 -5.70 52.71 -39.25
CA GLN F 491 -6.84 51.92 -39.73
C GLN F 491 -8.17 52.45 -39.22
N SER F 492 -8.17 52.92 -37.98
CA SER F 492 -9.41 53.42 -37.38
C SER F 492 -9.82 54.76 -37.98
N MET F 493 -8.84 55.58 -38.32
CA MET F 493 -9.10 56.88 -38.89
C MET F 493 -9.69 56.78 -40.31
N ILE F 494 -9.24 55.79 -41.09
CA ILE F 494 -9.79 55.54 -42.42
C ILE F 494 -11.30 55.34 -42.32
N ILE F 495 -11.69 54.44 -41.42
CA ILE F 495 -13.08 54.12 -41.24
C ILE F 495 -13.82 55.31 -40.66
N GLU F 496 -13.17 56.00 -39.72
CA GLU F 496 -13.76 57.16 -39.06
C GLU F 496 -13.97 58.34 -40.01
N GLN F 497 -13.02 58.55 -40.92
CA GLN F 497 -13.06 59.71 -41.82
C GLN F 497 -13.49 59.34 -43.24
N LEU F 498 -13.41 58.05 -43.58
CA LEU F 498 -13.80 57.57 -44.91
C LEU F 498 -13.27 58.43 -46.06
N PRO F 499 -11.95 58.66 -46.11
CA PRO F 499 -11.44 59.26 -47.35
C PRO F 499 -11.71 58.30 -48.52
N LEU F 500 -11.53 57.01 -48.28
CA LEU F 500 -11.96 55.95 -49.18
C LEU F 500 -12.65 54.88 -48.35
N TYR F 501 -13.23 53.88 -49.00
CA TYR F 501 -13.99 52.85 -48.32
C TYR F 501 -13.52 51.46 -48.77
N PRO F 502 -12.85 50.72 -47.89
CA PRO F 502 -12.33 49.38 -48.25
C PRO F 502 -13.49 48.45 -48.61
N ILE F 503 -13.41 47.84 -49.79
CA ILE F 503 -14.49 46.99 -50.23
C ILE F 503 -14.11 45.53 -50.10
N ALA F 504 -12.87 45.22 -50.49
CA ALA F 504 -12.51 43.81 -50.65
C ALA F 504 -11.04 43.55 -50.94
N HIS F 505 -10.66 42.30 -50.71
CA HIS F 505 -9.35 41.80 -51.13
C HIS F 505 -9.49 40.58 -52.06
N GLY F 506 -8.72 40.62 -53.15
CA GLY F 506 -8.58 39.50 -54.04
C GLY F 506 -7.77 38.41 -53.36
N MET F 507 -8.21 37.16 -53.53
CA MET F 507 -7.45 36.02 -53.06
C MET F 507 -6.67 35.33 -54.19
N ARG F 508 -5.64 34.56 -53.84
CA ARG F 508 -5.01 33.62 -54.77
C ARG F 508 -5.32 32.19 -54.36
N PHE F 509 -5.31 31.28 -55.32
CA PHE F 509 -5.49 29.86 -55.02
C PHE F 509 -4.42 29.02 -55.67
N GLN F 510 -4.11 27.87 -55.09
CA GLN F 510 -3.15 26.94 -55.68
C GLN F 510 -3.71 25.54 -55.54
N ALA F 511 -3.44 24.70 -56.52
CA ALA F 511 -3.81 23.29 -56.43
C ALA F 511 -2.57 22.47 -56.73
N SER F 512 -2.32 21.43 -55.95
CA SER F 512 -1.10 20.66 -56.14
C SER F 512 -1.22 19.22 -55.68
N SER F 513 -0.36 18.36 -56.22
CA SER F 513 -0.27 16.99 -55.76
C SER F 513 0.23 17.04 -54.34
N ALA F 514 -0.46 16.32 -53.46
CA ALA F 514 -0.02 16.20 -52.08
C ALA F 514 1.42 15.67 -52.00
N ASP F 515 1.94 15.14 -53.11
CA ASP F 515 3.29 14.60 -53.13
C ASP F 515 4.34 15.71 -53.09
N VAL F 516 3.92 16.93 -53.40
CA VAL F 516 4.86 18.05 -53.43
C VAL F 516 4.72 19.03 -52.26
N GLU F 517 5.86 19.38 -51.68
CA GLU F 517 5.88 20.27 -50.53
C GLU F 517 6.95 21.33 -50.76
N GLY F 518 6.95 22.36 -49.92
CA GLY F 518 7.86 23.48 -50.10
C GLY F 518 7.33 24.51 -51.08
N ILE F 519 6.03 24.48 -51.34
CA ILE F 519 5.40 25.36 -52.32
C ILE F 519 4.17 26.03 -51.73
N THR F 520 4.23 26.32 -50.44
CA THR F 520 3.11 26.92 -49.73
C THR F 520 2.73 28.29 -50.30
N LEU F 521 1.44 28.50 -50.50
CA LEU F 521 0.94 29.73 -51.10
C LEU F 521 1.09 30.87 -50.10
N GLY F 522 1.89 31.88 -50.47
CA GLY F 522 2.05 33.06 -49.65
C GLY F 522 0.95 34.08 -49.90
N PRO F 523 0.87 35.11 -49.05
CA PRO F 523 -0.07 36.21 -49.24
C PRO F 523 0.53 37.32 -50.09
N PHE F 524 1.85 37.28 -50.29
CA PHE F 524 2.53 38.32 -51.03
C PHE F 524 3.69 37.81 -51.90
N GLY F 525 3.95 38.49 -53.01
CA GLY F 525 5.07 38.17 -53.87
C GLY F 525 4.72 37.09 -54.87
N ALA F 526 5.56 36.94 -55.89
CA ALA F 526 5.31 35.98 -56.97
C ALA F 526 5.51 34.53 -56.52
N ILE F 527 5.01 33.57 -57.31
CA ILE F 527 5.29 32.16 -57.03
C ILE F 527 6.79 31.89 -56.95
N SER F 528 7.16 31.02 -56.02
CA SER F 528 8.54 30.54 -55.91
C SER F 528 8.58 29.01 -55.85
N LEU F 529 9.34 28.39 -56.75
CA LEU F 529 9.58 26.96 -56.67
C LEU F 529 10.98 26.66 -56.17
N ALA F 530 11.67 27.68 -55.65
CA ALA F 530 13.06 27.53 -55.21
C ALA F 530 13.23 26.43 -54.17
N ASN F 531 12.15 26.15 -53.44
CA ASN F 531 12.18 25.13 -52.39
C ASN F 531 11.28 23.95 -52.68
N ALA F 532 10.70 23.92 -53.87
CA ALA F 532 9.76 22.86 -54.24
C ALA F 532 10.41 21.49 -54.08
N ARG F 533 9.68 20.56 -53.49
CA ARG F 533 10.21 19.25 -53.15
C ARG F 533 9.19 18.19 -53.52
N LYS F 534 9.66 17.03 -53.95
CA LYS F 534 8.77 15.96 -54.35
C LYS F 534 8.99 14.72 -53.49
N GLY G 30 19.74 0.46 67.63
CA GLY G 30 21.17 0.59 67.49
C GLY G 30 21.97 -0.69 67.76
N LEU G 31 23.11 -0.80 67.08
CA LEU G 31 24.02 -1.91 67.28
C LEU G 31 25.45 -1.42 67.07
N VAL G 32 26.37 -1.89 67.89
CA VAL G 32 27.76 -1.50 67.79
C VAL G 32 28.62 -2.70 67.47
N TYR G 33 29.41 -2.58 66.42
CA TYR G 33 30.25 -3.68 65.98
C TYR G 33 31.67 -3.23 66.21
N CYS G 34 32.44 -4.03 66.96
CA CYS G 34 33.85 -3.76 67.17
C CYS G 34 34.66 -4.19 65.94
N ALA G 35 34.98 -3.22 65.09
CA ALA G 35 35.75 -3.46 63.86
C ALA G 35 37.24 -3.54 64.16
N GLU G 36 37.97 -4.35 63.41
CA GLU G 36 39.40 -4.45 63.65
C GLU G 36 40.24 -3.41 62.91
N ALA G 37 39.67 -2.74 61.91
CA ALA G 37 40.45 -1.73 61.21
C ALA G 37 39.61 -0.68 60.50
N ASN G 38 40.26 0.41 60.13
CA ASN G 38 39.60 1.43 59.34
C ASN G 38 39.23 0.83 58.01
N PRO G 39 38.12 1.30 57.42
CA PRO G 39 37.88 0.88 56.04
C PRO G 39 38.89 1.60 55.14
N VAL G 40 39.42 0.91 54.13
CA VAL G 40 40.33 1.56 53.19
C VAL G 40 39.59 2.24 52.03
N SER G 41 38.31 1.90 51.85
CA SER G 41 37.46 2.55 50.87
C SER G 41 36.01 2.30 51.21
N PHE G 42 35.09 3.08 50.65
CA PHE G 42 33.70 2.70 50.80
C PHE G 42 33.13 2.04 49.54
N ASN G 43 34.02 1.67 48.61
CA ASN G 43 33.64 0.87 47.44
C ASN G 43 34.33 -0.50 47.41
N PRO G 44 33.55 -1.57 47.55
CA PRO G 44 34.09 -2.93 47.59
C PRO G 44 34.93 -3.24 46.36
N GLN G 45 34.62 -2.60 45.23
CA GLN G 45 35.26 -2.93 43.96
C GLN G 45 36.77 -2.85 44.03
N VAL G 46 37.29 -1.83 44.72
CA VAL G 46 38.72 -1.51 44.65
C VAL G 46 39.60 -2.14 45.72
N THR G 47 39.09 -3.13 46.45
CA THR G 47 39.88 -3.71 47.53
C THR G 47 39.43 -5.12 47.88
N THR G 48 40.36 -5.92 48.42
CA THR G 48 40.00 -7.25 48.92
C THR G 48 40.30 -7.35 50.40
N THR G 49 40.79 -6.25 50.98
CA THR G 49 41.03 -6.23 52.40
C THR G 49 39.77 -6.64 53.14
N GLY G 50 39.80 -7.82 53.75
CA GLY G 50 38.61 -8.44 54.29
C GLY G 50 37.92 -7.60 55.33
N SER G 51 38.72 -6.95 56.17
CA SER G 51 38.22 -6.13 57.26
C SER G 51 37.43 -4.92 56.74
N THR G 52 37.74 -4.50 55.52
CA THR G 52 37.03 -3.41 54.88
C THR G 52 35.67 -3.84 54.36
N ILE G 53 35.66 -4.96 53.66
CA ILE G 53 34.45 -5.55 53.09
C ILE G 53 33.41 -5.91 54.16
N ASP G 54 33.89 -6.42 55.30
CA ASP G 54 33.04 -6.73 56.45
C ASP G 54 32.28 -5.50 56.91
N ILE G 55 32.87 -4.33 56.71
CA ILE G 55 32.22 -3.10 57.11
C ILE G 55 31.21 -2.61 56.08
N ILE G 56 31.58 -2.67 54.80
CA ILE G 56 30.83 -1.93 53.79
C ILE G 56 29.90 -2.69 52.85
N ALA G 57 30.25 -3.93 52.49
CA ALA G 57 29.58 -4.60 51.38
C ALA G 57 28.08 -4.85 51.59
N ASN G 58 27.73 -5.57 52.64
CA ASN G 58 26.37 -6.02 52.86
C ASN G 58 25.50 -4.96 53.47
N GLN G 59 26.16 -3.98 54.09
CA GLN G 59 25.48 -2.88 54.75
C GLN G 59 25.02 -1.74 53.82
N LEU G 60 25.90 -1.32 52.91
CA LEU G 60 25.59 -0.15 52.07
C LEU G 60 24.95 -0.51 50.73
N TYR G 61 25.07 -1.79 50.35
CA TYR G 61 24.87 -2.19 48.96
C TYR G 61 24.05 -3.47 48.82
N ASP G 62 23.45 -3.62 47.63
CA ASP G 62 22.92 -4.91 47.16
C ASP G 62 23.65 -5.34 45.90
N ARG G 63 23.83 -6.64 45.73
CA ARG G 63 24.35 -7.23 44.49
C ARG G 63 23.17 -7.55 43.56
N LEU G 64 23.44 -8.11 42.39
CA LEU G 64 22.39 -8.58 41.49
C LEU G 64 21.80 -9.90 41.97
N ILE G 65 22.67 -10.76 42.48
CA ILE G 65 22.27 -12.10 42.90
C ILE G 65 23.15 -12.55 44.05
N SER G 66 22.66 -13.55 44.78
CA SER G 66 23.39 -14.12 45.89
C SER G 66 23.25 -15.63 45.88
N ILE G 67 23.67 -16.26 46.97
CA ILE G 67 23.62 -17.71 47.10
C ILE G 67 22.90 -18.20 48.34
N ASP G 68 21.78 -18.88 48.14
CA ASP G 68 21.13 -19.62 49.22
C ASP G 68 22.18 -20.55 49.80
N PRO G 69 22.43 -20.45 51.11
CA PRO G 69 23.48 -21.26 51.72
C PRO G 69 22.97 -22.67 52.02
N VAL G 70 21.65 -22.86 51.88
CA VAL G 70 21.03 -24.15 52.22
C VAL G 70 20.69 -25.01 50.98
N THR G 71 20.53 -24.39 49.82
CA THR G 71 20.29 -25.14 48.59
C THR G 71 21.43 -24.96 47.60
N ALA G 72 22.35 -24.06 47.91
CA ALA G 72 23.49 -23.74 47.04
C ALA G 72 23.05 -23.09 45.72
N GLU G 73 21.74 -22.88 45.57
CA GLU G 73 21.18 -22.28 44.36
C GLU G 73 21.37 -20.76 44.31
N PHE G 74 21.23 -20.17 43.12
CA PHE G 74 21.27 -18.71 42.98
C PHE G 74 19.98 -18.04 43.46
N LYS G 75 20.13 -16.96 44.22
CA LYS G 75 19.00 -16.24 44.78
C LYS G 75 18.91 -14.82 44.24
N SER G 76 17.68 -14.34 44.09
CA SER G 76 17.43 -13.04 43.49
C SER G 76 17.71 -11.89 44.44
N GLU G 77 18.56 -10.97 44.01
CA GLU G 77 18.76 -9.73 44.73
C GLU G 77 18.29 -8.46 44.02
N LEU G 78 19.15 -7.79 43.25
CA LEU G 78 18.70 -6.58 42.55
C LEU G 78 18.23 -7.07 41.18
N ALA G 79 18.62 -8.29 40.82
CA ALA G 79 18.14 -8.94 39.60
C ALA G 79 17.06 -9.98 39.94
N THR G 80 15.86 -9.80 39.41
CA THR G 80 14.76 -10.73 39.67
C THR G 80 14.80 -11.99 38.79
N ASP G 81 15.30 -11.85 37.57
CA ASP G 81 15.47 -13.00 36.69
C ASP G 81 16.79 -12.91 35.92
N TRP G 82 17.34 -14.07 35.56
CA TRP G 82 18.55 -14.13 34.75
C TRP G 82 18.54 -15.33 33.80
N LYS G 83 19.03 -15.10 32.58
CA LYS G 83 19.15 -16.14 31.55
C LYS G 83 20.55 -16.21 30.96
N ILE G 84 21.06 -17.43 30.76
CA ILE G 84 22.29 -17.64 30.01
C ILE G 84 21.96 -18.22 28.64
N SER G 85 22.35 -17.51 27.58
CA SER G 85 22.11 -18.01 26.23
C SER G 85 22.67 -19.42 26.06
N LYS G 86 22.18 -20.12 25.04
CA LYS G 86 22.58 -21.50 24.78
C LYS G 86 24.08 -21.62 24.55
N ASP G 87 24.64 -20.68 23.79
CA ASP G 87 26.06 -20.74 23.46
C ASP G 87 26.95 -20.26 24.62
N GLY G 88 26.31 -19.82 25.71
CA GLY G 88 27.01 -19.45 26.93
C GLY G 88 27.66 -18.07 26.96
N LYS G 89 27.60 -17.34 25.84
CA LYS G 89 28.32 -16.08 25.68
C LYS G 89 27.49 -14.83 26.01
N SER G 90 26.23 -15.02 26.38
CA SER G 90 25.35 -13.92 26.75
C SER G 90 24.55 -14.25 28.02
N VAL G 91 24.51 -13.32 28.97
CA VAL G 91 23.84 -13.55 30.24
C VAL G 91 22.95 -12.36 30.52
N THR G 92 21.64 -12.56 30.45
CA THR G 92 20.69 -11.46 30.57
C THR G 92 20.08 -11.38 31.99
N PHE G 93 20.14 -10.19 32.58
CA PHE G 93 19.55 -9.99 33.90
C PHE G 93 18.35 -9.10 33.77
N THR G 94 17.22 -9.54 34.31
CA THR G 94 16.05 -8.67 34.44
C THR G 94 16.14 -8.02 35.81
N LEU G 95 15.82 -6.72 35.86
CA LEU G 95 16.09 -5.97 37.08
C LEU G 95 14.82 -5.58 37.84
N ARG G 96 14.98 -5.38 39.14
CA ARG G 96 13.89 -4.96 40.03
C ARG G 96 13.55 -3.50 39.85
N LYS G 97 12.27 -3.18 39.91
CA LYS G 97 11.83 -1.80 39.75
C LYS G 97 11.42 -1.21 41.10
N GLY G 98 11.40 0.12 41.19
CA GLY G 98 11.05 0.78 42.43
C GLY G 98 12.18 0.76 43.47
N VAL G 99 13.34 0.23 43.10
CA VAL G 99 14.49 0.31 43.98
C VAL G 99 15.07 1.73 43.94
N LYS G 100 15.14 2.38 45.09
CA LYS G 100 15.74 3.72 45.20
C LYS G 100 17.19 3.67 45.70
N PHE G 101 18.04 4.57 45.20
CA PHE G 101 19.36 4.77 45.82
C PHE G 101 19.22 5.67 47.03
N HIS G 102 20.13 5.52 47.98
CA HIS G 102 20.12 6.31 49.20
C HIS G 102 19.99 7.80 48.92
N THR G 103 19.22 8.50 49.75
CA THR G 103 19.38 9.94 49.90
C THR G 103 20.34 10.17 51.07
N THR G 104 21.57 10.56 50.78
CA THR G 104 22.53 10.86 51.85
C THR G 104 22.58 12.37 52.03
N ALA G 105 23.48 12.83 52.90
CA ALA G 105 23.66 14.27 53.11
C ALA G 105 24.15 14.98 51.85
N TYR G 106 24.91 14.26 51.03
CA TYR G 106 25.60 14.86 49.90
C TYR G 106 24.93 14.57 48.56
N PHE G 107 23.87 13.77 48.57
CA PHE G 107 23.26 13.33 47.31
C PHE G 107 21.79 12.97 47.43
N THR G 108 21.00 13.41 46.46
CA THR G 108 19.62 12.97 46.30
C THR G 108 19.45 12.55 44.84
N PRO G 109 19.06 11.27 44.61
CA PRO G 109 18.79 10.72 43.28
C PRO G 109 17.56 11.34 42.60
N THR G 110 17.62 11.44 41.28
CA THR G 110 16.54 12.00 40.46
C THR G 110 15.72 10.89 39.80
N ARG G 111 16.35 9.72 39.65
CA ARG G 111 15.72 8.55 39.08
C ARG G 111 15.93 7.36 40.01
N GLU G 112 15.24 6.26 39.72
CA GLU G 112 15.38 5.07 40.54
C GLU G 112 16.36 4.13 39.85
N PHE G 113 16.64 2.99 40.46
CA PHE G 113 17.64 2.06 39.94
C PHE G 113 17.24 1.47 38.58
N ASN G 114 18.14 1.57 37.61
CA ASN G 114 17.91 0.95 36.32
C ASN G 114 19.19 0.42 35.71
N ALA G 115 19.07 -0.11 34.49
CA ALA G 115 20.14 -0.80 33.80
C ALA G 115 21.37 0.09 33.54
N ASP G 116 21.16 1.39 33.42
CA ASP G 116 22.27 2.33 33.31
C ASP G 116 23.29 2.12 34.45
N ASP G 117 22.79 1.92 35.67
CA ASP G 117 23.68 1.66 36.82
C ASP G 117 24.44 0.35 36.68
N VAL G 118 23.74 -0.70 36.27
CA VAL G 118 24.39 -1.98 36.07
C VAL G 118 25.52 -1.81 35.05
N ILE G 119 25.23 -1.09 33.98
CA ILE G 119 26.19 -0.93 32.89
C ILE G 119 27.42 -0.15 33.34
N PHE G 120 27.19 0.96 34.03
CA PHE G 120 28.27 1.79 34.54
C PHE G 120 29.09 0.99 35.54
N THR G 121 28.42 0.49 36.57
CA THR G 121 29.09 -0.20 37.67
C THR G 121 30.07 -1.25 37.16
N PHE G 122 29.63 -2.11 36.26
CA PHE G 122 30.46 -3.23 35.85
C PHE G 122 31.41 -2.92 34.70
N SER G 123 31.00 -2.03 33.79
CA SER G 123 31.90 -1.64 32.72
C SER G 123 33.14 -0.96 33.30
N ARG G 124 32.96 -0.26 34.42
CA ARG G 124 34.07 0.40 35.09
C ARG G 124 35.23 -0.54 35.27
N LEU G 125 34.93 -1.81 35.49
CA LEU G 125 35.97 -2.81 35.72
C LEU G 125 36.88 -3.00 34.52
N PHE G 126 36.36 -2.79 33.32
CA PHE G 126 37.07 -3.23 32.13
C PHE G 126 37.16 -2.26 30.96
N ASP G 127 36.30 -1.24 30.95
CA ASP G 127 36.15 -0.43 29.76
C ASP G 127 36.98 0.84 29.82
N VAL G 128 38.03 0.95 29.00
CA VAL G 128 38.91 2.12 29.05
C VAL G 128 38.17 3.42 28.76
N TYR G 129 36.95 3.30 28.24
CA TYR G 129 36.12 4.47 27.96
C TYR G 129 35.22 4.87 29.14
N ASN G 130 35.02 3.97 30.10
CA ASN G 130 34.23 4.31 31.27
C ASN G 130 34.96 5.42 32.03
N PRO G 131 34.27 6.53 32.28
CA PRO G 131 34.96 7.69 32.88
C PRO G 131 35.48 7.45 34.31
N TYR G 132 35.19 6.30 34.93
CA TYR G 132 35.69 6.02 36.28
C TYR G 132 36.65 4.84 36.32
N HIS G 133 36.97 4.29 35.14
CA HIS G 133 37.92 3.18 35.06
C HIS G 133 39.26 3.57 35.65
N PHE G 134 39.70 4.80 35.43
CA PHE G 134 41.02 5.24 35.88
C PHE G 134 41.08 5.91 37.24
N VAL G 135 39.96 5.99 37.94
CA VAL G 135 40.05 6.49 39.31
C VAL G 135 40.28 5.37 40.33
N GLY G 136 41.24 5.57 41.21
CA GLY G 136 42.26 6.59 41.03
C GLY G 136 43.51 5.77 40.71
N ASP G 137 43.26 4.49 40.40
CA ASP G 137 44.31 3.50 40.25
C ASP G 137 43.94 2.47 39.19
N ALA G 138 42.66 2.47 38.81
CA ALA G 138 42.13 1.40 37.98
C ALA G 138 42.40 0.08 38.69
N ASN G 139 42.20 0.06 40.01
CA ASN G 139 42.46 -1.16 40.75
C ASN G 139 41.16 -1.82 41.20
N TYR G 140 40.93 -3.02 40.68
CA TYR G 140 39.74 -3.80 40.99
C TYR G 140 40.21 -5.22 41.24
N PRO G 141 40.91 -5.40 42.39
CA PRO G 141 41.62 -6.62 42.78
C PRO G 141 40.80 -7.90 42.67
N TYR G 142 39.62 -7.98 43.27
CA TYR G 142 38.87 -9.23 43.13
C TYR G 142 38.63 -9.57 41.64
N PHE G 143 38.12 -8.62 40.88
CA PHE G 143 37.70 -8.93 39.51
C PHE G 143 38.86 -9.22 38.56
N GLN G 144 40.00 -8.56 38.76
CA GLN G 144 41.19 -8.86 37.96
C GLN G 144 41.74 -10.25 38.28
N SER G 145 41.58 -10.68 39.52
CA SER G 145 42.24 -11.89 39.99
C SER G 145 41.46 -13.09 39.48
N VAL G 146 40.22 -12.82 39.11
CA VAL G 146 39.27 -13.86 38.73
C VAL G 146 39.00 -13.73 37.23
N GLY G 147 39.46 -12.63 36.65
CA GLY G 147 39.50 -12.50 35.21
C GLY G 147 38.23 -11.93 34.61
N ILE G 148 37.34 -11.43 35.45
CA ILE G 148 36.10 -10.88 34.93
C ILE G 148 36.36 -9.67 34.01
N ASP G 149 37.43 -8.93 34.25
CA ASP G 149 37.74 -7.73 33.46
C ASP G 149 38.27 -8.04 32.06
N GLN G 150 38.69 -9.28 31.85
CA GLN G 150 39.06 -9.72 30.51
C GLN G 150 37.96 -10.58 29.86
N LEU G 151 36.96 -10.97 30.64
CA LEU G 151 35.86 -11.79 30.15
C LEU G 151 34.72 -10.97 29.55
N ILE G 152 34.24 -9.96 30.29
CA ILE G 152 33.16 -9.13 29.76
C ILE G 152 33.66 -8.42 28.53
N ARG G 153 32.82 -8.42 27.50
CA ARG G 153 33.15 -7.78 26.23
C ARG G 153 32.36 -6.48 26.11
N LYS G 154 31.06 -6.58 26.36
CA LYS G 154 30.17 -5.43 26.37
C LYS G 154 29.06 -5.72 27.34
N ILE G 155 28.36 -4.68 27.78
CA ILE G 155 27.11 -4.85 28.51
C ILE G 155 26.08 -4.01 27.79
N VAL G 156 25.00 -4.64 27.34
CA VAL G 156 24.02 -3.99 26.49
C VAL G 156 22.78 -3.66 27.28
N ARG G 157 22.16 -2.52 27.00
CA ARG G 157 20.87 -2.26 27.64
C ARG G 157 19.73 -2.57 26.70
N VAL G 158 18.99 -3.63 27.02
CA VAL G 158 17.83 -4.00 26.22
C VAL G 158 16.70 -3.06 26.56
N SER G 159 16.52 -2.81 27.86
CA SER G 159 15.49 -1.90 28.33
C SER G 159 15.88 -1.19 29.64
N ASP G 160 15.01 -0.31 30.13
CA ASP G 160 15.27 0.40 31.38
C ASP G 160 15.54 -0.59 32.50
N HIS G 161 14.99 -1.79 32.38
CA HIS G 161 15.03 -2.76 33.47
C HIS G 161 15.45 -4.13 33.01
N GLN G 162 16.33 -4.14 32.02
CA GLN G 162 16.88 -5.40 31.53
C GLN G 162 18.21 -5.15 30.80
N VAL G 163 19.23 -5.93 31.18
CA VAL G 163 20.57 -5.73 30.68
C VAL G 163 21.22 -7.08 30.36
N ARG G 164 22.14 -7.12 29.40
CA ARG G 164 22.74 -8.37 28.95
C ARG G 164 24.27 -8.28 28.86
N PHE G 165 24.96 -9.16 29.59
CA PHE G 165 26.43 -9.20 29.57
C PHE G 165 26.88 -10.11 28.45
N GLU G 166 27.63 -9.55 27.51
CA GLU G 166 28.21 -10.34 26.43
C GLU G 166 29.64 -10.72 26.82
N LEU G 167 29.94 -12.02 26.83
CA LEU G 167 31.28 -12.46 27.20
C LEU G 167 32.06 -12.98 25.99
N PHE G 168 33.38 -12.96 26.08
CA PHE G 168 34.25 -13.42 25.01
C PHE G 168 34.22 -14.94 24.89
N ASN G 169 33.48 -15.59 25.77
CA ASN G 169 33.40 -17.05 25.78
C ASN G 169 32.58 -17.53 26.96
N ALA G 170 32.10 -18.75 26.89
CA ALA G 170 31.33 -19.32 27.97
C ALA G 170 32.21 -19.45 29.20
N GLU G 171 31.68 -19.09 30.36
CA GLU G 171 32.47 -19.13 31.59
C GLU G 171 31.65 -19.60 32.78
N SER G 172 31.86 -20.84 33.20
CA SER G 172 30.98 -21.44 34.19
C SER G 172 30.92 -20.61 35.48
N SER G 173 31.99 -19.87 35.74
CA SER G 173 32.10 -19.15 37.00
C SER G 173 31.43 -17.79 36.99
N PHE G 174 30.96 -17.34 35.83
CA PHE G 174 30.47 -15.97 35.71
C PHE G 174 29.40 -15.57 36.74
N LEU G 175 28.39 -16.41 36.96
CA LEU G 175 27.34 -16.06 37.92
C LEU G 175 27.86 -16.06 39.36
N ALA G 176 28.58 -17.11 39.72
CA ALA G 176 29.18 -17.16 41.04
C ALA G 176 30.02 -15.91 41.31
N ASN G 177 30.69 -15.39 40.30
CA ASN G 177 31.47 -14.16 40.48
C ASN G 177 30.57 -12.94 40.64
N MET G 178 29.39 -12.99 40.04
CA MET G 178 28.45 -11.88 40.13
C MET G 178 27.65 -11.88 41.44
N ALA G 179 27.86 -12.92 42.24
CA ALA G 179 27.16 -13.08 43.52
C ALA G 179 28.10 -12.90 44.70
N THR G 180 29.38 -12.60 44.43
CA THR G 180 30.34 -12.31 45.51
C THR G 180 30.07 -10.98 46.23
N ASP G 181 30.75 -10.74 47.35
CA ASP G 181 30.56 -9.49 48.10
C ASP G 181 31.00 -8.27 47.31
N PHE G 182 31.77 -8.49 46.24
CA PHE G 182 32.37 -7.39 45.50
C PHE G 182 31.48 -6.89 44.38
N ALA G 183 30.47 -7.67 44.04
CA ALA G 183 29.67 -7.34 42.87
C ALA G 183 28.50 -6.47 43.24
N VAL G 184 28.78 -5.41 44.00
CA VAL G 184 27.73 -4.49 44.42
C VAL G 184 27.34 -3.62 43.23
N VAL G 185 26.17 -2.99 43.30
CA VAL G 185 25.69 -2.12 42.24
C VAL G 185 25.78 -0.67 42.65
N LEU G 186 26.46 0.15 41.86
CA LEU G 186 26.72 1.54 42.23
C LEU G 186 25.82 2.44 41.41
N SER G 187 25.83 3.73 41.74
CA SER G 187 24.90 4.67 41.11
C SER G 187 25.55 5.54 40.04
N LYS G 188 25.03 5.44 38.82
CA LYS G 188 25.57 6.22 37.72
C LYS G 188 25.27 7.71 37.91
N GLU G 189 24.08 8.03 38.41
CA GLU G 189 23.69 9.43 38.62
C GLU G 189 24.70 10.16 39.52
N TYR G 190 24.96 9.57 40.69
CA TYR G 190 25.96 10.08 41.60
C TYR G 190 27.34 10.16 40.92
N ALA G 191 27.76 9.06 40.28
CA ALA G 191 29.04 9.05 39.56
C ALA G 191 29.15 10.20 38.55
N MET G 192 28.10 10.43 37.77
CA MET G 192 28.14 11.47 36.76
C MET G 192 28.09 12.88 37.37
N ALA G 193 27.39 13.02 38.50
CA ALA G 193 27.31 14.32 39.14
C ALA G 193 28.70 14.74 39.61
N LEU G 194 29.46 13.80 40.14
CA LEU G 194 30.78 14.11 40.66
C LEU G 194 31.74 14.40 39.52
N LYS G 195 31.53 13.71 38.41
CA LYS G 195 32.38 13.91 37.25
C LYS G 195 32.13 15.31 36.65
N ALA G 196 30.88 15.75 36.66
CA ALA G 196 30.57 17.09 36.16
C ALA G 196 31.28 18.13 37.01
N ASN G 197 31.41 17.81 38.30
CA ASN G 197 32.05 18.71 39.25
C ASN G 197 33.56 18.54 39.30
N ASN G 198 34.07 17.54 38.60
CA ASN G 198 35.49 17.18 38.73
C ASN G 198 35.84 16.70 40.14
N GLN G 199 34.89 16.02 40.78
CA GLN G 199 35.08 15.47 42.10
C GLN G 199 34.94 13.94 42.11
N GLU G 200 35.52 13.28 41.11
CA GLU G 200 35.48 11.83 41.02
C GLU G 200 36.04 11.13 42.27
N ASN G 201 36.95 11.81 42.97
CA ASN G 201 37.60 11.15 44.09
C ASN G 201 36.68 11.03 45.29
N LEU G 202 35.46 11.55 45.14
CA LEU G 202 34.44 11.47 46.17
C LEU G 202 33.54 10.26 46.05
N PHE G 203 33.51 9.69 44.85
CA PHE G 203 32.61 8.58 44.55
C PHE G 203 32.82 7.35 45.44
N ASP G 204 34.08 6.92 45.60
CA ASP G 204 34.40 5.71 46.37
C ASP G 204 34.60 6.03 47.85
N GLN G 205 34.58 7.32 48.16
CA GLN G 205 34.87 7.76 49.51
C GLN G 205 33.55 8.05 50.24
N TYR G 206 32.64 8.76 49.57
CA TYR G 206 31.32 9.02 50.13
C TYR G 206 30.28 8.27 49.31
N PRO G 207 29.94 7.06 49.76
CA PRO G 207 29.24 6.07 48.94
C PRO G 207 27.75 6.33 48.84
N VAL G 208 27.19 5.92 47.70
CA VAL G 208 25.76 5.83 47.49
C VAL G 208 25.45 4.40 47.04
N GLY G 209 24.58 3.71 47.77
CA GLY G 209 24.13 2.39 47.36
C GLY G 209 22.62 2.23 47.42
N THR G 210 22.17 0.98 47.39
CA THR G 210 20.74 0.68 47.53
C THR G 210 20.46 -0.17 48.76
N GLY G 211 21.52 -0.53 49.48
CA GLY G 211 21.42 -1.44 50.61
C GLY G 211 20.64 -0.93 51.81
N PRO G 212 20.43 -1.80 52.81
CA PRO G 212 19.62 -1.51 53.99
C PRO G 212 20.19 -0.42 54.92
N TYR G 213 21.47 -0.05 54.79
CA TYR G 213 22.06 1.03 55.59
C TYR G 213 22.75 2.12 54.78
N ILE G 214 22.84 3.32 55.34
CA ILE G 214 23.36 4.50 54.64
C ILE G 214 24.48 5.21 55.38
N TYR G 215 25.52 5.59 54.64
CA TYR G 215 26.66 6.30 55.21
C TYR G 215 26.22 7.61 55.87
N LYS G 216 26.61 7.77 57.14
CA LYS G 216 26.35 8.99 57.87
C LYS G 216 27.68 9.71 58.11
N GLU G 217 28.67 8.98 58.61
CA GLU G 217 29.94 9.59 59.00
C GLU G 217 31.09 8.59 59.20
N TYR G 218 32.30 9.03 58.86
CA TYR G 218 33.48 8.24 59.12
C TYR G 218 34.57 9.10 59.74
N ARG G 219 35.07 8.64 60.89
CA ARG G 219 36.18 9.30 61.58
C ARG G 219 37.34 8.34 61.72
N ARG G 220 38.41 8.62 60.98
CA ARG G 220 39.62 7.81 61.03
C ARG G 220 39.99 7.38 62.44
N ASP G 221 40.39 6.11 62.58
CA ASP G 221 40.88 5.57 63.84
C ASP G 221 39.83 5.54 64.93
N HIS G 222 38.60 5.91 64.62
CA HIS G 222 37.57 5.96 65.65
C HIS G 222 36.28 5.17 65.31
N LEU G 223 35.57 5.58 64.28
CA LEU G 223 34.31 4.91 63.97
C LEU G 223 33.74 5.19 62.59
N VAL G 224 32.90 4.28 62.12
CA VAL G 224 32.02 4.59 61.00
C VAL G 224 30.58 4.46 61.46
N ARG G 225 29.75 5.41 61.07
CA ARG G 225 28.39 5.45 61.52
C ARG G 225 27.46 5.35 60.32
N PHE G 226 26.65 4.30 60.29
CA PHE G 226 25.63 4.13 59.27
C PHE G 226 24.28 4.29 59.95
N TYR G 227 23.31 4.83 59.23
CA TYR G 227 21.94 4.88 59.74
C TYR G 227 20.97 4.10 58.87
N LYS G 228 19.81 3.77 59.44
CA LYS G 228 18.80 2.92 58.78
C LYS G 228 18.32 3.52 57.44
N ASN G 229 18.26 2.68 56.40
CA ASN G 229 17.66 3.11 55.13
C ASN G 229 16.17 2.83 55.14
N ALA G 230 15.37 3.88 55.32
CA ALA G 230 13.93 3.72 55.54
C ALA G 230 13.18 3.37 54.27
N ASP G 231 13.88 3.35 53.14
CA ASP G 231 13.28 3.02 51.85
C ASP G 231 13.74 1.67 51.29
N TYR G 232 14.53 0.92 52.05
CA TYR G 232 15.06 -0.34 51.55
C TYR G 232 13.98 -1.20 50.87
N TRP G 233 14.33 -1.83 49.76
CA TRP G 233 13.36 -2.55 48.93
C TRP G 233 13.01 -3.96 49.45
N LYS G 234 13.90 -4.58 50.21
CA LYS G 234 13.79 -6.02 50.50
C LYS G 234 13.15 -6.36 51.85
N HIS G 235 13.42 -5.53 52.84
CA HIS G 235 12.76 -5.69 54.14
C HIS G 235 12.86 -4.42 54.99
N GLU G 236 12.09 -4.40 56.08
CA GLU G 236 12.11 -3.29 57.01
C GLU G 236 13.37 -3.40 57.84
N VAL G 237 14.28 -2.44 57.71
CA VAL G 237 15.53 -2.54 58.46
C VAL G 237 15.22 -2.54 59.97
N ALA G 238 15.73 -3.55 60.66
CA ALA G 238 15.38 -3.80 62.06
C ALA G 238 16.15 -2.92 63.05
N LEU G 239 17.21 -2.27 62.58
CA LEU G 239 18.04 -1.42 63.44
C LEU G 239 18.06 0.01 62.95
N GLU G 240 18.03 0.95 63.87
CA GLU G 240 18.03 2.37 63.51
C GLU G 240 19.39 2.86 63.06
N GLN G 241 20.45 2.30 63.65
CA GLN G 241 21.79 2.80 63.42
C GLN G 241 22.84 1.72 63.65
N LEU G 242 23.90 1.76 62.85
CA LEU G 242 25.04 0.88 63.05
C LEU G 242 26.30 1.71 63.29
N VAL G 243 27.05 1.35 64.31
CA VAL G 243 28.33 1.98 64.57
C VAL G 243 29.42 0.92 64.51
N TYR G 244 30.49 1.22 63.80
CA TYR G 244 31.67 0.39 63.85
C TYR G 244 32.69 1.16 64.68
N ASP G 245 32.92 0.67 65.88
CA ASP G 245 33.93 1.19 66.79
C ASP G 245 35.27 0.64 66.35
N ILE G 246 36.13 1.50 65.80
CA ILE G 246 37.43 1.03 65.33
C ILE G 246 38.34 0.71 66.52
N THR G 247 38.57 -0.57 66.74
CA THR G 247 39.35 -1.05 67.88
C THR G 247 40.31 -2.16 67.45
N PRO G 248 41.50 -1.77 67.00
CA PRO G 248 42.44 -2.71 66.39
C PRO G 248 42.94 -3.78 67.37
N ASN G 249 42.84 -3.54 68.68
CA ASN G 249 43.29 -4.54 69.66
C ASN G 249 42.25 -5.63 69.94
N GLY G 250 42.57 -6.86 69.57
CA GLY G 250 41.66 -7.98 69.73
C GLY G 250 41.24 -8.20 71.16
N THR G 251 42.18 -8.07 72.10
CA THR G 251 41.85 -8.28 73.51
C THR G 251 40.91 -7.17 74.01
N THR G 252 41.09 -5.95 73.51
CA THR G 252 40.20 -4.87 73.90
C THR G 252 38.83 -5.17 73.32
N ARG G 253 38.82 -5.70 72.10
CA ARG G 253 37.58 -6.00 71.41
C ARG G 253 36.77 -7.00 72.22
N ILE G 254 37.44 -8.01 72.73
CA ILE G 254 36.82 -8.98 73.62
C ILE G 254 36.41 -8.31 74.93
N ALA G 255 37.32 -7.52 75.49
CA ALA G 255 37.03 -6.78 76.71
C ALA G 255 35.77 -5.92 76.58
N LYS G 256 35.51 -5.42 75.37
CA LYS G 256 34.33 -4.59 75.12
C LYS G 256 33.05 -5.40 74.98
N ILE G 257 33.17 -6.70 74.73
CA ILE G 257 31.98 -7.54 74.72
C ILE G 257 31.54 -7.72 76.18
N LEU G 258 32.54 -7.85 77.06
CA LEU G 258 32.28 -7.97 78.49
C LEU G 258 31.71 -6.69 79.11
N THR G 259 32.15 -5.53 78.63
CA THR G 259 31.57 -4.27 79.13
C THR G 259 30.26 -3.88 78.44
N LYS G 260 29.91 -4.56 77.35
CA LYS G 260 28.72 -4.20 76.56
C LYS G 260 28.89 -2.98 75.67
N GLU G 261 30.10 -2.41 75.64
CA GLU G 261 30.36 -1.28 74.77
C GLU G 261 30.17 -1.64 73.29
N CYS G 262 30.65 -2.82 72.92
CA CYS G 262 30.43 -3.40 71.60
C CYS G 262 29.39 -4.50 71.71
N ASP G 263 28.67 -4.71 70.62
CA ASP G 263 27.63 -5.74 70.57
C ASP G 263 28.12 -7.00 69.87
N VAL G 264 28.94 -6.84 68.84
CA VAL G 264 29.44 -7.95 68.03
C VAL G 264 30.92 -7.76 67.73
N THR G 265 31.74 -8.80 67.91
CA THR G 265 33.18 -8.59 67.78
C THR G 265 33.83 -9.20 66.55
N ALA G 266 34.61 -8.37 65.86
CA ALA G 266 35.10 -8.65 64.51
C ALA G 266 36.12 -9.77 64.44
N HIS G 267 35.66 -11.01 64.63
CA HIS G 267 36.56 -12.14 64.77
C HIS G 267 37.41 -11.95 66.04
N PRO G 268 37.78 -13.06 66.67
CA PRO G 268 38.88 -13.20 67.61
C PRO G 268 39.62 -14.51 67.31
N SER G 269 40.24 -15.10 68.33
CA SER G 269 40.83 -16.45 68.24
C SER G 269 40.22 -17.37 69.31
N SER G 270 40.27 -18.68 69.11
CA SER G 270 39.69 -19.63 70.06
C SER G 270 40.13 -19.31 71.49
N ALA G 271 41.41 -18.96 71.63
CA ALA G 271 42.00 -18.61 72.91
C ALA G 271 41.26 -17.48 73.62
N GLN G 272 41.27 -16.30 73.00
CA GLN G 272 40.60 -15.13 73.55
C GLN G 272 39.23 -15.49 74.11
N LEU G 273 38.52 -16.34 73.39
CA LEU G 273 37.12 -16.59 73.67
C LEU G 273 36.81 -17.48 74.86
N SER G 274 37.82 -18.13 75.43
CA SER G 274 37.55 -19.03 76.55
C SER G 274 36.82 -18.31 77.69
N ILE G 275 37.27 -17.10 77.99
CA ILE G 275 36.60 -16.23 78.94
C ILE G 275 35.09 -16.17 78.65
N LEU G 276 34.72 -15.51 77.56
CA LEU G 276 33.32 -15.27 77.23
C LEU G 276 32.41 -16.51 77.24
N ALA G 277 32.99 -17.69 77.04
CA ALA G 277 32.20 -18.91 76.98
C ALA G 277 31.31 -19.04 78.23
N GLN G 278 31.85 -18.61 79.36
CA GLN G 278 31.15 -18.66 80.64
C GLN G 278 29.81 -17.92 80.59
N ARG G 279 29.88 -16.61 80.32
CA ARG G 279 28.71 -15.75 80.36
C ARG G 279 27.56 -16.30 79.53
N ASP G 280 26.36 -16.17 80.09
CA ASP G 280 25.15 -16.75 79.53
C ASP G 280 24.46 -15.76 78.61
N ASP G 281 24.92 -14.51 78.70
CA ASP G 281 24.40 -13.41 77.90
C ASP G 281 25.31 -13.15 76.69
N ILE G 282 26.17 -14.12 76.39
CA ILE G 282 27.17 -13.96 75.34
C ILE G 282 27.23 -15.20 74.46
N ASN G 283 26.91 -15.04 73.18
CA ASN G 283 27.00 -16.15 72.24
C ASN G 283 28.34 -16.15 71.56
N VAL G 284 28.99 -17.30 71.55
CA VAL G 284 30.24 -17.50 70.82
C VAL G 284 30.01 -18.48 69.67
N GLU G 285 29.89 -17.94 68.46
CA GLU G 285 29.73 -18.76 67.27
C GLU G 285 31.12 -19.15 66.74
N ARG G 286 31.20 -20.31 66.08
CA ARG G 286 32.45 -20.77 65.49
C ARG G 286 32.19 -21.64 64.28
N GLU G 287 32.69 -21.23 63.12
CA GLU G 287 32.48 -21.98 61.85
C GLU G 287 33.76 -22.19 61.06
N THR G 288 33.90 -23.38 60.49
CA THR G 288 35.01 -23.66 59.58
C THR G 288 34.83 -22.88 58.28
N ASN G 289 35.83 -22.08 57.93
CA ASN G 289 35.80 -21.24 56.74
C ASN G 289 36.12 -22.02 55.48
N LEU G 290 35.53 -21.63 54.35
CA LEU G 290 35.89 -22.27 53.09
C LEU G 290 37.31 -21.90 52.71
N ASN G 291 38.27 -22.65 53.25
CA ASN G 291 39.66 -22.50 52.84
C ASN G 291 40.43 -23.80 53.03
N ILE G 292 41.69 -23.81 52.58
CA ILE G 292 42.51 -24.99 52.74
C ILE G 292 43.97 -24.61 52.77
N GLY G 293 44.66 -25.01 53.83
CA GLY G 293 46.11 -24.94 53.83
C GLY G 293 46.67 -26.28 53.39
N TYR G 294 47.76 -26.27 52.61
CA TYR G 294 48.34 -27.50 52.05
C TYR G 294 49.86 -27.49 51.84
N TRP G 295 50.41 -28.66 51.50
CA TRP G 295 51.80 -28.80 51.11
C TRP G 295 51.85 -29.37 49.70
N ALA G 296 52.14 -28.52 48.71
CA ALA G 296 52.16 -28.96 47.32
C ALA G 296 53.55 -29.34 46.84
N PHE G 297 53.60 -30.40 46.04
CA PHE G 297 54.85 -30.84 45.44
C PHE G 297 54.88 -30.47 43.97
N ASN G 298 56.05 -30.10 43.48
CA ASN G 298 56.22 -29.90 42.04
C ASN G 298 56.25 -31.27 41.39
N THR G 299 55.11 -31.71 40.87
CA THR G 299 54.98 -33.09 40.42
C THR G 299 55.71 -33.37 39.12
N GLU G 300 56.25 -32.34 38.47
CA GLU G 300 56.99 -32.56 37.24
C GLU G 300 58.48 -32.62 37.50
N ARG G 301 58.89 -32.43 38.74
CA ARG G 301 60.31 -32.33 39.03
C ARG G 301 60.80 -33.43 39.92
N PRO G 302 61.71 -34.23 39.41
CA PRO G 302 62.12 -35.37 40.23
C PRO G 302 62.84 -34.92 41.50
N PRO G 303 62.69 -35.68 42.60
CA PRO G 303 62.00 -36.97 42.67
C PRO G 303 60.54 -36.84 43.04
N PHE G 304 60.02 -35.63 42.96
CA PHE G 304 58.66 -35.40 43.44
C PHE G 304 57.66 -35.78 42.36
N ASP G 305 58.18 -36.16 41.20
CA ASP G 305 57.33 -36.76 40.16
C ASP G 305 56.96 -38.21 40.52
N ASN G 306 57.71 -38.81 41.44
CA ASN G 306 57.43 -40.16 41.91
C ASN G 306 56.33 -40.20 42.98
N LEU G 307 55.13 -40.67 42.62
CA LEU G 307 54.03 -40.76 43.57
C LEU G 307 54.41 -41.36 44.94
N LYS G 308 55.25 -42.39 44.92
CA LYS G 308 55.64 -43.04 46.16
C LYS G 308 56.49 -42.14 47.04
N VAL G 309 57.31 -41.30 46.41
CA VAL G 309 58.11 -40.35 47.16
C VAL G 309 57.18 -39.35 47.84
N ARG G 310 56.16 -38.91 47.12
CA ARG G 310 55.23 -37.97 47.70
C ARG G 310 54.52 -38.54 48.91
N GLN G 311 54.18 -39.82 48.84
CA GLN G 311 53.53 -40.52 49.95
C GLN G 311 54.46 -40.58 51.15
N ALA G 312 55.73 -40.91 50.90
CA ALA G 312 56.70 -41.05 51.98
C ALA G 312 56.92 -39.71 52.67
N LEU G 313 57.09 -38.65 51.86
CA LEU G 313 57.26 -37.32 52.44
C LEU G 313 56.09 -36.95 53.35
N VAL G 314 54.86 -37.24 52.93
CA VAL G 314 53.68 -36.91 53.72
C VAL G 314 53.61 -37.74 55.00
N HIS G 315 54.01 -39.00 54.88
CA HIS G 315 53.93 -39.93 56.00
C HIS G 315 54.89 -39.53 57.12
N ALA G 316 55.96 -38.81 56.78
CA ALA G 316 56.98 -38.42 57.76
C ALA G 316 56.51 -37.30 58.68
N ILE G 317 55.41 -36.65 58.29
CA ILE G 317 54.97 -35.41 58.93
C ILE G 317 54.13 -35.64 60.19
N ASP G 318 54.56 -35.04 61.30
CA ASP G 318 53.78 -35.09 62.54
C ASP G 318 52.75 -33.97 62.50
N ILE G 319 51.68 -34.21 61.76
CA ILE G 319 50.71 -33.15 61.49
C ILE G 319 49.93 -32.72 62.75
N GLU G 320 49.74 -33.64 63.68
CA GLU G 320 49.11 -33.25 64.94
C GLU G 320 49.96 -32.24 65.71
N LYS G 321 51.28 -32.43 65.66
CA LYS G 321 52.17 -31.51 66.32
C LYS G 321 51.98 -30.15 65.67
N ILE G 322 51.86 -30.16 64.36
CA ILE G 322 51.70 -28.93 63.59
C ILE G 322 50.38 -28.25 63.94
N MET G 323 49.36 -29.04 64.29
CA MET G 323 48.05 -28.46 64.63
C MET G 323 48.12 -27.69 65.94
N GLN G 324 49.00 -28.13 66.84
CA GLN G 324 49.16 -27.49 68.13
C GLN G 324 50.11 -26.29 68.08
N ALA G 325 51.21 -26.43 67.36
CA ALA G 325 52.30 -25.44 67.35
C ALA G 325 52.23 -24.46 66.20
N VAL G 326 51.18 -24.55 65.38
CA VAL G 326 50.96 -23.60 64.30
C VAL G 326 49.57 -23.00 64.35
N TYR G 327 48.57 -23.85 64.47
CA TYR G 327 47.19 -23.35 64.50
C TYR G 327 46.72 -23.00 65.91
N TYR G 328 47.41 -23.49 66.93
CA TYR G 328 47.05 -23.17 68.30
C TYR G 328 45.54 -23.30 68.51
N GLY G 329 45.00 -24.47 68.26
CA GLY G 329 43.58 -24.72 68.45
C GLY G 329 42.64 -23.82 67.65
N ASN G 330 43.16 -23.10 66.66
CA ASN G 330 42.29 -22.30 65.78
C ASN G 330 42.03 -22.92 64.42
N GLY G 331 42.52 -24.13 64.22
CA GLY G 331 42.37 -24.78 62.93
C GLY G 331 41.59 -26.07 63.05
N LEU G 332 41.18 -26.59 61.90
CA LEU G 332 40.48 -27.86 61.83
C LEU G 332 41.34 -28.79 60.96
N ARG G 333 41.81 -29.90 61.51
CA ARG G 333 42.59 -30.79 60.67
C ARG G 333 41.77 -31.33 59.46
N ALA G 334 42.41 -31.34 58.29
CA ALA G 334 41.73 -31.68 57.05
C ALA G 334 41.44 -33.17 56.97
N ARG G 335 40.30 -33.51 56.36
CA ARG G 335 39.95 -34.91 56.07
C ARG G 335 39.68 -35.03 54.57
N SER G 336 40.05 -33.96 53.87
CA SER G 336 39.91 -33.81 52.44
C SER G 336 40.39 -32.40 52.11
N ILE G 337 40.56 -32.10 50.82
CA ILE G 337 40.92 -30.74 50.42
C ILE G 337 39.78 -29.83 50.82
N LEU G 338 38.57 -30.38 50.80
CA LEU G 338 37.38 -29.63 51.17
C LEU G 338 37.17 -29.66 52.66
N PRO G 339 36.71 -28.55 53.23
CA PRO G 339 36.25 -28.48 54.62
C PRO G 339 34.82 -29.03 54.69
N PRO G 340 34.42 -29.50 55.88
CA PRO G 340 33.08 -30.10 56.03
C PRO G 340 31.96 -29.12 55.72
N THR G 341 32.27 -27.83 55.70
CA THR G 341 31.28 -26.80 55.40
C THR G 341 31.10 -26.57 53.90
N SER G 342 31.81 -27.37 53.11
CA SER G 342 31.61 -27.42 51.67
C SER G 342 30.50 -28.44 51.45
N TRP G 343 29.53 -28.16 50.60
CA TRP G 343 28.48 -29.14 50.39
C TRP G 343 28.97 -30.41 49.69
N ALA G 344 30.07 -30.30 48.96
CA ALA G 344 30.63 -31.46 48.28
C ALA G 344 31.49 -32.33 49.18
N PHE G 345 31.74 -31.85 50.40
CA PHE G 345 32.61 -32.61 51.31
C PHE G 345 32.28 -34.09 51.43
N GLU G 346 33.31 -34.89 51.25
CA GLU G 346 33.27 -36.30 51.57
C GLU G 346 34.60 -36.64 52.24
N PRO G 347 34.53 -37.14 53.48
CA PRO G 347 35.70 -37.57 54.26
C PRO G 347 36.49 -38.68 53.55
N GLN G 348 37.81 -38.55 53.52
CA GLN G 348 38.64 -39.48 52.79
C GLN G 348 39.33 -40.49 53.70
N LYS G 349 38.78 -41.69 53.73
CA LYS G 349 39.23 -42.75 54.62
C LYS G 349 40.69 -43.16 54.33
N ASN G 350 41.21 -42.81 53.15
CA ASN G 350 42.56 -43.19 52.78
C ASN G 350 43.62 -42.14 53.09
N MET G 351 43.26 -41.17 53.95
CA MET G 351 44.21 -40.13 54.33
C MET G 351 45.47 -40.76 54.88
N PRO G 352 46.63 -40.32 54.37
CA PRO G 352 47.95 -40.78 54.81
C PRO G 352 48.14 -40.57 56.31
N ILE G 353 48.42 -41.63 57.05
CA ILE G 353 48.66 -41.50 58.50
C ILE G 353 50.13 -41.21 58.76
N PHE G 354 50.42 -40.52 59.86
CA PHE G 354 51.79 -40.24 60.24
C PHE G 354 52.48 -41.54 60.64
N ASP G 355 53.57 -41.88 59.96
CA ASP G 355 54.25 -43.14 60.22
C ASP G 355 55.63 -43.17 59.61
N PRO G 356 56.60 -42.62 60.34
CA PRO G 356 57.98 -42.41 59.91
C PRO G 356 58.67 -43.69 59.42
N GLN G 357 58.36 -44.84 60.02
CA GLN G 357 58.96 -46.11 59.56
C GLN G 357 58.40 -46.51 58.22
N LEU G 358 57.09 -46.31 58.03
CA LEU G 358 56.46 -46.52 56.74
C LEU G 358 56.94 -45.50 55.71
N ALA G 359 57.37 -44.34 56.18
CA ALA G 359 57.92 -43.32 55.28
C ALA G 359 59.34 -43.66 54.86
N LYS G 360 60.08 -44.35 55.73
CA LYS G 360 61.44 -44.73 55.43
C LYS G 360 61.45 -45.97 54.53
N LYS G 361 60.43 -46.80 54.69
CA LYS G 361 60.25 -47.99 53.86
C LYS G 361 59.85 -47.60 52.45
N LEU G 362 58.92 -46.65 52.34
CA LEU G 362 58.46 -46.17 51.05
C LEU G 362 59.60 -45.54 50.24
N LEU G 363 60.35 -44.65 50.86
CA LEU G 363 61.47 -43.99 50.18
C LEU G 363 62.43 -45.05 49.65
N THR G 364 62.79 -45.97 50.53
CA THR G 364 63.80 -46.98 50.22
C THR G 364 63.31 -47.90 49.11
N GLU G 365 62.03 -47.80 48.75
CA GLU G 365 61.46 -48.61 47.71
C GLU G 365 61.29 -47.84 46.41
N ALA G 366 61.76 -46.61 46.39
CA ALA G 366 61.67 -45.80 45.18
C ALA G 366 63.06 -45.35 44.78
N GLY G 367 64.03 -45.77 45.58
CA GLY G 367 65.37 -45.23 45.54
C GLY G 367 65.59 -44.65 46.92
N TYR G 368 66.53 -43.72 47.05
CA TYR G 368 66.64 -42.89 48.25
C TYR G 368 66.26 -43.51 49.60
N GLU G 369 66.91 -44.56 50.10
CA GLU G 369 68.12 -45.19 49.57
C GLU G 369 69.36 -44.29 49.42
N LYS G 370 69.59 -43.38 50.36
CA LYS G 370 68.59 -43.05 51.37
C LYS G 370 68.58 -41.54 51.61
N GLY G 371 67.45 -40.94 51.28
CA GLY G 371 67.24 -39.53 51.48
C GLY G 371 67.82 -38.69 50.36
N PHE G 372 67.48 -37.41 50.40
CA PHE G 372 67.94 -36.42 49.45
C PHE G 372 67.76 -35.05 50.07
N ASP G 373 68.27 -34.02 49.41
CA ASP G 373 68.01 -32.65 49.79
C ASP G 373 66.79 -32.12 49.03
N MET G 374 66.04 -31.23 49.66
CA MET G 374 64.93 -30.56 49.00
C MET G 374 64.70 -29.27 49.74
N SER G 375 63.99 -28.36 49.09
CA SER G 375 63.53 -27.16 49.76
C SER G 375 62.00 -27.10 49.85
N ILE G 376 61.55 -26.55 50.97
CA ILE G 376 60.14 -26.28 51.18
C ILE G 376 59.99 -24.77 51.19
N TRP G 377 59.13 -24.25 50.33
CA TRP G 377 58.87 -22.81 50.25
C TRP G 377 57.77 -22.34 51.22
N ALA G 378 58.16 -21.59 52.25
CA ALA G 378 57.18 -21.09 53.19
C ALA G 378 56.56 -19.80 52.68
N MET G 379 55.24 -19.77 52.55
CA MET G 379 54.60 -18.50 52.23
C MET G 379 55.01 -17.47 53.30
N PRO G 380 55.35 -16.24 52.87
CA PRO G 380 55.86 -15.17 53.74
C PRO G 380 54.83 -14.60 54.74
N VAL G 381 53.59 -14.47 54.29
CA VAL G 381 52.54 -13.85 55.08
C VAL G 381 51.73 -14.85 55.91
N SER G 382 50.80 -14.32 56.70
CA SER G 382 49.98 -15.13 57.59
C SER G 382 48.55 -15.16 57.06
N ARG G 383 47.92 -16.33 57.09
CA ARG G 383 46.54 -16.44 56.60
C ARG G 383 45.70 -17.38 57.45
N ILE G 384 44.39 -17.34 57.22
CA ILE G 384 43.42 -18.24 57.84
C ILE G 384 43.92 -19.68 57.70
N TYR G 385 44.37 -20.04 56.50
CA TYR G 385 44.78 -21.41 56.22
C TYR G 385 46.13 -21.83 56.76
N ASN G 386 46.97 -20.87 57.14
CA ASN G 386 48.27 -21.19 57.69
C ASN G 386 48.84 -19.94 58.35
N PRO G 387 48.55 -19.78 59.65
CA PRO G 387 49.07 -18.64 60.41
C PRO G 387 50.59 -18.50 60.30
N ASN G 388 51.34 -19.59 60.45
CA ASN G 388 52.78 -19.47 60.42
C ASN G 388 53.53 -20.48 59.54
N ALA G 389 53.76 -20.11 58.28
CA ALA G 389 54.38 -21.02 57.33
C ALA G 389 55.83 -21.37 57.66
N ARG G 390 56.64 -20.38 58.03
CA ARG G 390 58.02 -20.66 58.39
C ARG G 390 58.08 -21.69 59.52
N LYS G 391 57.15 -21.57 60.46
CA LYS G 391 57.10 -22.45 61.62
C LYS G 391 56.78 -23.89 61.23
N MET G 392 55.77 -24.05 60.38
CA MET G 392 55.39 -25.36 59.87
C MET G 392 56.54 -26.01 59.10
N ALA G 393 57.19 -25.23 58.24
CA ALA G 393 58.36 -25.71 57.52
C ALA G 393 59.45 -26.25 58.48
N GLU G 394 59.65 -25.53 59.58
CA GLU G 394 60.67 -25.91 60.56
C GLU G 394 60.30 -27.18 61.32
N LEU G 395 59.01 -27.36 61.59
CA LEU G 395 58.55 -28.60 62.21
C LEU G 395 58.70 -29.77 61.23
N MET G 396 58.50 -29.49 59.95
CA MET G 396 58.62 -30.51 58.92
C MET G 396 60.08 -30.76 58.63
N GLN G 397 60.87 -29.71 58.60
CA GLN G 397 62.32 -29.86 58.51
C GLN G 397 62.81 -30.82 59.59
N SER G 398 62.27 -30.69 60.79
CA SER G 398 62.61 -31.60 61.87
C SER G 398 62.07 -33.01 61.61
N ASP G 399 60.81 -33.13 61.22
CA ASP G 399 60.21 -34.45 61.01
C ASP G 399 60.91 -35.23 59.88
N LEU G 400 61.34 -34.49 58.87
CA LEU G 400 61.93 -35.06 57.66
C LEU G 400 63.38 -35.46 57.84
N ARG G 401 64.07 -34.79 58.75
CA ARG G 401 65.47 -35.10 59.07
C ARG G 401 65.59 -36.54 59.51
N LYS G 402 64.65 -36.98 60.33
CA LYS G 402 64.64 -38.33 60.88
C LYS G 402 64.55 -39.37 59.76
N ILE G 403 64.05 -38.95 58.60
CA ILE G 403 63.89 -39.83 57.46
C ILE G 403 65.11 -39.73 56.55
N GLY G 404 65.93 -38.72 56.78
CA GLY G 404 67.11 -38.50 55.97
C GLY G 404 66.86 -37.59 54.78
N VAL G 405 65.75 -36.86 54.82
CA VAL G 405 65.45 -35.84 53.84
C VAL G 405 65.82 -34.48 54.41
N ASN G 406 66.86 -33.88 53.88
CA ASN G 406 67.37 -32.62 54.40
C ASN G 406 66.70 -31.42 53.75
N VAL G 407 65.92 -30.69 54.55
CA VAL G 407 65.10 -29.60 54.03
C VAL G 407 65.80 -28.26 54.07
N ASN G 408 65.71 -27.53 52.96
CA ASN G 408 66.15 -26.15 52.92
C ASN G 408 64.94 -25.24 52.86
N ILE G 409 64.65 -24.58 53.98
CA ILE G 409 63.50 -23.69 54.09
C ILE G 409 63.67 -22.42 53.28
N VAL G 410 62.86 -22.30 52.24
CA VAL G 410 62.89 -21.12 51.36
C VAL G 410 61.80 -20.13 51.72
N GLU G 411 62.19 -18.87 51.95
CA GLU G 411 61.20 -17.82 52.14
C GLU G 411 61.51 -16.58 51.30
N TYR G 412 60.65 -16.33 50.32
CA TYR G 412 60.71 -15.11 49.53
C TYR G 412 59.67 -14.15 50.07
N GLU G 413 59.78 -12.89 49.69
CA GLU G 413 58.74 -11.92 49.95
C GLU G 413 57.57 -12.27 49.05
N TRP G 414 56.38 -11.77 49.38
CA TRP G 414 55.15 -12.19 48.73
C TRP G 414 55.15 -12.14 47.20
N ASN G 415 55.50 -11.00 46.61
CA ASN G 415 55.41 -10.86 45.14
C ASN G 415 56.32 -11.79 44.34
N THR G 416 57.54 -12.00 44.85
CA THR G 416 58.51 -12.86 44.17
C THR G 416 58.05 -14.31 44.29
N PHE G 417 57.68 -14.69 45.51
CA PHE G 417 57.15 -16.00 45.82
C PHE G 417 56.02 -16.42 44.90
N ILE G 418 54.99 -15.59 44.83
CA ILE G 418 53.80 -15.94 44.07
C ILE G 418 54.13 -16.14 42.60
N GLN G 419 54.95 -15.24 42.08
CA GLN G 419 55.40 -15.31 40.70
C GLN G 419 56.26 -16.54 40.46
N ARG G 420 57.22 -16.78 41.36
CA ARG G 420 58.13 -17.91 41.19
C ARG G 420 57.44 -19.25 41.36
N ILE G 421 56.42 -19.31 42.21
CA ILE G 421 55.59 -20.51 42.29
C ILE G 421 54.82 -20.78 40.99
N GLY G 422 54.33 -19.72 40.36
CA GLY G 422 53.61 -19.85 39.10
C GLY G 422 54.49 -20.25 37.93
N GLU G 423 55.80 -20.02 38.05
CA GLU G 423 56.77 -20.46 37.06
C GLU G 423 57.27 -21.88 37.38
N HIS G 424 56.81 -22.42 38.51
CA HIS G 424 57.15 -23.78 38.95
C HIS G 424 58.63 -23.95 39.25
N ARG G 425 59.23 -22.91 39.80
CA ARG G 425 60.63 -22.94 40.16
C ARG G 425 60.88 -23.76 41.43
N HIS G 426 59.81 -24.03 42.18
CA HIS G 426 59.96 -24.66 43.50
C HIS G 426 59.98 -26.18 43.46
N ASP G 427 60.63 -26.78 44.46
CA ASP G 427 60.49 -28.19 44.78
C ASP G 427 59.11 -28.46 45.38
N SER G 428 58.75 -27.66 46.37
CA SER G 428 57.50 -27.84 47.12
C SER G 428 57.19 -26.57 47.89
N VAL G 429 55.90 -26.35 48.17
CA VAL G 429 55.45 -25.10 48.79
C VAL G 429 54.35 -25.31 49.81
N LEU G 430 54.40 -24.52 50.88
CA LEU G 430 53.31 -24.47 51.83
C LEU G 430 52.51 -23.23 51.44
N LEU G 431 51.42 -23.44 50.74
CA LEU G 431 50.59 -22.34 50.35
C LEU G 431 49.22 -22.76 50.79
N GLY G 432 48.20 -22.18 50.17
CA GLY G 432 46.83 -22.47 50.56
C GLY G 432 45.85 -21.67 49.76
N TRP G 433 44.57 -21.97 49.92
CA TRP G 433 43.57 -21.32 49.11
C TRP G 433 42.37 -20.97 49.93
N ALA G 434 41.97 -19.71 49.82
CA ALA G 434 40.72 -19.23 50.39
C ALA G 434 39.70 -19.13 49.26
N ALA G 435 38.59 -19.83 49.40
CA ALA G 435 37.57 -19.86 48.35
C ALA G 435 36.99 -18.47 48.00
N ASP G 436 36.90 -18.18 46.70
CA ASP G 436 36.34 -16.92 46.21
C ASP G 436 34.82 -17.01 46.03
N THR G 437 34.29 -18.22 45.98
CA THR G 437 32.84 -18.45 45.96
C THR G 437 32.61 -19.73 46.76
N PRO G 438 31.35 -20.02 47.13
CA PRO G 438 31.04 -21.25 47.85
C PRO G 438 30.65 -22.39 46.90
N ASP G 439 30.97 -22.21 45.62
CA ASP G 439 30.93 -23.30 44.66
C ASP G 439 32.12 -24.25 44.90
N PRO G 440 31.84 -25.51 45.23
CA PRO G 440 32.91 -26.50 45.42
C PRO G 440 33.90 -26.55 44.25
N ASP G 441 33.39 -26.31 43.03
CA ASP G 441 34.26 -26.22 41.87
C ASP G 441 35.48 -25.31 42.12
N ASN G 442 35.40 -24.46 43.13
CA ASN G 442 36.40 -23.39 43.31
C ASN G 442 37.60 -23.83 44.11
N PHE G 443 37.55 -25.04 44.65
CA PHE G 443 38.71 -25.65 45.30
C PHE G 443 39.49 -26.47 44.29
N PHE G 444 38.88 -26.71 43.12
CA PHE G 444 39.43 -27.69 42.18
C PHE G 444 40.04 -27.08 40.93
N SER G 445 39.19 -26.45 40.14
CA SER G 445 39.63 -25.86 38.88
C SER G 445 40.80 -24.90 39.03
N PRO G 446 40.70 -23.91 39.94
CA PRO G 446 41.72 -22.88 40.09
C PRO G 446 43.05 -23.36 40.67
N LEU G 447 43.05 -24.50 41.36
CA LEU G 447 44.27 -24.98 42.03
C LEU G 447 44.93 -26.15 41.32
N LEU G 448 44.11 -27.05 40.75
CA LEU G 448 44.64 -28.33 40.29
C LEU G 448 44.28 -28.72 38.85
N SER G 449 43.67 -27.82 38.10
CA SER G 449 43.32 -28.14 36.73
C SER G 449 44.52 -27.97 35.83
N CYS G 450 44.41 -28.50 34.62
CA CYS G 450 45.47 -28.30 33.64
C CYS G 450 45.66 -26.81 33.29
N THR G 451 44.56 -26.11 33.02
CA THR G 451 44.61 -24.70 32.67
C THR G 451 45.26 -23.85 33.76
N ALA G 452 44.93 -24.13 35.02
CA ALA G 452 45.55 -23.47 36.17
C ALA G 452 47.06 -23.60 36.16
N THR G 453 47.54 -24.58 35.41
CA THR G 453 48.97 -24.82 35.23
C THR G 453 49.61 -23.75 34.35
N PHE G 454 48.87 -23.36 33.30
CA PHE G 454 49.30 -22.28 32.41
C PHE G 454 48.96 -20.90 32.97
N SER G 455 48.46 -20.86 34.20
CA SER G 455 47.97 -19.60 34.76
C SER G 455 48.65 -19.25 36.07
N GLY G 456 49.65 -20.06 36.45
CA GLY G 456 50.39 -19.84 37.67
C GLY G 456 49.62 -20.19 38.93
N LYS G 457 48.39 -20.70 38.79
CA LYS G 457 47.57 -20.96 39.96
C LYS G 457 47.66 -22.40 40.48
N ASN G 458 48.37 -23.27 39.75
CA ASN G 458 48.52 -24.66 40.12
C ASN G 458 49.89 -24.95 40.74
N PRO G 459 49.95 -24.94 42.07
CA PRO G 459 51.20 -25.02 42.82
C PRO G 459 51.81 -26.41 42.73
N ALA G 460 51.03 -27.37 42.24
CA ALA G 460 51.51 -28.74 42.11
C ALA G 460 52.06 -29.01 40.73
N ASN G 461 51.87 -28.08 39.82
CA ASN G 461 52.33 -28.28 38.45
C ASN G 461 51.77 -29.62 37.95
N TRP G 462 50.51 -29.87 38.28
CA TRP G 462 49.87 -31.16 38.06
C TRP G 462 48.83 -31.05 36.96
N CYS G 463 49.16 -31.55 35.77
CA CYS G 463 48.17 -31.65 34.69
C CYS G 463 47.68 -33.07 34.51
N ASN G 464 46.57 -33.41 35.16
CA ASN G 464 46.03 -34.75 35.09
C ASN G 464 44.68 -34.73 34.40
N PRO G 465 44.59 -35.32 33.20
CA PRO G 465 43.42 -35.22 32.32
C PRO G 465 42.16 -35.89 32.88
N GLU G 466 42.31 -37.02 33.56
CA GLU G 466 41.14 -37.73 34.07
C GLU G 466 40.55 -36.91 35.19
N PHE G 467 41.42 -36.40 36.04
CA PHE G 467 41.00 -35.48 37.09
C PHE G 467 40.18 -34.34 36.47
N ASP G 468 40.77 -33.64 35.51
CA ASP G 468 40.11 -32.58 34.76
C ASP G 468 38.76 -33.04 34.21
N LEU G 469 38.69 -34.29 33.80
CA LEU G 469 37.48 -34.79 33.15
C LEU G 469 36.34 -34.81 34.16
N LEU G 470 36.67 -35.13 35.41
CA LEU G 470 35.67 -35.09 36.48
C LEU G 470 35.15 -33.67 36.72
N LEU G 471 36.07 -32.70 36.74
CA LEU G 471 35.64 -31.34 37.04
C LEU G 471 34.71 -30.92 35.91
N THR G 472 34.94 -31.41 34.70
CA THR G 472 34.13 -30.98 33.56
C THR G 472 32.75 -31.65 33.57
N LYS G 473 32.72 -32.90 33.98
CA LYS G 473 31.44 -33.59 34.05
C LYS G 473 30.57 -32.93 35.13
N ALA G 474 31.14 -32.68 36.29
CA ALA G 474 30.45 -31.94 37.36
C ALA G 474 29.85 -30.63 36.89
N LEU G 475 30.60 -29.85 36.11
CA LEU G 475 30.08 -28.59 35.61
C LEU G 475 28.95 -28.80 34.61
N ASP G 476 28.93 -29.95 33.95
CA ASP G 476 27.97 -30.16 32.86
C ASP G 476 26.64 -30.77 33.30
N THR G 477 26.38 -30.77 34.60
CA THR G 477 25.08 -31.24 35.06
C THR G 477 24.49 -30.30 36.11
N THR G 478 23.17 -30.33 36.24
CA THR G 478 22.46 -29.43 37.15
C THR G 478 21.80 -30.24 38.26
N ASP G 479 22.23 -31.48 38.41
CA ASP G 479 21.78 -32.35 39.47
C ASP G 479 22.86 -32.43 40.52
N LEU G 480 22.81 -31.52 41.48
CA LEU G 480 23.87 -31.38 42.50
C LEU G 480 24.27 -32.69 43.17
N ASN G 481 23.44 -33.71 43.04
CA ASN G 481 23.73 -35.01 43.64
C ASN G 481 24.70 -35.85 42.80
N LEU G 482 24.64 -35.65 41.49
CA LEU G 482 25.57 -36.30 40.57
C LEU G 482 26.91 -35.59 40.63
N ARG G 483 26.86 -34.27 40.86
CA ARG G 483 28.06 -33.49 41.09
C ARG G 483 28.79 -34.03 42.31
N LYS G 484 28.03 -34.35 43.36
CA LYS G 484 28.61 -34.95 44.55
C LYS G 484 29.50 -36.11 44.16
N GLN G 485 29.00 -36.95 43.28
CA GLN G 485 29.73 -38.13 42.82
C GLN G 485 31.04 -37.72 42.18
N TYR G 486 30.98 -36.76 41.26
CA TYR G 486 32.17 -36.31 40.54
C TYR G 486 33.22 -35.72 41.50
N TYR G 487 32.77 -34.85 42.41
CA TYR G 487 33.63 -34.26 43.42
C TYR G 487 34.15 -35.27 44.46
N ASP G 488 33.33 -36.27 44.79
CA ASP G 488 33.79 -37.37 45.63
C ASP G 488 34.98 -38.04 44.96
N ALA G 489 34.83 -38.28 43.66
CA ALA G 489 35.91 -38.85 42.87
C ALA G 489 37.13 -37.90 42.81
N ALA G 490 36.87 -36.61 42.65
CA ALA G 490 37.97 -35.64 42.62
C ALA G 490 38.72 -35.60 43.94
N GLN G 491 37.98 -35.78 45.03
CA GLN G 491 38.59 -35.77 46.35
C GLN G 491 39.49 -36.96 46.61
N SER G 492 39.05 -38.14 46.17
CA SER G 492 39.86 -39.34 46.34
C SER G 492 41.13 -39.26 45.50
N MET G 493 40.96 -38.90 44.24
CA MET G 493 42.11 -38.69 43.36
C MET G 493 43.22 -37.84 43.97
N ILE G 494 42.83 -36.77 44.67
CA ILE G 494 43.79 -35.87 45.32
C ILE G 494 44.57 -36.58 46.43
N ILE G 495 43.84 -37.31 47.26
CA ILE G 495 44.46 -38.13 48.28
C ILE G 495 45.37 -39.20 47.66
N GLU G 496 44.87 -39.91 46.65
CA GLU G 496 45.61 -41.04 46.03
C GLU G 496 46.84 -40.58 45.25
N GLN G 497 46.70 -39.47 44.53
CA GLN G 497 47.83 -38.95 43.76
C GLN G 497 48.65 -37.91 44.54
N LEU G 498 48.11 -37.38 45.64
CA LEU G 498 48.81 -36.39 46.43
C LEU G 498 49.59 -35.38 45.58
N PRO G 499 48.91 -34.70 44.63
CA PRO G 499 49.62 -33.60 43.98
C PRO G 499 49.93 -32.53 45.04
N LEU G 500 48.99 -32.32 45.96
CA LEU G 500 49.23 -31.56 47.19
C LEU G 500 48.63 -32.33 48.37
N TYR G 501 49.02 -31.97 49.59
CA TYR G 501 48.49 -32.66 50.77
C TYR G 501 47.69 -31.70 51.59
N PRO G 502 46.38 -31.94 51.70
CA PRO G 502 45.51 -31.09 52.54
C PRO G 502 45.90 -31.25 54.00
N ILE G 503 46.16 -30.11 54.66
CA ILE G 503 46.65 -30.08 56.05
C ILE G 503 45.52 -29.69 57.01
N ALA G 504 45.06 -28.43 56.92
CA ALA G 504 44.06 -27.92 57.85
C ALA G 504 43.23 -26.79 57.28
N HIS G 505 42.11 -26.52 57.93
CA HIS G 505 41.23 -25.42 57.60
C HIS G 505 41.26 -24.41 58.75
N GLY G 506 41.41 -23.15 58.39
CA GLY G 506 41.32 -22.06 59.33
C GLY G 506 39.86 -21.82 59.66
N MET G 507 39.60 -21.54 60.93
CA MET G 507 38.24 -21.31 61.39
C MET G 507 37.97 -19.83 61.62
N ARG G 508 36.70 -19.47 61.60
CA ARG G 508 36.29 -18.13 61.95
C ARG G 508 35.55 -18.20 63.29
N PHE G 509 35.74 -17.19 64.13
CA PHE G 509 35.04 -17.13 65.42
C PHE G 509 34.29 -15.84 65.52
N GLN G 510 33.20 -15.85 66.26
CA GLN G 510 32.42 -14.63 66.45
C GLN G 510 31.81 -14.61 67.83
N ALA G 511 31.91 -13.48 68.51
CA ALA G 511 31.32 -13.34 69.82
C ALA G 511 30.34 -12.18 69.81
N SER G 512 29.22 -12.33 70.52
CA SER G 512 28.19 -11.30 70.55
C SER G 512 27.34 -11.35 71.81
N SER G 513 26.68 -10.24 72.10
CA SER G 513 25.65 -10.22 73.12
C SER G 513 24.52 -11.14 72.68
N ALA G 514 23.93 -11.83 73.65
CA ALA G 514 22.83 -12.75 73.36
C ALA G 514 21.57 -11.98 72.95
N ASP G 515 21.66 -10.65 73.02
CA ASP G 515 20.55 -9.79 72.60
C ASP G 515 20.36 -9.79 71.08
N VAL G 516 21.39 -10.18 70.34
CA VAL G 516 21.43 -9.96 68.90
C VAL G 516 21.25 -11.27 68.15
N GLU G 517 20.51 -11.19 67.05
CA GLU G 517 20.20 -12.35 66.24
C GLU G 517 20.17 -11.95 64.76
N GLY G 518 19.99 -12.94 63.89
CA GLY G 518 20.15 -12.72 62.47
C GLY G 518 21.57 -12.28 62.19
N ILE G 519 22.52 -12.94 62.84
CA ILE G 519 23.92 -12.57 62.78
C ILE G 519 24.77 -13.84 62.68
N THR G 520 24.08 -14.93 62.34
CA THR G 520 24.67 -16.27 62.33
C THR G 520 25.90 -16.40 61.45
N LEU G 521 27.01 -16.83 62.06
CA LEU G 521 28.29 -16.96 61.36
C LEU G 521 28.21 -17.98 60.22
N GLY G 522 28.51 -17.55 58.99
CA GLY G 522 28.54 -18.44 57.84
C GLY G 522 29.94 -18.95 57.58
N PRO G 523 30.08 -19.98 56.72
CA PRO G 523 31.40 -20.55 56.47
C PRO G 523 32.08 -19.83 55.33
N PHE G 524 31.32 -19.00 54.62
CA PHE G 524 31.86 -18.27 53.49
C PHE G 524 31.37 -16.84 53.43
N GLY G 525 32.23 -15.96 52.94
CA GLY G 525 31.84 -14.59 52.63
C GLY G 525 32.05 -13.60 53.75
N ALA G 526 31.85 -12.32 53.42
CA ALA G 526 31.99 -11.22 54.37
C ALA G 526 30.95 -11.29 55.48
N ILE G 527 31.30 -10.77 56.64
CA ILE G 527 30.35 -10.60 57.72
C ILE G 527 29.23 -9.69 57.20
N SER G 528 28.00 -9.96 57.62
CA SER G 528 26.86 -9.15 57.23
C SER G 528 25.93 -8.87 58.39
N LEU G 529 25.55 -7.61 58.55
CA LEU G 529 24.59 -7.22 59.56
C LEU G 529 23.28 -6.85 58.90
N ALA G 530 23.16 -7.20 57.61
CA ALA G 530 21.97 -6.79 56.85
C ALA G 530 20.67 -7.34 57.45
N ASN G 531 20.78 -8.42 58.21
CA ASN G 531 19.61 -9.01 58.86
C ASN G 531 19.65 -8.97 60.40
N ALA G 532 20.61 -8.23 60.96
CA ALA G 532 20.79 -8.16 62.41
C ALA G 532 19.64 -7.41 63.10
N ARG G 533 19.17 -7.96 64.20
CA ARG G 533 18.11 -7.32 64.99
C ARG G 533 18.45 -7.41 66.48
N LYS G 534 17.86 -6.53 67.28
CA LYS G 534 18.21 -6.48 68.69
C LYS G 534 17.08 -7.06 69.53
N GLY H 30 26.02 -37.38 -32.07
CA GLY H 30 26.57 -38.22 -31.01
C GLY H 30 28.07 -38.06 -30.78
N LEU H 31 28.56 -38.57 -29.65
CA LEU H 31 30.00 -38.51 -29.37
C LEU H 31 30.54 -39.81 -28.79
N VAL H 32 31.75 -40.19 -29.20
CA VAL H 32 32.37 -41.39 -28.66
C VAL H 32 33.60 -41.03 -27.83
N TYR H 33 33.56 -41.39 -26.55
CA TYR H 33 34.67 -41.19 -25.64
C TYR H 33 35.39 -42.50 -25.38
N CYS H 34 36.68 -42.53 -25.67
CA CYS H 34 37.51 -43.71 -25.40
C CYS H 34 37.93 -43.79 -23.95
N ALA H 35 37.17 -44.54 -23.16
CA ALA H 35 37.42 -44.69 -21.71
C ALA H 35 38.44 -45.77 -21.38
N GLU H 36 39.21 -45.56 -20.31
CA GLU H 36 40.26 -46.49 -19.94
C GLU H 36 39.79 -47.69 -19.12
N ALA H 37 38.54 -47.71 -18.67
CA ALA H 37 38.11 -48.79 -17.77
C ALA H 37 36.61 -48.80 -17.48
N ASN H 38 36.06 -49.97 -17.17
CA ASN H 38 34.67 -50.05 -16.77
C ASN H 38 34.39 -49.19 -15.53
N PRO H 39 33.21 -48.57 -15.49
CA PRO H 39 32.73 -47.93 -14.25
C PRO H 39 32.55 -49.02 -13.21
N VAL H 40 32.90 -48.76 -11.95
CA VAL H 40 32.74 -49.79 -10.94
C VAL H 40 31.42 -49.56 -10.22
N SER H 41 30.70 -48.52 -10.64
CA SER H 41 29.41 -48.15 -10.05
C SER H 41 28.81 -46.99 -10.82
N PHE H 42 27.50 -46.79 -10.68
CA PHE H 42 26.88 -45.63 -11.31
C PHE H 42 26.41 -44.61 -10.29
N ASN H 43 27.03 -44.66 -9.12
CA ASN H 43 26.83 -43.66 -8.08
C ASN H 43 28.17 -43.17 -7.53
N PRO H 44 28.53 -41.90 -7.81
CA PRO H 44 29.82 -41.34 -7.39
C PRO H 44 30.03 -41.44 -5.88
N GLN H 45 28.94 -41.59 -5.15
CA GLN H 45 29.03 -41.61 -3.69
C GLN H 45 29.89 -42.77 -3.19
N VAL H 46 29.90 -43.87 -3.92
CA VAL H 46 30.47 -45.07 -3.34
C VAL H 46 31.88 -45.39 -3.84
N THR H 47 32.50 -44.48 -4.57
CA THR H 47 33.84 -44.75 -5.06
C THR H 47 34.60 -43.45 -5.30
N THR H 48 35.94 -43.52 -5.22
CA THR H 48 36.78 -42.39 -5.58
C THR H 48 37.59 -42.74 -6.81
N THR H 49 37.26 -43.86 -7.45
CA THR H 49 37.98 -44.30 -8.65
C THR H 49 37.81 -43.29 -9.78
N GLY H 50 38.92 -42.68 -10.18
CA GLY H 50 38.90 -41.61 -11.17
C GLY H 50 38.21 -41.99 -12.48
N SER H 51 38.62 -43.11 -13.06
CA SER H 51 38.06 -43.57 -14.34
C SER H 51 36.55 -43.81 -14.33
N THR H 52 35.99 -44.08 -13.16
CA THR H 52 34.54 -44.18 -13.00
C THR H 52 33.86 -42.81 -12.81
N ILE H 53 34.50 -41.93 -12.05
CA ILE H 53 33.95 -40.59 -11.85
C ILE H 53 33.90 -39.79 -13.16
N ASP H 54 34.96 -39.91 -13.98
CA ASP H 54 35.03 -39.22 -15.26
C ASP H 54 33.85 -39.60 -16.14
N ILE H 55 33.27 -40.76 -15.91
CA ILE H 55 32.22 -41.29 -16.77
C ILE H 55 30.85 -40.89 -16.28
N ILE H 56 30.64 -40.99 -14.97
CA ILE H 56 29.29 -40.90 -14.42
C ILE H 56 28.86 -39.55 -13.80
N ALA H 57 29.79 -38.83 -13.17
CA ALA H 57 29.38 -37.72 -12.31
C ALA H 57 28.78 -36.54 -13.07
N ASN H 58 29.55 -35.88 -13.92
CA ASN H 58 29.07 -34.66 -14.59
C ASN H 58 27.99 -34.94 -15.62
N GLN H 59 27.96 -36.18 -16.11
CA GLN H 59 27.05 -36.56 -17.17
C GLN H 59 25.63 -36.85 -16.68
N LEU H 60 25.52 -37.64 -15.62
CA LEU H 60 24.21 -38.14 -15.20
C LEU H 60 23.58 -37.26 -14.13
N TYR H 61 24.41 -36.45 -13.47
CA TYR H 61 24.01 -35.81 -12.23
C TYR H 61 24.28 -34.30 -12.21
N ASP H 62 23.71 -33.65 -11.20
CA ASP H 62 24.04 -32.26 -10.84
C ASP H 62 24.29 -32.20 -9.34
N ARG H 63 25.20 -31.30 -8.93
CA ARG H 63 25.43 -30.95 -7.53
C ARG H 63 24.48 -29.83 -7.10
N LEU H 64 24.48 -29.50 -5.81
CA LEU H 64 23.74 -28.33 -5.31
C LEU H 64 24.43 -27.04 -5.77
N ILE H 65 25.75 -27.04 -5.72
CA ILE H 65 26.56 -25.90 -6.13
C ILE H 65 27.85 -26.34 -6.83
N SER H 66 28.48 -25.38 -7.50
CA SER H 66 29.73 -25.63 -8.20
C SER H 66 30.67 -24.46 -7.99
N ILE H 67 31.84 -24.55 -8.61
CA ILE H 67 32.82 -23.49 -8.53
C ILE H 67 32.85 -22.77 -9.87
N ASP H 68 32.75 -21.44 -9.82
CA ASP H 68 32.96 -20.63 -11.01
C ASP H 68 34.45 -20.64 -11.37
N PRO H 69 34.75 -20.99 -12.63
CA PRO H 69 36.14 -21.13 -13.11
C PRO H 69 36.95 -19.84 -13.22
N VAL H 70 36.31 -18.67 -13.16
CA VAL H 70 37.07 -17.40 -13.24
C VAL H 70 37.03 -16.59 -11.94
N THR H 71 36.01 -16.80 -11.12
CA THR H 71 35.92 -16.07 -9.86
C THR H 71 36.36 -16.97 -8.71
N ALA H 72 36.31 -18.28 -8.93
CA ALA H 72 36.58 -19.26 -7.87
C ALA H 72 35.50 -19.18 -6.82
N GLU H 73 34.44 -18.43 -7.13
CA GLU H 73 33.35 -18.26 -6.19
C GLU H 73 32.41 -19.46 -6.37
N PHE H 74 31.51 -19.65 -5.43
CA PHE H 74 30.54 -20.73 -5.56
C PHE H 74 29.47 -20.37 -6.58
N LYS H 75 29.09 -21.34 -7.40
CA LYS H 75 28.10 -21.12 -8.46
C LYS H 75 26.82 -21.91 -8.19
N SER H 76 25.68 -21.30 -8.50
CA SER H 76 24.40 -21.95 -8.37
C SER H 76 24.24 -23.15 -9.31
N GLU H 77 23.82 -24.28 -8.76
CA GLU H 77 23.39 -25.40 -9.57
C GLU H 77 21.98 -25.90 -9.31
N LEU H 78 21.81 -26.82 -8.38
CA LEU H 78 20.46 -27.26 -8.06
C LEU H 78 20.01 -26.38 -6.91
N ALA H 79 20.97 -25.78 -6.21
CA ALA H 79 20.63 -24.76 -5.20
C ALA H 79 20.73 -23.38 -5.81
N THR H 80 19.66 -22.59 -5.72
CA THR H 80 19.67 -21.22 -6.23
C THR H 80 20.24 -20.28 -5.18
N ASP H 81 20.18 -20.71 -3.93
CA ASP H 81 20.88 -19.96 -2.90
C ASP H 81 21.28 -20.78 -1.67
N TRP H 82 22.23 -20.23 -0.92
CA TRP H 82 22.76 -20.87 0.26
C TRP H 82 23.14 -19.81 1.30
N LYS H 83 22.94 -20.12 2.58
CA LYS H 83 23.21 -19.15 3.64
C LYS H 83 23.79 -19.80 4.89
N ILE H 84 24.93 -19.28 5.35
CA ILE H 84 25.60 -19.81 6.54
C ILE H 84 25.25 -19.03 7.80
N SER H 85 24.80 -19.76 8.82
CA SER H 85 24.46 -19.14 10.09
C SER H 85 25.64 -18.38 10.65
N LYS H 86 25.38 -17.63 11.71
CA LYS H 86 26.40 -16.81 12.36
C LYS H 86 27.42 -17.71 13.02
N ASP H 87 26.93 -18.67 13.78
CA ASP H 87 27.81 -19.57 14.52
C ASP H 87 28.49 -20.59 13.62
N GLY H 88 28.16 -20.53 12.33
CA GLY H 88 28.77 -21.39 11.32
C GLY H 88 28.20 -22.79 11.26
N LYS H 89 27.20 -23.06 12.10
CA LYS H 89 26.70 -24.41 12.33
C LYS H 89 25.44 -24.77 11.56
N SER H 90 24.89 -23.81 10.84
CA SER H 90 23.64 -24.04 10.15
C SER H 90 23.74 -23.53 8.71
N VAL H 91 23.68 -24.46 7.75
CA VAL H 91 23.81 -24.09 6.35
C VAL H 91 22.53 -24.41 5.60
N THR H 92 21.90 -23.36 5.08
CA THR H 92 20.59 -23.49 4.47
C THR H 92 20.64 -23.23 2.97
N PHE H 93 20.12 -24.19 2.21
CA PHE H 93 20.10 -24.16 0.77
C PHE H 93 18.68 -23.93 0.31
N THR H 94 18.52 -23.05 -0.66
CA THR H 94 17.24 -22.89 -1.35
C THR H 94 17.32 -23.65 -2.66
N LEU H 95 16.29 -24.45 -2.94
CA LEU H 95 16.36 -25.38 -4.06
C LEU H 95 15.65 -24.89 -5.33
N ARG H 96 16.30 -25.09 -6.47
CA ARG H 96 15.71 -24.78 -7.76
C ARG H 96 14.36 -25.46 -7.89
N LYS H 97 13.47 -24.88 -8.69
CA LYS H 97 12.13 -25.41 -8.88
C LYS H 97 11.97 -25.93 -10.30
N GLY H 98 11.05 -26.87 -10.49
CA GLY H 98 10.76 -27.40 -11.82
C GLY H 98 11.85 -28.29 -12.38
N VAL H 99 12.66 -28.86 -11.50
CA VAL H 99 13.68 -29.79 -11.94
C VAL H 99 13.19 -31.21 -11.91
N LYS H 100 13.28 -31.88 -13.07
CA LYS H 100 12.83 -33.24 -13.24
C LYS H 100 13.98 -34.25 -13.13
N PHE H 101 13.72 -35.35 -12.42
CA PHE H 101 14.57 -36.51 -12.48
C PHE H 101 14.35 -37.22 -13.81
N HIS H 102 15.40 -37.87 -14.30
CA HIS H 102 15.31 -38.65 -15.54
C HIS H 102 14.10 -39.57 -15.62
N THR H 103 13.48 -39.63 -16.79
CA THR H 103 12.69 -40.77 -17.14
C THR H 103 13.59 -41.80 -17.83
N THR H 104 13.85 -42.92 -17.15
CA THR H 104 14.59 -44.02 -17.78
C THR H 104 13.65 -45.16 -18.17
N ALA H 105 14.21 -46.17 -18.81
CA ALA H 105 13.41 -47.33 -19.15
C ALA H 105 12.86 -48.01 -17.89
N TYR H 106 13.52 -47.79 -16.75
CA TYR H 106 13.14 -48.50 -15.53
C TYR H 106 12.45 -47.61 -14.52
N PHE H 107 12.43 -46.31 -14.77
CA PHE H 107 11.86 -45.38 -13.78
C PHE H 107 11.22 -44.15 -14.38
N THR H 108 10.01 -43.84 -13.91
CA THR H 108 9.32 -42.62 -14.27
C THR H 108 8.92 -41.91 -13.01
N PRO H 109 9.41 -40.67 -12.83
CA PRO H 109 9.15 -39.84 -11.66
C PRO H 109 7.66 -39.50 -11.47
N THR H 110 7.29 -39.17 -10.24
CA THR H 110 5.92 -38.81 -9.92
C THR H 110 5.84 -37.38 -9.39
N ARG H 111 6.92 -36.91 -8.77
CA ARG H 111 7.05 -35.55 -8.25
C ARG H 111 8.33 -34.94 -8.81
N GLU H 112 8.57 -33.65 -8.58
CA GLU H 112 9.82 -33.04 -9.02
C GLU H 112 10.91 -33.03 -7.93
N PHE H 113 12.10 -32.56 -8.27
CA PHE H 113 13.19 -32.46 -7.30
C PHE H 113 12.75 -31.57 -6.14
N ASN H 114 12.93 -32.05 -4.92
CA ASN H 114 12.63 -31.27 -3.73
C ASN H 114 13.56 -31.60 -2.57
N ALA H 115 13.36 -30.92 -1.46
CA ALA H 115 14.21 -31.07 -0.28
C ALA H 115 14.37 -32.50 0.19
N ASP H 116 13.32 -33.29 0.05
CA ASP H 116 13.34 -34.70 0.43
C ASP H 116 14.47 -35.44 -0.24
N ASP H 117 14.68 -35.15 -1.52
CA ASP H 117 15.78 -35.80 -2.23
C ASP H 117 17.10 -35.41 -1.60
N VAL H 118 17.26 -34.12 -1.29
CA VAL H 118 18.53 -33.66 -0.76
C VAL H 118 18.75 -34.27 0.63
N ILE H 119 17.69 -34.32 1.41
CA ILE H 119 17.74 -34.98 2.71
C ILE H 119 18.12 -36.48 2.61
N PHE H 120 17.45 -37.21 1.72
CA PHE H 120 17.79 -38.63 1.50
C PHE H 120 19.23 -38.83 1.06
N THR H 121 19.58 -38.15 -0.02
CA THR H 121 20.90 -38.24 -0.61
C THR H 121 22.04 -38.13 0.40
N PHE H 122 22.06 -37.04 1.15
CA PHE H 122 23.21 -36.80 2.01
C PHE H 122 23.16 -37.51 3.37
N SER H 123 21.95 -37.81 3.85
CA SER H 123 21.84 -38.55 5.11
C SER H 123 22.27 -40.01 4.93
N ARG H 124 22.09 -40.55 3.72
CA ARG H 124 22.68 -41.84 3.40
C ARG H 124 24.13 -41.87 3.84
N LEU H 125 24.80 -40.73 3.78
CA LEU H 125 26.21 -40.64 4.16
C LEU H 125 26.51 -40.91 5.64
N PHE H 126 25.58 -40.63 6.54
CA PHE H 126 25.96 -40.59 7.96
C PHE H 126 24.93 -41.12 8.98
N ASP H 127 23.66 -41.12 8.59
CA ASP H 127 22.52 -41.50 9.43
C ASP H 127 22.30 -43.01 9.38
N VAL H 128 22.62 -43.73 10.47
CA VAL H 128 22.44 -45.19 10.50
C VAL H 128 20.97 -45.60 10.37
N TYR H 129 20.09 -44.61 10.36
CA TYR H 129 18.65 -44.87 10.26
C TYR H 129 18.13 -44.69 8.84
N ASN H 130 18.97 -44.16 7.96
CA ASN H 130 18.61 -44.03 6.56
C ASN H 130 18.60 -45.40 5.88
N PRO H 131 17.47 -45.75 5.24
CA PRO H 131 17.26 -47.10 4.68
C PRO H 131 18.35 -47.56 3.70
N TYR H 132 19.16 -46.65 3.18
CA TYR H 132 20.17 -47.01 2.20
C TYR H 132 21.58 -46.90 2.73
N HIS H 133 21.73 -46.61 4.01
CA HIS H 133 23.04 -46.33 4.56
C HIS H 133 23.96 -47.53 4.46
N PHE H 134 23.41 -48.72 4.71
CA PHE H 134 24.17 -49.96 4.70
C PHE H 134 24.23 -50.70 3.36
N VAL H 135 23.48 -50.25 2.37
CA VAL H 135 23.69 -50.79 1.04
C VAL H 135 24.87 -50.07 0.38
N GLY H 136 25.87 -50.81 -0.09
CA GLY H 136 26.00 -52.24 0.13
C GLY H 136 27.33 -52.40 0.87
N ASP H 137 28.24 -51.46 0.63
CA ASP H 137 29.49 -51.42 1.37
C ASP H 137 29.29 -50.60 2.63
N ALA H 138 28.23 -49.80 2.63
CA ALA H 138 28.09 -48.74 3.62
C ALA H 138 29.35 -47.90 3.54
N ASN H 139 29.95 -47.88 2.35
CA ASN H 139 31.19 -47.17 2.09
C ASN H 139 31.02 -45.93 1.19
N TYR H 140 31.41 -44.78 1.71
CA TYR H 140 31.31 -43.50 1.01
C TYR H 140 32.68 -42.85 1.11
N PRO H 141 33.65 -43.38 0.37
CA PRO H 141 35.08 -43.05 0.55
C PRO H 141 35.42 -41.56 0.49
N TYR H 142 34.91 -40.83 -0.50
CA TYR H 142 35.25 -39.42 -0.53
C TYR H 142 34.77 -38.72 0.74
N PHE H 143 33.51 -39.00 1.13
CA PHE H 143 32.93 -38.30 2.25
C PHE H 143 33.51 -38.75 3.59
N GLN H 144 33.93 -40.01 3.69
CA GLN H 144 34.63 -40.44 4.88
C GLN H 144 36.01 -39.81 4.92
N SER H 145 36.69 -39.74 3.78
CA SER H 145 38.07 -39.26 3.77
C SER H 145 38.13 -37.85 4.33
N VAL H 146 37.06 -37.10 4.11
CA VAL H 146 37.07 -35.66 4.23
C VAL H 146 36.33 -35.21 5.48
N GLY H 147 35.57 -36.14 6.06
CA GLY H 147 34.94 -35.90 7.36
C GLY H 147 33.46 -35.60 7.33
N ILE H 148 32.87 -35.49 6.15
CA ILE H 148 31.48 -35.06 6.07
C ILE H 148 30.52 -35.96 6.83
N ASP H 149 30.84 -37.24 6.97
CA ASP H 149 29.94 -38.15 7.67
C ASP H 149 29.97 -37.95 9.20
N GLN H 150 31.02 -37.32 9.71
CA GLN H 150 31.09 -37.05 11.13
C GLN H 150 30.82 -35.58 11.43
N LEU H 151 30.39 -34.83 10.42
CA LEU H 151 30.17 -33.40 10.59
C LEU H 151 28.69 -33.02 10.63
N ILE H 152 27.88 -33.63 9.77
CA ILE H 152 26.47 -33.24 9.74
C ILE H 152 25.75 -33.89 10.91
N ARG H 153 24.95 -33.12 11.65
CA ARG H 153 24.17 -33.69 12.74
C ARG H 153 22.81 -34.17 12.21
N LYS H 154 22.20 -33.33 11.38
CA LYS H 154 20.90 -33.60 10.79
C LYS H 154 20.73 -32.68 9.59
N ILE H 155 19.79 -33.02 8.73
CA ILE H 155 19.40 -32.15 7.63
C ILE H 155 17.90 -32.00 7.71
N VAL H 156 17.45 -30.75 7.76
CA VAL H 156 16.05 -30.46 8.06
C VAL H 156 15.31 -29.92 6.87
N ARG H 157 14.10 -30.46 6.66
CA ARG H 157 13.19 -29.93 5.66
C ARG H 157 12.47 -28.73 6.22
N VAL H 158 12.90 -27.54 5.85
CA VAL H 158 12.19 -26.34 6.28
C VAL H 158 10.96 -26.15 5.38
N SER H 159 11.14 -26.40 4.09
CA SER H 159 10.06 -26.32 3.11
C SER H 159 10.38 -27.24 1.92
N ASP H 160 9.46 -27.34 0.96
CA ASP H 160 9.68 -28.16 -0.23
C ASP H 160 10.99 -27.81 -0.92
N HIS H 161 11.27 -26.51 -0.98
CA HIS H 161 12.41 -26.03 -1.73
C HIS H 161 13.42 -25.35 -0.83
N GLN H 162 13.47 -25.78 0.42
CA GLN H 162 14.48 -25.26 1.30
C GLN H 162 14.87 -26.29 2.34
N VAL H 163 16.17 -26.39 2.59
CA VAL H 163 16.71 -27.41 3.45
C VAL H 163 17.89 -26.87 4.23
N ARG H 164 18.02 -27.31 5.48
CA ARG H 164 19.09 -26.82 6.33
C ARG H 164 20.00 -27.95 6.85
N PHE H 165 21.29 -27.85 6.55
CA PHE H 165 22.26 -28.78 7.08
C PHE H 165 22.68 -28.31 8.47
N GLU H 166 22.38 -29.09 9.49
CA GLU H 166 22.88 -28.82 10.84
C GLU H 166 24.19 -29.54 11.03
N LEU H 167 25.20 -28.82 11.51
CA LEU H 167 26.52 -29.38 11.70
C LEU H 167 26.88 -29.33 13.18
N PHE H 168 27.72 -30.27 13.62
CA PHE H 168 28.18 -30.29 14.99
C PHE H 168 29.07 -29.07 15.24
N ASN H 169 29.66 -28.54 14.18
CA ASN H 169 30.45 -27.32 14.31
C ASN H 169 30.62 -26.49 13.03
N ALA H 170 31.38 -25.41 13.17
CA ALA H 170 31.72 -24.54 12.08
C ALA H 170 32.89 -25.16 11.37
N GLU H 171 32.79 -25.25 10.05
CA GLU H 171 33.80 -25.93 9.25
C GLU H 171 33.94 -25.25 7.89
N SER H 172 35.03 -24.50 7.72
CA SER H 172 35.20 -23.68 6.52
C SER H 172 35.07 -24.45 5.21
N SER H 173 35.34 -25.76 5.24
CA SER H 173 35.39 -26.54 4.01
C SER H 173 34.06 -27.20 3.60
N PHE H 174 33.01 -27.03 4.40
CA PHE H 174 31.77 -27.74 4.12
C PHE H 174 31.17 -27.39 2.75
N LEU H 175 31.01 -26.10 2.44
CA LEU H 175 30.47 -25.73 1.13
C LEU H 175 31.37 -26.25 0.01
N ALA H 176 32.67 -26.20 0.25
CA ALA H 176 33.63 -26.66 -0.74
C ALA H 176 33.46 -28.15 -1.05
N ASN H 177 33.17 -28.94 -0.03
CA ASN H 177 32.95 -30.35 -0.23
C ASN H 177 31.66 -30.62 -1.00
N MET H 178 30.66 -29.77 -0.80
CA MET H 178 29.38 -29.90 -1.51
C MET H 178 29.44 -29.50 -2.98
N ALA H 179 30.58 -28.95 -3.38
CA ALA H 179 30.79 -28.54 -4.77
C ALA H 179 31.70 -29.52 -5.54
N THR H 180 32.12 -30.61 -4.87
CA THR H 180 32.94 -31.62 -5.53
C THR H 180 32.09 -32.56 -6.41
N ASP H 181 32.77 -33.28 -7.31
CA ASP H 181 32.11 -34.25 -8.18
C ASP H 181 31.26 -35.24 -7.39
N PHE H 182 31.66 -35.51 -6.14
CA PHE H 182 31.00 -36.57 -5.38
C PHE H 182 29.67 -36.18 -4.77
N ALA H 183 29.42 -34.88 -4.65
CA ALA H 183 28.20 -34.41 -3.99
C ALA H 183 27.03 -34.25 -4.96
N VAL H 184 26.72 -35.30 -5.70
CA VAL H 184 25.59 -35.28 -6.61
C VAL H 184 24.31 -35.56 -5.84
N VAL H 185 23.20 -35.08 -6.37
CA VAL H 185 21.88 -35.27 -5.76
C VAL H 185 21.14 -36.46 -6.37
N LEU H 186 20.67 -37.38 -5.54
CA LEU H 186 20.02 -38.61 -6.03
C LEU H 186 18.51 -38.55 -5.83
N SER H 187 17.79 -39.47 -6.46
CA SER H 187 16.33 -39.47 -6.41
C SER H 187 15.81 -40.38 -5.31
N LYS H 188 15.16 -39.79 -4.31
CA LYS H 188 14.61 -40.57 -3.21
C LYS H 188 13.36 -41.34 -3.62
N GLU H 189 12.66 -40.88 -4.65
CA GLU H 189 11.51 -41.65 -5.13
C GLU H 189 11.96 -42.99 -5.75
N TYR H 190 13.04 -42.98 -6.52
CA TYR H 190 13.60 -44.22 -7.05
C TYR H 190 14.02 -45.12 -5.88
N ALA H 191 14.92 -44.62 -5.04
CA ALA H 191 15.36 -45.39 -3.87
C ALA H 191 14.19 -46.03 -3.10
N MET H 192 13.16 -45.25 -2.81
CA MET H 192 12.03 -45.79 -2.05
C MET H 192 11.22 -46.79 -2.89
N ALA H 193 11.12 -46.56 -4.20
CA ALA H 193 10.45 -47.55 -5.04
C ALA H 193 11.21 -48.87 -4.94
N LEU H 194 12.52 -48.82 -5.14
CA LEU H 194 13.36 -50.00 -5.11
C LEU H 194 13.31 -50.69 -3.74
N LYS H 195 13.39 -49.91 -2.66
CA LYS H 195 13.29 -50.48 -1.32
C LYS H 195 11.99 -51.25 -1.10
N ALA H 196 10.90 -50.80 -1.70
CA ALA H 196 9.63 -51.48 -1.48
C ALA H 196 9.64 -52.86 -2.15
N ASN H 197 10.46 -52.99 -3.20
CA ASN H 197 10.58 -54.23 -3.97
C ASN H 197 11.65 -55.14 -3.41
N ASN H 198 12.39 -54.64 -2.42
CA ASN H 198 13.57 -55.32 -1.94
C ASN H 198 14.64 -55.44 -3.02
N GLN H 199 14.72 -54.44 -3.87
CA GLN H 199 15.77 -54.38 -4.89
C GLN H 199 16.73 -53.20 -4.67
N GLU H 200 17.18 -53.00 -3.43
CA GLU H 200 18.09 -51.88 -3.17
C GLU H 200 19.45 -51.98 -3.89
N ASN H 201 19.83 -53.17 -4.38
CA ASN H 201 21.12 -53.30 -5.05
C ASN H 201 21.11 -52.69 -6.44
N LEU H 202 19.91 -52.28 -6.88
CA LEU H 202 19.70 -51.72 -8.23
C LEU H 202 19.96 -50.21 -8.28
N PHE H 203 19.83 -49.55 -7.13
CA PHE H 203 19.92 -48.07 -7.02
C PHE H 203 21.26 -47.50 -7.53
N ASP H 204 22.37 -48.04 -7.04
CA ASP H 204 23.71 -47.59 -7.42
C ASP H 204 24.12 -48.12 -8.79
N GLN H 205 23.35 -49.06 -9.30
CA GLN H 205 23.69 -49.83 -10.51
C GLN H 205 22.97 -49.29 -11.73
N TYR H 206 21.67 -49.08 -11.59
CA TYR H 206 20.88 -48.49 -12.66
C TYR H 206 20.44 -47.09 -12.24
N PRO H 207 21.25 -46.08 -12.59
CA PRO H 207 21.17 -44.72 -12.02
C PRO H 207 19.98 -43.86 -12.48
N VAL H 208 19.59 -42.90 -11.62
CA VAL H 208 18.59 -41.88 -11.94
C VAL H 208 19.06 -40.54 -11.38
N GLY H 209 19.23 -39.55 -12.25
CA GLY H 209 19.75 -38.26 -11.84
C GLY H 209 19.00 -37.13 -12.50
N THR H 210 19.46 -35.90 -12.30
CA THR H 210 18.84 -34.72 -12.91
C THR H 210 19.69 -34.15 -14.05
N GLY H 211 20.83 -34.79 -14.28
CA GLY H 211 21.86 -34.29 -15.19
C GLY H 211 21.56 -34.39 -16.67
N PRO H 212 22.48 -33.86 -17.49
CA PRO H 212 22.26 -33.67 -18.93
C PRO H 212 22.17 -34.96 -19.77
N TYR H 213 22.62 -36.08 -19.24
CA TYR H 213 22.48 -37.36 -19.96
C TYR H 213 21.87 -38.47 -19.11
N ILE H 214 21.21 -39.40 -19.80
CA ILE H 214 20.46 -40.47 -19.15
C ILE H 214 21.09 -41.83 -19.43
N TYR H 215 21.08 -42.72 -18.44
CA TYR H 215 21.68 -44.03 -18.60
C TYR H 215 20.84 -44.89 -19.56
N LYS H 216 21.48 -45.44 -20.59
CA LYS H 216 20.79 -46.25 -21.58
C LYS H 216 21.18 -47.72 -21.45
N GLU H 217 22.48 -47.98 -21.47
CA GLU H 217 23.00 -49.34 -21.46
C GLU H 217 24.45 -49.42 -20.99
N TYR H 218 24.77 -50.48 -20.24
CA TYR H 218 26.15 -50.78 -19.88
C TYR H 218 26.55 -52.23 -20.27
N ARG H 219 27.60 -52.36 -21.09
CA ARG H 219 28.17 -53.68 -21.42
C ARG H 219 29.62 -53.82 -20.96
N ARG H 220 29.81 -54.54 -19.85
CA ARG H 220 31.14 -54.76 -19.27
C ARG H 220 32.21 -55.11 -20.33
N ASP H 221 33.32 -54.39 -20.28
CA ASP H 221 34.43 -54.55 -21.21
C ASP H 221 34.12 -54.09 -22.64
N HIS H 222 32.87 -53.74 -22.90
CA HIS H 222 32.50 -53.25 -24.23
C HIS H 222 32.24 -51.74 -24.21
N LEU H 223 31.11 -51.32 -23.68
CA LEU H 223 30.77 -49.90 -23.72
C LEU H 223 29.76 -49.47 -22.66
N VAL H 224 29.64 -48.16 -22.46
CA VAL H 224 28.50 -47.62 -21.75
C VAL H 224 27.84 -46.56 -22.62
N ARG H 225 26.51 -46.50 -22.56
CA ARG H 225 25.74 -45.66 -23.46
C ARG H 225 24.78 -44.77 -22.68
N PHE H 226 24.85 -43.46 -22.94
CA PHE H 226 23.92 -42.47 -22.36
C PHE H 226 23.08 -41.79 -23.45
N TYR H 227 21.90 -41.34 -23.09
CA TYR H 227 21.04 -40.59 -24.01
C TYR H 227 20.90 -39.14 -23.54
N LYS H 228 20.80 -38.22 -24.50
CA LYS H 228 20.42 -36.84 -24.22
C LYS H 228 19.22 -36.81 -23.27
N ASN H 229 19.30 -36.00 -22.24
CA ASN H 229 18.14 -35.79 -21.36
C ASN H 229 17.30 -34.62 -21.86
N ALA H 230 16.15 -34.93 -22.44
CA ALA H 230 15.31 -33.89 -23.05
C ALA H 230 14.60 -32.93 -22.07
N ASP H 231 14.50 -33.30 -20.80
CA ASP H 231 13.90 -32.40 -19.80
C ASP H 231 14.95 -31.63 -18.97
N TYR H 232 16.22 -31.70 -19.38
CA TYR H 232 17.31 -31.09 -18.62
C TYR H 232 17.07 -29.61 -18.32
N TRP H 233 17.18 -29.23 -17.05
CA TRP H 233 16.83 -27.89 -16.58
C TRP H 233 17.83 -26.78 -16.94
N LYS H 234 19.11 -27.09 -17.03
CA LYS H 234 20.12 -26.03 -17.17
C LYS H 234 20.18 -25.46 -18.58
N HIS H 235 19.96 -26.32 -19.56
CA HIS H 235 20.02 -25.92 -20.95
C HIS H 235 19.60 -27.08 -21.83
N GLU H 236 19.59 -26.83 -23.13
CA GLU H 236 19.31 -27.89 -24.07
C GLU H 236 20.62 -28.57 -24.43
N VAL H 237 20.69 -29.87 -24.15
CA VAL H 237 21.90 -30.69 -24.30
C VAL H 237 22.30 -30.84 -25.75
N ALA H 238 23.59 -30.69 -26.03
CA ALA H 238 24.11 -30.59 -27.40
C ALA H 238 24.19 -31.90 -28.22
N LEU H 239 24.20 -33.05 -27.57
CA LEU H 239 24.40 -34.32 -28.25
C LEU H 239 23.21 -35.25 -28.03
N GLU H 240 22.95 -36.12 -29.00
CA GLU H 240 21.88 -37.10 -28.86
C GLU H 240 22.33 -38.28 -28.00
N GLN H 241 23.64 -38.51 -27.99
CA GLN H 241 24.18 -39.78 -27.48
C GLN H 241 25.63 -39.62 -27.04
N LEU H 242 25.98 -40.15 -25.87
CA LEU H 242 27.39 -40.33 -25.50
C LEU H 242 27.70 -41.82 -25.43
N VAL H 243 28.78 -42.25 -26.06
CA VAL H 243 29.19 -43.63 -25.93
C VAL H 243 30.58 -43.68 -25.35
N TYR H 244 30.74 -44.51 -24.32
CA TYR H 244 32.04 -44.76 -23.73
C TYR H 244 32.58 -46.09 -24.24
N ASP H 245 33.60 -45.98 -25.09
CA ASP H 245 34.24 -47.11 -25.73
C ASP H 245 35.36 -47.58 -24.81
N ILE H 246 35.04 -48.55 -23.94
CA ILE H 246 36.01 -49.03 -22.97
C ILE H 246 37.21 -49.64 -23.67
N THR H 247 38.35 -48.99 -23.54
CA THR H 247 39.56 -49.41 -24.26
C THR H 247 40.75 -49.18 -23.36
N PRO H 248 41.01 -50.12 -22.44
CA PRO H 248 42.07 -49.95 -21.43
C PRO H 248 43.47 -49.80 -22.02
N ASN H 249 43.63 -50.16 -23.28
CA ASN H 249 44.92 -50.03 -23.94
C ASN H 249 45.11 -48.62 -24.47
N GLY H 250 46.02 -47.87 -23.84
CA GLY H 250 46.26 -46.48 -24.19
C GLY H 250 46.64 -46.24 -25.65
N THR H 251 47.59 -47.03 -26.15
CA THR H 251 48.04 -46.89 -27.53
C THR H 251 46.88 -47.13 -28.49
N THR H 252 45.95 -48.00 -28.11
CA THR H 252 44.78 -48.24 -28.94
C THR H 252 43.85 -47.01 -28.86
N ARG H 253 43.86 -46.38 -27.70
CA ARG H 253 43.08 -45.17 -27.50
C ARG H 253 43.60 -44.09 -28.42
N ILE H 254 44.92 -43.87 -28.44
CA ILE H 254 45.48 -42.86 -29.31
C ILE H 254 45.12 -43.10 -30.77
N ALA H 255 45.20 -44.34 -31.21
CA ALA H 255 44.96 -44.64 -32.62
C ALA H 255 43.48 -44.50 -33.01
N LYS H 256 42.59 -44.83 -32.09
CA LYS H 256 41.16 -44.68 -32.34
C LYS H 256 40.81 -43.22 -32.60
N ILE H 257 41.58 -42.32 -32.01
CA ILE H 257 41.46 -40.92 -32.36
C ILE H 257 41.84 -40.80 -33.83
N LEU H 258 43.02 -41.31 -34.16
CA LEU H 258 43.55 -41.23 -35.53
C LEU H 258 42.59 -41.78 -36.57
N THR H 259 42.04 -42.95 -36.32
CA THR H 259 41.13 -43.59 -37.25
C THR H 259 39.72 -43.04 -37.12
N LYS H 260 39.54 -42.06 -36.24
CA LYS H 260 38.25 -41.37 -36.14
C LYS H 260 37.18 -42.14 -35.36
N GLU H 261 37.52 -43.30 -34.81
CA GLU H 261 36.56 -44.10 -34.04
C GLU H 261 36.22 -43.50 -32.69
N CYS H 262 37.15 -42.73 -32.12
CA CYS H 262 36.87 -42.00 -30.90
C CYS H 262 36.98 -40.51 -31.14
N ASP H 263 36.14 -39.75 -30.45
CA ASP H 263 36.08 -38.30 -30.57
C ASP H 263 36.95 -37.62 -29.52
N VAL H 264 37.03 -38.23 -28.33
CA VAL H 264 37.80 -37.70 -27.21
C VAL H 264 38.55 -38.84 -26.52
N THR H 265 39.82 -38.61 -26.22
CA THR H 265 40.62 -39.70 -25.68
C THR H 265 41.20 -39.49 -24.29
N ALA H 266 40.90 -40.49 -23.46
CA ALA H 266 41.27 -40.55 -22.06
C ALA H 266 42.78 -40.52 -21.82
N HIS H 267 43.16 -39.69 -20.85
CA HIS H 267 44.48 -39.71 -20.22
C HIS H 267 45.51 -40.61 -20.90
N PRO H 268 46.00 -40.21 -22.08
CA PRO H 268 47.22 -40.83 -22.57
C PRO H 268 48.39 -40.05 -21.97
N SER H 269 49.63 -40.35 -22.37
CA SER H 269 50.81 -39.68 -21.82
C SER H 269 51.66 -38.90 -22.84
N SER H 270 52.55 -38.06 -22.33
CA SER H 270 53.33 -37.13 -23.13
C SER H 270 53.80 -37.70 -24.47
N ALA H 271 54.44 -38.86 -24.41
CA ALA H 271 55.03 -39.47 -25.60
C ALA H 271 53.95 -40.01 -26.54
N GLN H 272 52.98 -40.70 -25.95
CA GLN H 272 51.83 -41.23 -26.69
C GLN H 272 51.17 -40.18 -27.59
N LEU H 273 51.50 -38.90 -27.37
CA LEU H 273 50.74 -37.81 -27.99
C LEU H 273 51.48 -37.06 -29.09
N SER H 274 52.80 -37.01 -29.01
CA SER H 274 53.59 -36.45 -30.10
C SER H 274 53.28 -37.19 -31.40
N ILE H 275 52.80 -38.42 -31.26
CA ILE H 275 52.38 -39.22 -32.41
C ILE H 275 51.24 -38.52 -33.15
N LEU H 276 50.41 -37.79 -32.41
CA LEU H 276 49.32 -37.04 -33.01
C LEU H 276 49.80 -35.65 -33.39
N ALA H 277 51.08 -35.39 -33.11
CA ALA H 277 51.66 -34.05 -33.17
C ALA H 277 51.12 -33.19 -34.32
N GLN H 278 51.13 -33.75 -35.52
CA GLN H 278 50.68 -33.00 -36.69
C GLN H 278 49.19 -32.66 -36.60
N ARG H 279 48.59 -32.40 -37.75
CA ARG H 279 47.12 -32.35 -37.87
C ARG H 279 46.45 -31.05 -37.38
N ASP H 280 45.74 -30.39 -38.28
CA ASP H 280 44.83 -29.31 -37.94
C ASP H 280 43.57 -29.89 -37.35
N ASP H 281 43.37 -31.19 -37.54
CA ASP H 281 42.10 -31.83 -37.22
C ASP H 281 42.15 -32.59 -35.90
N ILE H 282 43.30 -32.53 -35.22
CA ILE H 282 43.44 -33.12 -33.89
C ILE H 282 43.89 -32.09 -32.84
N ASN H 283 43.15 -31.99 -31.74
CA ASN H 283 43.57 -31.13 -30.63
C ASN H 283 44.19 -31.88 -29.46
N VAL H 284 45.37 -31.42 -29.06
CA VAL H 284 46.06 -32.02 -27.93
C VAL H 284 46.11 -31.02 -26.79
N GLU H 285 45.67 -31.46 -25.62
CA GLU H 285 45.63 -30.59 -24.45
C GLU H 285 46.45 -31.12 -23.28
N ARG H 286 47.02 -30.20 -22.53
CA ARG H 286 47.73 -30.48 -21.29
C ARG H 286 47.45 -29.40 -20.25
N GLU H 287 46.98 -29.83 -19.09
CA GLU H 287 46.76 -28.96 -17.97
C GLU H 287 47.40 -29.59 -16.75
N THR H 288 48.26 -28.85 -16.04
CA THR H 288 48.78 -29.41 -14.81
C THR H 288 47.68 -29.47 -13.75
N ASN H 289 47.60 -30.62 -13.10
CA ASN H 289 46.48 -30.91 -12.23
C ASN H 289 46.86 -30.48 -10.82
N LEU H 290 45.86 -30.28 -9.96
CA LEU H 290 46.10 -29.77 -8.63
C LEU H 290 46.59 -30.88 -7.72
N ASN H 291 47.88 -31.18 -7.83
CA ASN H 291 48.45 -32.20 -6.98
C ASN H 291 49.90 -31.85 -6.66
N ILE H 292 50.46 -32.50 -5.66
CA ILE H 292 51.88 -32.36 -5.36
C ILE H 292 52.51 -33.68 -4.94
N GLY H 293 53.67 -33.97 -5.51
CA GLY H 293 54.51 -35.06 -5.08
C GLY H 293 55.65 -34.46 -4.28
N TYR H 294 55.91 -35.04 -3.11
CA TYR H 294 56.89 -34.45 -2.22
C TYR H 294 57.63 -35.50 -1.44
N TRP H 295 58.79 -35.09 -0.94
CA TRP H 295 59.56 -35.86 0.02
C TRP H 295 59.35 -35.21 1.40
N ALA H 296 58.76 -35.94 2.33
CA ALA H 296 58.51 -35.37 3.67
C ALA H 296 59.48 -35.85 4.77
N PHE H 297 59.83 -34.97 5.70
CA PHE H 297 60.69 -35.40 6.81
C PHE H 297 59.95 -35.47 8.14
N ASN H 298 60.33 -36.43 9.00
CA ASN H 298 59.78 -36.52 10.35
C ASN H 298 60.42 -35.47 11.25
N THR H 299 59.83 -34.29 11.32
CA THR H 299 60.50 -33.15 11.91
C THR H 299 60.66 -33.30 13.41
N GLU H 300 60.13 -34.37 13.98
CA GLU H 300 60.31 -34.60 15.41
C GLU H 300 61.44 -35.58 15.73
N ARG H 301 61.83 -36.39 14.75
CA ARG H 301 62.82 -37.43 14.97
C ARG H 301 64.20 -36.99 14.48
N PRO H 302 65.19 -36.98 15.38
CA PRO H 302 66.53 -36.54 14.96
C PRO H 302 67.20 -37.57 14.05
N PRO H 303 68.02 -37.11 13.09
CA PRO H 303 68.50 -35.75 12.88
C PRO H 303 67.64 -34.90 11.95
N PHE H 304 66.46 -35.39 11.58
CA PHE H 304 65.60 -34.66 10.64
C PHE H 304 64.80 -33.60 11.37
N ASP H 305 65.01 -33.51 12.68
CA ASP H 305 64.40 -32.44 13.45
C ASP H 305 65.27 -31.19 13.34
N ASN H 306 66.45 -31.34 12.74
CA ASN H 306 67.37 -30.22 12.54
C ASN H 306 67.20 -29.63 11.13
N LEU H 307 66.94 -28.33 11.04
CA LEU H 307 66.67 -27.71 9.75
C LEU H 307 67.82 -27.82 8.76
N LYS H 308 69.06 -27.73 9.24
CA LYS H 308 70.20 -27.79 8.32
C LYS H 308 70.38 -29.20 7.75
N VAL H 309 69.87 -30.20 8.47
CA VAL H 309 69.93 -31.57 7.97
C VAL H 309 68.90 -31.79 6.88
N ARG H 310 67.72 -31.23 7.04
CA ARG H 310 66.75 -31.29 5.96
C ARG H 310 67.30 -30.58 4.72
N GLN H 311 67.94 -29.42 4.92
CA GLN H 311 68.43 -28.66 3.76
C GLN H 311 69.45 -29.47 2.98
N ALA H 312 70.39 -30.07 3.69
CA ALA H 312 71.46 -30.88 3.10
C ALA H 312 70.92 -32.09 2.31
N LEU H 313 69.96 -32.78 2.91
CA LEU H 313 69.36 -33.94 2.29
C LEU H 313 68.70 -33.55 0.97
N VAL H 314 68.16 -32.34 0.90
CA VAL H 314 67.47 -31.89 -0.30
C VAL H 314 68.45 -31.38 -1.37
N HIS H 315 69.58 -30.83 -0.94
CA HIS H 315 70.58 -30.39 -1.90
C HIS H 315 71.25 -31.56 -2.58
N ALA H 316 71.20 -32.72 -1.94
CA ALA H 316 71.90 -33.90 -2.44
C ALA H 316 71.21 -34.53 -3.64
N ILE H 317 69.90 -34.35 -3.73
CA ILE H 317 69.08 -34.99 -4.75
C ILE H 317 69.14 -34.34 -6.13
N ASP H 318 69.39 -35.14 -7.15
CA ASP H 318 69.30 -34.66 -8.52
C ASP H 318 67.85 -34.74 -8.96
N ILE H 319 67.11 -33.64 -8.82
CA ILE H 319 65.70 -33.66 -9.19
C ILE H 319 65.48 -33.81 -10.71
N GLU H 320 66.46 -33.37 -11.50
CA GLU H 320 66.40 -33.58 -12.94
C GLU H 320 66.35 -35.06 -13.30
N LYS H 321 67.34 -35.81 -12.82
CA LYS H 321 67.38 -37.24 -13.05
C LYS H 321 66.01 -37.85 -12.83
N ILE H 322 65.36 -37.46 -11.74
CA ILE H 322 64.11 -38.09 -11.35
C ILE H 322 62.92 -37.58 -12.18
N MET H 323 63.07 -36.41 -12.81
CA MET H 323 62.06 -35.92 -13.73
C MET H 323 62.08 -36.79 -15.00
N GLN H 324 63.28 -37.20 -15.39
CA GLN H 324 63.48 -38.03 -16.59
C GLN H 324 63.17 -39.51 -16.34
N ALA H 325 63.50 -39.97 -15.14
CA ALA H 325 63.51 -41.40 -14.83
C ALA H 325 62.31 -41.84 -14.02
N VAL H 326 61.53 -40.89 -13.51
CA VAL H 326 60.32 -41.25 -12.78
C VAL H 326 59.05 -40.78 -13.48
N TYR H 327 59.06 -39.52 -13.94
CA TYR H 327 57.86 -38.94 -14.54
C TYR H 327 57.80 -39.09 -16.07
N TYR H 328 58.94 -39.43 -16.68
CA TYR H 328 59.02 -39.62 -18.12
C TYR H 328 58.30 -38.51 -18.87
N GLY H 329 58.56 -37.28 -18.47
CA GLY H 329 58.02 -36.11 -19.15
C GLY H 329 56.55 -35.86 -18.91
N ASN H 330 55.98 -36.58 -17.94
CA ASN H 330 54.57 -36.41 -17.60
C ASN H 330 54.41 -35.54 -16.36
N GLY H 331 55.49 -34.90 -15.94
CA GLY H 331 55.51 -34.15 -14.71
C GLY H 331 55.88 -32.70 -14.96
N LEU H 332 55.58 -31.86 -13.97
CA LEU H 332 56.03 -30.47 -13.98
C LEU H 332 56.85 -30.31 -12.71
N ARG H 333 58.08 -29.84 -12.84
CA ARG H 333 58.88 -29.67 -11.64
C ARG H 333 58.31 -28.54 -10.79
N ALA H 334 58.14 -28.81 -9.51
CA ALA H 334 57.54 -27.85 -8.60
C ALA H 334 58.44 -26.64 -8.38
N ARG H 335 57.82 -25.46 -8.35
CA ARG H 335 58.49 -24.23 -7.93
C ARG H 335 57.85 -23.78 -6.62
N SER H 336 57.23 -24.72 -5.93
CA SER H 336 56.43 -24.44 -4.76
C SER H 336 55.59 -25.66 -4.51
N ILE H 337 55.02 -25.77 -3.32
CA ILE H 337 54.09 -26.85 -3.04
C ILE H 337 52.89 -26.71 -3.95
N LEU H 338 52.55 -25.48 -4.29
CA LEU H 338 51.38 -25.23 -5.13
C LEU H 338 51.75 -25.33 -6.60
N PRO H 339 50.89 -25.98 -7.39
CA PRO H 339 51.11 -26.00 -8.84
C PRO H 339 50.65 -24.68 -9.41
N PRO H 340 51.23 -24.28 -10.54
CA PRO H 340 50.94 -22.95 -11.08
C PRO H 340 49.49 -22.77 -11.49
N THR H 341 48.67 -23.81 -11.33
CA THR H 341 47.28 -23.74 -11.76
C THR H 341 46.38 -23.52 -10.55
N SER H 342 47.01 -23.40 -9.38
CA SER H 342 46.37 -22.87 -8.19
C SER H 342 46.37 -21.35 -8.29
N TRP H 343 45.27 -20.70 -7.94
CA TRP H 343 45.27 -19.23 -8.02
C TRP H 343 46.24 -18.64 -7.01
N ALA H 344 46.46 -19.36 -5.90
CA ALA H 344 47.36 -18.87 -4.85
C ALA H 344 48.84 -19.01 -5.20
N PHE H 345 49.14 -19.65 -6.32
CA PHE H 345 50.53 -19.98 -6.68
C PHE H 345 51.51 -18.79 -6.69
N GLU H 346 52.74 -19.07 -6.25
CA GLU H 346 53.83 -18.12 -6.25
C GLU H 346 55.18 -18.83 -6.39
N PRO H 347 55.95 -18.48 -7.43
CA PRO H 347 57.25 -19.11 -7.66
C PRO H 347 58.18 -18.82 -6.49
N GLN H 348 58.73 -19.87 -5.91
CA GLN H 348 59.61 -19.70 -4.77
C GLN H 348 61.04 -19.52 -5.25
N LYS H 349 61.57 -18.33 -5.02
CA LYS H 349 62.91 -17.98 -5.46
C LYS H 349 64.00 -18.66 -4.62
N ASN H 350 63.62 -19.36 -3.56
CA ASN H 350 64.60 -20.00 -2.70
C ASN H 350 64.65 -21.54 -2.74
N MET H 351 63.95 -22.14 -3.70
CA MET H 351 63.99 -23.61 -3.86
C MET H 351 65.43 -24.10 -3.86
N PRO H 352 65.75 -25.05 -2.97
CA PRO H 352 67.14 -25.54 -2.90
C PRO H 352 67.64 -26.05 -4.25
N ILE H 353 68.92 -25.83 -4.52
CA ILE H 353 69.52 -26.24 -5.77
C ILE H 353 70.33 -27.52 -5.59
N PHE H 354 70.31 -28.38 -6.61
CA PHE H 354 71.06 -29.61 -6.57
C PHE H 354 72.55 -29.31 -6.44
N ASP H 355 73.09 -29.50 -5.24
CA ASP H 355 74.49 -29.24 -4.98
C ASP H 355 75.05 -30.17 -3.92
N PRO H 356 75.75 -31.22 -4.37
CA PRO H 356 76.33 -32.24 -3.47
C PRO H 356 77.33 -31.64 -2.47
N GLN H 357 78.16 -30.69 -2.93
CA GLN H 357 79.17 -30.09 -2.07
C GLN H 357 78.54 -29.26 -0.97
N LEU H 358 77.52 -28.48 -1.34
CA LEU H 358 76.81 -27.62 -0.42
C LEU H 358 76.07 -28.42 0.66
N ALA H 359 75.70 -29.65 0.31
CA ALA H 359 75.01 -30.56 1.24
C ALA H 359 76.01 -31.29 2.13
N LYS H 360 77.08 -31.80 1.52
CA LYS H 360 78.15 -32.47 2.25
C LYS H 360 78.79 -31.48 3.23
N LYS H 361 78.55 -30.20 3.00
CA LYS H 361 79.05 -29.13 3.85
C LYS H 361 78.08 -28.86 5.00
N LEU H 362 76.81 -28.62 4.65
CA LEU H 362 75.80 -28.33 5.65
C LEU H 362 75.60 -29.45 6.68
N LEU H 363 75.81 -30.70 6.26
CA LEU H 363 75.78 -31.82 7.18
C LEU H 363 76.87 -31.67 8.22
N THR H 364 78.10 -31.54 7.71
CA THR H 364 79.28 -31.38 8.55
C THR H 364 79.13 -30.29 9.61
N GLU H 365 78.71 -29.11 9.18
CA GLU H 365 78.55 -27.97 10.08
C GLU H 365 77.28 -28.09 10.92
N ALA H 366 76.70 -29.28 10.94
CA ALA H 366 75.58 -29.58 11.82
C ALA H 366 75.89 -30.84 12.63
N GLY H 367 77.09 -31.37 12.41
CA GLY H 367 77.57 -32.58 13.07
C GLY H 367 78.05 -33.58 12.02
N TYR H 368 77.19 -34.57 11.78
CA TYR H 368 77.31 -35.57 10.72
C TYR H 368 78.23 -35.27 9.53
N GLU H 369 79.40 -35.90 9.46
CA GLU H 369 79.97 -36.77 10.50
C GLU H 369 81.31 -37.45 10.14
N LYS H 370 81.42 -37.99 8.94
CA LYS H 370 80.40 -37.85 7.91
C LYS H 370 79.32 -38.93 7.95
N GLY H 371 78.11 -38.55 7.54
CA GLY H 371 77.03 -39.48 7.27
C GLY H 371 76.18 -39.99 8.43
N PHE H 372 75.04 -40.58 8.07
CA PHE H 372 74.20 -41.38 8.97
C PHE H 372 73.31 -42.35 8.17
N ASP H 373 72.51 -43.13 8.87
CA ASP H 373 71.59 -44.05 8.22
C ASP H 373 70.16 -43.61 8.39
N MET H 374 69.44 -43.54 7.28
CA MET H 374 68.01 -43.28 7.31
C MET H 374 67.23 -44.16 6.31
N SER H 375 65.92 -44.23 6.50
CA SER H 375 65.07 -44.86 5.49
C SER H 375 64.14 -43.86 4.82
N ILE H 376 63.93 -44.06 3.53
CA ILE H 376 62.88 -43.35 2.80
C ILE H 376 61.74 -44.32 2.54
N TRP H 377 60.55 -44.01 3.02
CA TRP H 377 59.39 -44.90 2.83
C TRP H 377 58.71 -44.60 1.51
N ALA H 378 58.65 -45.58 0.62
CA ALA H 378 58.00 -45.40 -0.67
C ALA H 378 56.51 -45.77 -0.63
N MET H 379 55.65 -44.91 -1.16
CA MET H 379 54.26 -45.29 -1.28
C MET H 379 54.13 -46.43 -2.30
N PRO H 380 53.38 -47.49 -1.95
CA PRO H 380 53.29 -48.71 -2.75
C PRO H 380 52.66 -48.51 -4.13
N VAL H 381 51.62 -47.69 -4.22
CA VAL H 381 50.84 -47.58 -5.43
C VAL H 381 51.17 -46.37 -6.30
N SER H 382 51.02 -46.57 -7.62
CA SER H 382 51.30 -45.53 -8.59
C SER H 382 50.22 -44.46 -8.54
N ARG H 383 50.61 -43.23 -8.82
CA ARG H 383 49.70 -42.08 -8.82
C ARG H 383 50.25 -40.92 -9.65
N ILE H 384 49.33 -40.05 -10.08
CA ILE H 384 49.61 -38.81 -10.81
C ILE H 384 50.86 -38.06 -10.29
N TYR H 385 50.86 -37.78 -9.00
CA TYR H 385 51.90 -36.95 -8.42
C TYR H 385 53.21 -37.70 -8.25
N ASN H 386 53.13 -39.03 -8.28
CA ASN H 386 54.30 -39.87 -8.14
C ASN H 386 53.98 -41.27 -8.67
N PRO H 387 54.33 -41.53 -9.94
CA PRO H 387 53.99 -42.77 -10.63
C PRO H 387 54.86 -43.95 -10.21
N ASN H 388 56.06 -43.66 -9.69
CA ASN H 388 56.96 -44.73 -9.26
C ASN H 388 57.82 -44.36 -8.05
N ALA H 389 57.23 -44.47 -6.87
CA ALA H 389 57.88 -44.04 -5.64
C ALA H 389 59.10 -44.89 -5.29
N ARG H 390 58.99 -46.18 -5.56
CA ARG H 390 60.10 -47.11 -5.35
C ARG H 390 61.29 -46.63 -6.19
N LYS H 391 61.02 -46.39 -7.46
CA LYS H 391 62.06 -45.95 -8.38
C LYS H 391 62.70 -44.66 -7.88
N MET H 392 61.88 -43.71 -7.42
CA MET H 392 62.37 -42.41 -6.95
C MET H 392 63.29 -42.57 -5.73
N ALA H 393 62.88 -43.45 -4.82
CA ALA H 393 63.64 -43.72 -3.61
C ALA H 393 65.02 -44.25 -3.96
N GLU H 394 65.07 -45.07 -4.99
CA GLU H 394 66.32 -45.68 -5.43
C GLU H 394 67.29 -44.63 -5.97
N LEU H 395 66.79 -43.76 -6.84
CA LEU H 395 67.62 -42.71 -7.39
C LEU H 395 68.14 -41.83 -6.25
N MET H 396 67.30 -41.62 -5.25
CA MET H 396 67.68 -40.80 -4.11
C MET H 396 68.67 -41.56 -3.25
N GLN H 397 68.48 -42.89 -3.19
CA GLN H 397 69.39 -43.78 -2.47
C GLN H 397 70.78 -43.51 -2.99
N SER H 398 70.92 -43.54 -4.31
CA SER H 398 72.20 -43.33 -4.95
C SER H 398 72.72 -41.90 -4.74
N ASP H 399 71.82 -40.94 -4.70
CA ASP H 399 72.20 -39.55 -4.55
C ASP H 399 72.79 -39.36 -3.16
N LEU H 400 72.08 -39.89 -2.16
CA LEU H 400 72.47 -39.70 -0.77
C LEU H 400 73.73 -40.46 -0.37
N ARG H 401 74.05 -41.50 -1.10
CA ARG H 401 75.28 -42.25 -0.86
C ARG H 401 76.51 -41.35 -0.97
N LYS H 402 76.65 -40.65 -2.09
CA LYS H 402 77.80 -39.77 -2.30
C LYS H 402 77.91 -38.70 -1.23
N ILE H 403 77.00 -38.68 -0.27
CA ILE H 403 76.97 -37.66 0.75
C ILE H 403 77.28 -38.26 2.13
N GLY H 404 77.36 -39.58 2.16
CA GLY H 404 77.63 -40.30 3.40
C GLY H 404 76.37 -40.85 4.04
N VAL H 405 75.24 -40.56 3.41
CA VAL H 405 73.96 -40.98 3.95
C VAL H 405 73.54 -42.27 3.29
N ASN H 406 73.17 -43.26 4.10
CA ASN H 406 72.74 -44.56 3.60
C ASN H 406 71.24 -44.84 3.77
N VAL H 407 70.51 -44.74 2.68
CA VAL H 407 69.10 -45.01 2.67
C VAL H 407 68.83 -46.51 2.66
N ASN H 408 67.82 -46.93 3.41
CA ASN H 408 67.19 -48.20 3.08
C ASN H 408 65.76 -47.93 2.62
N ILE H 409 65.39 -48.50 1.47
CA ILE H 409 64.09 -48.24 0.88
C ILE H 409 63.05 -49.17 1.50
N VAL H 410 62.03 -48.56 2.09
CA VAL H 410 61.04 -49.25 2.90
C VAL H 410 59.66 -49.21 2.22
N GLU H 411 58.98 -50.36 2.11
CA GLU H 411 57.62 -50.35 1.54
C GLU H 411 56.64 -51.36 2.13
N TYR H 412 55.50 -50.85 2.59
CA TYR H 412 54.39 -51.70 3.03
C TYR H 412 53.23 -51.63 2.02
N GLU H 413 52.31 -52.59 2.11
CA GLU H 413 51.02 -52.45 1.45
C GLU H 413 50.44 -51.13 1.92
N TRP H 414 49.54 -50.56 1.11
CA TRP H 414 48.96 -49.24 1.40
C TRP H 414 48.37 -49.01 2.80
N ASN H 415 47.50 -49.90 3.24
CA ASN H 415 46.80 -49.68 4.50
C ASN H 415 47.75 -49.55 5.68
N THR H 416 48.78 -50.40 5.70
CA THR H 416 49.75 -50.40 6.79
C THR H 416 50.70 -49.22 6.66
N PHE H 417 51.05 -48.93 5.42
CA PHE H 417 51.91 -47.79 5.07
C PHE H 417 51.29 -46.47 5.51
N ILE H 418 50.01 -46.26 5.20
CA ILE H 418 49.32 -45.03 5.59
C ILE H 418 49.12 -44.95 7.11
N GLN H 419 48.71 -46.05 7.69
CA GLN H 419 48.45 -46.12 9.12
C GLN H 419 49.71 -45.68 9.87
N ARG H 420 50.83 -46.25 9.46
CA ARG H 420 52.13 -46.00 10.11
C ARG H 420 52.73 -44.61 9.88
N ILE H 421 52.56 -44.07 8.68
CA ILE H 421 52.98 -42.71 8.43
C ILE H 421 52.17 -41.82 9.34
N GLY H 422 50.89 -42.17 9.49
CA GLY H 422 49.99 -41.42 10.35
C GLY H 422 50.42 -41.45 11.81
N GLU H 423 51.06 -42.55 12.20
CA GLU H 423 51.58 -42.74 13.54
C GLU H 423 53.00 -42.19 13.68
N HIS H 424 53.55 -41.65 12.59
CA HIS H 424 54.85 -40.97 12.61
C HIS H 424 55.98 -41.92 12.98
N ARG H 425 56.02 -43.06 12.31
CA ARG H 425 57.01 -44.08 12.59
C ARG H 425 58.13 -44.01 11.56
N HIS H 426 57.97 -43.12 10.59
CA HIS H 426 58.91 -43.02 9.49
C HIS H 426 60.02 -42.01 9.74
N ASP H 427 61.17 -42.27 9.11
CA ASP H 427 62.23 -41.29 9.02
C ASP H 427 61.80 -40.25 8.00
N SER H 428 61.55 -40.72 6.78
CA SER H 428 61.06 -39.86 5.72
C SER H 428 60.20 -40.67 4.77
N VAL H 429 59.39 -39.98 3.96
CA VAL H 429 58.43 -40.65 3.10
C VAL H 429 58.23 -39.90 1.79
N LEU H 430 58.20 -40.67 0.70
CA LEU H 430 57.76 -40.19 -0.60
C LEU H 430 56.25 -40.45 -0.74
N LEU H 431 55.51 -39.36 -0.97
CA LEU H 431 54.06 -39.38 -0.85
C LEU H 431 53.51 -38.14 -1.56
N GLY H 432 52.22 -37.89 -1.46
CA GLY H 432 51.67 -36.80 -2.23
C GLY H 432 50.22 -36.53 -1.95
N TRP H 433 49.67 -35.56 -2.67
CA TRP H 433 48.32 -35.10 -2.41
C TRP H 433 47.75 -34.57 -3.71
N ALA H 434 46.55 -35.01 -4.01
CA ALA H 434 45.78 -34.46 -5.11
C ALA H 434 44.71 -33.69 -4.40
N ALA H 435 44.62 -32.40 -4.69
CA ALA H 435 43.66 -31.54 -4.02
C ALA H 435 42.26 -32.15 -4.10
N ASP H 436 41.56 -32.19 -2.97
CA ASP H 436 40.15 -32.61 -2.91
C ASP H 436 39.21 -31.49 -3.34
N THR H 437 39.74 -30.26 -3.37
CA THR H 437 39.01 -29.10 -3.87
C THR H 437 40.02 -28.12 -4.45
N PRO H 438 39.57 -27.18 -5.31
CA PRO H 438 40.39 -26.14 -5.95
C PRO H 438 40.66 -24.93 -5.04
N ASP H 439 40.38 -25.08 -3.75
CA ASP H 439 40.61 -24.01 -2.78
C ASP H 439 42.01 -24.16 -2.21
N PRO H 440 42.86 -23.12 -2.33
CA PRO H 440 44.24 -23.21 -1.86
C PRO H 440 44.40 -23.74 -0.43
N ASP H 441 43.45 -23.42 0.45
CA ASP H 441 43.51 -23.98 1.79
C ASP H 441 43.74 -25.50 1.76
N ASN H 442 43.28 -26.17 0.70
CA ASN H 442 43.33 -27.62 0.67
C ASN H 442 44.74 -28.21 0.51
N PHE H 443 45.69 -27.38 0.09
CA PHE H 443 47.06 -27.81 0.02
C PHE H 443 47.78 -27.60 1.34
N PHE H 444 47.14 -26.93 2.28
CA PHE H 444 47.84 -26.50 3.51
C PHE H 444 47.30 -27.10 4.80
N SER H 445 46.00 -26.98 5.01
CA SER H 445 45.35 -27.46 6.23
C SER H 445 45.34 -28.99 6.41
N PRO H 446 45.10 -29.75 5.34
CA PRO H 446 45.04 -31.21 5.52
C PRO H 446 46.40 -31.92 5.63
N LEU H 447 47.49 -31.33 5.14
CA LEU H 447 48.78 -32.03 5.24
C LEU H 447 49.87 -31.37 6.08
N LEU H 448 49.75 -30.10 6.45
CA LEU H 448 50.82 -29.48 7.24
C LEU H 448 50.41 -28.72 8.51
N SER H 449 49.13 -28.70 8.83
CA SER H 449 48.68 -28.00 10.03
C SER H 449 48.89 -28.86 11.27
N CYS H 450 48.73 -28.23 12.43
CA CYS H 450 48.88 -28.92 13.72
C CYS H 450 47.78 -29.92 13.95
N THR H 451 46.57 -29.61 13.49
CA THR H 451 45.46 -30.54 13.70
C THR H 451 45.64 -31.75 12.79
N ALA H 452 46.36 -31.54 11.70
CA ALA H 452 46.71 -32.63 10.81
C ALA H 452 47.70 -33.55 11.52
N THR H 453 48.40 -33.00 12.50
CA THR H 453 49.38 -33.80 13.22
C THR H 453 48.62 -34.83 14.04
N PHE H 454 47.64 -34.37 14.79
CA PHE H 454 46.84 -35.25 15.65
C PHE H 454 46.03 -36.26 14.83
N SER H 455 45.74 -35.90 13.57
CA SER H 455 44.92 -36.76 12.71
C SER H 455 45.71 -37.64 11.73
N GLY H 456 47.01 -37.78 11.97
CA GLY H 456 47.87 -38.63 11.16
C GLY H 456 47.82 -38.38 9.66
N LYS H 457 47.59 -37.13 9.26
CA LYS H 457 47.57 -36.78 7.84
C LYS H 457 48.76 -35.87 7.49
N ASN H 458 49.55 -35.53 8.50
CA ASN H 458 50.70 -34.66 8.33
C ASN H 458 51.99 -35.47 8.34
N PRO H 459 52.51 -35.82 7.14
CA PRO H 459 53.60 -36.81 7.04
C PRO H 459 54.91 -36.18 7.42
N ALA H 460 54.90 -34.89 7.74
CA ALA H 460 56.08 -34.22 8.24
C ALA H 460 56.10 -34.22 9.77
N ASN H 461 54.96 -34.52 10.39
CA ASN H 461 54.86 -34.56 11.83
C ASN H 461 55.17 -33.18 12.40
N TRP H 462 54.69 -32.17 11.68
CA TRP H 462 55.15 -30.79 11.80
C TRP H 462 54.00 -29.91 12.24
N CYS H 463 53.97 -29.57 13.51
CA CYS H 463 52.98 -28.64 14.04
C CYS H 463 53.64 -27.27 14.32
N ASN H 464 53.36 -26.30 13.45
CA ASN H 464 53.99 -24.99 13.53
C ASN H 464 52.92 -23.90 13.63
N PRO H 465 52.74 -23.33 14.84
CA PRO H 465 51.62 -22.41 15.12
C PRO H 465 51.72 -21.10 14.31
N GLU H 466 52.95 -20.67 14.04
CA GLU H 466 53.18 -19.55 13.13
C GLU H 466 52.56 -19.82 11.75
N PHE H 467 52.78 -21.03 11.26
CA PHE H 467 52.33 -21.44 9.93
C PHE H 467 50.81 -21.62 9.97
N ASP H 468 50.33 -22.21 11.05
CA ASP H 468 48.89 -22.37 11.26
C ASP H 468 48.19 -20.99 11.29
N LEU H 469 48.88 -19.97 11.77
CA LEU H 469 48.25 -18.66 11.86
C LEU H 469 47.92 -18.09 10.46
N LEU H 470 48.91 -18.14 9.56
CA LEU H 470 48.68 -17.71 8.18
C LEU H 470 47.46 -18.38 7.57
N LEU H 471 47.25 -19.66 7.89
CA LEU H 471 46.14 -20.41 7.32
C LEU H 471 44.82 -20.00 7.96
N THR H 472 44.82 -19.83 9.27
CA THR H 472 43.67 -19.32 10.00
C THR H 472 43.28 -17.95 9.47
N LYS H 473 44.28 -17.10 9.28
CA LYS H 473 44.03 -15.72 8.86
C LYS H 473 43.46 -15.66 7.47
N ALA H 474 44.01 -16.49 6.58
CA ALA H 474 43.56 -16.56 5.19
C ALA H 474 42.11 -16.98 5.11
N LEU H 475 41.69 -17.81 6.06
CA LEU H 475 40.33 -18.34 6.06
C LEU H 475 39.32 -17.40 6.71
N ASP H 476 39.80 -16.40 7.42
CA ASP H 476 38.91 -15.45 8.08
C ASP H 476 38.49 -14.35 7.10
N THR H 477 39.43 -13.90 6.28
CA THR H 477 39.17 -12.87 5.28
C THR H 477 38.51 -13.44 4.04
N THR H 478 37.69 -12.62 3.36
CA THR H 478 37.10 -13.03 2.08
C THR H 478 37.74 -12.28 0.91
N ASP H 479 38.72 -11.43 1.23
CA ASP H 479 39.44 -10.67 0.21
C ASP H 479 40.52 -11.53 -0.44
N LEU H 480 40.23 -12.07 -1.63
CA LEU H 480 41.14 -13.00 -2.29
C LEU H 480 42.58 -12.52 -2.36
N ASN H 481 42.79 -11.24 -2.68
CA ASN H 481 44.15 -10.70 -2.75
C ASN H 481 44.85 -10.75 -1.40
N LEU H 482 44.06 -10.64 -0.34
CA LEU H 482 44.59 -10.79 1.01
C LEU H 482 45.00 -12.24 1.24
N ARG H 483 44.11 -13.15 0.90
CA ARG H 483 44.43 -14.57 0.94
C ARG H 483 45.77 -14.87 0.27
N LYS H 484 45.94 -14.39 -0.96
CA LYS H 484 47.14 -14.71 -1.73
C LYS H 484 48.39 -14.16 -1.04
N GLN H 485 48.18 -13.30 -0.05
CA GLN H 485 49.30 -12.72 0.69
C GLN H 485 49.74 -13.72 1.75
N TYR H 486 48.76 -14.24 2.47
CA TYR H 486 48.99 -15.27 3.47
C TYR H 486 49.51 -16.53 2.81
N TYR H 487 48.91 -16.93 1.69
CA TYR H 487 49.39 -18.13 0.97
C TYR H 487 50.80 -17.97 0.43
N ASP H 488 51.16 -16.79 -0.02
CA ASP H 488 52.53 -16.54 -0.43
C ASP H 488 53.48 -16.75 0.75
N ALA H 489 53.08 -16.28 1.92
CA ALA H 489 53.90 -16.47 3.10
C ALA H 489 53.85 -17.92 3.57
N ALA H 490 52.71 -18.56 3.35
CA ALA H 490 52.59 -19.97 3.71
C ALA H 490 53.55 -20.78 2.86
N GLN H 491 53.64 -20.44 1.58
CA GLN H 491 54.49 -21.14 0.62
C GLN H 491 55.98 -20.92 0.90
N SER H 492 56.34 -19.69 1.29
CA SER H 492 57.73 -19.37 1.55
C SER H 492 58.24 -20.13 2.76
N MET H 493 57.40 -20.23 3.78
CA MET H 493 57.74 -20.91 5.01
C MET H 493 57.98 -22.41 4.80
N ILE H 494 57.27 -22.99 3.84
CA ILE H 494 57.44 -24.41 3.52
C ILE H 494 58.84 -24.64 3.01
N ILE H 495 59.21 -23.85 2.00
CA ILE H 495 60.54 -23.87 1.42
C ILE H 495 61.64 -23.55 2.43
N GLU H 496 61.35 -22.65 3.37
CA GLU H 496 62.37 -22.19 4.30
C GLU H 496 62.59 -23.14 5.47
N GLN H 497 61.50 -23.73 5.94
CA GLN H 497 61.54 -24.71 7.02
C GLN H 497 61.65 -26.19 6.54
N LEU H 498 61.31 -26.46 5.28
CA LEU H 498 61.37 -27.80 4.70
C LEU H 498 60.73 -28.91 5.54
N PRO H 499 59.47 -28.73 5.96
CA PRO H 499 58.76 -29.87 6.50
C PRO H 499 58.61 -30.94 5.41
N LEU H 500 58.32 -30.52 4.19
CA LEU H 500 58.43 -31.42 3.05
C LEU H 500 59.05 -30.62 1.91
N TYR H 501 59.63 -31.34 0.95
CA TYR H 501 60.23 -30.77 -0.23
C TYR H 501 59.39 -31.07 -1.47
N PRO H 502 58.73 -30.04 -2.04
CA PRO H 502 57.88 -30.25 -3.22
C PRO H 502 58.73 -30.71 -4.40
N ILE H 503 58.38 -31.87 -4.96
CA ILE H 503 59.14 -32.45 -6.04
C ILE H 503 58.58 -32.03 -7.39
N ALA H 504 57.30 -32.33 -7.60
CA ALA H 504 56.71 -32.14 -8.90
C ALA H 504 55.20 -32.27 -8.86
N HIS H 505 54.58 -31.83 -9.96
CA HIS H 505 53.17 -32.00 -10.22
C HIS H 505 52.97 -32.86 -11.46
N GLY H 506 52.02 -33.79 -11.32
CA GLY H 506 51.59 -34.62 -12.43
C GLY H 506 50.61 -33.90 -13.31
N MET H 507 50.84 -33.97 -14.61
CA MET H 507 49.97 -33.32 -15.57
C MET H 507 48.85 -34.24 -16.04
N ARG H 508 47.84 -33.65 -16.67
CA ARG H 508 46.78 -34.41 -17.31
C ARG H 508 46.77 -34.03 -18.78
N PHE H 509 46.59 -35.03 -19.65
CA PHE H 509 46.52 -34.78 -21.08
C PHE H 509 45.22 -35.28 -21.66
N GLN H 510 44.84 -34.70 -22.79
CA GLN H 510 43.63 -35.10 -23.48
C GLN H 510 43.82 -34.84 -24.98
N ALA H 511 43.41 -35.80 -25.80
CA ALA H 511 43.41 -35.60 -27.23
C ALA H 511 41.98 -35.78 -27.75
N SER H 512 41.69 -35.17 -28.89
CA SER H 512 40.33 -35.25 -29.40
C SER H 512 40.20 -34.70 -30.80
N SER H 513 39.13 -35.11 -31.44
CA SER H 513 38.75 -34.54 -32.72
C SER H 513 38.65 -33.02 -32.62
N ALA H 514 39.35 -32.33 -33.49
CA ALA H 514 39.20 -30.89 -33.59
C ALA H 514 37.73 -30.53 -33.84
N ASP H 515 36.97 -31.46 -34.41
CA ASP H 515 35.56 -31.17 -34.64
C ASP H 515 34.78 -30.87 -33.35
N VAL H 516 35.28 -31.34 -32.21
CA VAL H 516 34.52 -31.17 -30.97
C VAL H 516 35.02 -30.06 -30.03
N GLU H 517 34.07 -29.36 -29.41
CA GLU H 517 34.35 -28.25 -28.53
C GLU H 517 33.52 -28.34 -27.26
N GLY H 518 33.76 -27.41 -26.33
CA GLY H 518 33.10 -27.44 -25.04
C GLY H 518 33.71 -28.51 -24.15
N ILE H 519 35.01 -28.72 -24.30
CA ILE H 519 35.68 -29.88 -23.73
C ILE H 519 36.97 -29.51 -23.01
N THR H 520 37.31 -28.21 -23.03
CA THR H 520 38.60 -27.76 -22.49
C THR H 520 38.97 -28.44 -21.18
N LEU H 521 40.20 -28.92 -21.14
CA LEU H 521 40.62 -29.86 -20.11
C LEU H 521 40.29 -29.38 -18.68
N GLY H 522 41.00 -28.37 -18.19
CA GLY H 522 40.80 -27.93 -16.81
C GLY H 522 41.71 -28.61 -15.81
N PRO H 523 42.22 -27.86 -14.81
CA PRO H 523 43.23 -28.38 -13.88
C PRO H 523 42.71 -29.15 -12.67
N PHE H 524 41.39 -29.18 -12.48
CA PHE H 524 40.83 -29.83 -11.30
C PHE H 524 39.49 -30.49 -11.58
N GLY H 525 39.26 -31.65 -10.97
CA GLY H 525 37.98 -32.33 -11.04
C GLY H 525 37.91 -33.40 -12.11
N ALA H 526 36.85 -34.20 -12.07
CA ALA H 526 36.60 -35.20 -13.10
C ALA H 526 36.20 -34.55 -14.43
N ILE H 527 36.48 -35.26 -15.52
CA ILE H 527 36.10 -34.85 -16.87
C ILE H 527 34.62 -34.58 -17.00
N SER H 528 34.27 -33.50 -17.72
CA SER H 528 32.88 -33.22 -17.99
C SER H 528 32.62 -33.17 -19.49
N LEU H 529 31.48 -33.68 -19.89
CA LEU H 529 31.04 -33.58 -21.27
C LEU H 529 29.66 -32.92 -21.27
N ALA H 530 29.25 -32.41 -20.11
CA ALA H 530 27.97 -31.70 -19.98
C ALA H 530 27.81 -30.59 -21.03
N ASN H 531 28.94 -30.01 -21.45
CA ASN H 531 28.94 -28.94 -22.44
C ASN H 531 29.47 -29.39 -23.80
N ALA H 532 29.92 -30.64 -23.88
CA ALA H 532 30.46 -31.21 -25.11
C ALA H 532 29.52 -30.93 -26.28
N ARG H 533 30.09 -30.55 -27.42
CA ARG H 533 29.34 -30.13 -28.60
C ARG H 533 30.14 -30.47 -29.86
N LYS H 534 29.46 -30.87 -30.93
CA LYS H 534 30.15 -31.16 -32.20
C LYS H 534 29.71 -30.23 -33.33
#